data_7TL9
#
_entry.id   7TL9
#
_cell.length_a   1.00
_cell.length_b   1.00
_cell.length_c   1.00
_cell.angle_alpha   90.00
_cell.angle_beta   90.00
_cell.angle_gamma   90.00
#
_symmetry.space_group_name_H-M   'P 1'
#
loop_
_entity.id
_entity.type
_entity.pdbx_description
1 polymer 'Spike glycoprotein'
2 branched 2-acetamido-2-deoxy-beta-D-glucopyranose-(1-4)-2-acetamido-2-deoxy-beta-D-glucopyranose
3 branched beta-D-mannopyranose-(1-4)-2-acetamido-2-deoxy-beta-D-glucopyranose-(1-4)-2-acetamido-2-deoxy-beta-D-glucopyranose
4 branched alpha-D-mannopyranose-(1-4)-2-acetamido-2-deoxy-beta-D-glucopyranose-(1-4)-2-acetamido-2-deoxy-beta-D-glucopyranose
5 non-polymer 2-acetamido-2-deoxy-beta-D-glucopyranose
#
_entity_poly.entity_id   1
_entity_poly.type   'polypeptide(L)'
_entity_poly.pdbx_seq_one_letter_code
;MFVFLVLLPLVSSQCVNLTTRTQLPPAYTNSFTRGVYYPDKVFRSSVLHSTQDLFLPFFSNVTWFHVISGTNGTKRFDNP
VLPFNDGVYFASIEKSNIIRGWIFGTTLDSKTQSLLIVNNATNVVIKVCEFQFCNDPFLDHKNNKSWMESEFRVYSSANN
CTFEYVSQPFLMDLEGKQGNFKNLREFVFKNIDGYFKIYSKHTPIIVREPEDLPQGFSALEPLVDLPIGINITRFQTLLA
LHRSYLTPGDSSSGWTAGAAAYYVGYLQPRTFLLKYNENGTITDAVDCALDPLSETKCTLKSFTVEKGIYQTSNFRVQPT
ESIVRFPNITNLCPFDEVFNATRFASVYAWNRKRISNCVADYSVLYNLAPFFTFKCYGVSPTKLNDLCFTNVYADSFVIR
GDEVRQIAPGQTGNIADYNYKLPDDFTGCVIAWNSNKLDSKVSGNYNYLYRLFRKSNLKPFERDISTEIYQAGNKPCNGV
AGFNCYFPLRSYSFRPTYGVGHQPYRVVVLSFELLHAPATVCGPKKSTNLVKNKCVNFNFNGLKGTGVLTESNKKFLPFQ
QFGRDIADTTDAVRDPQTLEILDITPCSFGGVSVITPGTNTSNQVAVLYQGVNCTEVPVAIHADQLTPTWRVYSTGSNVF
QTRAGCLIGAEYVNNSYECDIPIGAGICASYQTQTKSHGSASSVASQSIIAYTMSLGAENSVAYSNNSIAIPTNFTISVT
TEILPVSMTKTSVDCTMYICGDSTECSNLLLQYGSFCTQLKRALTGIAVEQDKNTQEVFAQVKQIYKTPPIKYFGGFNFS
QILPDPSKPSKRSFIEDLLFNKVTLADAGFIKQYGDCLGDIAARDLICAQKFKGLTVLPPLLTDEMIAQYTSALLAGTIT
SGWTFGAGAALQIPFAMQMAYRFNGIGVTQNVLYENQKLIANQFNSAIGKIQDSLSSTASALGKLQDVVNHNAQALNTLV
KQLSSKFGAISSVLNDIFSRLDKVEAEVQIDRLITGRLQSLQTYVTQQLIRAAEIRASANLAATKMSECVLGQSKRVDFC
GKGYHLMSFPQSAPHGVVFLHVTYVPAQEKNFTTAPAICHDGKAHFPREGVFVSNGTHWFVTQRNFYEPQIITTDNTFVS
GNCDVVIGIVNNTVYDPLQPELDS
;
_entity_poly.pdbx_strand_id   A,B,C
#
loop_
_chem_comp.id
_chem_comp.type
_chem_comp.name
_chem_comp.formula
BMA D-saccharide, beta linking beta-D-mannopyranose 'C6 H12 O6'
MAN D-saccharide, alpha linking alpha-D-mannopyranose 'C6 H12 O6'
NAG D-saccharide, beta linking 2-acetamido-2-deoxy-beta-D-glucopyranose 'C8 H15 N O6'
#
# COMPACT_ATOMS: atom_id res chain seq x y z
N ALA A 27 4.69 -16.07 -57.76
CA ALA A 27 3.27 -16.16 -57.42
C ALA A 27 3.08 -16.09 -55.91
N TYR A 28 1.91 -15.62 -55.48
CA TYR A 28 1.59 -15.47 -54.07
C TYR A 28 0.17 -15.93 -53.82
N THR A 29 -0.11 -16.34 -52.58
CA THR A 29 -1.45 -16.74 -52.19
C THR A 29 -1.66 -16.47 -50.71
N ASN A 30 -2.93 -16.48 -50.30
CA ASN A 30 -3.29 -16.12 -48.93
C ASN A 30 -2.92 -17.23 -47.97
N SER A 31 -2.29 -16.86 -46.84
CA SER A 31 -1.88 -17.84 -45.85
C SER A 31 -3.02 -18.27 -44.94
N PHE A 32 -4.09 -17.46 -44.84
CA PHE A 32 -5.22 -17.65 -43.94
C PHE A 32 -4.80 -17.81 -42.50
N THR A 33 -5.40 -18.76 -41.78
CA THR A 33 -5.12 -18.99 -40.38
C THR A 33 -4.06 -20.07 -40.16
N ARG A 34 -3.33 -20.44 -41.20
CA ARG A 34 -2.31 -21.48 -41.09
C ARG A 34 -1.08 -20.96 -40.35
N GLY A 35 -0.25 -21.90 -39.90
CA GLY A 35 1.00 -21.54 -39.26
C GLY A 35 0.95 -21.42 -37.76
N VAL A 36 0.17 -22.25 -37.07
CA VAL A 36 0.05 -22.23 -35.62
C VAL A 36 0.51 -23.59 -35.09
N TYR A 37 1.49 -23.56 -34.20
CA TYR A 37 2.06 -24.76 -33.60
C TYR A 37 1.97 -24.68 -32.09
N TYR A 38 2.22 -25.80 -31.43
CA TYR A 38 2.27 -25.84 -29.98
C TYR A 38 3.57 -25.20 -29.50
N PRO A 39 3.52 -24.13 -28.71
CA PRO A 39 4.77 -23.48 -28.27
C PRO A 39 5.52 -24.26 -27.21
N ASP A 40 4.85 -25.17 -26.51
CA ASP A 40 5.51 -25.99 -25.50
C ASP A 40 4.75 -27.31 -25.37
N LYS A 41 5.40 -28.28 -24.72
CA LYS A 41 4.83 -29.61 -24.53
C LYS A 41 4.21 -29.77 -23.16
N VAL A 42 3.57 -28.71 -22.66
CA VAL A 42 2.86 -28.72 -21.38
C VAL A 42 1.36 -28.78 -21.67
N PHE A 43 0.69 -29.76 -21.09
CA PHE A 43 -0.74 -29.94 -21.34
C PHE A 43 -1.56 -28.87 -20.61
N ARG A 44 -2.48 -28.25 -21.34
CA ARG A 44 -3.43 -27.29 -20.79
C ARG A 44 -4.80 -27.57 -21.39
N SER A 45 -5.85 -27.50 -20.58
CA SER A 45 -7.19 -27.85 -21.02
C SER A 45 -8.17 -26.75 -20.65
N SER A 46 -8.99 -26.35 -21.64
CA SER A 46 -10.08 -25.38 -21.49
C SER A 46 -9.60 -24.04 -20.97
N VAL A 47 -8.66 -23.43 -21.70
CA VAL A 47 -8.02 -22.21 -21.23
C VAL A 47 -7.60 -21.37 -22.42
N LEU A 48 -7.66 -20.05 -22.26
CA LEU A 48 -7.18 -19.11 -23.25
C LEU A 48 -5.79 -18.65 -22.81
N HIS A 49 -4.76 -19.11 -23.51
CA HIS A 49 -3.38 -18.89 -23.11
C HIS A 49 -2.67 -17.97 -24.09
N SER A 50 -1.94 -16.99 -23.55
CA SER A 50 -1.15 -16.09 -24.35
C SER A 50 0.24 -16.65 -24.57
N THR A 51 0.82 -16.31 -25.72
CA THR A 51 2.19 -16.70 -26.03
C THR A 51 2.82 -15.62 -26.89
N GLN A 52 4.15 -15.59 -26.91
CA GLN A 52 4.90 -14.57 -27.65
C GLN A 52 6.13 -15.25 -28.24
N ASP A 53 6.08 -15.56 -29.53
CA ASP A 53 7.14 -16.35 -30.15
C ASP A 53 7.12 -16.12 -31.66
N LEU A 54 7.98 -16.87 -32.36
CA LEU A 54 8.04 -16.78 -33.81
C LEU A 54 6.83 -17.48 -34.41
N PHE A 55 6.00 -16.73 -35.13
CA PHE A 55 4.78 -17.27 -35.71
C PHE A 55 4.62 -16.75 -37.13
N LEU A 56 3.76 -17.45 -37.88
CA LEU A 56 3.32 -16.95 -39.18
C LEU A 56 2.10 -16.04 -38.97
N PRO A 57 2.14 -14.82 -39.48
CA PRO A 57 1.01 -13.89 -39.27
C PRO A 57 -0.23 -14.34 -40.03
N PHE A 58 -1.39 -13.96 -39.48
CA PHE A 58 -2.65 -14.29 -40.10
C PHE A 58 -2.89 -13.44 -41.35
N PHE A 59 -3.44 -14.09 -42.39
CA PHE A 59 -3.82 -13.46 -43.66
C PHE A 59 -2.66 -12.73 -44.34
N SER A 60 -1.55 -13.43 -44.50
CA SER A 60 -0.47 -12.89 -45.30
C SER A 60 -0.43 -13.62 -46.64
N ASN A 61 0.51 -13.22 -47.48
CA ASN A 61 0.86 -13.99 -48.68
C ASN A 61 2.08 -14.85 -48.45
N VAL A 62 1.95 -16.11 -48.88
CA VAL A 62 3.03 -17.07 -48.98
C VAL A 62 3.29 -17.32 -50.46
N THR A 63 4.55 -17.60 -50.79
CA THR A 63 4.92 -17.80 -52.19
C THR A 63 4.56 -19.22 -52.62
N TRP A 64 3.84 -19.33 -53.73
CA TRP A 64 3.34 -20.60 -54.23
C TRP A 64 4.13 -21.04 -55.44
N PHE A 65 4.56 -22.30 -55.45
CA PHE A 65 5.19 -22.94 -56.59
C PHE A 65 4.42 -24.19 -56.98
N HIS A 66 4.46 -24.51 -58.27
CA HIS A 66 3.86 -25.72 -58.80
C HIS A 66 4.97 -26.65 -59.32
N VAL A 67 4.78 -27.95 -59.12
CA VAL A 67 5.81 -28.94 -59.46
C VAL A 67 5.61 -29.29 -60.93
N ILE A 68 6.28 -28.54 -61.81
CA ILE A 68 6.27 -28.81 -63.23
C ILE A 68 7.70 -28.82 -63.77
N ASP A 78 9.72 -26.71 -60.12
CA ASP A 78 11.02 -26.06 -59.95
C ASP A 78 11.37 -25.98 -58.47
N ASN A 79 12.67 -25.90 -58.18
CA ASN A 79 13.20 -25.83 -56.81
C ASN A 79 14.22 -24.72 -56.63
N PRO A 80 13.77 -23.46 -56.58
CA PRO A 80 14.70 -22.35 -56.44
C PRO A 80 15.23 -22.21 -55.01
N VAL A 81 16.36 -21.52 -54.90
CA VAL A 81 17.02 -21.31 -53.62
C VAL A 81 16.32 -20.17 -52.90
N LEU A 82 15.89 -20.41 -51.65
CA LEU A 82 15.14 -19.42 -50.92
C LEU A 82 15.82 -19.07 -49.60
N PRO A 83 15.74 -17.82 -49.17
CA PRO A 83 16.29 -17.47 -47.85
C PRO A 83 15.47 -18.07 -46.72
N PHE A 84 16.17 -18.45 -45.64
CA PHE A 84 15.51 -19.09 -44.51
C PHE A 84 14.79 -18.09 -43.61
N ASN A 85 15.31 -16.87 -43.51
CA ASN A 85 14.87 -15.82 -42.59
C ASN A 85 14.86 -16.33 -41.15
N ASP A 86 13.86 -15.93 -40.36
CA ASP A 86 13.75 -16.41 -38.99
C ASP A 86 13.11 -17.78 -38.90
N GLY A 87 12.46 -18.24 -39.96
CA GLY A 87 11.80 -19.53 -39.95
C GLY A 87 11.03 -19.72 -41.24
N VAL A 88 10.66 -20.97 -41.50
CA VAL A 88 10.00 -21.33 -42.74
C VAL A 88 8.76 -22.15 -42.43
N TYR A 89 7.61 -21.70 -42.91
CA TYR A 89 6.40 -22.50 -42.95
C TYR A 89 6.28 -23.10 -44.34
N PHE A 90 6.26 -24.42 -44.42
CA PHE A 90 6.17 -25.14 -45.68
C PHE A 90 4.84 -25.88 -45.74
N ALA A 91 4.17 -25.80 -46.88
CA ALA A 91 2.94 -26.54 -47.08
C ALA A 91 3.00 -27.23 -48.43
N SER A 92 2.49 -28.46 -48.49
CA SER A 92 2.56 -29.23 -49.72
C SER A 92 1.22 -29.91 -49.96
N ILE A 93 0.63 -29.65 -51.13
CA ILE A 93 -0.57 -30.34 -51.59
C ILE A 93 -0.11 -31.31 -52.68
N GLU A 94 -0.01 -32.58 -52.31
CA GLU A 94 0.50 -33.62 -53.20
C GLU A 94 -0.42 -34.83 -53.16
N LYS A 95 -0.19 -35.74 -54.11
CA LYS A 95 -0.84 -37.03 -54.15
C LYS A 95 0.12 -38.20 -54.10
N SER A 96 1.31 -38.06 -54.69
CA SER A 96 2.30 -39.13 -54.72
C SER A 96 3.57 -38.79 -53.95
N ASN A 97 3.58 -37.65 -53.25
CA ASN A 97 4.70 -37.15 -52.43
C ASN A 97 5.98 -37.00 -53.27
N ILE A 98 5.90 -36.07 -54.22
CA ILE A 98 7.05 -35.74 -55.06
C ILE A 98 8.16 -35.11 -54.23
N ILE A 99 7.79 -34.22 -53.31
CA ILE A 99 8.78 -33.57 -52.46
C ILE A 99 9.37 -34.58 -51.47
N ARG A 100 10.69 -34.70 -51.46
CA ARG A 100 11.37 -35.72 -50.70
C ARG A 100 12.32 -35.20 -49.64
N GLY A 101 12.84 -33.99 -49.77
CA GLY A 101 13.78 -33.55 -48.75
C GLY A 101 14.03 -32.06 -48.80
N TRP A 102 14.84 -31.62 -47.85
CA TRP A 102 15.27 -30.23 -47.76
C TRP A 102 16.76 -30.18 -47.48
N ILE A 103 17.40 -29.13 -47.97
CA ILE A 103 18.83 -28.90 -47.75
C ILE A 103 19.01 -27.46 -47.28
N PHE A 104 19.78 -27.28 -46.21
CA PHE A 104 19.94 -25.99 -45.55
C PHE A 104 21.41 -25.57 -45.57
N GLY A 105 21.65 -24.34 -45.19
CA GLY A 105 23.01 -23.89 -45.00
C GLY A 105 23.13 -22.39 -45.26
N THR A 106 24.32 -21.97 -45.65
CA THR A 106 24.57 -20.59 -46.06
C THR A 106 25.08 -20.48 -47.49
N THR A 107 26.04 -21.32 -47.88
CA THR A 107 26.62 -21.25 -49.22
C THR A 107 26.36 -22.50 -50.05
N LEU A 108 26.30 -23.68 -49.44
CA LEU A 108 25.84 -24.94 -50.07
C LEU A 108 26.72 -25.35 -51.25
N ASP A 109 28.02 -25.08 -51.19
CA ASP A 109 28.94 -25.41 -52.28
C ASP A 109 30.15 -26.17 -51.78
N SER A 110 29.92 -27.04 -50.79
CA SER A 110 30.95 -27.86 -50.14
C SER A 110 32.08 -27.01 -49.55
N LYS A 111 31.72 -25.91 -48.90
CA LYS A 111 32.66 -25.04 -48.22
C LYS A 111 32.43 -24.99 -46.72
N THR A 112 31.18 -24.82 -46.29
CA THR A 112 30.83 -24.79 -44.87
C THR A 112 29.66 -25.73 -44.64
N GLN A 113 29.24 -25.82 -43.38
CA GLN A 113 28.30 -26.85 -42.94
C GLN A 113 26.92 -26.66 -43.56
N SER A 114 26.32 -27.78 -43.99
CA SER A 114 25.05 -27.76 -44.71
C SER A 114 24.20 -28.94 -44.26
N LEU A 115 23.01 -28.64 -43.73
CA LEU A 115 22.10 -29.68 -43.28
C LEU A 115 21.44 -30.37 -44.48
N LEU A 116 21.03 -31.62 -44.28
CA LEU A 116 20.30 -32.37 -45.29
C LEU A 116 19.32 -33.31 -44.61
N ILE A 117 18.04 -33.21 -44.99
CA ILE A 117 17.01 -34.18 -44.61
C ILE A 117 16.46 -34.77 -45.90
N VAL A 118 16.50 -36.09 -46.00
CA VAL A 118 16.01 -36.83 -47.17
C VAL A 118 15.14 -37.98 -46.68
N ASN A 119 13.90 -38.05 -47.18
CA ASN A 119 13.04 -39.19 -46.97
C ASN A 119 13.15 -40.11 -48.17
N ASN A 120 13.71 -41.30 -47.98
CA ASN A 120 13.93 -42.25 -49.06
C ASN A 120 12.96 -43.43 -48.98
N ALA A 121 11.74 -43.16 -48.50
CA ALA A 121 10.56 -44.04 -48.40
C ALA A 121 10.73 -45.19 -47.42
N THR A 122 11.86 -45.33 -46.76
CA THR A 122 12.05 -46.32 -45.70
C THR A 122 12.53 -45.69 -44.40
N ASN A 123 13.42 -44.70 -44.47
CA ASN A 123 13.97 -44.02 -43.31
C ASN A 123 13.98 -42.52 -43.57
N VAL A 124 14.40 -41.76 -42.56
CA VAL A 124 14.55 -40.31 -42.67
C VAL A 124 16.03 -40.02 -42.39
N VAL A 125 16.79 -39.76 -43.44
CA VAL A 125 18.23 -39.54 -43.31
C VAL A 125 18.46 -38.06 -43.02
N ILE A 126 19.21 -37.80 -41.95
CA ILE A 126 19.58 -36.44 -41.57
C ILE A 126 21.10 -36.41 -41.44
N LYS A 127 21.76 -35.59 -42.26
CA LYS A 127 23.21 -35.48 -42.27
C LYS A 127 23.61 -34.02 -42.22
N VAL A 128 24.84 -33.77 -41.75
CA VAL A 128 25.40 -32.43 -41.72
C VAL A 128 26.70 -32.39 -42.51
N CYS A 129 26.95 -33.42 -43.31
CA CYS A 129 28.12 -33.44 -44.17
C CYS A 129 28.02 -32.39 -45.27
N GLU A 130 29.16 -31.77 -45.56
CA GLU A 130 29.24 -30.68 -46.53
C GLU A 130 29.32 -31.17 -47.96
N PHE A 131 29.49 -32.49 -48.17
CA PHE A 131 29.81 -33.04 -49.48
C PHE A 131 28.64 -32.91 -50.46
N GLN A 132 28.99 -32.93 -51.74
CA GLN A 132 28.01 -32.79 -52.80
C GLN A 132 27.18 -34.07 -52.92
N PHE A 133 26.06 -33.94 -53.64
CA PHE A 133 25.08 -35.02 -53.79
C PHE A 133 24.91 -35.23 -55.29
N CYS A 134 23.82 -35.91 -55.66
CA CYS A 134 23.44 -36.09 -57.07
C CYS A 134 23.38 -34.75 -57.80
N ASN A 135 23.94 -34.72 -59.00
CA ASN A 135 24.17 -33.47 -59.72
C ASN A 135 22.87 -32.76 -60.08
N ASP A 136 21.88 -33.51 -60.55
CA ASP A 136 20.52 -33.01 -60.59
C ASP A 136 19.87 -33.32 -59.25
N PRO A 137 19.46 -32.30 -58.48
CA PRO A 137 18.94 -32.58 -57.12
C PRO A 137 17.56 -33.22 -57.13
N PHE A 138 17.51 -34.53 -57.39
CA PHE A 138 16.27 -35.28 -57.34
C PHE A 138 16.55 -36.68 -56.80
N LEU A 139 15.50 -37.32 -56.32
CA LEU A 139 15.57 -38.69 -55.82
C LEU A 139 15.15 -39.65 -56.91
N ASP A 140 15.89 -40.75 -57.05
CA ASP A 140 15.62 -41.75 -58.07
C ASP A 140 14.38 -42.57 -57.72
N ASN A 160 32.84 -34.14 -40.21
CA ASN A 160 32.02 -33.52 -41.23
C ASN A 160 30.55 -33.91 -41.04
N CYS A 161 30.30 -35.20 -40.82
CA CYS A 161 29.01 -35.66 -40.29
C CYS A 161 29.10 -35.78 -38.78
N THR A 162 29.17 -34.62 -38.13
CA THR A 162 29.22 -34.57 -36.67
C THR A 162 27.90 -35.02 -36.05
N PHE A 163 26.79 -34.70 -36.70
CA PHE A 163 25.47 -35.18 -36.29
C PHE A 163 24.84 -35.95 -37.44
N GLU A 164 24.28 -37.12 -37.13
CA GLU A 164 23.60 -37.94 -38.12
C GLU A 164 22.43 -38.63 -37.45
N TYR A 165 21.26 -38.58 -38.09
CA TYR A 165 20.04 -39.09 -37.47
C TYR A 165 19.25 -39.88 -38.51
N VAL A 166 19.02 -41.16 -38.23
CA VAL A 166 18.25 -42.04 -39.10
C VAL A 166 17.03 -42.53 -38.33
N SER A 167 15.85 -42.35 -38.90
CA SER A 167 14.61 -42.79 -38.28
C SER A 167 14.36 -44.27 -38.58
N PHE A 181 -3.41 -34.21 -55.22
CA PHE A 181 -4.10 -33.11 -54.54
C PHE A 181 -5.05 -33.65 -53.47
N LYS A 182 -4.70 -34.82 -52.91
CA LYS A 182 -5.49 -35.45 -51.87
C LYS A 182 -4.81 -35.41 -50.51
N ASN A 183 -3.52 -35.09 -50.44
CA ASN A 183 -2.78 -35.04 -49.19
C ASN A 183 -2.19 -33.65 -49.00
N LEU A 184 -2.34 -33.11 -47.79
CA LEU A 184 -1.76 -31.82 -47.43
C LEU A 184 -0.85 -32.03 -46.23
N ARG A 185 0.43 -31.68 -46.39
CA ARG A 185 1.42 -31.81 -45.34
C ARG A 185 1.94 -30.43 -44.98
N GLU A 186 1.92 -30.10 -43.69
CA GLU A 186 2.33 -28.80 -43.19
C GLU A 186 3.50 -28.98 -42.25
N PHE A 187 4.53 -28.15 -42.44
CA PHE A 187 5.76 -28.21 -41.65
C PHE A 187 6.14 -26.79 -41.23
N VAL A 188 6.77 -26.69 -40.08
CA VAL A 188 7.35 -25.44 -39.59
C VAL A 188 8.77 -25.75 -39.15
N PHE A 189 9.74 -25.05 -39.74
CA PHE A 189 11.15 -25.17 -39.38
C PHE A 189 11.61 -23.87 -38.75
N LYS A 190 12.25 -23.96 -37.59
CA LYS A 190 12.82 -22.79 -36.96
C LYS A 190 14.16 -23.15 -36.33
N ASN A 191 14.99 -22.13 -36.10
CA ASN A 191 16.35 -22.32 -35.60
C ASN A 191 16.60 -21.30 -34.50
N ILE A 192 16.58 -21.76 -33.25
CA ILE A 192 16.89 -20.91 -32.10
C ILE A 192 17.92 -21.59 -31.22
N ASP A 193 18.94 -20.82 -30.81
CA ASP A 193 20.00 -21.23 -29.87
C ASP A 193 20.75 -22.47 -30.37
N GLY A 194 21.05 -22.49 -31.66
CA GLY A 194 21.69 -23.64 -32.26
C GLY A 194 20.83 -24.88 -32.33
N TYR A 195 19.52 -24.73 -32.22
CA TYR A 195 18.57 -25.83 -32.19
C TYR A 195 17.63 -25.70 -33.37
N PHE A 196 17.50 -26.78 -34.14
CA PHE A 196 16.63 -26.84 -35.29
C PHE A 196 15.37 -27.60 -34.91
N LYS A 197 14.24 -26.92 -34.86
CA LYS A 197 12.97 -27.50 -34.43
C LYS A 197 12.04 -27.63 -35.63
N ILE A 198 11.41 -28.81 -35.74
CA ILE A 198 10.55 -29.16 -36.86
C ILE A 198 9.21 -29.62 -36.30
N TYR A 199 8.15 -28.88 -36.67
CA TYR A 199 6.77 -29.17 -36.31
C TYR A 199 6.05 -29.61 -37.57
N SER A 200 5.07 -30.53 -37.43
CA SER A 200 4.43 -31.06 -38.61
C SER A 200 3.00 -31.49 -38.31
N LYS A 201 2.20 -31.56 -39.38
CA LYS A 201 0.82 -32.04 -39.32
C LYS A 201 0.38 -32.42 -40.72
N HIS A 202 -0.22 -33.61 -40.87
CA HIS A 202 -0.70 -34.10 -42.15
C HIS A 202 -2.22 -34.26 -42.11
N THR A 203 -2.86 -34.06 -43.27
CA THR A 203 -4.30 -34.16 -43.36
C THR A 203 -4.69 -34.59 -44.77
N PRO A 204 -5.83 -35.28 -44.92
CA PRO A 204 -6.39 -35.49 -46.26
C PRO A 204 -7.33 -34.35 -46.66
N ILE A 205 -7.10 -33.74 -47.82
CA ILE A 205 -7.90 -32.60 -48.26
C ILE A 205 -8.43 -32.87 -49.66
N ILE A 206 -9.37 -32.02 -50.08
CA ILE A 206 -9.85 -32.00 -51.46
C ILE A 206 -9.95 -30.53 -51.89
N VAL A 207 -9.34 -30.20 -53.03
CA VAL A 207 -9.32 -28.83 -53.54
C VAL A 207 -9.76 -28.84 -55.00
N ARG A 208 -10.18 -27.66 -55.46
CA ARG A 208 -10.50 -27.45 -56.86
C ARG A 208 -9.32 -26.90 -57.66
N GLU A 209 -8.32 -26.32 -56.98
CA GLU A 209 -7.12 -25.80 -57.60
C GLU A 209 -6.05 -25.73 -56.53
N PRO A 210 -4.81 -26.14 -56.83
CA PRO A 210 -3.75 -26.12 -55.80
C PRO A 210 -3.04 -24.77 -55.69
N GLU A 211 -3.63 -23.71 -56.25
CA GLU A 211 -3.00 -22.41 -56.20
C GLU A 211 -3.15 -21.75 -54.83
N ASP A 212 -4.16 -22.14 -54.05
CA ASP A 212 -4.47 -21.51 -52.78
C ASP A 212 -4.42 -22.50 -51.63
N LEU A 213 -4.02 -22.02 -50.47
CA LEU A 213 -4.09 -22.82 -49.26
C LEU A 213 -5.55 -23.02 -48.84
N PRO A 214 -5.93 -24.21 -48.39
CA PRO A 214 -7.32 -24.44 -47.96
C PRO A 214 -7.60 -23.74 -46.64
N GLN A 215 -8.79 -23.13 -46.56
CA GLN A 215 -9.20 -22.44 -45.35
C GLN A 215 -9.56 -23.45 -44.26
N GLY A 216 -9.48 -23.00 -43.02
CA GLY A 216 -9.67 -23.83 -41.86
C GLY A 216 -8.55 -23.65 -40.86
N PHE A 217 -8.60 -24.46 -39.81
CA PHE A 217 -7.59 -24.38 -38.76
C PHE A 217 -7.11 -25.77 -38.37
N SER A 218 -5.82 -25.87 -38.10
CA SER A 218 -5.20 -27.09 -37.57
C SER A 218 -3.92 -26.69 -36.85
N ALA A 219 -3.62 -27.37 -35.77
CA ALA A 219 -2.44 -27.09 -34.96
C ALA A 219 -1.33 -28.09 -35.30
N LEU A 220 -0.09 -27.60 -35.29
CA LEU A 220 1.05 -28.40 -35.69
C LEU A 220 1.79 -28.88 -34.44
N GLU A 221 2.10 -30.17 -34.40
CA GLU A 221 2.70 -30.79 -33.24
C GLU A 221 4.22 -30.91 -33.39
N PRO A 222 4.97 -30.75 -32.30
CA PRO A 222 6.43 -30.86 -32.38
C PRO A 222 6.86 -32.32 -32.56
N LEU A 223 7.50 -32.60 -33.69
CA LEU A 223 8.03 -33.92 -33.96
C LEU A 223 9.54 -34.00 -33.76
N VAL A 224 10.31 -33.15 -34.45
CA VAL A 224 11.72 -33.43 -34.67
C VAL A 224 12.56 -32.29 -34.08
N ASP A 225 13.64 -32.65 -33.38
CA ASP A 225 14.57 -31.67 -32.82
C ASP A 225 16.00 -32.04 -33.17
N LEU A 226 16.83 -31.02 -33.41
CA LEU A 226 18.23 -31.20 -33.82
C LEU A 226 19.13 -30.27 -33.04
N PRO A 227 20.10 -30.80 -32.26
CA PRO A 227 21.12 -29.94 -31.61
C PRO A 227 22.35 -29.72 -32.51
N ILE A 228 22.18 -28.93 -33.55
CA ILE A 228 23.20 -28.79 -34.59
C ILE A 228 24.18 -27.65 -34.32
N GLY A 229 23.72 -26.47 -33.92
CA GLY A 229 24.57 -25.30 -33.91
C GLY A 229 25.09 -24.88 -35.28
N ILE A 230 24.24 -24.90 -36.30
CA ILE A 230 24.65 -24.60 -37.67
C ILE A 230 23.95 -23.31 -38.11
N ASN A 231 24.75 -22.35 -38.58
CA ASN A 231 24.22 -21.12 -39.14
C ASN A 231 23.53 -21.41 -40.47
N ILE A 232 22.26 -21.00 -40.58
CA ILE A 232 21.44 -21.26 -41.76
C ILE A 232 20.88 -19.94 -42.26
N THR A 233 21.11 -19.63 -43.54
CA THR A 233 20.54 -18.43 -44.15
C THR A 233 19.78 -18.78 -45.43
N ARG A 234 20.17 -19.86 -46.09
CA ARG A 234 19.56 -20.29 -47.34
C ARG A 234 19.12 -21.75 -47.22
N PHE A 235 18.12 -22.10 -48.03
CA PHE A 235 17.64 -23.47 -48.07
C PHE A 235 17.00 -23.74 -49.43
N GLN A 236 16.80 -25.03 -49.71
CA GLN A 236 16.24 -25.48 -50.97
C GLN A 236 15.52 -26.80 -50.74
N THR A 237 14.57 -27.11 -51.62
CA THR A 237 13.84 -28.36 -51.54
C THR A 237 14.31 -29.32 -52.63
N LEU A 238 14.16 -30.61 -52.35
CA LEU A 238 14.60 -31.67 -53.25
C LEU A 238 13.41 -32.59 -53.52
N LEU A 239 13.11 -32.79 -54.80
CA LEU A 239 11.94 -33.54 -55.24
C LEU A 239 12.38 -34.91 -55.75
N ALA A 240 11.44 -35.65 -56.33
CA ALA A 240 11.70 -36.95 -56.93
C ALA A 240 11.25 -36.94 -58.38
N LEU A 241 12.14 -37.38 -59.28
CA LEU A 241 11.86 -37.39 -60.71
C LEU A 241 12.26 -38.73 -61.29
N HIS A 242 11.65 -39.05 -62.43
CA HIS A 242 11.97 -40.28 -63.16
C HIS A 242 12.13 -40.02 -64.65
N ALA A 260 1.12 -31.77 -58.00
CA ALA A 260 1.63 -31.36 -56.70
C ALA A 260 2.00 -29.89 -56.69
N ALA A 261 1.91 -29.27 -55.52
CA ALA A 261 2.26 -27.86 -55.38
C ALA A 261 2.71 -27.61 -53.95
N TYR A 262 3.43 -26.50 -53.75
CA TYR A 262 3.90 -26.19 -52.41
C TYR A 262 3.93 -24.68 -52.19
N TYR A 263 3.98 -24.31 -50.91
CA TYR A 263 3.87 -22.94 -50.44
C TYR A 263 4.92 -22.68 -49.37
N VAL A 264 5.58 -21.53 -49.46
CA VAL A 264 6.66 -21.15 -48.57
C VAL A 264 6.32 -19.81 -47.93
N GLY A 265 6.36 -19.77 -46.59
CA GLY A 265 6.17 -18.53 -45.87
C GLY A 265 7.22 -18.38 -44.78
N TYR A 266 7.26 -17.19 -44.19
CA TYR A 266 8.29 -16.84 -43.23
C TYR A 266 7.67 -16.38 -41.92
N LEU A 267 8.35 -16.70 -40.83
CA LEU A 267 7.88 -16.39 -39.48
C LEU A 267 8.50 -15.09 -38.98
N GLN A 268 7.74 -14.39 -38.14
CA GLN A 268 8.21 -13.19 -37.48
C GLN A 268 7.72 -13.23 -36.04
N PRO A 269 8.36 -12.51 -35.13
CA PRO A 269 7.91 -12.53 -33.72
C PRO A 269 6.54 -11.89 -33.55
N ARG A 270 5.59 -12.69 -33.08
CA ARG A 270 4.21 -12.26 -32.88
C ARG A 270 3.71 -12.75 -31.53
N THR A 271 2.70 -12.04 -31.03
CA THR A 271 1.95 -12.44 -29.84
C THR A 271 0.66 -13.10 -30.30
N PHE A 272 0.36 -14.27 -29.73
CA PHE A 272 -0.81 -15.04 -30.11
C PHE A 272 -1.62 -15.40 -28.87
N LEU A 273 -2.91 -15.59 -29.08
CA LEU A 273 -3.85 -16.04 -28.04
C LEU A 273 -4.43 -17.37 -28.50
N LEU A 274 -3.89 -18.46 -27.96
CA LEU A 274 -4.37 -19.78 -28.31
C LEU A 274 -5.50 -20.19 -27.38
N LYS A 275 -6.41 -21.03 -27.88
CA LYS A 275 -7.53 -21.53 -27.10
C LYS A 275 -7.44 -23.05 -27.02
N TYR A 276 -7.41 -23.58 -25.80
CA TYR A 276 -7.33 -25.01 -25.56
C TYR A 276 -8.69 -25.52 -25.11
N ASN A 277 -9.18 -26.55 -25.78
CA ASN A 277 -10.45 -27.18 -25.44
C ASN A 277 -10.27 -28.13 -24.27
N GLU A 278 -11.27 -28.98 -24.04
CA GLU A 278 -11.23 -29.88 -22.89
C GLU A 278 -10.20 -31.00 -23.10
N ASN A 279 -9.85 -31.29 -24.35
CA ASN A 279 -8.88 -32.33 -24.64
C ASN A 279 -7.48 -31.80 -24.94
N GLY A 280 -7.25 -30.49 -24.82
CA GLY A 280 -5.93 -29.92 -25.00
C GLY A 280 -5.59 -29.51 -26.42
N THR A 281 -6.47 -29.76 -27.38
CA THR A 281 -6.21 -29.38 -28.76
C THR A 281 -6.44 -27.88 -28.95
N ILE A 282 -5.56 -27.24 -29.71
CA ILE A 282 -5.70 -25.81 -29.99
C ILE A 282 -6.84 -25.63 -30.99
N THR A 283 -8.02 -25.28 -30.48
CA THR A 283 -9.21 -25.18 -31.31
C THR A 283 -9.19 -23.90 -32.15
N ASP A 284 -8.73 -22.80 -31.58
CA ASP A 284 -8.74 -21.51 -32.27
C ASP A 284 -7.59 -20.65 -31.77
N ALA A 285 -7.26 -19.62 -32.55
CA ALA A 285 -6.17 -18.72 -32.21
C ALA A 285 -6.51 -17.31 -32.66
N VAL A 286 -5.89 -16.34 -32.00
CA VAL A 286 -6.07 -14.92 -32.30
C VAL A 286 -4.70 -14.27 -32.46
N ASP A 287 -4.49 -13.62 -33.60
CA ASP A 287 -3.24 -12.91 -33.86
C ASP A 287 -3.38 -11.48 -33.34
N CYS A 288 -2.54 -11.13 -32.35
CA CYS A 288 -2.72 -9.89 -31.60
C CYS A 288 -2.33 -8.64 -32.38
N ALA A 289 -1.70 -8.76 -33.54
CA ALA A 289 -1.23 -7.60 -34.29
C ALA A 289 -1.83 -7.53 -35.69
N LEU A 290 -3.01 -8.11 -35.88
CA LEU A 290 -3.63 -8.14 -37.19
C LEU A 290 -4.56 -6.94 -37.42
N ASP A 291 -5.49 -6.71 -36.51
CA ASP A 291 -6.43 -5.60 -36.59
C ASP A 291 -6.81 -5.17 -35.17
N PRO A 292 -7.35 -3.95 -35.00
CA PRO A 292 -7.76 -3.52 -33.65
C PRO A 292 -8.81 -4.39 -32.97
N LEU A 293 -9.64 -5.11 -33.74
CA LEU A 293 -10.58 -6.06 -33.13
C LEU A 293 -9.84 -7.19 -32.42
N SER A 294 -8.81 -7.75 -33.07
CA SER A 294 -8.04 -8.80 -32.42
C SER A 294 -7.11 -8.25 -31.36
N GLU A 295 -6.69 -6.99 -31.49
CA GLU A 295 -5.95 -6.36 -30.40
C GLU A 295 -6.83 -6.19 -29.16
N THR A 296 -8.10 -5.83 -29.35
CA THR A 296 -9.06 -5.78 -28.25
C THR A 296 -9.31 -7.17 -27.67
N LYS A 297 -9.36 -8.18 -28.55
CA LYS A 297 -9.54 -9.56 -28.09
C LYS A 297 -8.35 -10.03 -27.25
N CYS A 298 -7.13 -9.64 -27.64
CA CYS A 298 -5.95 -9.99 -26.84
C CYS A 298 -5.89 -9.20 -25.55
N THR A 299 -6.34 -7.94 -25.57
CA THR A 299 -6.30 -7.12 -24.34
C THR A 299 -7.32 -7.62 -23.32
N LEU A 300 -8.52 -7.97 -23.77
CA LEU A 300 -9.53 -8.52 -22.86
C LEU A 300 -9.30 -10.00 -22.55
N LYS A 301 -8.36 -10.65 -23.25
CA LYS A 301 -8.07 -12.09 -23.13
C LYS A 301 -9.32 -12.94 -23.36
N SER A 302 -10.10 -12.57 -24.38
CA SER A 302 -11.34 -13.26 -24.68
C SER A 302 -11.55 -13.27 -26.18
N PHE A 303 -12.36 -14.24 -26.64
CA PHE A 303 -12.66 -14.36 -28.05
C PHE A 303 -13.91 -13.58 -28.46
N THR A 304 -14.84 -13.38 -27.53
CA THR A 304 -16.07 -12.64 -27.79
C THR A 304 -15.99 -11.31 -27.06
N VAL A 305 -16.15 -10.21 -27.81
CA VAL A 305 -16.02 -8.87 -27.27
C VAL A 305 -17.38 -8.20 -27.36
N GLU A 306 -17.89 -7.72 -26.22
CA GLU A 306 -19.17 -7.05 -26.18
C GLU A 306 -19.04 -5.62 -26.71
N LYS A 307 -20.18 -4.95 -26.84
CA LYS A 307 -20.21 -3.61 -27.41
C LYS A 307 -19.64 -2.59 -26.42
N GLY A 308 -19.19 -1.46 -26.97
CA GLY A 308 -18.71 -0.36 -26.17
C GLY A 308 -17.37 0.14 -26.65
N ILE A 309 -16.72 0.93 -25.81
CA ILE A 309 -15.39 1.48 -26.07
C ILE A 309 -14.41 0.84 -25.10
N TYR A 310 -13.24 0.45 -25.63
CA TYR A 310 -12.23 -0.25 -24.86
C TYR A 310 -10.89 0.43 -25.02
N GLN A 311 -10.05 0.29 -24.00
CA GLN A 311 -8.69 0.82 -24.01
C GLN A 311 -7.73 -0.32 -24.31
N THR A 312 -6.84 -0.10 -25.26
CA THR A 312 -5.94 -1.13 -25.79
C THR A 312 -4.49 -0.66 -25.65
N SER A 313 -3.59 -1.37 -26.34
CA SER A 313 -2.19 -0.99 -26.37
C SER A 313 -2.02 0.36 -27.03
N ASN A 314 -1.44 1.31 -26.29
CA ASN A 314 -1.34 2.69 -26.75
C ASN A 314 -0.32 2.82 -27.87
N PHE A 315 -0.66 3.62 -28.89
CA PHE A 315 0.21 3.76 -30.04
C PHE A 315 1.42 4.63 -29.69
N ARG A 316 2.57 4.26 -30.25
CA ARG A 316 3.82 5.00 -30.14
C ARG A 316 4.51 5.02 -31.50
N VAL A 317 5.38 6.00 -31.69
CA VAL A 317 6.26 6.02 -32.86
C VAL A 317 7.56 5.32 -32.48
N GLN A 318 7.87 4.23 -33.18
CA GLN A 318 9.09 3.50 -32.89
C GLN A 318 10.29 4.20 -33.54
N PRO A 319 11.50 4.00 -33.00
CA PRO A 319 12.67 4.64 -33.60
C PRO A 319 13.00 4.12 -34.99
N THR A 320 13.56 5.02 -35.80
CA THR A 320 13.91 4.73 -37.18
C THR A 320 15.34 4.19 -37.29
N GLU A 321 16.30 4.95 -36.83
CA GLU A 321 17.71 4.61 -36.92
C GLU A 321 18.33 4.54 -35.52
N SER A 322 19.64 4.34 -35.48
CA SER A 322 20.43 4.42 -34.26
C SER A 322 21.55 5.41 -34.49
N ILE A 323 21.62 6.45 -33.66
CA ILE A 323 22.56 7.55 -33.81
C ILE A 323 23.41 7.62 -32.56
N VAL A 324 24.72 7.53 -32.72
CA VAL A 324 25.67 7.64 -31.62
C VAL A 324 26.48 8.91 -31.83
N ARG A 325 26.51 9.77 -30.80
CA ARG A 325 27.23 11.03 -30.87
C ARG A 325 28.28 11.06 -29.76
N PHE A 326 29.54 11.06 -30.15
CA PHE A 326 30.70 11.12 -29.28
C PHE A 326 31.59 12.29 -29.66
N PRO A 327 32.37 12.84 -28.72
CA PRO A 327 33.40 13.81 -29.11
C PRO A 327 34.48 13.17 -29.96
N ASN A 328 35.01 13.96 -30.89
CA ASN A 328 35.93 13.45 -31.92
C ASN A 328 37.38 13.50 -31.45
N ILE A 329 37.66 12.91 -30.29
CA ILE A 329 39.03 12.85 -29.80
C ILE A 329 39.79 11.76 -30.54
N THR A 330 41.10 11.94 -30.67
CA THR A 330 41.94 11.05 -31.48
C THR A 330 43.13 10.47 -30.73
N ASN A 331 43.46 10.98 -29.54
CA ASN A 331 44.62 10.50 -28.81
C ASN A 331 44.37 9.12 -28.21
N LEU A 332 45.46 8.43 -27.91
CA LEU A 332 45.41 7.13 -27.25
C LEU A 332 45.97 7.25 -25.84
N CYS A 333 45.30 6.60 -24.89
CA CYS A 333 45.59 6.82 -23.48
C CYS A 333 46.90 6.13 -23.09
N PRO A 334 47.75 6.78 -22.27
CA PRO A 334 49.03 6.19 -21.86
C PRO A 334 48.89 5.23 -20.68
N PHE A 335 48.17 4.13 -20.91
CA PHE A 335 48.01 3.14 -19.86
C PHE A 335 49.28 2.32 -19.65
N ASP A 336 49.96 1.95 -20.75
CA ASP A 336 51.11 1.06 -20.67
C ASP A 336 52.30 1.72 -19.98
N GLU A 337 52.44 3.05 -20.12
CA GLU A 337 53.52 3.77 -19.44
C GLU A 337 53.35 3.71 -17.93
N VAL A 338 52.10 3.72 -17.46
CA VAL A 338 51.84 3.46 -16.05
C VAL A 338 52.08 1.98 -15.73
N PHE A 339 51.64 1.09 -16.62
CA PHE A 339 51.58 -0.33 -16.28
C PHE A 339 52.94 -1.02 -16.25
N ASN A 340 53.94 -0.52 -16.98
CA ASN A 340 55.33 -0.90 -16.67
C ASN A 340 56.25 0.30 -16.88
N ALA A 341 56.74 0.84 -15.77
CA ALA A 341 57.72 1.92 -15.79
C ALA A 341 59.11 1.35 -15.55
N THR A 342 60.11 2.22 -15.44
CA THR A 342 61.48 1.78 -15.19
C THR A 342 61.65 1.35 -13.74
N ARG A 343 61.51 2.30 -12.81
CA ARG A 343 61.44 2.00 -11.39
C ARG A 343 60.05 2.35 -10.89
N PHE A 344 59.41 1.40 -10.23
CA PHE A 344 57.97 1.47 -10.02
C PHE A 344 57.66 2.32 -8.78
N ALA A 345 56.44 2.85 -8.75
CA ALA A 345 56.03 3.75 -7.68
C ALA A 345 55.84 2.99 -6.36
N SER A 346 55.87 3.75 -5.26
CA SER A 346 55.77 3.20 -3.91
C SER A 346 54.30 3.10 -3.50
N VAL A 347 54.08 2.86 -2.21
CA VAL A 347 52.73 2.70 -1.67
C VAL A 347 52.25 3.91 -0.89
N TYR A 348 53.12 4.59 -0.14
CA TYR A 348 52.69 5.84 0.48
C TYR A 348 52.70 7.03 -0.46
N ALA A 349 53.22 6.89 -1.67
CA ALA A 349 53.12 7.93 -2.69
C ALA A 349 52.51 7.28 -3.93
N TRP A 350 51.18 7.28 -4.01
CA TRP A 350 50.52 6.84 -5.23
C TRP A 350 50.77 7.87 -6.33
N ASN A 351 51.41 7.44 -7.41
CA ASN A 351 51.60 8.32 -8.54
C ASN A 351 50.28 8.49 -9.27
N ARG A 352 49.55 9.55 -8.93
CA ARG A 352 48.22 9.79 -9.51
C ARG A 352 48.39 10.19 -10.97
N LYS A 353 48.05 9.26 -11.87
CA LYS A 353 48.18 9.48 -13.29
C LYS A 353 46.86 10.02 -13.84
N ARG A 354 46.93 11.17 -14.51
CA ARG A 354 45.78 11.82 -15.12
C ARG A 354 45.61 11.26 -16.53
N ILE A 355 44.52 10.54 -16.75
CA ILE A 355 44.18 9.99 -18.05
C ILE A 355 42.99 10.80 -18.56
N SER A 356 43.22 11.59 -19.60
CA SER A 356 42.21 12.49 -20.13
C SER A 356 42.51 12.78 -21.59
N ASN A 357 41.46 13.20 -22.31
CA ASN A 357 41.51 13.62 -23.72
C ASN A 357 42.09 12.54 -24.63
N CYS A 358 41.66 11.30 -24.42
CA CYS A 358 42.17 10.19 -25.21
C CYS A 358 41.13 9.08 -25.27
N VAL A 359 41.31 8.19 -26.24
CA VAL A 359 40.44 7.04 -26.43
C VAL A 359 40.93 5.91 -25.52
N ALA A 360 40.09 5.49 -24.58
CA ALA A 360 40.46 4.45 -23.63
C ALA A 360 40.10 3.09 -24.23
N ASP A 361 41.11 2.36 -24.67
CA ASP A 361 40.93 1.01 -25.21
C ASP A 361 41.33 0.02 -24.13
N TYR A 362 40.33 -0.53 -23.44
CA TYR A 362 40.59 -1.55 -22.44
C TYR A 362 40.82 -2.93 -23.04
N SER A 363 40.53 -3.10 -24.33
CA SER A 363 40.88 -4.34 -25.01
C SER A 363 42.39 -4.45 -25.22
N VAL A 364 43.08 -3.32 -25.29
CA VAL A 364 44.55 -3.32 -25.36
C VAL A 364 45.14 -3.89 -24.07
N LEU A 365 44.62 -3.45 -22.92
CA LEU A 365 45.05 -4.01 -21.64
C LEU A 365 44.56 -5.43 -21.46
N TYR A 366 43.40 -5.78 -22.02
CA TYR A 366 42.85 -7.10 -21.84
C TYR A 366 43.61 -8.14 -22.67
N ASN A 367 44.07 -7.76 -23.86
CA ASN A 367 44.82 -8.66 -24.72
C ASN A 367 46.22 -8.92 -24.20
N LEU A 368 46.75 -8.07 -23.33
CA LEU A 368 48.08 -8.27 -22.78
C LEU A 368 48.10 -9.41 -21.78
N ALA A 369 49.17 -10.20 -21.83
CA ALA A 369 49.37 -11.28 -20.86
C ALA A 369 49.48 -10.82 -19.40
N PRO A 370 50.27 -9.76 -19.01
CA PRO A 370 50.36 -9.46 -17.57
C PRO A 370 49.15 -8.76 -16.96
N PHE A 371 47.96 -9.35 -17.11
CA PHE A 371 46.72 -8.81 -16.58
C PHE A 371 45.91 -9.98 -16.05
N PHE A 372 45.97 -10.22 -14.74
CA PHE A 372 45.43 -11.47 -14.19
C PHE A 372 44.10 -11.29 -13.46
N THR A 373 44.05 -10.45 -12.43
CA THR A 373 42.84 -10.37 -11.61
C THR A 373 42.18 -9.00 -11.78
N PHE A 374 40.91 -9.01 -12.17
CA PHE A 374 40.08 -7.82 -12.32
C PHE A 374 38.97 -7.85 -11.28
N LYS A 375 38.62 -6.67 -10.75
CA LYS A 375 37.41 -6.55 -9.94
C LYS A 375 36.92 -5.11 -10.04
N CYS A 376 35.76 -4.91 -10.66
CA CYS A 376 35.25 -3.59 -10.93
C CYS A 376 33.99 -3.32 -10.13
N TYR A 377 33.88 -2.10 -9.59
CA TYR A 377 32.77 -1.68 -8.76
C TYR A 377 32.00 -0.56 -9.46
N GLY A 378 30.68 -0.73 -9.56
CA GLY A 378 29.82 0.25 -10.17
C GLY A 378 29.67 0.13 -11.68
N VAL A 379 30.74 -0.28 -12.37
CA VAL A 379 30.74 -0.44 -13.81
C VAL A 379 31.07 -1.89 -14.13
N SER A 380 30.28 -2.50 -14.99
CA SER A 380 30.57 -3.87 -15.41
C SER A 380 31.82 -3.89 -16.30
N PRO A 381 32.77 -4.79 -16.02
CA PRO A 381 34.05 -4.78 -16.77
C PRO A 381 33.92 -5.13 -18.23
N THR A 382 32.82 -5.75 -18.66
CA THR A 382 32.59 -5.99 -20.08
C THR A 382 32.09 -4.76 -20.82
N LYS A 383 31.73 -3.68 -20.12
CA LYS A 383 31.19 -2.50 -20.76
C LYS A 383 32.08 -1.27 -20.59
N LEU A 384 33.32 -1.45 -20.15
CA LEU A 384 34.25 -0.34 -19.94
C LEU A 384 34.61 0.38 -21.24
N ASN A 385 34.48 -0.29 -22.38
CA ASN A 385 34.72 0.33 -23.67
C ASN A 385 33.50 1.09 -24.20
N ASP A 386 32.38 1.08 -23.49
CA ASP A 386 31.14 1.66 -23.99
C ASP A 386 30.69 2.89 -23.20
N LEU A 387 31.58 3.48 -22.39
CA LEU A 387 31.21 4.63 -21.58
C LEU A 387 32.18 5.78 -21.82
N CYS A 388 31.76 6.96 -21.37
CA CYS A 388 32.59 8.17 -21.43
C CYS A 388 32.68 8.79 -20.04
N PHE A 389 33.89 9.21 -19.68
CA PHE A 389 34.17 9.80 -18.38
C PHE A 389 34.88 11.13 -18.57
N THR A 390 34.79 11.97 -17.53
CA THR A 390 35.44 13.28 -17.60
C THR A 390 36.95 13.14 -17.46
N ASN A 391 37.41 12.63 -16.32
CA ASN A 391 38.82 12.34 -16.11
C ASN A 391 38.95 10.97 -15.46
N VAL A 392 40.07 10.30 -15.74
CA VAL A 392 40.38 8.99 -15.16
C VAL A 392 41.63 9.15 -14.32
N TYR A 393 41.61 8.62 -13.10
CA TYR A 393 42.77 8.71 -12.21
C TYR A 393 43.31 7.32 -11.94
N ALA A 394 44.58 7.11 -12.23
CA ALA A 394 45.23 5.82 -12.06
C ALA A 394 46.19 5.87 -10.88
N ASP A 395 46.16 4.82 -10.06
CA ASP A 395 47.10 4.67 -8.96
C ASP A 395 47.74 3.30 -9.03
N SER A 396 49.05 3.22 -8.82
CA SER A 396 49.80 1.99 -9.09
C SER A 396 50.79 1.74 -7.96
N PHE A 397 50.79 0.52 -7.42
CA PHE A 397 51.56 0.25 -6.21
C PHE A 397 51.82 -1.25 -6.09
N VAL A 398 52.97 -1.60 -5.50
CA VAL A 398 53.36 -2.98 -5.25
C VAL A 398 53.16 -3.30 -3.78
N ILE A 399 52.26 -4.22 -3.49
CA ILE A 399 51.97 -4.62 -2.10
C ILE A 399 52.08 -6.14 -2.02
N ARG A 400 52.48 -6.64 -0.84
CA ARG A 400 52.39 -8.06 -0.52
C ARG A 400 50.93 -8.51 -0.58
N GLY A 401 50.73 -9.75 -1.08
CA GLY A 401 49.39 -10.23 -1.39
C GLY A 401 48.44 -10.33 -0.20
N ASP A 402 48.98 -10.68 0.97
CA ASP A 402 48.18 -10.70 2.20
C ASP A 402 47.67 -9.32 2.58
N GLU A 403 48.38 -8.28 2.16
CA GLU A 403 47.90 -6.91 2.28
C GLU A 403 47.34 -6.35 0.98
N VAL A 404 47.49 -7.07 -0.15
CA VAL A 404 46.71 -6.74 -1.34
C VAL A 404 45.23 -7.04 -1.06
N ARG A 405 44.96 -8.11 -0.30
CA ARG A 405 43.59 -8.47 0.06
C ARG A 405 42.93 -7.48 1.02
N GLN A 406 43.68 -6.53 1.58
CA GLN A 406 43.12 -5.47 2.41
C GLN A 406 42.64 -4.27 1.60
N ILE A 407 42.39 -4.43 0.31
CA ILE A 407 42.01 -3.33 -0.57
C ILE A 407 40.62 -3.61 -1.11
N ALA A 408 39.61 -2.95 -0.53
CA ALA A 408 38.21 -2.94 -0.97
C ALA A 408 37.48 -1.81 -0.25
N PRO A 409 36.47 -1.20 -0.88
CA PRO A 409 35.59 -0.29 -0.13
C PRO A 409 34.79 -1.04 0.91
N GLY A 410 34.65 -0.43 2.08
CA GLY A 410 33.99 -1.06 3.20
C GLY A 410 34.86 -2.02 3.99
N GLN A 411 36.13 -2.15 3.64
CA GLN A 411 37.06 -3.04 4.34
C GLN A 411 37.88 -2.27 5.37
N THR A 412 38.58 -3.03 6.19
CA THR A 412 39.54 -2.53 7.16
C THR A 412 40.92 -3.10 6.85
N GLY A 413 41.86 -2.85 7.74
CA GLY A 413 43.21 -3.37 7.61
C GLY A 413 44.23 -2.25 7.67
N ASN A 414 45.50 -2.67 7.67
CA ASN A 414 46.62 -1.72 7.71
C ASN A 414 46.64 -0.82 6.48
N ILE A 415 46.33 -1.38 5.31
CA ILE A 415 46.33 -0.62 4.07
C ILE A 415 45.24 0.45 4.06
N ALA A 416 43.99 0.02 4.29
CA ALA A 416 42.86 0.94 4.22
C ALA A 416 42.85 1.92 5.38
N ASP A 417 43.51 1.58 6.49
CA ASP A 417 43.53 2.50 7.61
C ASP A 417 44.70 3.48 7.55
N TYR A 418 45.88 3.05 7.11
CA TYR A 418 47.07 3.87 7.26
C TYR A 418 47.72 4.29 5.94
N ASN A 419 47.63 3.51 4.86
CA ASN A 419 48.10 4.02 3.57
C ASN A 419 47.13 5.04 2.98
N TYR A 420 45.95 4.55 2.60
CA TYR A 420 45.01 5.31 1.80
C TYR A 420 43.65 4.68 2.04
N LYS A 421 42.62 5.49 2.10
CA LYS A 421 41.28 4.98 2.31
C LYS A 421 40.55 4.92 0.97
N LEU A 422 40.05 3.76 0.63
CA LEU A 422 39.15 3.66 -0.50
C LEU A 422 37.76 4.10 -0.07
N PRO A 423 37.15 5.07 -0.74
CA PRO A 423 35.80 5.50 -0.37
C PRO A 423 34.77 4.42 -0.65
N ASP A 424 33.69 4.43 0.13
CA ASP A 424 32.65 3.42 0.02
C ASP A 424 31.78 3.59 -1.22
N ASP A 425 31.83 4.76 -1.86
CA ASP A 425 31.12 5.00 -3.10
C ASP A 425 32.04 4.94 -4.32
N PHE A 426 33.04 4.06 -4.28
CA PHE A 426 34.04 4.00 -5.33
C PHE A 426 33.47 3.36 -6.59
N THR A 427 33.66 4.03 -7.72
CA THR A 427 33.25 3.53 -9.04
C THR A 427 34.50 3.42 -9.90
N GLY A 428 34.89 2.20 -10.24
CA GLY A 428 36.11 2.01 -11.01
C GLY A 428 36.48 0.54 -11.08
N CYS A 429 37.79 0.29 -11.15
CA CYS A 429 38.30 -1.07 -11.23
C CYS A 429 39.57 -1.20 -10.42
N VAL A 430 39.83 -2.43 -9.93
CA VAL A 430 41.07 -2.80 -9.28
C VAL A 430 41.66 -3.98 -10.05
N ILE A 431 42.92 -3.85 -10.47
CA ILE A 431 43.61 -4.87 -11.24
C ILE A 431 44.85 -5.27 -10.47
N ALA A 432 45.08 -6.57 -10.32
CA ALA A 432 46.29 -7.05 -9.66
C ALA A 432 46.95 -8.14 -10.49
N TRP A 433 48.29 -8.15 -10.42
CA TRP A 433 49.13 -9.05 -11.21
C TRP A 433 50.35 -9.46 -10.40
N ASN A 434 50.79 -10.70 -10.60
CA ASN A 434 51.99 -11.22 -9.95
C ASN A 434 53.24 -10.59 -10.56
N SER A 435 54.00 -9.86 -9.75
CA SER A 435 55.13 -9.06 -10.22
C SER A 435 56.45 -9.60 -9.73
N ASN A 436 56.62 -10.93 -9.80
CA ASN A 436 57.81 -11.57 -9.23
C ASN A 436 59.05 -11.31 -10.07
N LYS A 437 58.92 -11.32 -11.40
CA LYS A 437 60.07 -11.19 -12.28
C LYS A 437 60.70 -9.80 -12.23
N LEU A 438 59.95 -8.78 -11.79
CA LEU A 438 60.49 -7.45 -11.66
C LEU A 438 60.62 -6.97 -10.22
N ASP A 439 60.00 -7.66 -9.26
CA ASP A 439 60.01 -7.22 -7.87
C ASP A 439 60.50 -8.29 -6.89
N SER A 440 61.10 -9.37 -7.38
CA SER A 440 61.70 -10.39 -6.51
C SER A 440 63.18 -10.46 -6.81
N LYS A 441 64.00 -10.20 -5.79
CA LYS A 441 65.45 -10.21 -5.91
C LYS A 441 66.03 -11.18 -4.89
N VAL A 442 67.32 -11.48 -5.06
CA VAL A 442 68.02 -12.35 -4.13
C VAL A 442 68.20 -11.62 -2.81
N SER A 443 67.89 -12.33 -1.71
CA SER A 443 67.90 -11.79 -0.33
C SER A 443 66.98 -10.57 -0.18
N GLY A 444 65.86 -10.57 -0.88
CA GLY A 444 64.83 -9.58 -0.67
C GLY A 444 64.94 -8.40 -1.61
N ASN A 445 63.80 -7.73 -1.83
CA ASN A 445 63.73 -6.50 -2.59
C ASN A 445 63.30 -5.38 -1.65
N TYR A 446 64.05 -4.27 -1.66
CA TYR A 446 63.90 -3.22 -0.67
C TYR A 446 63.44 -1.90 -1.28
N ASN A 447 62.74 -1.96 -2.42
CA ASN A 447 62.33 -0.77 -3.13
C ASN A 447 60.93 -0.29 -2.75
N TYR A 448 60.24 -1.00 -1.86
CA TYR A 448 58.87 -0.66 -1.49
C TYR A 448 58.76 -0.55 0.02
N LEU A 449 58.07 0.49 0.49
CA LEU A 449 58.03 0.83 1.90
C LEU A 449 56.60 0.79 2.42
N TYR A 450 56.45 0.25 3.63
CA TYR A 450 55.15 0.06 4.26
C TYR A 450 55.26 0.53 5.71
N ARG A 451 54.17 0.36 6.47
CA ARG A 451 54.20 0.63 7.90
C ARG A 451 53.41 -0.44 8.63
N LEU A 452 53.43 -0.37 9.97
CA LEU A 452 52.57 -1.18 10.80
C LEU A 452 51.57 -0.36 11.60
N PHE A 453 51.73 0.96 11.65
CA PHE A 453 50.91 1.80 12.51
C PHE A 453 50.90 3.23 11.97
N ARG A 454 49.79 3.91 12.18
CA ARG A 454 49.72 5.37 12.05
C ARG A 454 48.72 5.87 13.09
N LYS A 455 48.82 7.15 13.43
CA LYS A 455 48.11 7.69 14.58
C LYS A 455 46.61 7.78 14.38
N SER A 456 46.12 7.80 13.14
CA SER A 456 44.68 7.88 12.91
C SER A 456 44.34 7.23 11.59
N ASN A 457 43.08 6.86 11.44
CA ASN A 457 42.57 6.35 10.17
C ASN A 457 42.43 7.51 9.19
N LEU A 458 42.96 7.31 7.98
CA LEU A 458 43.00 8.38 7.00
C LEU A 458 41.65 8.57 6.31
N LYS A 459 41.36 9.82 6.00
CA LYS A 459 40.27 10.17 5.11
C LYS A 459 40.67 9.75 3.69
N PRO A 460 39.70 9.53 2.78
CA PRO A 460 40.03 8.99 1.45
C PRO A 460 40.91 9.93 0.63
N PHE A 461 41.93 9.33 -0.01
CA PHE A 461 42.89 10.00 -0.91
C PHE A 461 43.64 11.14 -0.19
N GLU A 462 44.30 10.80 0.91
CA GLU A 462 45.26 11.70 1.53
C GLU A 462 46.66 11.12 1.48
N ARG A 463 47.65 12.00 1.35
CA ARG A 463 48.99 11.60 0.97
C ARG A 463 50.00 11.95 2.06
N ASP A 464 49.68 11.62 3.31
CA ASP A 464 50.56 11.88 4.44
C ASP A 464 51.81 11.00 4.34
N ILE A 465 52.91 11.59 3.92
CA ILE A 465 54.16 10.88 3.72
C ILE A 465 55.15 11.19 4.83
N SER A 466 54.66 11.71 5.95
CA SER A 466 55.52 12.05 7.08
C SER A 466 56.03 10.78 7.76
N THR A 467 57.30 10.81 8.15
CA THR A 467 57.98 9.67 8.79
C THR A 467 58.31 9.98 10.24
N GLU A 468 57.41 10.68 10.93
CA GLU A 468 57.63 11.02 12.33
C GLU A 468 57.47 9.78 13.21
N ILE A 469 58.38 9.63 14.18
CA ILE A 469 58.43 8.44 15.00
C ILE A 469 57.27 8.43 15.98
N TYR A 470 56.53 7.31 16.00
CA TYR A 470 55.38 7.19 16.88
C TYR A 470 55.82 6.88 18.30
N GLN A 471 55.35 7.67 19.25
CA GLN A 471 55.59 7.42 20.67
C GLN A 471 54.45 6.55 21.19
N ALA A 472 54.61 5.23 20.97
CA ALA A 472 53.58 4.28 21.37
C ALA A 472 53.50 4.14 22.88
N GLY A 473 54.65 4.18 23.56
CA GLY A 473 54.71 4.15 25.00
C GLY A 473 54.79 5.54 25.59
N ASN A 474 55.25 5.60 26.83
CA ASN A 474 55.44 6.87 27.53
C ASN A 474 56.82 7.45 27.32
N LYS A 475 57.64 6.83 26.48
CA LYS A 475 59.00 7.30 26.26
C LYS A 475 59.01 8.55 25.39
N PRO A 476 59.66 9.63 25.82
CA PRO A 476 59.86 10.79 24.93
C PRO A 476 60.92 10.49 23.88
N CYS A 477 60.50 9.89 22.77
CA CYS A 477 61.43 9.36 21.78
C CYS A 477 62.21 10.48 21.08
N ASN A 478 61.48 11.35 20.38
CA ASN A 478 62.01 12.58 19.74
C ASN A 478 63.15 12.28 18.76
N GLY A 479 62.94 11.29 17.91
CA GLY A 479 63.90 10.91 16.89
C GLY A 479 64.70 9.66 17.20
N VAL A 480 64.68 9.21 18.44
CA VAL A 480 65.37 7.98 18.83
C VAL A 480 64.42 6.82 18.58
N ALA A 481 64.77 5.95 17.63
CA ALA A 481 63.93 4.84 17.25
C ALA A 481 64.20 3.61 18.12
N GLY A 482 63.17 2.80 18.30
CA GLY A 482 63.30 1.59 19.10
C GLY A 482 61.92 1.07 19.49
N PHE A 483 61.92 0.26 20.56
CA PHE A 483 60.68 -0.27 21.08
C PHE A 483 59.90 0.83 21.80
N ASN A 484 58.58 0.88 21.52
CA ASN A 484 57.66 1.98 21.86
C ASN A 484 58.09 3.32 21.25
N CYS A 485 58.95 3.28 20.25
CA CYS A 485 59.45 4.43 19.52
C CYS A 485 59.54 4.08 18.04
N TYR A 486 58.46 3.48 17.53
CA TYR A 486 58.49 2.77 16.25
C TYR A 486 58.68 3.74 15.09
N PHE A 487 59.77 3.56 14.35
CA PHE A 487 59.94 4.23 13.07
C PHE A 487 58.87 3.75 12.11
N PRO A 488 58.27 4.65 11.32
CA PRO A 488 57.18 4.24 10.41
C PRO A 488 57.60 3.29 9.31
N LEU A 489 58.55 3.68 8.47
CA LEU A 489 58.81 2.99 7.21
C LEU A 489 59.56 1.69 7.45
N ARG A 490 58.99 0.59 6.95
CA ARG A 490 59.55 -0.75 7.03
C ARG A 490 59.54 -1.34 5.63
N SER A 491 60.20 -2.49 5.49
CA SER A 491 60.28 -3.18 4.21
C SER A 491 59.93 -4.65 4.40
N TYR A 492 59.49 -5.29 3.32
CA TYR A 492 59.04 -6.67 3.38
C TYR A 492 60.03 -7.67 2.81
N SER A 493 60.97 -7.20 1.98
CA SER A 493 62.08 -7.98 1.42
C SER A 493 61.57 -9.20 0.62
N PHE A 494 60.93 -8.89 -0.50
CA PHE A 494 60.31 -9.90 -1.36
C PHE A 494 61.38 -10.79 -1.99
N ARG A 495 61.28 -12.10 -1.75
CA ARG A 495 62.19 -13.13 -2.22
C ARG A 495 61.48 -14.08 -3.18
N PRO A 496 62.20 -14.68 -4.13
CA PRO A 496 61.55 -15.66 -5.03
C PRO A 496 61.14 -16.96 -4.35
N THR A 497 61.68 -17.26 -3.16
CA THR A 497 61.32 -18.46 -2.42
C THR A 497 60.16 -18.22 -1.47
N TYR A 498 59.56 -17.03 -1.47
CA TYR A 498 58.43 -16.74 -0.62
C TYR A 498 57.17 -17.44 -1.10
N GLY A 499 56.16 -17.49 -0.23
CA GLY A 499 54.86 -17.96 -0.64
C GLY A 499 54.14 -16.97 -1.54
N VAL A 500 53.09 -17.46 -2.19
CA VAL A 500 52.33 -16.64 -3.14
C VAL A 500 51.61 -15.50 -2.44
N GLY A 501 51.15 -15.75 -1.20
CA GLY A 501 50.59 -14.67 -0.41
C GLY A 501 51.62 -13.67 0.05
N HIS A 502 52.88 -14.08 0.17
CA HIS A 502 53.97 -13.18 0.48
C HIS A 502 54.70 -12.68 -0.77
N GLN A 503 54.33 -13.16 -1.95
CA GLN A 503 54.91 -12.65 -3.17
C GLN A 503 54.35 -11.25 -3.47
N PRO A 504 55.15 -10.37 -4.06
CA PRO A 504 54.67 -9.02 -4.37
C PRO A 504 53.67 -9.01 -5.51
N TYR A 505 52.78 -8.03 -5.47
CA TYR A 505 51.76 -7.84 -6.51
C TYR A 505 51.78 -6.39 -6.98
N ARG A 506 51.71 -6.22 -8.30
CA ARG A 506 51.45 -4.92 -8.91
C ARG A 506 49.92 -4.74 -8.98
N VAL A 507 49.42 -3.75 -8.23
CA VAL A 507 48.00 -3.46 -8.16
C VAL A 507 47.78 -2.04 -8.64
N VAL A 508 46.86 -1.87 -9.58
CA VAL A 508 46.48 -0.58 -10.13
C VAL A 508 44.99 -0.38 -9.87
N VAL A 509 44.66 0.73 -9.23
CA VAL A 509 43.28 1.15 -9.02
C VAL A 509 42.98 2.26 -10.02
N LEU A 510 41.98 2.02 -10.87
CA LEU A 510 41.49 3.00 -11.82
C LEU A 510 40.19 3.57 -11.29
N SER A 511 40.14 4.89 -11.10
CA SER A 511 38.95 5.57 -10.64
C SER A 511 38.39 6.42 -11.76
N PHE A 512 37.11 6.23 -12.05
CA PHE A 512 36.40 6.92 -13.11
C PHE A 512 35.43 7.93 -12.51
N GLU A 513 35.05 8.92 -13.32
CA GLU A 513 34.14 9.97 -12.89
C GLU A 513 32.88 9.89 -13.75
N LEU A 514 31.93 9.05 -13.33
CA LEU A 514 30.62 8.98 -13.98
C LEU A 514 29.81 10.17 -13.48
N LEU A 515 29.81 11.25 -14.26
CA LEU A 515 29.25 12.51 -13.83
C LEU A 515 28.36 13.07 -14.93
N HIS A 516 27.41 13.92 -14.53
CA HIS A 516 26.54 14.65 -15.46
C HIS A 516 27.26 15.92 -15.92
N ALA A 517 28.37 15.72 -16.61
CA ALA A 517 29.34 16.75 -16.94
C ALA A 517 29.89 16.48 -18.33
N PRO A 518 30.49 17.49 -18.98
CA PRO A 518 31.23 17.23 -20.21
C PRO A 518 32.39 16.27 -19.99
N ALA A 519 32.61 15.38 -20.96
CA ALA A 519 33.54 14.28 -20.83
C ALA A 519 34.63 14.37 -21.88
N THR A 520 35.82 13.87 -21.53
CA THR A 520 36.96 13.84 -22.43
C THR A 520 37.39 12.43 -22.83
N VAL A 521 37.20 11.45 -21.95
CA VAL A 521 37.61 10.07 -22.19
C VAL A 521 36.41 9.30 -22.75
N CYS A 522 36.61 8.64 -23.89
CA CYS A 522 35.56 7.83 -24.50
C CYS A 522 36.16 6.55 -25.05
N GLY A 523 35.27 5.64 -25.46
CA GLY A 523 35.67 4.32 -25.90
C GLY A 523 36.10 4.25 -27.36
N PRO A 524 36.38 3.03 -27.84
CA PRO A 524 36.86 2.88 -29.21
C PRO A 524 35.80 3.15 -30.27
N LYS A 525 34.52 2.96 -29.95
CA LYS A 525 33.46 3.23 -30.90
C LYS A 525 33.32 4.73 -31.12
N LYS A 526 32.98 5.11 -32.36
CA LYS A 526 33.01 6.49 -32.79
C LYS A 526 31.60 6.97 -33.12
N SER A 527 31.51 8.21 -33.61
CA SER A 527 30.24 8.90 -33.79
C SER A 527 29.76 8.79 -35.23
N THR A 528 28.44 8.69 -35.39
CA THR A 528 27.79 8.68 -36.69
C THR A 528 27.23 10.07 -36.98
N ASN A 529 26.49 10.19 -38.08
CA ASN A 529 25.92 11.48 -38.47
C ASN A 529 24.67 11.78 -37.64
N LEU A 530 24.35 13.08 -37.58
CA LEU A 530 23.20 13.54 -36.80
C LEU A 530 21.90 13.35 -37.58
N VAL A 531 20.84 13.01 -36.87
CA VAL A 531 19.49 12.93 -37.43
C VAL A 531 18.61 13.88 -36.62
N LYS A 532 17.94 14.79 -37.32
CA LYS A 532 17.08 15.78 -36.69
C LYS A 532 15.63 15.57 -37.12
N ASN A 533 14.72 15.93 -36.22
CA ASN A 533 13.26 15.94 -36.46
C ASN A 533 12.71 14.57 -36.85
N LYS A 534 13.29 13.51 -36.29
CA LYS A 534 12.88 12.15 -36.63
C LYS A 534 13.18 11.24 -35.44
N CYS A 535 12.23 10.36 -35.12
CA CYS A 535 12.34 9.50 -33.94
C CYS A 535 13.40 8.43 -34.18
N VAL A 536 14.50 8.48 -33.42
CA VAL A 536 15.57 7.50 -33.51
C VAL A 536 16.02 7.07 -32.11
N ASN A 537 16.68 5.93 -32.06
CA ASN A 537 17.49 5.57 -30.90
C ASN A 537 18.77 6.40 -30.92
N PHE A 538 19.24 6.76 -29.73
CA PHE A 538 20.40 7.63 -29.63
C PHE A 538 21.29 7.19 -28.47
N ASN A 539 22.57 7.56 -28.58
CA ASN A 539 23.58 7.31 -27.56
C ASN A 539 24.46 8.56 -27.51
N PHE A 540 24.18 9.44 -26.54
CA PHE A 540 24.92 10.69 -26.35
C PHE A 540 25.80 10.55 -25.11
N ASN A 541 27.09 10.26 -25.35
CA ASN A 541 28.13 10.13 -24.31
C ASN A 541 27.76 9.10 -23.25
N GLY A 542 27.25 7.94 -23.69
CA GLY A 542 26.78 6.92 -22.80
C GLY A 542 25.34 7.07 -22.36
N LEU A 543 24.70 8.19 -22.69
CA LEU A 543 23.29 8.43 -22.37
C LEU A 543 22.47 7.84 -23.50
N LYS A 544 21.92 6.65 -23.27
CA LYS A 544 21.17 5.92 -24.29
C LYS A 544 19.68 6.21 -24.15
N GLY A 545 18.96 6.08 -25.26
CA GLY A 545 17.52 6.23 -25.21
C GLY A 545 16.89 6.23 -26.58
N THR A 546 15.61 6.56 -26.61
CA THR A 546 14.82 6.67 -27.83
C THR A 546 14.06 7.99 -27.81
N GLY A 547 14.21 8.79 -28.86
CA GLY A 547 13.53 10.08 -28.86
C GLY A 547 13.58 10.75 -30.21
N VAL A 548 12.83 11.86 -30.29
CA VAL A 548 12.88 12.76 -31.44
C VAL A 548 13.81 13.90 -31.06
N LEU A 549 14.90 14.06 -31.81
CA LEU A 549 15.90 15.09 -31.48
C LEU A 549 15.60 16.34 -32.30
N THR A 550 14.67 17.15 -31.78
CA THR A 550 14.31 18.39 -32.45
C THR A 550 15.34 19.47 -32.16
N GLU A 551 15.33 20.50 -33.01
CA GLU A 551 16.06 21.73 -32.72
C GLU A 551 15.34 22.51 -31.65
N SER A 552 16.09 23.13 -30.74
CA SER A 552 15.52 23.81 -29.60
C SER A 552 16.12 25.20 -29.45
N ASN A 553 15.35 26.09 -28.81
CA ASN A 553 15.79 27.43 -28.47
C ASN A 553 16.13 27.57 -27.00
N LYS A 554 16.35 26.44 -26.31
CA LYS A 554 16.65 26.44 -24.88
C LYS A 554 18.00 27.09 -24.65
N LYS A 555 18.00 28.27 -24.05
CA LYS A 555 19.19 29.10 -23.93
C LYS A 555 20.14 28.55 -22.88
N PHE A 556 21.01 27.64 -23.31
CA PHE A 556 21.98 27.03 -22.41
C PHE A 556 23.06 28.04 -22.03
N LEU A 557 23.37 28.11 -20.74
CA LEU A 557 24.54 28.84 -20.30
C LEU A 557 25.79 28.09 -20.75
N PRO A 558 26.91 28.80 -20.97
CA PRO A 558 28.10 28.15 -21.57
C PRO A 558 28.71 27.02 -20.75
N PHE A 559 28.48 26.96 -19.43
CA PHE A 559 28.92 25.82 -18.65
C PHE A 559 27.91 24.68 -18.65
N GLN A 560 26.66 24.96 -19.01
CA GLN A 560 25.61 23.95 -18.93
C GLN A 560 25.76 22.93 -20.05
N GLN A 561 25.67 21.66 -19.69
CA GLN A 561 25.83 20.55 -20.64
C GLN A 561 24.51 19.88 -20.99
N PHE A 562 23.70 19.58 -19.99
CA PHE A 562 22.40 18.95 -20.21
C PHE A 562 21.33 19.73 -19.47
N GLY A 563 20.09 19.62 -19.97
CA GLY A 563 18.96 20.25 -19.34
C GLY A 563 17.90 19.24 -18.97
N ARG A 564 17.51 19.20 -17.69
CA ARG A 564 16.66 18.16 -17.17
C ARG A 564 15.20 18.62 -17.13
N ASP A 565 14.32 17.72 -16.71
CA ASP A 565 12.88 17.92 -16.70
C ASP A 565 12.39 18.12 -15.27
N ILE A 566 11.06 18.21 -15.13
CA ILE A 566 10.46 18.33 -13.80
C ILE A 566 10.61 17.02 -13.03
N ALA A 567 10.49 15.88 -13.71
CA ALA A 567 10.55 14.58 -13.09
C ALA A 567 11.98 14.03 -13.01
N ASP A 568 12.98 14.92 -13.09
CA ASP A 568 14.41 14.59 -13.01
C ASP A 568 14.80 13.58 -14.10
N THR A 569 14.39 13.87 -15.32
CA THR A 569 14.73 13.09 -16.49
C THR A 569 15.41 13.99 -17.52
N THR A 570 16.20 13.38 -18.40
CA THR A 570 16.92 14.14 -19.41
C THR A 570 15.97 14.66 -20.48
N ASP A 571 16.08 15.95 -20.77
CA ASP A 571 15.14 16.60 -21.70
C ASP A 571 15.85 17.30 -22.85
N ALA A 572 17.02 17.90 -22.62
CA ALA A 572 17.76 18.56 -23.68
C ALA A 572 19.24 18.24 -23.51
N VAL A 573 19.94 18.09 -24.64
CA VAL A 573 21.36 17.75 -24.61
C VAL A 573 22.14 18.75 -25.45
N ARG A 574 23.41 18.89 -25.12
CA ARG A 574 24.38 19.55 -25.98
C ARG A 574 25.13 18.47 -26.75
N ASP A 575 25.14 18.58 -28.07
CA ASP A 575 25.88 17.65 -28.90
C ASP A 575 27.38 17.86 -28.65
N PRO A 576 28.14 16.80 -28.37
CA PRO A 576 29.56 16.99 -28.02
C PRO A 576 30.49 17.34 -29.18
N GLN A 577 29.95 17.56 -30.38
CA GLN A 577 30.76 18.01 -31.50
C GLN A 577 30.38 19.43 -31.93
N THR A 578 29.12 19.69 -32.24
CA THR A 578 28.64 21.04 -32.52
C THR A 578 27.78 21.51 -31.35
N LEU A 579 27.94 22.79 -30.98
CA LEU A 579 27.46 23.28 -29.70
C LEU A 579 26.00 23.74 -29.73
N GLU A 580 25.20 23.25 -30.67
CA GLU A 580 23.77 23.53 -30.62
C GLU A 580 23.10 22.64 -29.58
N ILE A 581 21.83 22.95 -29.30
CA ILE A 581 21.06 22.25 -28.27
C ILE A 581 19.98 21.43 -28.95
N LEU A 582 19.89 20.16 -28.58
CA LEU A 582 18.91 19.24 -29.16
C LEU A 582 17.90 18.86 -28.09
N ASP A 583 16.63 19.11 -28.36
CA ASP A 583 15.53 18.75 -27.47
C ASP A 583 15.13 17.31 -27.75
N ILE A 584 15.23 16.45 -26.73
CA ILE A 584 14.83 15.05 -26.84
C ILE A 584 13.37 15.00 -26.44
N THR A 585 12.51 15.21 -27.42
CA THR A 585 11.10 14.94 -27.17
C THR A 585 10.88 13.42 -27.17
N PRO A 586 10.02 12.89 -26.30
CA PRO A 586 9.55 11.52 -26.50
C PRO A 586 8.79 11.41 -27.80
N CYS A 587 8.93 10.27 -28.47
CA CYS A 587 8.30 10.08 -29.78
C CYS A 587 6.79 10.01 -29.61
N SER A 588 6.08 10.39 -30.69
CA SER A 588 4.66 10.67 -30.62
C SER A 588 3.84 9.43 -30.28
N PHE A 589 2.89 9.60 -29.37
CA PHE A 589 2.20 8.48 -28.74
C PHE A 589 0.79 8.91 -28.39
N GLY A 590 0.04 7.99 -27.81
CA GLY A 590 -1.28 8.32 -27.31
C GLY A 590 -2.09 7.07 -27.11
N GLY A 591 -3.22 7.24 -26.43
CA GLY A 591 -4.10 6.13 -26.14
C GLY A 591 -4.94 5.73 -27.35
N VAL A 592 -5.08 4.43 -27.55
CA VAL A 592 -5.93 3.88 -28.60
C VAL A 592 -7.20 3.38 -27.94
N SER A 593 -8.35 3.88 -28.41
CA SER A 593 -9.64 3.40 -27.96
C SER A 593 -10.35 2.73 -29.13
N VAL A 594 -10.93 1.57 -28.87
CA VAL A 594 -11.65 0.80 -29.87
C VAL A 594 -13.12 0.89 -29.55
N ILE A 595 -13.89 1.53 -30.43
CA ILE A 595 -15.34 1.60 -30.34
C ILE A 595 -15.88 0.52 -31.25
N THR A 596 -16.61 -0.44 -30.68
CA THR A 596 -17.09 -1.56 -31.44
C THR A 596 -18.50 -1.91 -30.99
N PRO A 597 -19.31 -2.49 -31.87
CA PRO A 597 -20.50 -3.23 -31.41
C PRO A 597 -20.10 -4.63 -30.97
N GLY A 598 -21.09 -5.46 -30.62
CA GLY A 598 -20.78 -6.82 -30.21
C GLY A 598 -20.27 -7.66 -31.37
N THR A 599 -19.33 -8.56 -31.06
CA THR A 599 -18.83 -9.50 -32.05
C THR A 599 -19.87 -10.53 -32.43
N ASN A 600 -20.89 -10.72 -31.59
CA ASN A 600 -22.08 -11.48 -31.99
C ASN A 600 -22.82 -10.78 -33.11
N THR A 601 -22.80 -9.45 -33.14
CA THR A 601 -23.51 -8.68 -34.15
C THR A 601 -22.67 -8.45 -35.40
N SER A 602 -21.51 -7.81 -35.26
CA SER A 602 -20.70 -7.43 -36.40
C SER A 602 -19.23 -7.38 -36.00
N ASN A 603 -18.38 -7.05 -36.98
CA ASN A 603 -16.94 -7.00 -36.78
C ASN A 603 -16.32 -5.66 -37.12
N GLN A 604 -17.12 -4.65 -37.49
CA GLN A 604 -16.57 -3.35 -37.84
C GLN A 604 -16.11 -2.61 -36.59
N VAL A 605 -15.01 -1.88 -36.73
CA VAL A 605 -14.35 -1.23 -35.59
C VAL A 605 -14.06 0.22 -35.97
N ALA A 606 -14.49 1.14 -35.11
CA ALA A 606 -14.04 2.53 -35.18
C ALA A 606 -12.93 2.73 -34.14
N VAL A 607 -11.93 3.55 -34.49
CA VAL A 607 -10.77 3.72 -33.63
C VAL A 607 -10.61 5.20 -33.31
N LEU A 608 -10.46 5.51 -32.03
CA LEU A 608 -10.26 6.87 -31.55
C LEU A 608 -8.86 7.02 -30.97
N TYR A 609 -8.15 8.04 -31.42
CA TYR A 609 -6.84 8.38 -30.88
C TYR A 609 -6.99 9.63 -30.01
N GLN A 610 -6.62 9.50 -28.75
CA GLN A 610 -7.00 10.47 -27.72
C GLN A 610 -6.09 11.69 -27.76
N GLY A 611 -6.67 12.85 -28.04
CA GLY A 611 -5.97 14.11 -27.95
C GLY A 611 -5.07 14.46 -29.11
N VAL A 612 -5.04 13.65 -30.17
CA VAL A 612 -4.13 13.84 -31.29
C VAL A 612 -4.92 14.43 -32.45
N ASN A 613 -4.38 15.48 -33.05
CA ASN A 613 -5.06 16.19 -34.15
C ASN A 613 -5.11 15.31 -35.40
N CYS A 614 -6.24 15.40 -36.12
CA CYS A 614 -6.49 14.54 -37.27
C CYS A 614 -5.59 14.83 -38.46
N THR A 615 -4.98 16.01 -38.52
CA THR A 615 -3.96 16.26 -39.52
C THR A 615 -2.66 15.55 -39.17
N GLU A 616 -2.42 15.32 -37.89
CA GLU A 616 -1.16 14.78 -37.41
C GLU A 616 -1.14 13.25 -37.34
N VAL A 617 -2.31 12.59 -37.33
CA VAL A 617 -2.36 11.15 -37.04
C VAL A 617 -1.58 10.22 -37.97
N PRO A 618 -1.57 10.36 -39.33
CA PRO A 618 -0.85 9.33 -40.11
C PRO A 618 0.65 9.33 -39.89
N VAL A 619 1.23 10.48 -39.52
CA VAL A 619 2.58 10.49 -38.99
C VAL A 619 2.60 9.93 -37.57
N ALA A 620 1.54 10.21 -36.78
CA ALA A 620 1.61 10.03 -35.34
C ALA A 620 1.47 8.58 -34.91
N ILE A 621 0.78 7.75 -35.70
CA ILE A 621 0.45 6.39 -35.22
C ILE A 621 1.69 5.54 -35.13
N HIS A 622 2.33 5.25 -36.27
CA HIS A 622 3.60 4.55 -36.23
C HIS A 622 4.42 4.88 -37.46
N ALA A 623 5.25 5.93 -37.37
CA ALA A 623 6.09 6.48 -38.46
C ALA A 623 5.21 6.71 -39.69
N ASP A 624 5.60 6.20 -40.87
CA ASP A 624 4.76 6.27 -42.07
C ASP A 624 4.35 4.85 -42.46
N GLN A 625 3.25 4.38 -41.85
CA GLN A 625 2.61 3.09 -42.15
C GLN A 625 3.56 1.90 -41.97
N LEU A 626 4.36 1.94 -40.90
CA LEU A 626 5.29 0.84 -40.66
C LEU A 626 4.56 -0.41 -40.13
N THR A 627 3.37 -0.22 -39.51
CA THR A 627 2.52 -1.37 -39.26
C THR A 627 1.45 -1.50 -40.32
N PRO A 628 1.16 -2.70 -40.79
CA PRO A 628 -0.01 -2.89 -41.66
C PRO A 628 -1.33 -2.84 -40.90
N THR A 629 -1.30 -2.98 -39.57
CA THR A 629 -2.54 -3.15 -38.80
C THR A 629 -3.32 -1.84 -38.68
N TRP A 630 -2.64 -0.70 -38.63
CA TRP A 630 -3.31 0.59 -38.49
C TRP A 630 -3.08 1.49 -39.70
N ARG A 631 -2.67 0.93 -40.84
CA ARG A 631 -2.42 1.73 -42.03
C ARG A 631 -3.72 2.25 -42.63
N VAL A 632 -4.70 1.36 -42.80
CA VAL A 632 -5.99 1.73 -43.39
C VAL A 632 -6.77 2.64 -42.42
N TYR A 633 -6.64 2.40 -41.11
CA TYR A 633 -7.31 3.27 -40.15
C TYR A 633 -6.60 4.61 -40.03
N SER A 634 -5.28 4.63 -40.24
CA SER A 634 -4.54 5.90 -40.15
C SER A 634 -4.85 6.78 -41.35
N THR A 635 -4.87 6.20 -42.56
CA THR A 635 -5.21 6.99 -43.74
C THR A 635 -6.70 7.35 -43.74
N GLY A 636 -7.56 6.38 -43.47
CA GLY A 636 -8.97 6.63 -43.22
C GLY A 636 -9.83 6.98 -44.43
N SER A 637 -11.13 6.76 -44.28
CA SER A 637 -12.13 7.21 -45.22
C SER A 637 -13.18 8.11 -44.58
N ASN A 638 -13.49 7.90 -43.30
CA ASN A 638 -14.36 8.78 -42.53
C ASN A 638 -13.58 9.25 -41.31
N VAL A 639 -13.19 10.52 -41.31
CA VAL A 639 -12.33 11.08 -40.29
C VAL A 639 -13.06 12.24 -39.61
N PHE A 640 -13.14 12.21 -38.29
CA PHE A 640 -13.78 13.29 -37.55
C PHE A 640 -12.87 13.70 -36.38
N GLN A 641 -12.91 14.98 -36.03
CA GLN A 641 -12.11 15.53 -34.95
C GLN A 641 -13.05 16.01 -33.84
N THR A 642 -13.00 15.33 -32.70
CA THR A 642 -13.70 15.74 -31.50
C THR A 642 -12.69 16.26 -30.48
N ARG A 643 -13.21 16.81 -29.38
CA ARG A 643 -12.35 17.25 -28.29
C ARG A 643 -11.64 16.10 -27.60
N ALA A 644 -12.19 14.88 -27.70
CA ALA A 644 -11.45 13.70 -27.26
C ALA A 644 -10.26 13.41 -28.15
N GLY A 645 -10.37 13.68 -29.45
CA GLY A 645 -9.27 13.40 -30.35
C GLY A 645 -9.79 13.04 -31.74
N CYS A 646 -9.03 12.21 -32.43
CA CYS A 646 -9.32 11.85 -33.81
C CYS A 646 -10.05 10.51 -33.86
N LEU A 647 -11.30 10.54 -34.33
CA LEU A 647 -12.10 9.33 -34.48
C LEU A 647 -12.17 8.97 -35.96
N ILE A 648 -11.60 7.82 -36.32
CA ILE A 648 -11.56 7.36 -37.70
C ILE A 648 -12.24 6.00 -37.77
N GLY A 649 -13.09 5.82 -38.77
CA GLY A 649 -13.83 4.59 -38.97
C GLY A 649 -15.31 4.70 -38.70
N ALA A 650 -15.78 5.83 -38.19
CA ALA A 650 -17.19 6.06 -37.91
C ALA A 650 -17.67 7.25 -38.73
N GLU A 651 -18.75 7.04 -39.48
CA GLU A 651 -19.31 8.11 -40.30
C GLU A 651 -20.04 9.12 -39.40
N TYR A 652 -19.74 10.40 -39.60
CA TYR A 652 -20.38 11.43 -38.79
C TYR A 652 -21.77 11.74 -39.34
N VAL A 653 -22.76 11.77 -38.45
CA VAL A 653 -24.14 12.11 -38.78
C VAL A 653 -24.56 13.27 -37.89
N ASN A 654 -25.07 14.34 -38.50
CA ASN A 654 -25.43 15.52 -37.74
C ASN A 654 -26.81 15.41 -37.08
N ASN A 655 -27.53 14.32 -37.30
CA ASN A 655 -28.72 14.05 -36.52
C ASN A 655 -28.33 13.65 -35.10
N SER A 656 -29.27 13.83 -34.17
CA SER A 656 -29.02 13.57 -32.76
C SER A 656 -29.94 12.48 -32.26
N TYR A 657 -29.36 11.46 -31.62
CA TYR A 657 -30.10 10.38 -30.98
C TYR A 657 -29.62 10.26 -29.53
N GLU A 658 -30.14 9.26 -28.83
CA GLU A 658 -29.68 8.98 -27.48
C GLU A 658 -28.29 8.35 -27.53
N CYS A 659 -27.55 8.48 -26.43
CA CYS A 659 -26.18 8.01 -26.37
C CYS A 659 -26.16 6.49 -26.23
N ASP A 660 -25.53 5.82 -27.20
CA ASP A 660 -25.40 4.37 -27.19
C ASP A 660 -24.02 3.93 -26.70
N ILE A 661 -22.96 4.38 -27.36
CA ILE A 661 -21.59 4.14 -26.92
C ILE A 661 -20.95 5.49 -26.61
N PRO A 662 -20.71 5.82 -25.34
CA PRO A 662 -20.19 7.16 -25.00
C PRO A 662 -18.71 7.34 -25.36
N ILE A 663 -18.45 8.11 -26.42
CA ILE A 663 -17.08 8.44 -26.76
C ILE A 663 -16.56 9.55 -25.87
N GLY A 664 -17.29 10.64 -25.75
CA GLY A 664 -16.93 11.73 -24.87
C GLY A 664 -17.15 13.08 -25.52
N ALA A 665 -17.13 14.13 -24.67
CA ALA A 665 -17.28 15.54 -25.07
C ALA A 665 -18.59 15.78 -25.82
N GLY A 666 -19.66 15.11 -25.41
CA GLY A 666 -20.93 15.21 -26.07
C GLY A 666 -21.08 14.36 -27.31
N ILE A 667 -20.09 13.53 -27.64
CA ILE A 667 -20.11 12.72 -28.85
C ILE A 667 -20.31 11.26 -28.44
N CYS A 668 -21.28 10.61 -29.09
CA CYS A 668 -21.55 9.20 -28.89
C CYS A 668 -21.53 8.49 -30.24
N ALA A 669 -21.58 7.16 -30.21
CA ALA A 669 -21.53 6.36 -31.42
C ALA A 669 -22.50 5.20 -31.31
N SER A 670 -22.89 4.67 -32.46
CA SER A 670 -23.84 3.57 -32.52
C SER A 670 -23.66 2.81 -33.82
N TYR A 671 -24.37 1.69 -33.94
CA TYR A 671 -24.39 0.84 -35.13
C TYR A 671 -25.77 0.95 -35.76
N GLN A 672 -25.84 1.51 -36.96
CA GLN A 672 -27.13 1.78 -37.59
C GLN A 672 -27.05 1.52 -39.09
N THR A 673 -28.23 1.36 -39.69
CA THR A 673 -28.34 1.12 -41.14
C THR A 673 -28.50 2.44 -41.90
N GLN A 674 -27.50 3.31 -41.73
CA GLN A 674 -27.54 4.63 -42.33
C GLN A 674 -27.04 4.66 -43.77
N THR A 675 -26.53 3.55 -44.28
CA THR A 675 -26.09 3.49 -45.68
C THR A 675 -26.96 2.54 -46.48
N SER A 686 -25.75 -2.79 -45.31
CA SER A 686 -26.01 -1.35 -45.23
C SER A 686 -25.74 -0.83 -43.82
N GLN A 687 -25.19 -1.70 -42.97
CA GLN A 687 -24.90 -1.34 -41.60
C GLN A 687 -23.55 -0.63 -41.50
N SER A 688 -23.47 0.34 -40.59
CA SER A 688 -22.23 1.09 -40.39
C SER A 688 -22.23 1.69 -38.99
N ILE A 689 -21.03 2.06 -38.55
CA ILE A 689 -20.83 2.71 -37.26
C ILE A 689 -20.91 4.22 -37.47
N ILE A 690 -21.88 4.85 -36.85
CA ILE A 690 -22.08 6.29 -36.98
C ILE A 690 -21.74 6.97 -35.66
N ALA A 691 -21.34 8.23 -35.76
CA ALA A 691 -21.03 9.06 -34.61
C ALA A 691 -21.88 10.31 -34.67
N TYR A 692 -22.37 10.75 -33.51
CA TYR A 692 -23.30 11.86 -33.46
C TYR A 692 -23.12 12.62 -32.14
N THR A 693 -23.85 13.72 -32.03
CA THR A 693 -23.99 14.45 -30.78
C THR A 693 -25.22 13.91 -30.04
N MET A 694 -25.06 13.67 -28.74
CA MET A 694 -26.15 13.08 -27.97
C MET A 694 -27.27 14.09 -27.76
N SER A 695 -28.50 13.60 -27.79
CA SER A 695 -29.69 14.43 -27.65
C SER A 695 -30.15 14.40 -26.20
N LEU A 696 -30.30 15.58 -25.60
CA LEU A 696 -30.71 15.68 -24.21
C LEU A 696 -32.18 15.33 -24.04
N GLY A 697 -33.01 15.72 -24.99
CA GLY A 697 -34.43 15.43 -24.92
C GLY A 697 -35.20 16.30 -25.89
N ALA A 698 -36.52 16.08 -25.89
CA ALA A 698 -37.40 16.85 -26.76
C ALA A 698 -37.57 18.26 -26.23
N GLU A 699 -37.49 19.24 -27.12
CA GLU A 699 -37.69 20.63 -26.74
C GLU A 699 -39.16 20.90 -26.50
N ASN A 700 -39.49 21.49 -25.35
CA ASN A 700 -40.86 21.75 -24.99
C ASN A 700 -40.96 23.14 -24.39
N SER A 701 -42.10 23.78 -24.60
CA SER A 701 -42.39 25.08 -24.01
C SER A 701 -43.73 24.98 -23.29
N VAL A 702 -43.71 25.22 -21.99
CA VAL A 702 -44.94 25.24 -21.21
C VAL A 702 -45.70 26.51 -21.54
N ALA A 703 -46.98 26.36 -21.86
CA ALA A 703 -47.82 27.51 -22.23
C ALA A 703 -48.21 28.26 -20.95
N TYR A 704 -47.24 29.01 -20.43
CA TYR A 704 -47.44 29.78 -19.22
C TYR A 704 -48.33 30.97 -19.47
N SER A 705 -49.26 31.21 -18.55
CA SER A 705 -50.05 32.42 -18.56
C SER A 705 -50.44 32.79 -17.15
N ASN A 706 -50.59 34.09 -16.92
CA ASN A 706 -50.88 34.68 -15.64
C ASN A 706 -52.37 34.75 -15.30
N ASN A 707 -53.22 34.09 -16.11
CA ASN A 707 -54.57 33.80 -15.65
C ASN A 707 -55.05 32.44 -16.14
N SER A 708 -54.13 31.53 -16.47
CA SER A 708 -54.47 30.21 -17.01
C SER A 708 -53.79 29.13 -16.20
N ILE A 709 -54.52 28.03 -15.97
CA ILE A 709 -54.02 26.89 -15.22
C ILE A 709 -54.37 25.62 -15.99
N ALA A 710 -53.65 24.55 -15.69
CA ALA A 710 -53.90 23.23 -16.28
C ALA A 710 -54.14 22.24 -15.15
N ILE A 711 -55.32 21.66 -15.12
CA ILE A 711 -55.72 20.74 -14.06
C ILE A 711 -55.95 19.37 -14.67
N PRO A 712 -55.39 18.30 -14.11
CA PRO A 712 -55.69 16.96 -14.62
C PRO A 712 -57.10 16.52 -14.29
N THR A 713 -57.72 15.80 -15.22
CA THR A 713 -59.05 15.25 -15.03
C THR A 713 -59.03 13.74 -14.86
N ASN A 714 -57.86 13.12 -14.91
CA ASN A 714 -57.75 11.67 -14.81
C ASN A 714 -56.35 11.33 -14.31
N PHE A 715 -56.18 10.09 -13.87
CA PHE A 715 -54.96 9.63 -13.25
C PHE A 715 -54.57 8.27 -13.82
N THR A 716 -53.47 7.74 -13.30
CA THR A 716 -53.03 6.38 -13.58
C THR A 716 -52.18 5.92 -12.41
N ILE A 717 -52.08 4.60 -12.27
CA ILE A 717 -51.33 3.97 -11.19
C ILE A 717 -50.15 3.25 -11.82
N SER A 718 -48.93 3.63 -11.42
CA SER A 718 -47.72 3.07 -11.99
C SER A 718 -46.90 2.42 -10.88
N VAL A 719 -46.52 1.16 -11.09
CA VAL A 719 -45.73 0.42 -10.11
C VAL A 719 -44.37 0.20 -10.73
N THR A 720 -43.35 0.82 -10.15
CA THR A 720 -41.99 0.78 -10.69
C THR A 720 -41.13 -0.18 -9.88
N THR A 721 -39.96 -0.51 -10.45
CA THR A 721 -39.04 -1.47 -9.88
C THR A 721 -37.74 -0.78 -9.50
N GLU A 722 -37.27 -1.02 -8.28
CA GLU A 722 -35.98 -0.49 -7.82
C GLU A 722 -35.17 -1.63 -7.22
N ILE A 723 -33.91 -1.76 -7.64
CA ILE A 723 -33.05 -2.86 -7.22
C ILE A 723 -31.88 -2.30 -6.42
N LEU A 724 -31.67 -2.84 -5.22
CA LEU A 724 -30.61 -2.34 -4.34
C LEU A 724 -29.79 -3.50 -3.79
N PRO A 725 -28.47 -3.48 -3.95
CA PRO A 725 -27.62 -4.50 -3.30
C PRO A 725 -27.61 -4.32 -1.78
N VAL A 726 -27.40 -5.44 -1.09
CA VAL A 726 -27.45 -5.48 0.37
C VAL A 726 -26.14 -6.03 0.95
N SER A 727 -25.74 -7.23 0.53
CA SER A 727 -24.57 -7.88 1.11
C SER A 727 -23.93 -8.79 0.07
N MET A 728 -22.61 -8.71 -0.06
CA MET A 728 -21.92 -9.49 -1.08
C MET A 728 -21.46 -10.84 -0.51
N THR A 729 -20.59 -11.52 -1.24
CA THR A 729 -20.07 -12.82 -0.84
C THR A 729 -19.03 -12.65 0.27
N LYS A 730 -19.17 -13.44 1.34
CA LYS A 730 -18.20 -13.47 2.42
C LYS A 730 -17.07 -14.41 2.07
N THR A 731 -15.83 -13.91 2.11
CA THR A 731 -14.66 -14.70 1.78
C THR A 731 -13.74 -14.83 2.98
N SER A 732 -12.80 -15.77 2.87
CA SER A 732 -11.77 -15.97 3.88
C SER A 732 -10.53 -16.51 3.18
N VAL A 733 -9.35 -16.13 3.67
CA VAL A 733 -8.09 -16.46 3.02
C VAL A 733 -7.21 -17.21 4.01
N ASP A 734 -6.74 -18.39 3.60
CA ASP A 734 -5.67 -19.11 4.30
C ASP A 734 -4.35 -18.53 3.81
N CYS A 735 -3.74 -17.66 4.63
CA CYS A 735 -2.57 -16.90 4.21
C CYS A 735 -1.36 -17.79 3.98
N THR A 736 -1.13 -18.76 4.88
CA THR A 736 0.04 -19.62 4.80
C THR A 736 -0.04 -20.54 3.57
N MET A 737 -1.20 -21.15 3.33
CA MET A 737 -1.35 -22.03 2.17
C MET A 737 -1.37 -21.24 0.86
N TYR A 738 -1.94 -20.02 0.86
CA TYR A 738 -1.89 -19.20 -0.35
C TYR A 738 -0.46 -18.76 -0.68
N ILE A 739 0.29 -18.31 0.32
CA ILE A 739 1.61 -17.77 0.06
C ILE A 739 2.60 -18.90 -0.26
N CYS A 740 2.72 -19.87 0.65
CA CYS A 740 3.74 -20.89 0.43
C CYS A 740 3.16 -22.15 -0.23
N GLY A 741 2.32 -22.86 0.50
CA GLY A 741 1.68 -24.06 -0.02
C GLY A 741 2.61 -25.25 0.09
N ASP A 742 2.21 -26.26 0.88
CA ASP A 742 2.89 -27.56 1.01
C ASP A 742 4.36 -27.46 1.41
N SER A 743 4.81 -26.36 2.02
CA SER A 743 6.23 -26.14 2.24
C SER A 743 6.46 -25.64 3.66
N THR A 744 6.96 -26.55 4.51
CA THR A 744 7.25 -26.20 5.90
C THR A 744 8.40 -25.22 6.02
N GLU A 745 9.37 -25.28 5.10
CA GLU A 745 10.48 -24.34 5.11
C GLU A 745 10.00 -22.92 4.78
N CYS A 746 9.07 -22.79 3.83
CA CYS A 746 8.50 -21.49 3.54
C CYS A 746 7.62 -21.01 4.67
N SER A 747 6.93 -21.92 5.37
CA SER A 747 6.16 -21.52 6.54
C SER A 747 7.06 -20.98 7.65
N ASN A 748 8.19 -21.66 7.88
CA ASN A 748 9.16 -21.20 8.88
C ASN A 748 9.80 -19.87 8.48
N LEU A 749 10.03 -19.65 7.19
CA LEU A 749 10.48 -18.34 6.73
C LEU A 749 9.38 -17.29 6.87
N LEU A 750 8.11 -17.69 6.71
CA LEU A 750 6.98 -16.78 6.79
C LEU A 750 6.69 -16.35 8.22
N LEU A 751 7.12 -17.15 9.22
CA LEU A 751 6.90 -16.76 10.61
C LEU A 751 7.70 -15.52 11.03
N GLN A 752 8.74 -15.15 10.29
CA GLN A 752 9.57 -14.00 10.65
C GLN A 752 8.97 -12.66 10.25
N TYR A 753 7.94 -12.64 9.40
CA TYR A 753 7.47 -11.38 8.84
C TYR A 753 6.62 -10.58 9.82
N GLY A 754 5.80 -11.22 10.64
CA GLY A 754 5.04 -10.49 11.64
C GLY A 754 3.57 -10.84 11.74
N SER A 755 2.73 -9.81 11.90
CA SER A 755 1.31 -9.98 12.18
C SER A 755 0.44 -9.64 10.98
N PHE A 756 0.98 -9.74 9.76
CA PHE A 756 0.22 -9.40 8.57
C PHE A 756 -0.93 -10.37 8.33
N CYS A 757 -0.69 -11.67 8.58
CA CYS A 757 -1.73 -12.68 8.40
C CYS A 757 -2.88 -12.47 9.38
N THR A 758 -2.56 -12.11 10.63
CA THR A 758 -3.59 -11.80 11.61
C THR A 758 -4.34 -10.53 11.25
N GLN A 759 -3.64 -9.55 10.66
CA GLN A 759 -4.29 -8.32 10.19
C GLN A 759 -5.33 -8.62 9.11
N LEU A 760 -4.95 -9.43 8.12
CA LEU A 760 -5.88 -9.75 7.04
C LEU A 760 -7.02 -10.65 7.50
N LYS A 761 -6.74 -11.57 8.44
CA LYS A 761 -7.81 -12.39 9.01
C LYS A 761 -8.81 -11.55 9.79
N ARG A 762 -8.31 -10.57 10.56
CA ARG A 762 -9.20 -9.68 11.32
C ARG A 762 -10.04 -8.81 10.39
N ALA A 763 -9.44 -8.28 9.32
CA ALA A 763 -10.18 -7.45 8.37
C ALA A 763 -11.25 -8.25 7.64
N LEU A 764 -10.92 -9.47 7.19
CA LEU A 764 -11.91 -10.28 6.48
C LEU A 764 -13.00 -10.79 7.41
N THR A 765 -12.67 -11.03 8.69
CA THR A 765 -13.69 -11.41 9.66
C THR A 765 -14.64 -10.25 9.93
N GLY A 766 -14.11 -9.02 10.00
CA GLY A 766 -14.97 -7.85 10.14
C GLY A 766 -15.90 -7.64 8.96
N ILE A 767 -15.38 -7.84 7.74
CA ILE A 767 -16.21 -7.75 6.54
C ILE A 767 -17.31 -8.81 6.54
N ALA A 768 -16.95 -10.06 6.90
CA ALA A 768 -17.92 -11.15 6.90
C ALA A 768 -18.99 -10.96 7.97
N VAL A 769 -18.65 -10.36 9.11
CA VAL A 769 -19.66 -10.02 10.10
C VAL A 769 -20.55 -8.89 9.59
N GLU A 770 -19.95 -7.91 8.91
CA GLU A 770 -20.69 -6.74 8.42
C GLU A 770 -21.72 -7.11 7.35
N GLN A 771 -21.43 -8.14 6.53
CA GLN A 771 -22.43 -8.57 5.53
C GLN A 771 -23.69 -9.13 6.18
N ASP A 772 -23.53 -9.98 7.21
CA ASP A 772 -24.68 -10.50 7.93
C ASP A 772 -25.40 -9.41 8.70
N LYS A 773 -24.66 -8.43 9.22
CA LYS A 773 -25.30 -7.29 9.88
C LYS A 773 -26.12 -6.46 8.90
N ASN A 774 -25.62 -6.30 7.67
CA ASN A 774 -26.37 -5.59 6.63
C ASN A 774 -27.66 -6.31 6.27
N THR A 775 -27.58 -7.64 6.12
CA THR A 775 -28.76 -8.44 5.80
C THR A 775 -29.80 -8.37 6.93
N GLN A 776 -29.32 -8.46 8.19
CA GLN A 776 -30.22 -8.36 9.34
C GLN A 776 -30.88 -6.99 9.43
N GLU A 777 -30.10 -5.91 9.20
CA GLU A 777 -30.64 -4.57 9.28
C GLU A 777 -31.65 -4.28 8.17
N VAL A 778 -31.42 -4.82 6.98
CA VAL A 778 -32.37 -4.59 5.89
C VAL A 778 -33.65 -5.39 6.12
N PHE A 779 -33.53 -6.69 6.39
CA PHE A 779 -34.74 -7.51 6.34
C PHE A 779 -35.41 -7.72 7.70
N ALA A 780 -34.64 -7.85 8.78
CA ALA A 780 -35.23 -8.16 10.09
C ALA A 780 -35.68 -6.86 10.78
N GLN A 781 -36.74 -6.28 10.22
CA GLN A 781 -37.35 -5.07 10.79
C GLN A 781 -38.71 -5.34 11.39
N VAL A 782 -39.13 -6.60 11.46
CA VAL A 782 -40.44 -6.96 12.00
C VAL A 782 -40.22 -7.83 13.23
N LYS A 783 -41.17 -7.76 14.17
CA LYS A 783 -41.08 -8.54 15.40
C LYS A 783 -41.72 -9.91 15.25
N GLN A 784 -42.96 -9.94 14.76
CA GLN A 784 -43.71 -11.17 14.61
C GLN A 784 -43.90 -11.49 13.13
N ILE A 785 -43.82 -12.77 12.79
CA ILE A 785 -44.02 -13.21 11.42
C ILE A 785 -45.53 -13.24 11.15
N TYR A 786 -46.01 -12.27 10.38
CA TYR A 786 -47.41 -12.20 10.03
C TYR A 786 -47.71 -13.13 8.87
N LYS A 787 -48.89 -13.74 8.90
CA LYS A 787 -49.36 -14.59 7.80
C LYS A 787 -50.71 -14.08 7.31
N THR A 788 -50.96 -14.33 6.02
CA THR A 788 -52.14 -13.79 5.36
C THR A 788 -53.39 -14.57 5.76
N PRO A 789 -54.57 -13.94 5.68
CA PRO A 789 -55.82 -14.70 5.79
C PRO A 789 -55.98 -15.62 4.60
N PRO A 790 -56.69 -16.75 4.75
CA PRO A 790 -56.81 -17.71 3.65
C PRO A 790 -57.63 -17.22 2.46
N ILE A 791 -58.49 -16.22 2.65
CA ILE A 791 -59.29 -15.67 1.55
C ILE A 791 -58.51 -14.49 0.97
N LYS A 792 -58.08 -14.63 -0.28
CA LYS A 792 -57.23 -13.62 -0.93
C LYS A 792 -58.10 -12.65 -1.73
N TYR A 793 -58.83 -11.81 -0.99
CA TYR A 793 -59.66 -10.76 -1.59
C TYR A 793 -59.41 -9.47 -0.80
N PHE A 794 -58.66 -8.54 -1.39
CA PHE A 794 -58.38 -7.25 -0.77
C PHE A 794 -58.88 -6.15 -1.72
N GLY A 795 -60.18 -5.87 -1.65
CA GLY A 795 -60.77 -4.78 -2.41
C GLY A 795 -60.76 -4.95 -3.91
N GLY A 796 -60.59 -6.17 -4.41
CA GLY A 796 -60.44 -6.40 -5.82
C GLY A 796 -59.02 -6.38 -6.33
N PHE A 797 -58.06 -5.97 -5.49
CA PHE A 797 -56.66 -6.00 -5.87
C PHE A 797 -56.16 -7.44 -5.88
N ASN A 798 -55.23 -7.72 -6.80
CA ASN A 798 -54.69 -9.06 -6.97
C ASN A 798 -53.23 -9.08 -6.53
N PHE A 799 -52.92 -9.89 -5.52
CA PHE A 799 -51.57 -10.01 -5.00
C PHE A 799 -51.03 -11.43 -5.11
N SER A 800 -51.55 -12.22 -6.06
CA SER A 800 -51.18 -13.63 -6.15
C SER A 800 -49.77 -13.83 -6.69
N GLN A 801 -49.16 -12.81 -7.28
CA GLN A 801 -47.81 -12.94 -7.83
C GLN A 801 -46.72 -12.47 -6.88
N ILE A 802 -47.07 -11.73 -5.83
CA ILE A 802 -46.11 -11.33 -4.82
C ILE A 802 -46.31 -12.07 -3.50
N LEU A 803 -47.47 -12.68 -3.28
CA LEU A 803 -47.68 -13.53 -2.13
C LEU A 803 -46.97 -14.87 -2.34
N PRO A 804 -46.53 -15.53 -1.26
CA PRO A 804 -45.82 -16.81 -1.41
C PRO A 804 -46.72 -17.91 -1.96
N ASP A 805 -46.08 -18.79 -2.75
CA ASP A 805 -46.78 -19.93 -3.33
C ASP A 805 -46.40 -21.18 -2.56
N PRO A 806 -47.34 -21.81 -1.83
CA PRO A 806 -46.99 -23.02 -1.07
C PRO A 806 -46.72 -24.24 -1.94
N SER A 807 -47.07 -24.21 -3.23
CA SER A 807 -46.75 -25.31 -4.12
C SER A 807 -45.25 -25.43 -4.37
N LYS A 808 -44.54 -24.31 -4.36
CA LYS A 808 -43.09 -24.34 -4.46
C LYS A 808 -42.49 -24.92 -3.18
N PRO A 809 -41.38 -25.64 -3.28
CA PRO A 809 -40.73 -26.15 -2.05
C PRO A 809 -40.10 -25.06 -1.21
N SER A 810 -39.51 -24.05 -1.84
CA SER A 810 -39.08 -22.85 -1.14
C SER A 810 -40.19 -21.81 -1.24
N LYS A 811 -40.60 -21.27 -0.10
CA LYS A 811 -41.77 -20.39 -0.04
C LYS A 811 -41.41 -19.02 -0.63
N ARG A 812 -41.39 -18.98 -1.97
CA ARG A 812 -41.04 -17.79 -2.73
C ARG A 812 -42.14 -17.51 -3.73
N SER A 813 -42.40 -16.23 -3.98
CA SER A 813 -43.43 -15.85 -4.93
C SER A 813 -42.91 -16.02 -6.37
N PHE A 814 -43.81 -15.79 -7.33
CA PHE A 814 -43.48 -15.95 -8.74
C PHE A 814 -42.47 -14.89 -9.18
N ILE A 815 -42.64 -13.66 -8.71
CA ILE A 815 -41.71 -12.58 -9.06
C ILE A 815 -40.34 -12.83 -8.41
N GLU A 816 -40.33 -13.35 -7.18
CA GLU A 816 -39.05 -13.71 -6.55
C GLU A 816 -38.37 -14.87 -7.27
N ASP A 817 -39.15 -15.82 -7.79
CA ASP A 817 -38.58 -16.90 -8.58
C ASP A 817 -37.99 -16.38 -9.88
N LEU A 818 -38.66 -15.39 -10.51
CA LEU A 818 -38.10 -14.74 -11.68
C LEU A 818 -36.81 -14.00 -11.36
N LEU A 819 -36.78 -13.27 -10.25
CA LEU A 819 -35.58 -12.53 -9.85
C LEU A 819 -34.43 -13.47 -9.49
N PHE A 820 -34.74 -14.65 -8.95
CA PHE A 820 -33.70 -15.64 -8.71
C PHE A 820 -33.22 -16.27 -10.00
N ASN A 821 -34.11 -16.43 -10.99
CA ASN A 821 -33.71 -17.03 -12.26
C ASN A 821 -32.91 -16.07 -13.13
N LYS A 822 -33.11 -14.76 -13.00
CA LYS A 822 -32.36 -13.82 -13.85
C LYS A 822 -30.89 -13.73 -13.43
N VAL A 823 -30.62 -13.73 -12.13
CA VAL A 823 -29.24 -13.65 -11.66
C VAL A 823 -28.60 -15.03 -11.74
N THR A 824 -27.51 -15.12 -12.50
CA THR A 824 -26.69 -16.33 -12.54
C THR A 824 -25.73 -16.25 -11.36
N LEU A 825 -25.95 -17.12 -10.36
CA LEU A 825 -25.17 -17.13 -9.14
C LEU A 825 -23.70 -17.46 -9.40
N ALA A 826 -23.46 -18.31 -10.41
CA ALA A 826 -22.12 -18.69 -10.92
C ALA A 826 -21.34 -19.35 -9.79
N ASP A 827 -20.21 -18.80 -9.37
CA ASP A 827 -19.46 -19.36 -8.24
C ASP A 827 -20.23 -19.18 -6.94
N ALA A 828 -19.93 -20.05 -5.97
CA ALA A 828 -20.62 -20.25 -4.69
C ALA A 828 -22.07 -20.69 -4.87
N GLY A 829 -22.41 -21.26 -6.02
CA GLY A 829 -23.71 -21.90 -6.15
C GLY A 829 -23.73 -23.23 -5.42
N PHE A 830 -24.80 -23.46 -4.66
CA PHE A 830 -24.96 -24.56 -3.69
C PHE A 830 -23.78 -24.48 -2.73
N ILE A 831 -23.11 -25.59 -2.42
CA ILE A 831 -21.89 -25.56 -1.61
C ILE A 831 -20.87 -26.50 -2.24
N LYS A 832 -19.61 -26.06 -2.30
CA LYS A 832 -18.52 -26.91 -2.75
C LYS A 832 -17.87 -27.58 -1.53
N GLN A 833 -18.60 -28.57 -1.00
CA GLN A 833 -18.09 -29.38 0.10
C GLN A 833 -16.95 -30.27 -0.39
N TYR A 834 -16.07 -30.63 0.54
CA TYR A 834 -14.91 -31.42 0.14
C TYR A 834 -15.30 -32.87 -0.07
N GLY A 835 -14.65 -33.51 -1.04
CA GLY A 835 -15.11 -34.77 -1.57
C GLY A 835 -15.60 -34.57 -2.98
N ASP A 836 -16.24 -33.42 -3.21
CA ASP A 836 -16.72 -33.06 -4.54
C ASP A 836 -15.57 -32.58 -5.43
N CYS A 837 -14.63 -31.83 -4.86
CA CYS A 837 -13.39 -31.51 -5.58
C CYS A 837 -12.34 -32.62 -5.55
N LEU A 838 -12.52 -33.66 -4.73
CA LEU A 838 -11.60 -34.79 -4.83
C LEU A 838 -11.77 -35.54 -6.15
N GLY A 839 -13.01 -35.65 -6.63
CA GLY A 839 -13.24 -36.08 -7.99
C GLY A 839 -12.90 -34.99 -9.00
N ASP A 840 -12.10 -35.32 -10.02
CA ASP A 840 -11.64 -34.34 -10.98
C ASP A 840 -11.85 -34.83 -12.40
N ILE A 841 -12.14 -33.89 -13.30
CA ILE A 841 -12.25 -34.15 -14.74
C ILE A 841 -11.38 -33.14 -15.47
N ALA A 842 -11.51 -33.14 -16.81
CA ALA A 842 -10.65 -32.32 -17.65
C ALA A 842 -10.91 -30.83 -17.46
N ALA A 843 -12.18 -30.43 -17.38
CA ALA A 843 -12.54 -29.04 -17.12
C ALA A 843 -12.95 -28.88 -15.67
N ARG A 844 -12.25 -28.01 -14.94
CA ARG A 844 -12.41 -27.88 -13.50
C ARG A 844 -12.99 -26.51 -13.17
N ASP A 845 -13.90 -26.49 -12.19
CA ASP A 845 -14.57 -25.26 -11.78
C ASP A 845 -13.59 -24.30 -11.11
N LEU A 846 -13.84 -23.00 -11.31
CA LEU A 846 -12.95 -21.97 -10.79
C LEU A 846 -13.05 -21.87 -9.27
N ILE A 847 -14.25 -22.11 -8.72
CA ILE A 847 -14.41 -22.19 -7.27
C ILE A 847 -13.63 -23.37 -6.70
N CYS A 848 -13.59 -24.48 -7.44
CA CYS A 848 -12.83 -25.65 -7.02
C CYS A 848 -11.32 -25.38 -7.07
N ALA A 849 -10.87 -24.65 -8.10
CA ALA A 849 -9.46 -24.30 -8.22
C ALA A 849 -9.01 -23.33 -7.13
N GLN A 850 -9.82 -22.30 -6.87
CA GLN A 850 -9.48 -21.36 -5.80
C GLN A 850 -9.69 -21.96 -4.41
N LYS A 851 -10.47 -23.03 -4.32
CA LYS A 851 -10.58 -23.78 -3.07
C LYS A 851 -9.32 -24.60 -2.83
N PHE A 852 -8.73 -25.15 -3.91
CA PHE A 852 -7.41 -25.75 -3.80
C PHE A 852 -6.34 -24.71 -3.49
N LYS A 853 -6.53 -23.48 -3.94
CA LYS A 853 -5.54 -22.43 -3.71
C LYS A 853 -5.62 -21.81 -2.33
N GLY A 854 -6.60 -22.19 -1.52
CA GLY A 854 -6.70 -21.70 -0.15
C GLY A 854 -7.68 -20.57 0.08
N LEU A 855 -8.48 -20.22 -0.92
CA LEU A 855 -9.48 -19.16 -0.78
C LEU A 855 -10.83 -19.80 -0.56
N THR A 856 -11.41 -19.58 0.61
CA THR A 856 -12.68 -20.19 0.97
C THR A 856 -13.80 -19.15 0.95
N VAL A 857 -15.01 -19.64 0.73
CA VAL A 857 -16.22 -18.81 0.72
C VAL A 857 -17.12 -19.30 1.84
N LEU A 858 -17.48 -18.40 2.76
CA LEU A 858 -18.34 -18.73 3.88
C LEU A 858 -19.81 -18.55 3.51
N PRO A 859 -20.70 -19.40 4.01
CA PRO A 859 -22.12 -19.25 3.72
C PRO A 859 -22.72 -18.10 4.50
N PRO A 860 -23.80 -17.50 4.01
CA PRO A 860 -24.49 -16.47 4.80
C PRO A 860 -25.24 -17.09 5.97
N LEU A 861 -25.45 -16.26 7.00
CA LEU A 861 -26.16 -16.72 8.18
C LEU A 861 -27.63 -16.98 7.88
N LEU A 862 -28.26 -16.13 7.08
CA LEU A 862 -29.68 -16.20 6.82
C LEU A 862 -29.92 -16.93 5.50
N THR A 863 -30.71 -18.00 5.56
CA THR A 863 -31.09 -18.77 4.38
C THR A 863 -32.06 -17.93 3.54
N ASP A 864 -32.05 -18.15 2.22
CA ASP A 864 -32.96 -17.46 1.32
C ASP A 864 -34.43 -17.76 1.63
N GLU A 865 -34.72 -18.94 2.19
CA GLU A 865 -36.05 -19.22 2.69
C GLU A 865 -36.42 -18.31 3.86
N MET A 866 -35.45 -18.04 4.75
CA MET A 866 -35.70 -17.13 5.86
C MET A 866 -35.87 -15.70 5.38
N ILE A 867 -35.11 -15.29 4.35
CA ILE A 867 -35.28 -13.97 3.76
C ILE A 867 -36.66 -13.85 3.11
N ALA A 868 -37.09 -14.91 2.42
CA ALA A 868 -38.43 -14.92 1.83
C ALA A 868 -39.52 -14.88 2.90
N GLN A 869 -39.30 -15.52 4.05
CA GLN A 869 -40.28 -15.45 5.13
C GLN A 869 -40.33 -14.05 5.76
N TYR A 870 -39.17 -13.38 5.86
CA TYR A 870 -39.16 -11.98 6.29
C TYR A 870 -39.94 -11.08 5.33
N THR A 871 -39.71 -11.24 4.03
CA THR A 871 -40.44 -10.41 3.07
C THR A 871 -41.92 -10.76 3.03
N SER A 872 -42.27 -12.03 3.24
CA SER A 872 -43.67 -12.44 3.34
C SER A 872 -44.34 -11.82 4.55
N ALA A 873 -43.65 -11.80 5.70
CA ALA A 873 -44.20 -11.19 6.90
C ALA A 873 -44.38 -9.69 6.73
N LEU A 874 -43.39 -9.01 6.13
CA LEU A 874 -43.50 -7.58 5.91
C LEU A 874 -44.63 -7.24 4.95
N LEU A 875 -44.76 -8.01 3.86
CA LEU A 875 -45.77 -7.70 2.85
C LEU A 875 -47.17 -8.04 3.36
N ALA A 876 -47.29 -9.13 4.14
CA ALA A 876 -48.58 -9.47 4.74
C ALA A 876 -49.01 -8.44 5.78
N GLY A 877 -48.05 -7.96 6.58
CA GLY A 877 -48.37 -6.90 7.52
C GLY A 877 -48.77 -5.61 6.85
N THR A 878 -48.08 -5.26 5.75
CA THR A 878 -48.44 -4.07 4.98
C THR A 878 -49.84 -4.19 4.39
N ILE A 879 -50.18 -5.36 3.83
CA ILE A 879 -51.50 -5.55 3.22
C ILE A 879 -52.60 -5.51 4.28
N THR A 880 -52.42 -6.24 5.38
CA THR A 880 -53.50 -6.37 6.36
C THR A 880 -53.55 -5.23 7.37
N SER A 881 -52.53 -4.37 7.46
CA SER A 881 -52.58 -3.32 8.48
C SER A 881 -52.13 -1.94 8.02
N GLY A 882 -51.54 -1.77 6.84
CA GLY A 882 -51.06 -0.46 6.44
C GLY A 882 -49.75 -0.13 7.12
N TRP A 883 -49.67 1.07 7.69
CA TRP A 883 -48.46 1.53 8.35
C TRP A 883 -48.48 1.31 9.85
N THR A 884 -49.55 0.74 10.40
CA THR A 884 -49.69 0.65 11.85
C THR A 884 -48.79 -0.42 12.45
N PHE A 885 -48.45 -1.46 11.69
CA PHE A 885 -47.56 -2.49 12.20
C PHE A 885 -46.11 -2.03 12.28
N GLY A 886 -45.75 -0.95 11.57
CA GLY A 886 -44.44 -0.36 11.74
C GLY A 886 -44.34 0.56 12.94
N ALA A 887 -45.48 1.08 13.40
CA ALA A 887 -45.51 1.94 14.58
C ALA A 887 -45.79 1.17 15.86
N GLY A 888 -46.44 0.02 15.75
CA GLY A 888 -46.75 -0.79 16.93
C GLY A 888 -47.33 -2.14 16.54
N ALA A 889 -48.37 -2.57 17.25
CA ALA A 889 -49.06 -3.79 16.88
C ALA A 889 -49.89 -3.56 15.61
N ALA A 890 -50.21 -4.66 14.93
CA ALA A 890 -50.91 -4.58 13.66
C ALA A 890 -52.40 -4.29 13.90
N LEU A 891 -52.87 -3.19 13.32
CA LEU A 891 -54.28 -2.80 13.39
C LEU A 891 -54.92 -3.16 12.05
N GLN A 892 -55.86 -4.10 12.07
CA GLN A 892 -56.50 -4.54 10.84
C GLN A 892 -57.41 -3.45 10.29
N ILE A 893 -57.51 -3.41 8.96
CA ILE A 893 -58.26 -2.38 8.26
C ILE A 893 -58.66 -2.94 6.89
N PRO A 894 -59.86 -2.64 6.39
CA PRO A 894 -60.19 -2.98 5.00
C PRO A 894 -59.27 -2.27 4.02
N PHE A 895 -58.94 -2.96 2.94
CA PHE A 895 -57.88 -2.50 2.06
C PHE A 895 -58.31 -1.30 1.22
N ALA A 896 -59.60 -1.23 0.86
CA ALA A 896 -60.12 -0.06 0.16
C ALA A 896 -60.07 1.18 1.05
N MET A 897 -60.39 1.03 2.34
CA MET A 897 -60.29 2.15 3.28
C MET A 897 -58.85 2.56 3.51
N GLN A 898 -57.94 1.58 3.59
CA GLN A 898 -56.52 1.88 3.71
C GLN A 898 -56.02 2.67 2.50
N MET A 899 -56.43 2.25 1.30
CA MET A 899 -56.05 2.97 0.09
C MET A 899 -56.69 4.35 0.03
N ALA A 900 -57.88 4.50 0.63
CA ALA A 900 -58.53 5.80 0.71
C ALA A 900 -57.71 6.77 1.56
N TYR A 901 -57.18 6.31 2.69
CA TYR A 901 -56.28 7.20 3.44
C TYR A 901 -54.92 7.36 2.78
N ARG A 902 -54.49 6.39 1.95
CA ARG A 902 -53.31 6.63 1.13
C ARG A 902 -53.53 7.75 0.11
N PHE A 903 -54.74 7.80 -0.49
CA PHE A 903 -55.08 8.94 -1.35
C PHE A 903 -55.18 10.23 -0.55
N ASN A 904 -55.71 10.16 0.67
CA ASN A 904 -55.73 11.34 1.54
C ASN A 904 -54.33 11.80 1.94
N GLY A 905 -53.33 10.93 1.86
CA GLY A 905 -51.96 11.35 2.07
C GLY A 905 -51.36 12.16 0.93
N ILE A 906 -51.90 12.02 -0.28
CA ILE A 906 -51.35 12.72 -1.44
C ILE A 906 -52.21 13.92 -1.87
N GLY A 907 -53.28 14.22 -1.14
CA GLY A 907 -54.09 15.38 -1.43
C GLY A 907 -55.31 15.16 -2.28
N VAL A 908 -55.64 13.91 -2.61
CA VAL A 908 -56.85 13.59 -3.36
C VAL A 908 -57.85 12.99 -2.39
N THR A 909 -59.10 13.46 -2.45
CA THR A 909 -60.11 13.02 -1.50
C THR A 909 -60.49 11.55 -1.75
N GLN A 910 -60.98 10.91 -0.68
CA GLN A 910 -61.25 9.48 -0.71
C GLN A 910 -62.44 9.13 -1.61
N ASN A 911 -63.31 10.10 -1.89
CA ASN A 911 -64.47 9.88 -2.75
C ASN A 911 -64.07 9.52 -4.19
N VAL A 912 -62.91 10.02 -4.64
CA VAL A 912 -62.39 9.65 -5.96
C VAL A 912 -62.10 8.16 -6.03
N LEU A 913 -61.53 7.60 -4.97
CA LEU A 913 -61.30 6.16 -4.92
C LEU A 913 -62.61 5.40 -4.77
N TYR A 914 -63.51 5.88 -3.90
CA TYR A 914 -64.73 5.13 -3.65
C TYR A 914 -65.68 5.15 -4.82
N GLU A 915 -65.46 6.04 -5.79
CA GLU A 915 -66.18 5.93 -7.06
C GLU A 915 -65.42 5.14 -8.12
N ASN A 916 -64.08 5.12 -8.08
CA ASN A 916 -63.26 4.55 -9.15
C ASN A 916 -62.43 3.34 -8.69
N GLN A 917 -62.98 2.55 -7.76
CA GLN A 917 -62.24 1.45 -7.14
C GLN A 917 -61.90 0.35 -8.14
N LYS A 918 -62.86 0.01 -9.02
CA LYS A 918 -62.63 -1.04 -10.01
C LYS A 918 -61.57 -0.62 -11.04
N LEU A 919 -61.60 0.65 -11.45
CA LEU A 919 -60.59 1.16 -12.39
C LEU A 919 -59.20 1.16 -11.76
N ILE A 920 -59.12 1.55 -10.48
CA ILE A 920 -57.83 1.55 -9.78
C ILE A 920 -57.28 0.13 -9.65
N ALA A 921 -58.15 -0.83 -9.31
CA ALA A 921 -57.73 -2.22 -9.18
C ALA A 921 -57.28 -2.80 -10.52
N ASN A 922 -58.00 -2.48 -11.61
CA ASN A 922 -57.63 -2.97 -12.93
C ASN A 922 -56.30 -2.38 -13.40
N GLN A 923 -56.07 -1.09 -13.12
CA GLN A 923 -54.78 -0.48 -13.47
C GLN A 923 -53.64 -1.09 -12.68
N PHE A 924 -53.85 -1.37 -11.39
CA PHE A 924 -52.81 -1.99 -10.58
C PHE A 924 -52.48 -3.41 -11.06
N ASN A 925 -53.52 -4.18 -11.40
CA ASN A 925 -53.29 -5.54 -11.91
C ASN A 925 -52.57 -5.52 -13.25
N SER A 926 -52.92 -4.57 -14.12
CA SER A 926 -52.23 -4.44 -15.41
C SER A 926 -50.77 -4.04 -15.22
N ALA A 927 -50.49 -3.16 -14.26
CA ALA A 927 -49.10 -2.77 -13.98
C ALA A 927 -48.29 -3.94 -13.44
N ILE A 928 -48.89 -4.76 -12.57
CA ILE A 928 -48.19 -5.93 -12.04
C ILE A 928 -47.92 -6.95 -13.14
N GLY A 929 -48.89 -7.17 -14.03
CA GLY A 929 -48.68 -8.05 -15.17
C GLY A 929 -47.61 -7.55 -16.12
N LYS A 930 -47.53 -6.22 -16.30
CA LYS A 930 -46.48 -5.66 -17.14
C LYS A 930 -45.10 -5.84 -16.50
N ILE A 931 -45.03 -5.76 -15.16
CA ILE A 931 -43.77 -6.05 -14.47
C ILE A 931 -43.36 -7.51 -14.67
N GLN A 932 -44.32 -8.42 -14.58
CA GLN A 932 -44.00 -9.84 -14.81
C GLN A 932 -43.54 -10.09 -16.24
N ASP A 933 -44.17 -9.42 -17.22
CA ASP A 933 -43.74 -9.55 -18.62
C ASP A 933 -42.34 -8.99 -18.83
N SER A 934 -42.05 -7.84 -18.22
CA SER A 934 -40.73 -7.22 -18.36
C SER A 934 -39.63 -8.07 -17.70
N LEU A 935 -39.92 -8.64 -16.54
CA LEU A 935 -38.93 -9.47 -15.86
C LEU A 935 -38.76 -10.82 -16.55
N SER A 936 -39.80 -11.33 -17.19
CA SER A 936 -39.64 -12.57 -17.96
C SER A 936 -38.92 -12.31 -19.28
N SER A 937 -39.05 -11.11 -19.84
CA SER A 937 -38.40 -10.81 -21.12
C SER A 937 -36.95 -10.42 -20.94
N THR A 938 -36.68 -9.37 -20.17
CA THR A 938 -35.35 -8.78 -20.09
C THR A 938 -34.62 -9.25 -18.84
N ALA A 939 -33.41 -9.76 -19.01
CA ALA A 939 -32.54 -10.16 -17.91
C ALA A 939 -31.48 -9.12 -17.56
N SER A 940 -31.50 -7.97 -18.23
CA SER A 940 -30.49 -6.93 -18.03
C SER A 940 -30.85 -5.94 -16.94
N ALA A 941 -31.97 -6.15 -16.25
CA ALA A 941 -32.40 -5.21 -15.22
C ALA A 941 -31.60 -5.36 -13.92
N LEU A 942 -31.15 -6.57 -13.59
CA LEU A 942 -30.52 -6.85 -12.30
C LEU A 942 -29.00 -6.70 -12.38
N GLY A 943 -28.59 -5.55 -12.94
CA GLY A 943 -27.19 -5.33 -13.27
C GLY A 943 -26.33 -5.08 -12.06
N LYS A 944 -26.89 -4.48 -11.00
CA LYS A 944 -26.09 -4.21 -9.80
C LYS A 944 -25.74 -5.50 -9.06
N LEU A 945 -26.70 -6.41 -8.93
CA LEU A 945 -26.43 -7.69 -8.28
C LEU A 945 -25.52 -8.56 -9.14
N GLN A 946 -25.73 -8.54 -10.46
CA GLN A 946 -24.83 -9.26 -11.36
C GLN A 946 -23.41 -8.68 -11.32
N ASP A 947 -23.30 -7.37 -11.16
CA ASP A 947 -21.98 -6.74 -11.02
C ASP A 947 -21.33 -7.10 -9.70
N VAL A 948 -22.12 -7.27 -8.63
CA VAL A 948 -21.57 -7.72 -7.34
C VAL A 948 -20.96 -9.11 -7.46
N VAL A 949 -21.71 -10.03 -8.09
CA VAL A 949 -21.22 -11.39 -8.29
C VAL A 949 -19.99 -11.40 -9.21
N ASN A 950 -20.02 -10.60 -10.27
CA ASN A 950 -18.90 -10.55 -11.21
C ASN A 950 -17.66 -9.90 -10.58
N HIS A 951 -17.84 -8.91 -9.70
CA HIS A 951 -16.71 -8.30 -9.01
C HIS A 951 -16.04 -9.29 -8.05
N ASN A 952 -16.84 -10.06 -7.31
CA ASN A 952 -16.27 -11.07 -6.42
C ASN A 952 -15.53 -12.15 -7.20
N ALA A 953 -16.12 -12.62 -8.31
CA ALA A 953 -15.48 -13.64 -9.13
C ALA A 953 -14.20 -13.12 -9.78
N GLN A 954 -14.21 -11.87 -10.26
CA GLN A 954 -13.04 -11.28 -10.89
C GLN A 954 -11.90 -11.07 -9.89
N ALA A 955 -12.23 -10.64 -8.67
CA ALA A 955 -11.21 -10.47 -7.64
C ALA A 955 -10.58 -11.80 -7.24
N LEU A 956 -11.41 -12.84 -7.10
CA LEU A 956 -10.87 -14.15 -6.74
C LEU A 956 -10.03 -14.75 -7.87
N ASN A 957 -10.44 -14.56 -9.12
CA ASN A 957 -9.67 -15.09 -10.25
C ASN A 957 -8.35 -14.33 -10.43
N THR A 958 -8.36 -13.01 -10.18
CA THR A 958 -7.12 -12.25 -10.24
C THR A 958 -6.15 -12.67 -9.13
N LEU A 959 -6.68 -12.89 -7.92
CA LEU A 959 -5.85 -13.37 -6.82
C LEU A 959 -5.30 -14.77 -7.06
N VAL A 960 -6.05 -15.61 -7.77
CA VAL A 960 -5.53 -16.92 -8.16
C VAL A 960 -4.43 -16.78 -9.21
N LYS A 961 -4.66 -15.94 -10.23
CA LYS A 961 -3.69 -15.77 -11.30
C LYS A 961 -2.43 -15.01 -10.87
N GLN A 962 -2.43 -14.37 -9.71
CA GLN A 962 -1.21 -13.73 -9.23
C GLN A 962 -0.18 -14.71 -8.69
N LEU A 963 -0.52 -16.00 -8.55
CA LEU A 963 0.46 -16.97 -8.10
C LEU A 963 1.47 -17.34 -9.18
N SER A 964 1.14 -17.09 -10.45
CA SER A 964 2.03 -17.47 -11.55
C SER A 964 3.16 -16.48 -11.78
N SER A 965 3.14 -15.32 -11.12
CA SER A 965 4.18 -14.34 -11.31
C SER A 965 5.46 -14.75 -10.60
N LYS A 966 6.60 -14.49 -11.23
CA LYS A 966 7.88 -14.90 -10.67
C LYS A 966 8.43 -13.88 -9.68
N PHE A 967 8.07 -12.60 -9.85
CA PHE A 967 8.51 -11.47 -9.01
C PHE A 967 10.04 -11.35 -8.95
N GLY A 968 10.71 -11.66 -10.06
CA GLY A 968 12.15 -11.61 -10.12
C GLY A 968 12.87 -12.89 -9.74
N ALA A 969 12.16 -13.88 -9.20
CA ALA A 969 12.78 -15.14 -8.85
C ALA A 969 12.96 -16.01 -10.11
N ILE A 970 13.69 -17.12 -9.93
CA ILE A 970 14.00 -17.97 -11.07
C ILE A 970 12.80 -18.81 -11.48
N SER A 971 11.90 -19.13 -10.55
CA SER A 971 10.72 -19.91 -10.88
C SER A 971 9.61 -19.57 -9.89
N SER A 972 8.37 -19.79 -10.33
CA SER A 972 7.22 -19.57 -9.45
C SER A 972 7.03 -20.71 -8.45
N VAL A 973 7.37 -21.93 -8.84
CA VAL A 973 7.19 -23.08 -7.96
C VAL A 973 8.33 -23.13 -6.95
N LEU A 974 7.97 -23.19 -5.67
CA LEU A 974 8.96 -23.10 -4.60
C LEU A 974 9.72 -24.41 -4.41
N ASN A 975 9.07 -25.55 -4.69
CA ASN A 975 9.75 -26.84 -4.56
C ASN A 975 10.87 -26.99 -5.58
N ASP A 976 10.70 -26.41 -6.77
CA ASP A 976 11.77 -26.39 -7.76
C ASP A 976 12.98 -25.59 -7.27
N ILE A 977 12.72 -24.43 -6.63
CA ILE A 977 13.81 -23.61 -6.09
C ILE A 977 14.52 -24.35 -4.95
N PHE A 978 13.76 -25.00 -4.07
CA PHE A 978 14.36 -25.73 -2.96
C PHE A 978 15.13 -26.96 -3.43
N SER A 979 14.67 -27.62 -4.50
CA SER A 979 15.39 -28.76 -5.03
C SER A 979 16.58 -28.36 -5.90
N ARG A 980 16.60 -27.14 -6.44
CA ARG A 980 17.67 -26.72 -7.31
C ARG A 980 18.77 -25.94 -6.60
N LEU A 981 18.46 -25.26 -5.51
CA LEU A 981 19.43 -24.35 -4.90
C LEU A 981 19.75 -24.75 -3.47
N ASP A 982 20.91 -24.28 -3.00
CA ASP A 982 21.27 -24.37 -1.60
C ASP A 982 20.44 -23.39 -0.79
N LYS A 983 20.45 -23.58 0.54
CA LYS A 983 19.53 -22.86 1.42
C LYS A 983 19.82 -21.37 1.47
N VAL A 984 21.09 -20.99 1.42
CA VAL A 984 21.51 -19.61 1.69
C VAL A 984 21.04 -18.66 0.60
N GLU A 985 21.10 -19.08 -0.66
CA GLU A 985 20.54 -18.26 -1.74
C GLU A 985 19.13 -18.65 -2.14
N ALA A 986 18.67 -19.85 -1.76
CA ALA A 986 17.28 -20.21 -1.95
C ALA A 986 16.36 -19.35 -1.09
N GLU A 987 16.80 -19.00 0.12
CA GLU A 987 16.02 -18.08 0.96
C GLU A 987 15.91 -16.71 0.31
N VAL A 988 16.99 -16.25 -0.33
CA VAL A 988 16.97 -14.96 -1.03
C VAL A 988 16.05 -15.02 -2.24
N GLN A 989 16.04 -16.15 -2.95
CA GLN A 989 15.15 -16.31 -4.10
C GLN A 989 13.69 -16.38 -3.69
N ILE A 990 13.40 -16.99 -2.54
CA ILE A 990 12.01 -17.18 -2.10
C ILE A 990 11.48 -15.97 -1.32
N ASP A 991 12.37 -15.11 -0.80
CA ASP A 991 11.95 -13.88 -0.13
C ASP A 991 11.20 -12.95 -1.07
N ARG A 992 11.62 -12.86 -2.33
CA ARG A 992 10.94 -12.04 -3.32
C ARG A 992 9.53 -12.55 -3.60
N LEU A 993 9.38 -13.88 -3.72
CA LEU A 993 8.07 -14.48 -3.93
C LEU A 993 7.14 -14.23 -2.75
N ILE A 994 7.67 -14.36 -1.53
CA ILE A 994 6.88 -14.14 -0.32
C ILE A 994 6.42 -12.70 -0.24
N THR A 995 7.32 -11.75 -0.54
CA THR A 995 6.99 -10.32 -0.50
C THR A 995 5.95 -9.97 -1.56
N GLY A 996 6.10 -10.51 -2.78
CA GLY A 996 5.15 -10.21 -3.83
C GLY A 996 3.76 -10.78 -3.57
N ARG A 997 3.69 -12.02 -3.07
CA ARG A 997 2.39 -12.62 -2.75
C ARG A 997 1.73 -11.92 -1.57
N LEU A 998 2.53 -11.48 -0.59
CA LEU A 998 1.97 -10.71 0.54
C LEU A 998 1.43 -9.37 0.08
N GLN A 999 2.13 -8.70 -0.84
CA GLN A 999 1.66 -7.41 -1.37
C GLN A 999 0.38 -7.58 -2.18
N SER A 1000 0.29 -8.66 -2.97
CA SER A 1000 -0.93 -8.94 -3.73
C SER A 1000 -2.11 -9.23 -2.80
N LEU A 1001 -1.87 -9.98 -1.73
CA LEU A 1001 -2.93 -10.28 -0.77
C LEU A 1001 -3.39 -9.03 -0.02
N GLN A 1002 -2.45 -8.13 0.32
CA GLN A 1002 -2.82 -6.86 0.94
C GLN A 1002 -3.63 -5.98 0.00
N THR A 1003 -3.29 -5.99 -1.30
CA THR A 1003 -4.07 -5.25 -2.29
C THR A 1003 -5.50 -5.79 -2.39
N TYR A 1004 -5.65 -7.11 -2.38
CA TYR A 1004 -6.97 -7.73 -2.40
C TYR A 1004 -7.79 -7.36 -1.16
N VAL A 1005 -7.16 -7.36 0.02
CA VAL A 1005 -7.87 -7.03 1.25
C VAL A 1005 -8.29 -5.56 1.27
N THR A 1006 -7.43 -4.66 0.77
CA THR A 1006 -7.77 -3.24 0.71
C THR A 1006 -8.94 -2.97 -0.24
N GLN A 1007 -8.92 -3.60 -1.42
CA GLN A 1007 -10.03 -3.43 -2.35
C GLN A 1007 -11.33 -4.04 -1.82
N GLN A 1008 -11.23 -5.14 -1.09
CA GLN A 1008 -12.41 -5.73 -0.46
C GLN A 1008 -12.97 -4.82 0.63
N LEU A 1009 -12.10 -4.13 1.37
CA LEU A 1009 -12.56 -3.18 2.39
C LEU A 1009 -13.30 -1.99 1.76
N ILE A 1010 -12.78 -1.48 0.65
CA ILE A 1010 -13.43 -0.36 -0.05
C ILE A 1010 -14.79 -0.79 -0.60
N ARG A 1011 -14.84 -1.97 -1.22
CA ARG A 1011 -16.12 -2.47 -1.73
C ARG A 1011 -17.09 -2.80 -0.61
N ALA A 1012 -16.59 -3.21 0.57
CA ALA A 1012 -17.44 -3.44 1.73
C ALA A 1012 -18.06 -2.14 2.22
N ALA A 1013 -17.28 -1.04 2.21
CA ALA A 1013 -17.83 0.26 2.57
C ALA A 1013 -18.93 0.70 1.60
N GLU A 1014 -18.71 0.47 0.30
CA GLU A 1014 -19.71 0.81 -0.71
C GLU A 1014 -21.00 0.00 -0.53
N ILE A 1015 -20.85 -1.31 -0.30
CA ILE A 1015 -22.01 -2.18 -0.12
C ILE A 1015 -22.75 -1.85 1.18
N ARG A 1016 -22.01 -1.46 2.22
CA ARG A 1016 -22.64 -1.04 3.48
C ARG A 1016 -23.44 0.24 3.31
N ALA A 1017 -22.93 1.19 2.52
CA ALA A 1017 -23.70 2.40 2.23
C ALA A 1017 -24.98 2.08 1.45
N SER A 1018 -24.88 1.17 0.47
CA SER A 1018 -26.07 0.75 -0.27
C SER A 1018 -27.07 0.01 0.61
N ALA A 1019 -26.58 -0.78 1.58
CA ALA A 1019 -27.48 -1.50 2.48
C ALA A 1019 -28.17 -0.55 3.45
N ASN A 1020 -27.47 0.50 3.90
CA ASN A 1020 -28.10 1.52 4.75
C ASN A 1020 -29.18 2.27 3.98
N LEU A 1021 -28.91 2.57 2.70
CA LEU A 1021 -29.93 3.20 1.85
C LEU A 1021 -31.14 2.29 1.66
N ALA A 1022 -30.90 0.99 1.48
CA ALA A 1022 -32.00 0.03 1.30
C ALA A 1022 -32.83 -0.11 2.58
N ALA A 1023 -32.17 -0.12 3.74
CA ALA A 1023 -32.90 -0.20 5.01
C ALA A 1023 -33.72 1.05 5.26
N THR A 1024 -33.18 2.23 4.92
CA THR A 1024 -33.93 3.47 5.03
C THR A 1024 -35.14 3.48 4.09
N LYS A 1025 -34.96 2.98 2.87
CA LYS A 1025 -36.06 2.90 1.91
C LYS A 1025 -37.15 1.95 2.40
N MET A 1026 -36.75 0.81 2.98
CA MET A 1026 -37.71 -0.13 3.55
C MET A 1026 -38.50 0.50 4.69
N SER A 1027 -37.80 1.14 5.63
CA SER A 1027 -38.46 1.70 6.80
C SER A 1027 -39.35 2.90 6.45
N GLU A 1028 -38.99 3.67 5.44
CA GLU A 1028 -39.77 4.86 5.12
C GLU A 1028 -40.76 4.66 3.97
N CYS A 1029 -40.75 3.50 3.31
CA CYS A 1029 -41.74 3.34 2.25
C CYS A 1029 -42.57 2.08 2.40
N VAL A 1030 -42.00 0.98 2.89
CA VAL A 1030 -42.81 -0.21 3.11
C VAL A 1030 -43.64 -0.06 4.39
N LEU A 1031 -43.03 0.48 5.44
CA LEU A 1031 -43.67 0.61 6.75
C LEU A 1031 -44.46 1.89 6.90
N GLY A 1032 -44.55 2.71 5.87
CA GLY A 1032 -45.31 3.95 5.92
C GLY A 1032 -45.58 4.49 4.55
N GLN A 1033 -45.73 5.81 4.47
CA GLN A 1033 -45.91 6.51 3.20
C GLN A 1033 -45.01 7.73 3.20
N SER A 1034 -44.22 7.88 2.15
CA SER A 1034 -43.18 8.91 2.09
C SER A 1034 -43.66 10.11 1.30
N LYS A 1035 -43.47 11.30 1.87
CA LYS A 1035 -43.78 12.55 1.20
C LYS A 1035 -42.59 13.12 0.44
N ARG A 1036 -41.44 12.46 0.48
CA ARG A 1036 -40.25 12.97 -0.22
C ARG A 1036 -40.40 12.74 -1.71
N VAL A 1037 -40.08 13.77 -2.49
CA VAL A 1037 -40.27 13.73 -3.93
C VAL A 1037 -39.16 12.89 -4.57
N ASP A 1038 -39.56 11.94 -5.41
CA ASP A 1038 -38.69 11.03 -6.15
C ASP A 1038 -37.80 10.17 -5.25
N PHE A 1039 -38.19 9.97 -4.00
CA PHE A 1039 -37.47 9.05 -3.13
C PHE A 1039 -37.90 7.61 -3.38
N CYS A 1040 -39.21 7.38 -3.50
CA CYS A 1040 -39.76 6.05 -3.73
C CYS A 1040 -40.70 6.14 -4.93
N GLY A 1041 -40.12 5.98 -6.13
CA GLY A 1041 -40.90 6.01 -7.36
C GLY A 1041 -41.25 7.40 -7.85
N LYS A 1042 -41.32 7.56 -9.17
CA LYS A 1042 -41.75 8.83 -9.74
C LYS A 1042 -43.25 9.01 -9.56
N GLY A 1043 -43.65 10.24 -9.23
CA GLY A 1043 -45.03 10.54 -8.97
C GLY A 1043 -45.34 10.55 -7.48
N TYR A 1044 -46.63 10.72 -7.19
CA TYR A 1044 -47.09 10.75 -5.81
C TYR A 1044 -47.11 9.33 -5.26
N HIS A 1045 -46.37 9.11 -4.18
CA HIS A 1045 -46.15 7.76 -3.66
C HIS A 1045 -47.39 7.22 -2.95
N LEU A 1046 -47.67 5.95 -3.17
CA LEU A 1046 -48.74 5.24 -2.47
C LEU A 1046 -48.23 4.09 -1.61
N MET A 1047 -47.40 3.21 -2.16
CA MET A 1047 -46.95 2.04 -1.41
C MET A 1047 -45.56 1.63 -1.87
N SER A 1048 -45.01 0.65 -1.18
CA SER A 1048 -43.87 -0.13 -1.63
C SER A 1048 -44.03 -1.56 -1.18
N PHE A 1049 -43.71 -2.50 -2.08
CA PHE A 1049 -43.72 -3.92 -1.77
C PHE A 1049 -42.31 -4.49 -1.84
N PRO A 1050 -41.87 -5.21 -0.81
CA PRO A 1050 -40.53 -5.80 -0.85
C PRO A 1050 -40.51 -7.17 -1.51
N GLN A 1051 -39.40 -7.44 -2.19
CA GLN A 1051 -39.10 -8.75 -2.75
C GLN A 1051 -37.63 -9.04 -2.51
N SER A 1052 -37.31 -10.30 -2.22
CA SER A 1052 -35.92 -10.67 -2.05
C SER A 1052 -35.24 -10.83 -3.41
N ALA A 1053 -33.92 -10.83 -3.40
CA ALA A 1053 -33.14 -10.99 -4.62
C ALA A 1053 -31.76 -11.52 -4.23
N PRO A 1054 -31.08 -12.24 -5.16
CA PRO A 1054 -29.71 -12.68 -4.87
C PRO A 1054 -28.77 -11.52 -4.60
N HIS A 1055 -28.31 -11.46 -3.34
CA HIS A 1055 -27.50 -10.37 -2.80
C HIS A 1055 -28.20 -9.01 -2.92
N GLY A 1056 -29.51 -8.97 -2.73
CA GLY A 1056 -30.16 -7.68 -2.78
C GLY A 1056 -31.65 -7.73 -2.50
N VAL A 1057 -32.27 -6.55 -2.62
CA VAL A 1057 -33.69 -6.37 -2.39
C VAL A 1057 -34.27 -5.62 -3.59
N VAL A 1058 -35.56 -5.84 -3.85
CA VAL A 1058 -36.26 -5.24 -4.97
C VAL A 1058 -37.55 -4.63 -4.44
N PHE A 1059 -37.76 -3.35 -4.71
CA PHE A 1059 -38.95 -2.64 -4.30
C PHE A 1059 -39.88 -2.44 -5.48
N LEU A 1060 -41.14 -2.79 -5.30
CA LEU A 1060 -42.20 -2.45 -6.24
C LEU A 1060 -42.92 -1.23 -5.66
N HIS A 1061 -42.61 -0.06 -6.19
CA HIS A 1061 -43.18 1.20 -5.71
C HIS A 1061 -44.50 1.46 -6.43
N VAL A 1062 -45.58 1.55 -5.68
CA VAL A 1062 -46.89 1.87 -6.23
C VAL A 1062 -47.08 3.37 -6.09
N THR A 1063 -47.26 4.06 -7.22
CA THR A 1063 -47.32 5.51 -7.25
C THR A 1063 -48.48 5.98 -8.12
N TYR A 1064 -48.84 7.24 -7.90
CA TYR A 1064 -50.00 7.89 -8.51
C TYR A 1064 -49.49 8.97 -9.46
N VAL A 1065 -49.94 8.95 -10.72
CA VAL A 1065 -49.50 9.90 -11.73
C VAL A 1065 -50.72 10.53 -12.39
N PRO A 1066 -50.86 11.86 -12.38
CA PRO A 1066 -51.98 12.49 -13.10
C PRO A 1066 -51.80 12.37 -14.61
N ALA A 1067 -52.91 12.12 -15.31
CA ALA A 1067 -52.86 11.64 -16.69
C ALA A 1067 -53.43 12.62 -17.72
N GLN A 1068 -54.69 13.02 -17.59
CA GLN A 1068 -55.39 13.73 -18.66
C GLN A 1068 -55.71 15.16 -18.22
N GLU A 1069 -55.03 16.11 -18.84
CA GLU A 1069 -55.03 17.51 -18.43
C GLU A 1069 -56.11 18.30 -19.15
N LYS A 1070 -56.41 19.49 -18.61
CA LYS A 1070 -57.37 20.39 -19.24
C LYS A 1070 -57.05 21.83 -18.84
N ASN A 1071 -57.18 22.73 -19.82
CA ASN A 1071 -56.99 24.15 -19.60
C ASN A 1071 -58.17 24.75 -18.85
N PHE A 1072 -57.88 25.73 -17.99
CA PHE A 1072 -58.90 26.49 -17.28
C PHE A 1072 -58.40 27.90 -17.06
N THR A 1073 -59.34 28.82 -16.84
CA THR A 1073 -59.03 30.20 -16.53
C THR A 1073 -59.21 30.43 -15.04
N THR A 1074 -58.16 30.92 -14.38
CA THR A 1074 -58.12 30.92 -12.93
C THR A 1074 -58.07 32.36 -12.40
N ALA A 1075 -58.21 32.46 -11.06
CA ALA A 1075 -58.18 33.73 -10.34
C ALA A 1075 -57.79 33.44 -8.90
N PRO A 1076 -57.02 34.31 -8.25
CA PRO A 1076 -56.59 34.02 -6.86
C PRO A 1076 -57.68 34.20 -5.82
N ALA A 1077 -58.61 35.12 -6.04
CA ALA A 1077 -59.66 35.41 -5.08
C ALA A 1077 -60.86 35.98 -5.81
N ILE A 1078 -61.99 36.08 -5.12
CA ILE A 1078 -63.23 36.56 -5.72
C ILE A 1078 -63.83 37.64 -4.83
N CYS A 1079 -64.18 38.79 -5.44
CA CYS A 1079 -64.92 39.83 -4.75
C CYS A 1079 -66.40 39.44 -4.67
N HIS A 1080 -66.99 39.64 -3.49
CA HIS A 1080 -68.42 39.46 -3.31
C HIS A 1080 -68.84 40.36 -2.16
N ASP A 1081 -69.66 41.38 -2.48
CA ASP A 1081 -70.12 42.40 -1.54
C ASP A 1081 -68.94 43.13 -0.87
N GLY A 1082 -67.90 43.39 -1.64
CA GLY A 1082 -66.79 44.20 -1.20
C GLY A 1082 -65.70 43.48 -0.42
N LYS A 1083 -65.87 42.19 -0.13
CA LYS A 1083 -64.87 41.44 0.63
C LYS A 1083 -64.36 40.28 -0.22
N ALA A 1084 -63.10 39.91 0.03
CA ALA A 1084 -62.39 38.96 -0.82
C ALA A 1084 -62.49 37.56 -0.25
N HIS A 1085 -63.03 36.65 -1.05
CA HIS A 1085 -63.12 35.23 -0.71
C HIS A 1085 -61.93 34.49 -1.33
N PHE A 1086 -61.25 33.69 -0.51
CA PHE A 1086 -60.13 32.86 -0.89
C PHE A 1086 -60.51 31.39 -0.71
N PRO A 1087 -60.02 30.50 -1.56
CA PRO A 1087 -60.37 29.07 -1.40
C PRO A 1087 -59.64 28.45 -0.22
N ARG A 1088 -60.37 27.63 0.53
CA ARG A 1088 -59.78 26.97 1.70
C ARG A 1088 -58.82 25.87 1.26
N GLU A 1089 -59.24 25.05 0.30
CA GLU A 1089 -58.37 24.02 -0.28
C GLU A 1089 -58.88 23.75 -1.70
N GLY A 1090 -58.25 24.37 -2.68
CA GLY A 1090 -58.65 24.18 -4.06
C GLY A 1090 -58.31 25.38 -4.89
N VAL A 1091 -58.70 25.30 -6.17
CA VAL A 1091 -58.39 26.31 -7.17
C VAL A 1091 -59.71 26.91 -7.65
N PHE A 1092 -59.77 28.24 -7.70
CA PHE A 1092 -60.86 28.92 -8.39
C PHE A 1092 -60.64 28.79 -9.89
N VAL A 1093 -61.59 28.16 -10.60
CA VAL A 1093 -61.48 27.96 -12.04
C VAL A 1093 -62.76 28.41 -12.70
N SER A 1094 -62.66 28.63 -14.02
CA SER A 1094 -63.80 28.96 -14.85
C SER A 1094 -63.81 28.05 -16.07
N ASN A 1095 -64.98 27.54 -16.41
CA ASN A 1095 -65.16 26.74 -17.61
C ASN A 1095 -65.48 27.58 -18.83
N GLY A 1096 -65.43 28.90 -18.70
CA GLY A 1096 -65.70 29.81 -19.80
C GLY A 1096 -66.69 30.89 -19.42
N THR A 1097 -67.70 30.54 -18.62
CA THR A 1097 -68.71 31.49 -18.18
C THR A 1097 -68.89 31.51 -16.67
N HIS A 1098 -68.85 30.35 -16.01
CA HIS A 1098 -69.16 30.23 -14.60
C HIS A 1098 -67.93 29.79 -13.82
N TRP A 1099 -67.87 30.20 -12.56
CA TRP A 1099 -66.72 29.96 -11.70
C TRP A 1099 -67.05 28.87 -10.69
N PHE A 1100 -66.19 27.86 -10.61
CA PHE A 1100 -66.26 26.81 -9.61
C PHE A 1100 -64.96 26.78 -8.81
N VAL A 1101 -64.94 25.92 -7.80
CA VAL A 1101 -63.73 25.64 -7.04
C VAL A 1101 -63.47 24.14 -7.09
N THR A 1102 -62.22 23.77 -7.34
CA THR A 1102 -61.82 22.37 -7.43
C THR A 1102 -60.77 22.07 -6.38
N GLN A 1103 -60.39 20.80 -6.30
CA GLN A 1103 -59.14 20.43 -5.64
C GLN A 1103 -58.01 20.48 -6.66
N ARG A 1104 -56.79 20.43 -6.16
CA ARG A 1104 -55.65 20.79 -7.00
C ARG A 1104 -55.21 19.66 -7.93
N ASN A 1105 -55.39 18.39 -7.53
CA ASN A 1105 -54.83 17.27 -8.28
C ASN A 1105 -55.86 16.47 -9.06
N PHE A 1106 -57.13 16.88 -9.04
CA PHE A 1106 -58.17 16.15 -9.77
C PHE A 1106 -59.30 17.14 -10.06
N TYR A 1107 -59.78 17.15 -11.30
CA TYR A 1107 -60.82 18.10 -11.67
C TYR A 1107 -62.16 17.61 -11.16
N GLU A 1108 -62.65 18.25 -10.09
CA GLU A 1108 -63.95 17.94 -9.51
C GLU A 1108 -64.58 19.26 -9.08
N PRO A 1109 -65.29 19.94 -9.98
CA PRO A 1109 -65.76 21.29 -9.69
C PRO A 1109 -66.94 21.28 -8.73
N GLN A 1110 -66.95 22.28 -7.83
CA GLN A 1110 -68.04 22.45 -6.88
C GLN A 1110 -68.42 23.92 -6.84
N ILE A 1111 -69.66 24.15 -6.42
CA ILE A 1111 -70.23 25.51 -6.36
C ILE A 1111 -69.56 26.28 -5.25
N ILE A 1112 -69.10 27.49 -5.56
CA ILE A 1112 -68.38 28.35 -4.62
C ILE A 1112 -69.35 28.92 -3.59
N THR A 1113 -69.31 28.37 -2.37
CA THR A 1113 -70.14 28.79 -1.26
C THR A 1113 -69.28 29.46 -0.19
N THR A 1114 -69.91 29.79 0.94
CA THR A 1114 -69.20 30.37 2.06
C THR A 1114 -68.55 29.33 2.97
N ASP A 1115 -68.78 28.04 2.71
CA ASP A 1115 -68.21 26.98 3.53
C ASP A 1115 -66.82 26.57 3.07
N ASN A 1116 -66.59 26.52 1.76
CA ASN A 1116 -65.30 26.13 1.21
C ASN A 1116 -64.40 27.33 0.91
N THR A 1117 -64.86 28.55 1.19
CA THR A 1117 -64.06 29.76 1.04
C THR A 1117 -64.05 30.53 2.34
N PHE A 1118 -63.01 31.33 2.53
CA PHE A 1118 -62.92 32.18 3.70
C PHE A 1118 -62.71 33.63 3.29
N VAL A 1119 -63.20 34.54 4.14
CA VAL A 1119 -63.25 35.97 3.84
C VAL A 1119 -62.07 36.65 4.50
N SER A 1120 -61.31 37.42 3.71
CA SER A 1120 -60.16 38.15 4.26
C SER A 1120 -59.97 39.44 3.48
N GLY A 1121 -59.90 40.56 4.20
CA GLY A 1121 -59.60 41.84 3.59
C GLY A 1121 -60.74 42.37 2.73
N ASN A 1122 -60.38 43.28 1.82
CA ASN A 1122 -61.31 43.85 0.87
C ASN A 1122 -60.74 43.70 -0.55
N CYS A 1123 -61.41 44.36 -1.50
CA CYS A 1123 -61.19 44.05 -2.92
C CYS A 1123 -59.91 44.66 -3.48
N ASP A 1124 -59.50 45.83 -3.01
CA ASP A 1124 -58.50 46.63 -3.72
C ASP A 1124 -57.07 46.12 -3.57
N VAL A 1125 -56.80 45.26 -2.59
CA VAL A 1125 -55.43 44.88 -2.29
C VAL A 1125 -54.97 43.72 -3.18
N VAL A 1126 -55.83 42.73 -3.40
CA VAL A 1126 -55.44 41.54 -4.15
C VAL A 1126 -55.35 41.87 -5.64
N ILE A 1127 -54.24 41.48 -6.26
CA ILE A 1127 -54.00 41.72 -7.68
C ILE A 1127 -54.51 40.52 -8.46
N GLY A 1128 -55.34 40.78 -9.47
CA GLY A 1128 -55.93 39.71 -10.26
C GLY A 1128 -57.28 39.23 -9.79
N ILE A 1129 -57.94 39.96 -8.90
CA ILE A 1129 -59.22 39.52 -8.37
C ILE A 1129 -60.31 39.70 -9.42
N VAL A 1130 -61.36 38.86 -9.32
CA VAL A 1130 -62.47 38.90 -10.27
C VAL A 1130 -63.77 39.12 -9.49
N ASN A 1131 -64.89 39.18 -10.21
CA ASN A 1131 -66.20 39.38 -9.60
C ASN A 1131 -67.07 38.15 -9.88
N ASN A 1132 -67.60 37.55 -8.81
CA ASN A 1132 -68.57 36.47 -8.93
C ASN A 1132 -69.35 36.39 -7.63
N THR A 1133 -70.60 35.95 -7.73
CA THR A 1133 -71.43 35.78 -6.54
C THR A 1133 -70.98 34.55 -5.76
N VAL A 1134 -71.04 34.66 -4.43
CA VAL A 1134 -70.71 33.55 -3.54
C VAL A 1134 -72.01 33.12 -2.85
N TYR A 1135 -72.40 31.87 -3.05
CA TYR A 1135 -73.68 31.39 -2.58
C TYR A 1135 -73.69 31.20 -1.07
N ASP A 1136 -74.80 31.58 -0.44
CA ASP A 1136 -74.99 31.40 0.99
C ASP A 1136 -75.98 30.27 1.22
N PRO A 1137 -75.58 29.18 1.89
CA PRO A 1137 -76.53 28.08 2.14
C PRO A 1137 -77.63 28.42 3.13
N LEU A 1138 -77.50 29.50 3.90
CA LEU A 1138 -78.50 29.86 4.89
C LEU A 1138 -79.75 30.48 4.26
N GLN A 1139 -79.66 30.98 3.03
CA GLN A 1139 -80.78 31.66 2.36
C GLN A 1139 -82.01 30.79 2.07
N PRO A 1140 -81.92 29.54 1.58
CA PRO A 1140 -83.15 28.73 1.47
C PRO A 1140 -83.75 28.38 2.82
N GLU A 1141 -82.95 28.26 3.88
CA GLU A 1141 -83.52 28.07 5.20
C GLU A 1141 -84.15 29.35 5.72
N LEU A 1142 -83.66 30.51 5.29
CA LEU A 1142 -84.32 31.76 5.61
C LEU A 1142 -85.61 31.93 4.82
N ASP A 1143 -85.71 31.28 3.66
CA ASP A 1143 -86.93 31.31 2.86
C ASP A 1143 -87.96 30.28 3.31
N SER A 1144 -87.64 29.48 4.33
CA SER A 1144 -88.58 28.48 4.84
C SER A 1144 -89.72 29.12 5.62
N ALA B 27 36.45 44.46 10.40
CA ALA B 27 35.27 44.33 11.26
C ALA B 27 34.31 43.28 10.70
N TYR B 28 33.10 43.25 11.24
CA TYR B 28 32.07 42.31 10.83
C TYR B 28 30.94 43.04 10.13
N THR B 29 30.50 42.51 8.99
CA THR B 29 29.36 43.08 8.28
C THR B 29 28.45 41.96 7.81
N ASN B 30 27.18 42.29 7.62
CA ASN B 30 26.18 41.28 7.30
C ASN B 30 26.32 40.82 5.85
N SER B 31 25.85 39.60 5.59
CA SER B 31 25.99 39.00 4.27
C SER B 31 25.04 39.65 3.26
N PHE B 32 23.82 39.97 3.70
CA PHE B 32 22.79 40.66 2.91
C PHE B 32 22.42 39.87 1.64
N THR B 33 22.20 38.57 1.82
CA THR B 33 21.76 37.62 0.77
C THR B 33 22.73 37.60 -0.42
N ARG B 34 23.95 37.16 -0.13
CA ARG B 34 24.99 37.06 -1.15
C ARG B 34 25.60 35.66 -1.11
N GLY B 35 26.14 35.24 -2.25
CA GLY B 35 26.84 33.97 -2.32
C GLY B 35 25.99 32.81 -2.78
N VAL B 36 25.25 33.01 -3.87
CA VAL B 36 24.43 31.96 -4.48
C VAL B 36 24.99 31.68 -5.86
N TYR B 37 25.39 30.43 -6.10
CA TYR B 37 25.96 29.99 -7.36
C TYR B 37 25.10 28.87 -7.94
N TYR B 38 25.48 28.42 -9.13
CA TYR B 38 24.83 27.27 -9.73
C TYR B 38 25.41 25.99 -9.12
N PRO B 39 24.59 25.16 -8.48
CA PRO B 39 25.15 23.97 -7.81
C PRO B 39 25.64 22.90 -8.76
N ASP B 40 25.17 22.88 -10.01
CA ASP B 40 25.62 21.90 -10.99
C ASP B 40 25.41 22.50 -12.38
N LYS B 41 26.04 21.87 -13.37
CA LYS B 41 25.95 22.33 -14.76
C LYS B 41 24.75 21.68 -15.46
N VAL B 42 23.57 21.93 -14.88
CA VAL B 42 22.31 21.37 -15.38
C VAL B 42 21.36 22.54 -15.61
N PHE B 43 20.79 22.62 -16.81
CA PHE B 43 19.88 23.70 -17.15
C PHE B 43 18.47 23.37 -16.67
N ARG B 44 17.97 24.16 -15.73
CA ARG B 44 16.59 24.03 -15.25
C ARG B 44 15.86 25.33 -15.53
N SER B 45 14.62 25.21 -16.02
CA SER B 45 13.84 26.36 -16.44
C SER B 45 12.49 26.35 -15.75
N SER B 46 12.18 27.45 -15.05
CA SER B 46 10.88 27.73 -14.43
C SER B 46 10.47 26.63 -13.44
N VAL B 47 11.31 26.44 -12.42
CA VAL B 47 11.08 25.40 -11.43
C VAL B 47 11.70 25.82 -10.11
N LEU B 48 11.09 25.39 -9.01
CA LEU B 48 11.61 25.61 -7.67
C LEU B 48 12.29 24.33 -7.22
N HIS B 49 13.62 24.31 -7.21
CA HIS B 49 14.39 23.11 -6.97
C HIS B 49 15.12 23.22 -5.64
N SER B 50 15.01 22.17 -4.82
CA SER B 50 15.73 22.10 -3.56
C SER B 50 17.06 21.39 -3.76
N THR B 51 18.08 21.86 -3.05
CA THR B 51 19.41 21.27 -3.17
C THR B 51 20.12 21.37 -1.83
N GLN B 52 21.14 20.54 -1.66
CA GLN B 52 22.00 20.56 -0.48
C GLN B 52 23.42 20.79 -0.96
N ASP B 53 24.02 21.90 -0.52
CA ASP B 53 25.32 22.28 -1.04
C ASP B 53 26.03 23.18 -0.05
N LEU B 54 27.34 23.35 -0.24
CA LEU B 54 28.10 24.30 0.54
C LEU B 54 27.75 25.71 0.09
N PHE B 55 27.06 26.45 0.95
CA PHE B 55 26.56 27.78 0.61
C PHE B 55 26.87 28.74 1.75
N LEU B 56 26.92 30.02 1.42
CA LEU B 56 27.01 31.06 2.44
C LEU B 56 25.63 31.24 3.07
N PRO B 57 25.50 31.12 4.39
CA PRO B 57 24.20 31.36 5.03
C PRO B 57 23.77 32.81 4.93
N PHE B 58 22.47 33.01 4.86
CA PHE B 58 21.92 34.35 4.71
C PHE B 58 22.09 35.15 6.00
N PHE B 59 22.44 36.44 5.83
CA PHE B 59 22.62 37.42 6.91
C PHE B 59 23.65 36.96 7.94
N SER B 60 24.75 36.39 7.46
CA SER B 60 25.84 35.97 8.33
C SER B 60 26.91 37.06 8.41
N ASN B 61 27.65 37.04 9.51
CA ASN B 61 28.69 38.05 9.76
C ASN B 61 29.96 37.64 9.02
N VAL B 62 30.21 38.27 7.89
CA VAL B 62 31.46 38.08 7.17
C VAL B 62 32.46 39.11 7.67
N THR B 63 33.74 38.77 7.60
CA THR B 63 34.81 39.59 8.14
C THR B 63 35.28 40.58 7.09
N TRP B 64 35.23 41.87 7.42
CA TRP B 64 35.59 42.93 6.49
C TRP B 64 36.96 43.49 6.87
N PHE B 65 37.85 43.57 5.89
CA PHE B 65 39.14 44.22 6.04
C PHE B 65 39.29 45.33 5.02
N HIS B 66 39.89 46.43 5.44
CA HIS B 66 40.14 47.58 4.59
C HIS B 66 41.63 47.68 4.29
N VAL B 67 41.96 47.87 3.02
CA VAL B 67 43.35 47.93 2.58
C VAL B 67 43.80 49.38 2.55
N ILE B 68 44.97 49.65 3.12
CA ILE B 68 45.55 50.98 3.14
C ILE B 68 46.00 51.39 1.74
N ASP B 78 46.32 45.45 4.97
CA ASP B 78 46.76 44.29 5.71
C ASP B 78 46.10 43.03 5.17
N ASN B 79 46.88 41.96 5.06
CA ASN B 79 46.44 40.67 4.50
C ASN B 79 46.83 39.46 5.36
N PRO B 80 46.13 39.26 6.47
CA PRO B 80 46.52 38.20 7.41
C PRO B 80 46.13 36.81 6.91
N VAL B 81 46.70 35.80 7.57
CA VAL B 81 46.44 34.41 7.23
C VAL B 81 45.18 33.95 7.95
N LEU B 82 44.25 33.36 7.19
CA LEU B 82 42.96 32.95 7.72
C LEU B 82 42.74 31.48 7.44
N PRO B 83 42.02 30.77 8.32
CA PRO B 83 41.68 29.36 8.04
C PRO B 83 40.72 29.25 6.87
N PHE B 84 40.80 28.10 6.19
CA PHE B 84 39.96 27.87 5.01
C PHE B 84 38.50 27.65 5.41
N ASN B 85 38.28 26.83 6.45
CA ASN B 85 36.95 26.54 7.04
C ASN B 85 35.96 26.00 6.00
N ASP B 86 36.47 25.14 5.11
CA ASP B 86 35.70 24.38 4.12
C ASP B 86 34.93 25.30 3.17
N GLY B 87 35.69 26.12 2.44
CA GLY B 87 35.10 27.00 1.44
C GLY B 87 35.18 28.45 1.89
N VAL B 88 35.52 29.33 0.95
CA VAL B 88 35.70 30.75 1.22
C VAL B 88 34.96 31.55 0.16
N TYR B 89 34.05 32.42 0.61
CA TYR B 89 33.47 33.44 -0.26
C TYR B 89 34.28 34.71 -0.09
N PHE B 90 34.98 35.11 -1.14
CA PHE B 90 35.84 36.28 -1.15
C PHE B 90 35.18 37.37 -1.98
N ALA B 91 34.83 38.48 -1.34
CA ALA B 91 34.29 39.62 -2.05
C ALA B 91 35.29 40.77 -1.97
N SER B 92 35.29 41.62 -3.00
CA SER B 92 36.24 42.73 -3.02
C SER B 92 35.62 43.92 -3.73
N ILE B 93 35.54 45.04 -3.03
CA ILE B 93 35.10 46.30 -3.60
C ILE B 93 36.36 47.16 -3.81
N GLU B 94 36.62 47.48 -5.08
CA GLU B 94 37.87 48.08 -5.51
C GLU B 94 37.61 48.93 -6.75
N LYS B 95 38.57 49.83 -7.03
CA LYS B 95 38.61 50.53 -8.31
C LYS B 95 39.64 49.90 -9.25
N SER B 96 40.70 49.31 -8.70
CA SER B 96 41.67 48.56 -9.46
C SER B 96 42.00 47.29 -8.69
N ASN B 97 42.50 46.28 -9.40
CA ASN B 97 42.74 44.97 -8.81
C ASN B 97 44.00 45.02 -7.94
N ILE B 98 43.80 45.47 -6.70
CA ILE B 98 44.89 45.44 -5.72
C ILE B 98 45.20 44.00 -5.30
N ILE B 99 44.16 43.17 -5.20
CA ILE B 99 44.36 41.76 -4.88
C ILE B 99 44.97 41.05 -6.08
N ARG B 100 46.17 40.52 -5.91
CA ARG B 100 46.89 39.87 -6.99
C ARG B 100 46.65 38.37 -7.06
N GLY B 101 46.20 37.76 -5.97
CA GLY B 101 45.97 36.33 -5.97
C GLY B 101 45.86 35.80 -4.56
N TRP B 102 45.93 34.47 -4.46
CA TRP B 102 45.79 33.78 -3.19
C TRP B 102 46.86 32.70 -3.08
N ILE B 103 47.19 32.37 -1.83
CA ILE B 103 48.09 31.27 -1.51
C ILE B 103 47.38 30.35 -0.51
N PHE B 104 47.50 29.05 -0.72
CA PHE B 104 46.82 28.05 0.09
C PHE B 104 47.84 27.08 0.66
N GLY B 105 47.84 26.91 1.98
CA GLY B 105 48.78 26.02 2.61
C GLY B 105 48.42 25.72 4.05
N THR B 106 48.55 24.45 4.45
CA THR B 106 48.14 24.06 5.80
C THR B 106 49.14 24.52 6.86
N THR B 107 50.40 24.74 6.48
CA THR B 107 51.41 25.22 7.42
C THR B 107 52.17 26.39 6.84
N LEU B 108 52.28 26.43 5.50
CA LEU B 108 52.99 27.47 4.74
C LEU B 108 54.44 27.62 5.18
N ASP B 109 55.11 26.49 5.44
CA ASP B 109 56.49 26.48 5.89
C ASP B 109 57.45 25.98 4.80
N SER B 110 56.98 25.94 3.55
CA SER B 110 57.74 25.51 2.36
C SER B 110 58.23 24.07 2.47
N LYS B 111 57.55 23.23 3.24
CA LYS B 111 57.87 21.80 3.31
C LYS B 111 56.97 20.99 2.39
N THR B 112 55.66 21.24 2.44
CA THR B 112 54.69 20.59 1.59
C THR B 112 54.27 21.55 0.48
N GLN B 113 53.65 20.98 -0.56
CA GLN B 113 53.24 21.76 -1.72
C GLN B 113 52.09 22.70 -1.37
N SER B 114 52.22 23.96 -1.78
CA SER B 114 51.24 24.99 -1.45
C SER B 114 50.63 25.55 -2.72
N LEU B 115 49.31 25.66 -2.75
CA LEU B 115 48.59 26.13 -3.93
C LEU B 115 48.70 27.64 -4.03
N LEU B 116 49.26 28.11 -5.16
CA LEU B 116 49.41 29.53 -5.44
C LEU B 116 48.62 29.86 -6.70
N ILE B 117 47.75 30.86 -6.62
CA ILE B 117 47.02 31.38 -7.78
C ILE B 117 47.30 32.88 -7.87
N VAL B 118 47.62 33.35 -9.07
CA VAL B 118 47.93 34.75 -9.27
C VAL B 118 47.38 35.18 -10.62
N ASN B 119 46.85 36.41 -10.69
CA ASN B 119 46.29 36.94 -11.92
C ASN B 119 47.06 38.19 -12.32
N ASN B 120 47.69 38.16 -13.49
CA ASN B 120 48.31 39.35 -14.04
C ASN B 120 47.30 40.04 -14.96
N ALA B 121 47.77 40.96 -15.81
CA ALA B 121 46.88 41.67 -16.72
C ALA B 121 46.29 40.78 -17.81
N THR B 122 46.93 39.64 -18.12
CA THR B 122 46.48 38.78 -19.20
C THR B 122 46.01 37.41 -18.72
N ASN B 123 46.86 36.66 -18.01
CA ASN B 123 46.59 35.27 -17.72
C ASN B 123 46.57 35.02 -16.22
N VAL B 124 46.13 33.82 -15.86
CA VAL B 124 46.09 33.36 -14.47
C VAL B 124 47.05 32.20 -14.33
N VAL B 125 48.02 32.32 -13.42
CA VAL B 125 49.04 31.32 -13.19
C VAL B 125 48.70 30.56 -11.92
N ILE B 126 48.64 29.23 -12.03
CA ILE B 126 48.33 28.34 -10.91
C ILE B 126 49.51 27.39 -10.75
N LYS B 127 50.12 27.40 -9.58
CA LYS B 127 51.30 26.59 -9.31
C LYS B 127 51.16 25.90 -7.96
N VAL B 128 51.93 24.83 -7.79
CA VAL B 128 52.04 24.14 -6.51
C VAL B 128 53.45 24.27 -5.94
N CYS B 129 54.20 25.28 -6.37
CA CYS B 129 55.58 25.45 -5.94
C CYS B 129 55.64 25.88 -4.48
N GLU B 130 56.61 25.32 -3.75
CA GLU B 130 56.78 25.60 -2.33
C GLU B 130 57.52 26.89 -2.05
N PHE B 131 58.06 27.53 -3.08
CA PHE B 131 58.81 28.77 -2.89
C PHE B 131 57.90 29.92 -2.52
N GLN B 132 58.47 30.91 -1.86
CA GLN B 132 57.72 32.11 -1.49
C GLN B 132 57.42 32.95 -2.73
N PHE B 133 56.37 33.75 -2.62
CA PHE B 133 55.93 34.56 -3.75
C PHE B 133 56.90 35.70 -4.02
N CYS B 134 57.08 36.03 -5.29
CA CYS B 134 57.92 37.15 -5.67
C CYS B 134 57.25 38.47 -5.28
N ASN B 135 58.07 39.44 -4.89
CA ASN B 135 57.55 40.73 -4.44
C ASN B 135 56.89 41.48 -5.58
N ASP B 136 55.71 42.04 -5.31
CA ASP B 136 54.92 42.66 -6.35
C ASP B 136 55.56 43.97 -6.82
N PRO B 137 55.49 44.29 -8.11
CA PRO B 137 56.10 45.52 -8.59
C PRO B 137 55.31 46.75 -8.17
N PHE B 138 55.95 47.91 -8.36
CA PHE B 138 55.34 49.18 -8.04
C PHE B 138 54.17 49.47 -8.98
N LEU B 139 53.15 50.14 -8.45
CA LEU B 139 51.98 50.47 -9.26
C LEU B 139 52.31 51.58 -10.24
N ASP B 140 51.97 51.37 -11.50
CA ASP B 140 52.26 52.32 -12.56
C ASP B 140 51.36 53.55 -12.48
N PHE B 163 52.18 20.39 -11.02
CA PHE B 163 50.84 20.92 -11.29
C PHE B 163 50.91 22.42 -11.53
N GLU B 164 51.23 22.81 -12.76
CA GLU B 164 51.30 24.20 -13.18
C GLU B 164 50.39 24.42 -14.37
N TYR B 165 49.55 25.45 -14.30
CA TYR B 165 48.56 25.73 -15.34
C TYR B 165 48.50 27.22 -15.58
N VAL B 166 48.30 27.60 -16.85
CA VAL B 166 48.15 28.99 -17.25
C VAL B 166 46.79 29.12 -17.94
N SER B 167 45.97 30.05 -17.44
CA SER B 167 44.65 30.27 -18.02
C SER B 167 44.71 31.26 -19.18
N PHE B 181 35.02 53.43 -5.40
CA PHE B 181 35.32 52.14 -6.01
C PHE B 181 34.22 51.76 -7.00
N LYS B 182 34.63 51.34 -8.21
CA LYS B 182 33.69 51.13 -9.30
C LYS B 182 33.46 49.68 -9.64
N ASN B 183 34.14 48.74 -8.98
CA ASN B 183 34.01 47.33 -9.30
C ASN B 183 33.89 46.50 -8.02
N LEU B 184 33.08 45.44 -8.11
CA LEU B 184 32.91 44.48 -7.02
C LEU B 184 33.06 43.08 -7.59
N ARG B 185 34.01 42.33 -7.05
CA ARG B 185 34.30 40.98 -7.51
C ARG B 185 33.89 40.01 -6.42
N GLU B 186 32.97 39.10 -6.75
CA GLU B 186 32.47 38.09 -5.81
C GLU B 186 32.93 36.73 -6.31
N PHE B 187 33.85 36.10 -5.59
CA PHE B 187 34.36 34.78 -5.90
C PHE B 187 33.96 33.85 -4.77
N VAL B 188 33.80 32.57 -5.08
CA VAL B 188 33.69 31.55 -4.05
C VAL B 188 34.54 30.35 -4.45
N PHE B 189 35.33 29.87 -3.50
CA PHE B 189 36.34 28.84 -3.70
C PHE B 189 36.03 27.68 -2.77
N LYS B 190 36.05 26.46 -3.30
CA LYS B 190 35.91 25.31 -2.41
C LYS B 190 36.63 24.09 -2.97
N ASN B 191 37.31 23.37 -2.08
CA ASN B 191 38.07 22.17 -2.45
C ASN B 191 37.32 20.95 -1.93
N ILE B 192 36.73 20.17 -2.83
CA ILE B 192 36.05 18.93 -2.50
C ILE B 192 36.62 17.80 -3.36
N ASP B 193 36.93 16.68 -2.70
CA ASP B 193 37.45 15.44 -3.31
C ASP B 193 38.73 15.72 -4.11
N GLY B 194 39.58 16.60 -3.58
CA GLY B 194 40.80 16.98 -4.25
C GLY B 194 40.63 17.96 -5.39
N TYR B 195 39.42 18.44 -5.64
CA TYR B 195 39.15 19.35 -6.74
C TYR B 195 38.84 20.74 -6.17
N PHE B 196 39.66 21.71 -6.53
CA PHE B 196 39.48 23.10 -6.16
C PHE B 196 38.61 23.76 -7.22
N LYS B 197 37.48 24.32 -6.80
CA LYS B 197 36.48 24.87 -7.70
C LYS B 197 36.34 26.36 -7.44
N ILE B 198 36.36 27.14 -8.51
CA ILE B 198 36.25 28.59 -8.49
C ILE B 198 34.98 28.97 -9.25
N TYR B 199 34.06 29.64 -8.55
CA TYR B 199 32.87 30.24 -9.13
C TYR B 199 33.01 31.75 -8.98
N SER B 200 32.69 32.51 -10.04
CA SER B 200 33.04 33.92 -10.06
C SER B 200 31.90 34.76 -10.62
N LYS B 201 31.87 36.03 -10.20
CA LYS B 201 30.96 37.03 -10.75
C LYS B 201 31.56 38.41 -10.51
N HIS B 202 31.28 39.33 -11.42
CA HIS B 202 31.76 40.71 -11.32
C HIS B 202 30.60 41.66 -11.59
N THR B 203 30.44 42.66 -10.74
CA THR B 203 29.41 43.68 -10.98
C THR B 203 29.92 45.08 -10.67
N PRO B 204 29.56 46.07 -11.48
CA PRO B 204 29.90 47.45 -11.15
C PRO B 204 28.83 48.13 -10.31
N ILE B 205 29.21 48.66 -9.15
CA ILE B 205 28.31 49.46 -8.33
C ILE B 205 28.94 50.85 -8.14
N ILE B 206 28.16 51.88 -8.47
CA ILE B 206 28.61 53.27 -8.38
C ILE B 206 27.72 54.11 -7.49
N VAL B 207 26.74 53.51 -6.81
CA VAL B 207 25.73 54.27 -6.08
C VAL B 207 26.32 54.85 -4.80
N ARG B 208 26.81 53.98 -3.92
CA ARG B 208 27.43 54.45 -2.68
C ARG B 208 28.70 53.65 -2.41
N GLU B 209 29.72 54.36 -1.93
CA GLU B 209 31.03 53.80 -1.59
C GLU B 209 31.17 53.15 -0.21
N PRO B 210 30.80 53.77 0.93
CA PRO B 210 31.23 53.20 2.22
C PRO B 210 30.45 51.99 2.68
N GLU B 211 29.22 51.78 2.20
CA GLU B 211 28.43 50.65 2.65
C GLU B 211 28.94 49.36 2.02
N ASP B 212 28.70 48.25 2.73
CA ASP B 212 29.28 46.96 2.41
C ASP B 212 28.19 45.96 2.08
N LEU B 213 28.46 45.06 1.12
CA LEU B 213 27.61 43.95 0.70
C LEU B 213 26.24 44.46 0.25
N PRO B 214 26.14 45.03 -0.96
CA PRO B 214 24.89 45.69 -1.39
C PRO B 214 23.70 44.74 -1.45
N GLN B 215 22.55 45.26 -1.04
CA GLN B 215 21.35 44.45 -0.87
C GLN B 215 20.76 44.09 -2.22
N GLY B 216 20.48 42.81 -2.41
CA GLY B 216 20.00 42.32 -3.68
C GLY B 216 20.34 40.85 -3.83
N PHE B 217 20.08 40.34 -5.03
CA PHE B 217 20.34 38.93 -5.34
C PHE B 217 21.17 38.85 -6.61
N SER B 218 22.27 38.11 -6.55
CA SER B 218 23.13 37.91 -7.70
C SER B 218 23.50 36.43 -7.80
N ALA B 219 23.62 35.95 -9.03
CA ALA B 219 23.92 34.55 -9.30
C ALA B 219 25.38 34.43 -9.76
N LEU B 220 26.11 33.54 -9.11
CA LEU B 220 27.49 33.23 -9.48
C LEU B 220 27.52 32.03 -10.41
N GLU B 221 28.57 31.94 -11.21
CA GLU B 221 28.63 30.96 -12.29
C GLU B 221 29.92 30.15 -12.20
N PRO B 222 29.88 28.86 -12.55
CA PRO B 222 31.09 28.03 -12.44
C PRO B 222 32.07 28.26 -13.56
N LEU B 223 33.33 28.49 -13.21
CA LEU B 223 34.39 28.68 -14.20
C LEU B 223 35.50 27.64 -14.09
N VAL B 224 36.13 27.46 -12.93
CA VAL B 224 37.43 26.80 -12.87
C VAL B 224 37.35 25.55 -12.00
N ASP B 225 37.84 24.43 -12.54
CA ASP B 225 38.06 23.20 -11.79
C ASP B 225 39.53 22.82 -11.85
N LEU B 226 40.09 22.40 -10.71
CA LEU B 226 41.51 22.04 -10.63
C LEU B 226 41.73 20.84 -9.73
N PRO B 227 42.11 19.69 -10.27
CA PRO B 227 42.40 18.52 -9.40
C PRO B 227 43.75 18.62 -8.68
N ILE B 228 43.76 19.30 -7.54
CA ILE B 228 45.00 19.57 -6.83
C ILE B 228 45.36 18.46 -5.84
N GLY B 229 44.39 17.90 -5.13
CA GLY B 229 44.65 16.85 -4.15
C GLY B 229 45.53 17.23 -2.99
N ILE B 230 45.37 18.44 -2.45
CA ILE B 230 46.23 18.96 -1.39
C ILE B 230 45.40 19.13 -0.13
N ASN B 231 45.94 18.65 1.00
CA ASN B 231 45.33 18.85 2.30
C ASN B 231 45.58 20.29 2.75
N ILE B 232 44.60 21.16 2.52
CA ILE B 232 44.73 22.59 2.78
C ILE B 232 43.77 22.96 3.89
N THR B 233 44.31 23.55 4.97
CA THR B 233 43.49 24.02 6.09
C THR B 233 43.60 25.52 6.32
N ARG B 234 44.40 26.23 5.53
CA ARG B 234 44.62 27.65 5.75
C ARG B 234 44.96 28.32 4.43
N PHE B 235 44.69 29.62 4.35
CA PHE B 235 44.94 30.38 3.14
C PHE B 235 45.28 31.82 3.50
N GLN B 236 45.71 32.58 2.49
CA GLN B 236 46.12 33.96 2.68
C GLN B 236 46.04 34.63 1.32
N THR B 237 45.80 35.94 1.31
CA THR B 237 45.60 36.67 0.07
C THR B 237 46.72 37.68 -0.15
N LEU B 238 46.95 38.01 -1.42
CA LEU B 238 48.08 38.82 -1.83
C LEU B 238 47.65 40.23 -2.17
N LEU B 239 48.52 41.19 -1.91
CA LEU B 239 48.26 42.60 -2.17
C LEU B 239 49.41 43.21 -2.93
N ALA B 240 49.07 44.06 -3.91
CA ALA B 240 50.09 44.80 -4.66
C ALA B 240 50.70 45.88 -3.77
N LEU B 241 52.01 45.81 -3.57
CA LEU B 241 52.71 46.68 -2.64
C LEU B 241 53.79 47.47 -3.36
N HIS B 242 53.98 48.71 -2.91
CA HIS B 242 55.05 49.56 -3.42
C HIS B 242 56.39 49.15 -2.81
N ALA B 260 40.97 50.16 -1.04
CA ALA B 260 40.43 48.85 -1.37
C ALA B 260 39.80 48.21 -0.15
N ALA B 261 38.78 47.36 -0.36
CA ALA B 261 38.22 46.63 0.77
C ALA B 261 37.82 45.24 0.33
N TYR B 262 37.98 44.27 1.23
CA TYR B 262 37.59 42.90 0.92
C TYR B 262 36.88 42.26 2.11
N TYR B 263 36.15 41.19 1.80
CA TYR B 263 35.28 40.50 2.74
C TYR B 263 35.51 39.00 2.61
N VAL B 264 35.62 38.33 3.75
CA VAL B 264 35.82 36.89 3.81
C VAL B 264 34.62 36.28 4.53
N GLY B 265 33.97 35.32 3.88
CA GLY B 265 32.91 34.56 4.50
C GLY B 265 33.19 33.08 4.37
N TYR B 266 32.65 32.32 5.33
CA TYR B 266 32.90 30.88 5.41
C TYR B 266 31.64 30.12 5.09
N LEU B 267 31.75 29.16 4.16
CA LEU B 267 30.60 28.39 3.72
C LEU B 267 30.18 27.38 4.78
N GLN B 268 28.90 27.00 4.73
CA GLN B 268 28.35 25.96 5.56
C GLN B 268 27.51 25.03 4.69
N PRO B 269 27.40 23.74 5.05
CA PRO B 269 26.50 22.86 4.29
C PRO B 269 25.04 23.17 4.56
N ARG B 270 24.37 23.79 3.58
CA ARG B 270 23.01 24.27 3.77
C ARG B 270 22.09 23.70 2.69
N THR B 271 20.81 23.62 3.03
CA THR B 271 19.76 23.26 2.09
C THR B 271 19.12 24.54 1.56
N PHE B 272 19.13 24.70 0.24
CA PHE B 272 18.65 25.90 -0.41
C PHE B 272 17.54 25.57 -1.39
N LEU B 273 16.52 26.43 -1.44
CA LEU B 273 15.49 26.36 -2.46
C LEU B 273 15.79 27.44 -3.49
N LEU B 274 16.05 27.03 -4.74
CA LEU B 274 16.44 27.94 -5.81
C LEU B 274 15.32 28.04 -6.83
N LYS B 275 15.01 29.25 -7.26
CA LYS B 275 14.00 29.50 -8.28
C LYS B 275 14.68 29.69 -9.62
N TYR B 276 14.25 28.91 -10.62
CA TYR B 276 14.77 28.99 -11.98
C TYR B 276 13.67 29.58 -12.86
N ASN B 277 14.00 30.67 -13.56
CA ASN B 277 13.04 31.39 -14.38
C ASN B 277 12.93 30.72 -15.76
N GLU B 278 12.32 31.42 -16.71
CA GLU B 278 12.20 30.91 -18.07
C GLU B 278 13.54 30.88 -18.81
N ASN B 279 14.53 31.63 -18.36
CA ASN B 279 15.84 31.69 -19.00
C ASN B 279 16.90 30.92 -18.22
N GLY B 280 16.52 30.16 -17.20
CA GLY B 280 17.49 29.39 -16.44
C GLY B 280 18.33 30.18 -15.49
N THR B 281 17.89 31.38 -15.11
CA THR B 281 18.64 32.23 -14.20
C THR B 281 18.11 32.04 -12.78
N ILE B 282 19.02 31.87 -11.83
CA ILE B 282 18.66 31.75 -10.42
C ILE B 282 18.21 33.11 -9.93
N THR B 283 16.90 33.30 -9.79
CA THR B 283 16.34 34.61 -9.48
C THR B 283 16.09 34.83 -8.00
N ASP B 284 15.88 33.75 -7.24
CA ASP B 284 15.65 33.88 -5.81
C ASP B 284 16.06 32.59 -5.12
N ALA B 285 16.40 32.72 -3.83
CA ALA B 285 16.81 31.57 -3.03
C ALA B 285 16.20 31.69 -1.64
N VAL B 286 15.98 30.53 -1.02
CA VAL B 286 15.43 30.44 0.33
C VAL B 286 16.35 29.53 1.14
N ASP B 287 16.85 30.04 2.26
CA ASP B 287 17.66 29.25 3.19
C ASP B 287 16.71 28.50 4.13
N CYS B 288 16.69 27.17 4.00
CA CYS B 288 15.68 26.37 4.67
C CYS B 288 15.92 26.20 6.16
N ALA B 289 17.06 26.64 6.70
CA ALA B 289 17.37 26.48 8.12
C ALA B 289 17.62 27.81 8.82
N LEU B 290 17.15 28.92 8.25
CA LEU B 290 17.37 30.22 8.87
C LEU B 290 16.35 30.52 9.96
N ASP B 291 15.08 30.59 9.58
CA ASP B 291 13.99 30.93 10.47
C ASP B 291 12.79 30.06 10.11
N PRO B 292 11.82 29.91 11.03
CA PRO B 292 10.64 29.06 10.75
C PRO B 292 9.81 29.48 9.53
N LEU B 293 9.78 30.77 9.18
CA LEU B 293 9.06 31.18 7.97
C LEU B 293 9.71 30.62 6.71
N SER B 294 11.04 30.68 6.63
CA SER B 294 11.72 30.10 5.47
C SER B 294 11.71 28.58 5.52
N GLU B 295 11.67 27.98 6.73
CA GLU B 295 11.50 26.54 6.81
C GLU B 295 10.13 26.11 6.31
N THR B 296 9.09 26.88 6.61
CA THR B 296 7.75 26.59 6.11
C THR B 296 7.68 26.80 4.59
N LYS B 297 8.40 27.81 4.09
CA LYS B 297 8.51 28.00 2.64
C LYS B 297 9.22 26.83 1.98
N CYS B 298 10.24 26.27 2.64
CA CYS B 298 10.95 25.11 2.11
C CYS B 298 10.11 23.85 2.17
N THR B 299 9.31 23.69 3.22
CA THR B 299 8.45 22.52 3.36
C THR B 299 7.30 22.54 2.36
N LEU B 300 6.69 23.71 2.17
CA LEU B 300 5.62 23.84 1.18
C LEU B 300 6.13 23.86 -0.25
N LYS B 301 7.45 24.01 -0.45
CA LYS B 301 8.10 24.16 -1.76
C LYS B 301 7.50 25.31 -2.56
N SER B 302 7.23 26.42 -1.87
CA SER B 302 6.66 27.59 -2.50
C SER B 302 7.15 28.84 -1.77
N PHE B 303 7.21 29.94 -2.50
CA PHE B 303 7.72 31.20 -1.95
C PHE B 303 6.66 31.99 -1.20
N THR B 304 5.38 31.64 -1.32
CA THR B 304 4.29 32.36 -0.68
C THR B 304 3.52 31.38 0.19
N VAL B 305 3.40 31.71 1.48
CA VAL B 305 2.76 30.86 2.47
C VAL B 305 1.42 31.48 2.83
N GLU B 306 0.35 30.72 2.66
CA GLU B 306 -0.98 31.19 3.01
C GLU B 306 -1.20 31.12 4.53
N LYS B 307 -2.34 31.66 4.96
CA LYS B 307 -2.67 31.72 6.37
C LYS B 307 -3.05 30.34 6.90
N GLY B 308 -2.49 29.96 8.04
CA GLY B 308 -2.86 28.72 8.67
C GLY B 308 -1.74 28.18 9.54
N ILE B 309 -1.92 26.93 9.96
CA ILE B 309 -0.94 26.22 10.78
C ILE B 309 -0.27 25.17 9.89
N TYR B 310 1.06 25.10 9.96
CA TYR B 310 1.84 24.18 9.15
C TYR B 310 2.87 23.46 10.01
N GLN B 311 3.00 22.16 9.80
CA GLN B 311 3.94 21.33 10.53
C GLN B 311 5.21 21.17 9.68
N THR B 312 6.36 21.43 10.29
CA THR B 312 7.63 21.45 9.57
C THR B 312 8.55 20.30 9.94
N SER B 313 8.87 20.12 11.22
CA SER B 313 9.82 19.10 11.63
C SER B 313 9.47 18.64 13.04
N ASN B 314 10.41 17.92 13.66
CA ASN B 314 10.25 17.40 15.01
C ASN B 314 11.22 18.09 15.95
N PHE B 315 11.01 17.88 17.25
CA PHE B 315 11.82 18.56 18.26
C PHE B 315 13.17 17.87 18.37
N ARG B 316 13.17 16.60 18.81
CA ARG B 316 14.32 15.68 18.80
C ARG B 316 15.52 16.25 19.58
N VAL B 317 15.34 16.32 20.91
CA VAL B 317 16.44 16.66 21.79
C VAL B 317 17.53 15.61 21.68
N GLN B 318 18.78 16.06 21.53
CA GLN B 318 19.89 15.19 21.24
C GLN B 318 20.89 15.17 22.38
N PRO B 319 21.58 14.05 22.62
CA PRO B 319 22.60 14.00 23.67
C PRO B 319 23.96 14.44 23.15
N THR B 320 24.85 14.71 24.10
CA THR B 320 26.24 15.02 23.81
C THR B 320 27.23 14.16 24.59
N GLU B 321 26.78 13.36 25.55
CA GLU B 321 27.65 12.62 26.45
C GLU B 321 27.40 11.12 26.30
N SER B 322 28.45 10.34 26.55
CA SER B 322 28.39 8.89 26.46
C SER B 322 28.80 8.28 27.79
N ILE B 323 27.98 7.36 28.29
CA ILE B 323 28.27 6.61 29.50
C ILE B 323 28.50 5.16 29.11
N VAL B 324 29.60 4.59 29.55
CA VAL B 324 29.92 3.18 29.33
C VAL B 324 30.06 2.52 30.69
N ARG B 325 29.28 1.47 30.95
CA ARG B 325 29.31 0.85 32.25
C ARG B 325 29.40 -0.67 32.15
N PHE B 326 30.31 -1.22 32.95
CA PHE B 326 30.71 -2.62 32.92
C PHE B 326 31.10 -3.01 34.34
N PRO B 327 31.04 -4.30 34.67
CA PRO B 327 31.61 -4.74 35.95
C PRO B 327 33.12 -4.60 35.97
N ASN B 328 33.68 -4.44 37.17
CA ASN B 328 35.11 -4.21 37.30
C ASN B 328 35.93 -5.49 37.43
N ILE B 329 35.34 -6.64 37.14
CA ILE B 329 36.14 -7.85 37.10
C ILE B 329 36.83 -7.89 35.75
N THR B 330 37.98 -7.23 35.68
CA THR B 330 38.79 -7.19 34.46
C THR B 330 39.51 -8.52 34.25
N ASN B 331 39.70 -9.29 35.33
CA ASN B 331 40.44 -10.55 35.35
C ASN B 331 41.87 -10.36 34.83
N LEU B 332 42.64 -9.63 35.65
CA LEU B 332 44.06 -9.43 35.43
C LEU B 332 44.77 -10.78 35.39
N CYS B 333 45.29 -11.13 34.21
CA CYS B 333 45.88 -12.44 33.99
C CYS B 333 47.20 -12.57 34.76
N PRO B 334 47.53 -13.77 35.26
CA PRO B 334 48.77 -13.92 36.03
C PRO B 334 50.02 -13.88 35.18
N PHE B 335 50.37 -12.69 34.68
CA PHE B 335 51.64 -12.49 33.98
C PHE B 335 52.82 -12.43 34.94
N ASP B 336 52.56 -12.17 36.22
CA ASP B 336 53.64 -12.11 37.21
C ASP B 336 54.23 -13.48 37.49
N GLU B 337 53.44 -14.54 37.31
CA GLU B 337 53.95 -15.90 37.47
C GLU B 337 54.80 -16.35 36.28
N VAL B 338 54.70 -15.66 35.15
CA VAL B 338 55.49 -16.00 33.96
C VAL B 338 56.65 -15.02 33.84
N PHE B 339 56.34 -13.73 33.79
CA PHE B 339 57.35 -12.69 33.64
C PHE B 339 58.10 -12.47 34.95
N VAL B 347 64.44 -25.31 28.90
CA VAL B 347 64.84 -25.09 27.52
C VAL B 347 64.04 -26.01 26.60
N TYR B 348 64.00 -27.29 26.94
CA TYR B 348 63.30 -28.30 26.15
C TYR B 348 61.91 -28.59 26.69
N ALA B 349 61.80 -28.87 27.99
CA ALA B 349 60.51 -28.92 28.67
C ALA B 349 60.06 -27.48 28.88
N TRP B 350 59.05 -27.06 28.12
CA TRP B 350 58.62 -25.66 28.14
C TRP B 350 57.93 -25.30 29.45
N ASN B 351 58.07 -24.03 29.81
CA ASN B 351 57.22 -23.40 30.83
C ASN B 351 56.02 -22.73 30.18
N ARG B 352 55.31 -23.49 29.35
CA ARG B 352 54.18 -22.97 28.59
C ARG B 352 52.96 -22.95 29.49
N LYS B 353 52.49 -21.75 29.82
CA LYS B 353 51.34 -21.57 30.70
C LYS B 353 50.15 -21.14 29.86
N ARG B 354 49.08 -21.92 29.90
CA ARG B 354 47.86 -21.62 29.14
C ARG B 354 47.12 -20.49 29.85
N ILE B 355 47.53 -19.27 29.54
CA ILE B 355 46.88 -18.08 30.10
C ILE B 355 45.56 -17.89 29.36
N SER B 356 44.45 -18.17 30.05
CA SER B 356 43.13 -18.13 29.43
C SER B 356 42.10 -17.77 30.49
N ASN B 357 40.85 -17.63 30.03
CA ASN B 357 39.69 -17.26 30.85
C ASN B 357 39.88 -15.93 31.58
N CYS B 358 40.61 -15.01 30.95
CA CYS B 358 40.90 -13.71 31.55
C CYS B 358 41.27 -12.75 30.43
N VAL B 359 41.13 -11.46 30.72
CA VAL B 359 41.48 -10.41 29.77
C VAL B 359 42.91 -9.96 30.05
N ALA B 360 43.78 -10.10 29.06
CA ALA B 360 45.19 -9.83 29.24
C ALA B 360 45.48 -8.34 29.11
N ASP B 361 46.29 -7.81 30.03
CA ASP B 361 46.70 -6.42 30.03
C ASP B 361 48.21 -6.38 29.79
N TYR B 362 48.59 -6.16 28.54
CA TYR B 362 50.00 -6.01 28.18
C TYR B 362 50.52 -4.60 28.42
N SER B 363 49.65 -3.66 28.83
CA SER B 363 50.07 -2.29 29.10
C SER B 363 50.98 -2.22 30.32
N VAL B 364 50.82 -3.15 31.27
CA VAL B 364 51.72 -3.22 32.43
C VAL B 364 53.14 -3.54 31.98
N LEU B 365 53.29 -4.56 31.13
CA LEU B 365 54.61 -4.93 30.63
C LEU B 365 55.17 -3.87 29.68
N TYR B 366 54.29 -3.16 28.95
CA TYR B 366 54.77 -2.11 28.06
C TYR B 366 55.21 -0.86 28.83
N ASN B 367 54.56 -0.55 29.96
CA ASN B 367 54.80 0.71 30.64
C ASN B 367 55.78 0.63 31.80
N LEU B 368 55.90 -0.51 32.48
CA LEU B 368 56.86 -0.57 33.58
C LEU B 368 58.30 -0.65 33.06
N ALA B 369 59.22 -0.30 33.97
CA ALA B 369 60.62 -0.04 33.61
C ALA B 369 61.42 -1.21 33.03
N PRO B 370 61.45 -2.42 33.64
CA PRO B 370 62.53 -3.36 33.23
C PRO B 370 62.36 -3.98 31.86
N PHE B 371 61.14 -4.28 31.43
CA PHE B 371 60.95 -4.95 30.15
C PHE B 371 61.19 -3.98 29.00
N PHE B 372 61.97 -4.41 28.01
CA PHE B 372 62.50 -3.52 26.98
C PHE B 372 62.00 -3.83 25.58
N THR B 373 62.10 -5.08 25.13
CA THR B 373 61.73 -5.44 23.77
C THR B 373 60.23 -5.69 23.68
N PHE B 374 59.60 -5.13 22.65
CA PHE B 374 58.15 -5.25 22.45
C PHE B 374 57.83 -5.57 20.99
N LYS B 375 58.57 -6.52 20.41
CA LYS B 375 58.27 -6.95 19.05
C LYS B 375 57.01 -7.80 19.02
N CYS B 376 56.22 -7.64 17.97
CA CYS B 376 54.97 -8.38 17.81
C CYS B 376 54.79 -8.76 16.35
N TYR B 377 54.27 -9.98 16.13
CA TYR B 377 54.05 -10.50 14.80
C TYR B 377 52.63 -11.04 14.71
N GLY B 378 52.02 -10.90 13.54
CA GLY B 378 50.64 -11.29 13.31
C GLY B 378 49.64 -10.20 13.62
N VAL B 379 49.83 -9.49 14.75
CA VAL B 379 49.01 -8.36 15.14
C VAL B 379 49.93 -7.18 15.44
N SER B 380 49.32 -6.00 15.46
CA SER B 380 50.09 -4.80 15.80
C SER B 380 50.44 -4.80 17.29
N PRO B 381 51.62 -4.30 17.66
CA PRO B 381 51.99 -4.28 19.09
C PRO B 381 51.18 -3.32 19.94
N THR B 382 50.49 -2.35 19.34
CA THR B 382 49.70 -1.39 20.10
C THR B 382 48.25 -1.81 20.29
N LYS B 383 47.80 -2.88 19.63
CA LYS B 383 46.42 -3.33 19.72
C LYS B 383 46.22 -4.45 20.73
N LEU B 384 47.28 -4.85 21.44
CA LEU B 384 47.26 -6.04 22.28
C LEU B 384 46.25 -5.93 23.42
N ASN B 385 46.19 -4.77 24.07
CA ASN B 385 45.22 -4.52 25.12
C ASN B 385 43.78 -4.53 24.63
N ASP B 386 43.57 -4.36 23.33
CA ASP B 386 42.23 -4.46 22.75
C ASP B 386 41.95 -5.85 22.21
N LEU B 387 42.87 -6.80 22.33
CA LEU B 387 42.75 -8.10 21.67
C LEU B 387 42.46 -9.19 22.68
N CYS B 388 41.55 -10.09 22.32
CA CYS B 388 41.12 -11.20 23.16
C CYS B 388 41.66 -12.51 22.60
N PHE B 389 41.87 -13.48 23.49
CA PHE B 389 42.53 -14.73 23.15
C PHE B 389 41.76 -15.92 23.70
N THR B 390 41.83 -17.03 22.97
CA THR B 390 41.41 -18.32 23.53
C THR B 390 42.48 -18.86 24.46
N ASN B 391 43.76 -18.67 24.11
CA ASN B 391 44.88 -19.09 24.94
C ASN B 391 46.07 -18.21 24.63
N VAL B 392 46.78 -17.79 25.68
CA VAL B 392 48.01 -17.02 25.55
C VAL B 392 49.15 -17.93 25.95
N TYR B 393 49.86 -18.47 24.95
CA TYR B 393 50.97 -19.39 25.20
C TYR B 393 52.21 -18.57 25.50
N ALA B 394 52.54 -18.44 26.78
CA ALA B 394 53.69 -17.68 27.24
C ALA B 394 54.82 -18.64 27.57
N ASP B 395 55.97 -18.45 26.96
CA ASP B 395 57.14 -19.31 27.14
C ASP B 395 58.29 -18.46 27.65
N SER B 396 58.39 -18.32 28.97
CA SER B 396 59.47 -17.56 29.59
C SER B 396 60.76 -18.37 29.51
N PHE B 397 61.77 -17.81 28.85
CA PHE B 397 63.00 -18.52 28.55
C PHE B 397 64.20 -17.68 28.98
N VAL B 398 65.38 -18.31 28.94
CA VAL B 398 66.65 -17.64 29.15
C VAL B 398 67.48 -17.87 27.88
N ILE B 399 67.58 -16.84 27.04
CA ILE B 399 68.17 -16.96 25.72
C ILE B 399 69.36 -16.01 25.62
N ARG B 400 70.48 -16.52 25.12
CA ARG B 400 71.64 -15.68 24.78
C ARG B 400 71.28 -14.73 23.64
N GLY B 401 71.85 -13.52 23.70
CA GLY B 401 71.44 -12.43 22.81
C GLY B 401 71.70 -12.70 21.34
N ASP B 402 72.78 -13.42 21.02
CA ASP B 402 73.03 -13.84 19.65
C ASP B 402 71.97 -14.79 19.13
N GLU B 403 71.28 -15.51 20.02
CA GLU B 403 70.11 -16.29 19.66
C GLU B 403 68.79 -15.54 19.88
N VAL B 404 68.81 -14.46 20.67
CA VAL B 404 67.65 -13.56 20.73
C VAL B 404 67.45 -12.88 19.39
N ARG B 405 68.55 -12.53 18.71
CA ARG B 405 68.46 -11.96 17.36
C ARG B 405 67.89 -12.92 16.33
N GLN B 406 67.90 -14.23 16.60
CA GLN B 406 67.35 -15.22 15.69
C GLN B 406 65.88 -15.54 15.95
N ILE B 407 65.30 -15.02 17.03
CA ILE B 407 63.89 -15.27 17.34
C ILE B 407 63.05 -14.33 16.48
N ALA B 408 62.58 -14.83 15.35
CA ALA B 408 61.77 -14.06 14.41
C ALA B 408 60.98 -15.05 13.56
N PRO B 409 59.86 -14.61 12.98
CA PRO B 409 59.13 -15.48 12.04
C PRO B 409 59.92 -15.70 10.76
N GLY B 410 60.29 -16.97 10.53
CA GLY B 410 60.98 -17.35 9.32
C GLY B 410 62.50 -17.23 9.36
N GLN B 411 63.07 -16.74 10.45
CA GLN B 411 64.52 -16.59 10.56
C GLN B 411 65.14 -17.85 11.14
N THR B 412 66.28 -18.25 10.56
CA THR B 412 67.03 -19.41 11.04
C THR B 412 67.97 -18.97 12.15
N GLY B 413 68.90 -19.85 12.52
CA GLY B 413 69.88 -19.59 13.55
C GLY B 413 70.07 -20.81 14.42
N ASN B 414 70.79 -20.62 15.54
CA ASN B 414 71.15 -21.73 16.40
C ASN B 414 69.93 -22.32 17.11
N ILE B 415 69.27 -21.52 17.95
CA ILE B 415 68.06 -21.99 18.63
C ILE B 415 66.91 -22.16 17.64
N ALA B 416 66.78 -21.22 16.69
CA ALA B 416 65.71 -21.26 15.71
C ALA B 416 65.85 -22.41 14.71
N ASP B 417 67.00 -23.07 14.65
CA ASP B 417 67.19 -24.25 13.81
C ASP B 417 67.31 -25.55 14.58
N TYR B 418 67.84 -25.53 15.80
CA TYR B 418 68.14 -26.75 16.52
C TYR B 418 67.24 -26.99 17.73
N ASN B 419 66.70 -25.94 18.36
CA ASN B 419 65.83 -26.15 19.53
C ASN B 419 64.37 -26.22 19.10
N TYR B 420 63.85 -25.12 18.57
CA TYR B 420 62.45 -25.04 18.16
C TYR B 420 62.33 -24.07 17.00
N LYS B 421 61.24 -24.18 16.24
CA LYS B 421 61.02 -23.39 15.04
C LYS B 421 59.77 -22.55 15.16
N LEU B 422 59.75 -21.44 14.42
CA LEU B 422 58.62 -20.54 14.32
C LEU B 422 58.21 -20.37 12.86
N PRO B 423 56.92 -20.32 12.57
CA PRO B 423 56.47 -20.22 11.17
C PRO B 423 56.65 -18.81 10.63
N ASP B 424 56.55 -18.72 9.29
CA ASP B 424 56.62 -17.41 8.63
C ASP B 424 55.38 -16.58 8.92
N ASP B 425 54.25 -17.23 9.20
CA ASP B 425 53.00 -16.55 9.55
C ASP B 425 52.74 -16.62 11.05
N PHE B 426 53.79 -16.48 11.85
CA PHE B 426 53.68 -16.60 13.30
C PHE B 426 52.90 -15.44 13.89
N THR B 427 51.93 -15.75 14.74
CA THR B 427 51.11 -14.75 15.44
C THR B 427 51.52 -14.77 16.91
N GLY B 428 52.27 -13.75 17.32
CA GLY B 428 52.71 -13.68 18.70
C GLY B 428 53.59 -12.48 18.93
N CYS B 429 54.03 -12.35 20.19
CA CYS B 429 54.89 -11.25 20.61
C CYS B 429 56.06 -11.79 21.42
N VAL B 430 57.18 -11.08 21.36
CA VAL B 430 58.41 -11.46 22.04
C VAL B 430 58.82 -10.31 22.95
N ILE B 431 58.96 -10.59 24.24
CA ILE B 431 59.40 -9.61 25.24
C ILE B 431 60.66 -10.14 25.90
N ALA B 432 61.73 -9.35 25.89
CA ALA B 432 63.02 -9.78 26.38
C ALA B 432 63.72 -8.66 27.15
N TRP B 433 64.55 -9.06 28.11
CA TRP B 433 65.40 -8.16 28.87
C TRP B 433 66.54 -8.96 29.51
N ASN B 434 67.70 -8.30 29.63
CA ASN B 434 68.88 -8.93 30.22
C ASN B 434 68.65 -9.27 31.68
N SER B 435 69.02 -10.49 32.06
CA SER B 435 68.81 -11.04 33.39
C SER B 435 70.10 -11.67 33.90
N ASN B 436 71.19 -10.88 33.84
CA ASN B 436 72.50 -11.37 34.24
C ASN B 436 72.55 -11.74 35.72
N LYS B 437 71.96 -10.91 36.58
CA LYS B 437 71.98 -11.16 38.02
C LYS B 437 71.11 -12.33 38.45
N LEU B 438 70.22 -12.82 37.57
CA LEU B 438 69.38 -13.95 37.89
C LEU B 438 69.75 -15.22 37.13
N ASP B 439 70.46 -15.11 36.01
CA ASP B 439 70.78 -16.27 35.18
C ASP B 439 72.26 -16.36 34.81
N SER B 440 73.13 -15.61 35.49
CA SER B 440 74.57 -15.66 35.24
C SER B 440 75.27 -16.12 36.51
N LYS B 441 76.18 -17.08 36.37
CA LYS B 441 76.89 -17.66 37.49
C LYS B 441 78.40 -17.54 37.27
N VAL B 442 79.14 -17.65 38.37
CA VAL B 442 80.60 -17.64 38.29
C VAL B 442 81.08 -18.94 37.66
N SER B 443 82.07 -18.82 36.76
CA SER B 443 82.61 -19.91 35.95
C SER B 443 81.53 -20.61 35.13
N GLY B 444 80.59 -19.82 34.61
CA GLY B 444 79.58 -20.33 33.70
C GLY B 444 78.30 -20.80 34.36
N ASN B 445 77.18 -20.61 33.68
CA ASN B 445 75.88 -21.11 34.12
C ASN B 445 75.55 -22.36 33.30
N TYR B 446 75.43 -23.50 33.97
CA TYR B 446 75.19 -24.77 33.31
C TYR B 446 73.78 -25.31 33.52
N ASN B 447 72.88 -24.48 34.04
CA ASN B 447 71.49 -24.90 34.22
C ASN B 447 70.72 -24.91 32.91
N TYR B 448 71.19 -24.20 31.89
CA TYR B 448 70.55 -24.15 30.59
C TYR B 448 71.48 -24.78 29.56
N LEU B 449 70.97 -25.78 28.84
CA LEU B 449 71.73 -26.49 27.83
C LEU B 449 71.04 -26.32 26.48
N TYR B 450 71.84 -26.12 25.44
CA TYR B 450 71.33 -25.80 24.11
C TYR B 450 71.89 -26.81 23.12
N ARG B 451 71.43 -26.73 21.88
CA ARG B 451 71.82 -27.67 20.84
C ARG B 451 72.53 -26.95 19.71
N LEU B 452 73.70 -27.47 19.33
CA LEU B 452 74.41 -26.99 18.15
C LEU B 452 74.48 -28.04 17.06
N PHE B 453 73.90 -29.22 17.26
CA PHE B 453 73.84 -30.27 16.26
C PHE B 453 72.43 -30.83 16.19
N ARG B 454 72.01 -31.19 14.99
CA ARG B 454 70.73 -31.85 14.75
C ARG B 454 70.83 -32.59 13.41
N LYS B 455 70.12 -33.73 13.33
CA LYS B 455 70.09 -34.54 12.11
C LYS B 455 69.46 -33.78 10.94
N SER B 456 68.36 -33.06 11.18
CA SER B 456 67.65 -32.36 10.11
C SER B 456 66.93 -31.15 10.68
N ASN B 457 66.76 -30.13 9.83
CA ASN B 457 66.17 -28.87 10.25
C ASN B 457 64.70 -29.03 10.61
N LEU B 458 64.25 -28.19 11.55
CA LEU B 458 62.98 -28.38 12.22
C LEU B 458 61.81 -27.72 11.50
N LYS B 459 60.63 -28.01 12.00
CA LYS B 459 59.33 -27.47 11.61
C LYS B 459 58.67 -26.91 12.86
N PRO B 460 57.82 -25.89 12.72
CA PRO B 460 57.27 -25.20 13.92
C PRO B 460 56.37 -26.09 14.77
N PHE B 461 56.48 -25.88 16.09
CA PHE B 461 55.68 -26.56 17.12
C PHE B 461 55.82 -28.08 17.06
N GLU B 462 57.05 -28.56 16.91
CA GLU B 462 57.35 -29.98 16.91
C GLU B 462 57.96 -30.33 18.26
N ARG B 463 57.21 -31.06 19.08
CA ARG B 463 57.63 -31.41 20.44
C ARG B 463 58.75 -32.43 20.39
N ASP B 464 59.99 -31.95 20.51
CA ASP B 464 61.18 -32.78 20.41
C ASP B 464 62.05 -32.57 21.65
N ILE B 465 62.00 -33.53 22.57
CA ILE B 465 62.87 -33.56 23.74
C ILE B 465 63.61 -34.88 23.73
N SER B 466 64.90 -34.84 23.39
CA SER B 466 65.70 -36.05 23.30
C SER B 466 67.14 -35.72 23.62
N THR B 467 67.89 -36.75 24.04
CA THR B 467 69.30 -36.59 24.37
C THR B 467 70.15 -37.66 23.70
N GLU B 468 69.66 -38.27 22.62
CA GLU B 468 70.38 -39.35 21.96
C GLU B 468 71.59 -38.82 21.19
N ILE B 469 72.61 -39.66 21.08
CA ILE B 469 73.88 -39.28 20.48
C ILE B 469 73.73 -39.21 18.96
N TYR B 470 74.10 -38.07 18.39
CA TYR B 470 74.11 -37.91 16.94
C TYR B 470 75.40 -38.50 16.37
N GLN B 471 75.25 -39.40 15.41
CA GLN B 471 76.36 -40.14 14.82
C GLN B 471 76.74 -39.51 13.49
N ALA B 472 78.00 -39.13 13.34
CA ALA B 472 78.50 -38.54 12.11
C ALA B 472 79.56 -39.37 11.42
N GLY B 473 80.36 -40.13 12.17
CA GLY B 473 81.39 -40.96 11.59
C GLY B 473 80.90 -42.34 11.20
N ASN B 474 81.81 -43.10 10.58
CA ASN B 474 81.48 -44.46 10.17
C ASN B 474 81.42 -45.43 11.35
N LYS B 475 82.12 -45.12 12.43
CA LYS B 475 82.11 -45.99 13.61
C LYS B 475 80.78 -45.84 14.35
N PRO B 476 80.06 -46.92 14.62
CA PRO B 476 78.81 -46.83 15.39
C PRO B 476 79.10 -46.49 16.85
N CYS B 477 78.54 -45.37 17.31
CA CYS B 477 78.79 -44.92 18.68
C CYS B 477 78.02 -45.76 19.68
N ASN B 478 76.68 -45.72 19.59
CA ASN B 478 75.74 -46.53 20.38
C ASN B 478 75.92 -46.33 21.89
N GLY B 479 75.70 -45.09 22.33
CA GLY B 479 75.75 -44.77 23.74
C GLY B 479 77.09 -44.31 24.26
N VAL B 480 78.13 -44.32 23.43
CA VAL B 480 79.46 -43.86 23.81
C VAL B 480 79.79 -42.64 22.95
N ALA B 481 80.08 -41.52 23.59
CA ALA B 481 80.29 -40.26 22.89
C ALA B 481 81.75 -40.14 22.43
N GLY B 482 82.05 -39.01 21.79
CA GLY B 482 83.37 -38.76 21.27
C GLY B 482 83.28 -37.84 20.07
N PHE B 483 84.39 -37.77 19.33
CA PHE B 483 84.42 -36.99 18.09
C PHE B 483 83.63 -37.72 17.03
N ASN B 484 82.74 -36.98 16.35
CA ASN B 484 81.69 -37.50 15.44
C ASN B 484 80.77 -38.50 16.14
N CYS B 485 80.61 -38.34 17.45
CA CYS B 485 79.69 -39.10 18.27
C CYS B 485 79.00 -38.12 19.23
N TYR B 486 78.48 -37.03 18.67
CA TYR B 486 78.27 -35.82 19.43
C TYR B 486 77.01 -35.88 20.29
N PHE B 487 77.11 -35.35 21.51
CA PHE B 487 75.95 -35.07 22.32
C PHE B 487 75.17 -33.90 21.73
N PRO B 488 73.85 -33.86 21.95
CA PRO B 488 73.11 -32.65 21.58
C PRO B 488 73.37 -31.48 22.52
N LEU B 489 73.62 -31.75 23.80
CA LEU B 489 73.61 -30.72 24.83
C LEU B 489 74.99 -30.09 24.93
N ARG B 490 75.05 -28.77 24.75
CA ARG B 490 76.25 -27.98 25.01
C ARG B 490 75.85 -26.71 25.76
N SER B 491 76.77 -26.21 26.57
CA SER B 491 76.49 -25.10 27.48
C SER B 491 77.08 -23.81 26.94
N TYR B 492 76.29 -22.75 26.94
CA TYR B 492 76.82 -21.42 26.65
C TYR B 492 77.59 -20.85 27.83
N SER B 493 77.33 -21.34 29.05
CA SER B 493 78.08 -21.05 30.27
C SER B 493 78.07 -19.54 30.59
N PHE B 494 76.87 -19.05 30.90
CA PHE B 494 76.64 -17.62 31.12
C PHE B 494 77.44 -17.09 32.31
N ARG B 495 78.08 -15.95 32.10
CA ARG B 495 78.91 -15.28 33.08
C ARG B 495 78.53 -13.80 33.15
N PRO B 496 78.75 -13.15 34.31
CA PRO B 496 78.46 -11.71 34.39
C PRO B 496 79.39 -10.83 33.58
N THR B 497 80.54 -11.34 33.13
CA THR B 497 81.51 -10.55 32.41
C THR B 497 81.31 -10.58 30.89
N TYR B 498 80.27 -11.24 30.40
CA TYR B 498 80.05 -11.33 28.96
C TYR B 498 79.52 -10.02 28.39
N GLY B 499 79.71 -9.87 27.08
CA GLY B 499 79.14 -8.76 26.34
C GLY B 499 77.66 -8.96 26.05
N VAL B 500 77.08 -7.96 25.40
CA VAL B 500 75.63 -7.91 25.18
C VAL B 500 75.18 -9.01 24.24
N GLY B 501 76.02 -9.35 23.25
CA GLY B 501 75.69 -10.45 22.35
C GLY B 501 75.73 -11.80 23.03
N HIS B 502 76.54 -11.94 24.09
CA HIS B 502 76.63 -13.17 24.86
C HIS B 502 75.86 -13.08 26.18
N GLN B 503 75.25 -11.94 26.48
CA GLN B 503 74.46 -11.82 27.70
C GLN B 503 73.14 -12.57 27.55
N PRO B 504 72.66 -13.24 28.60
CA PRO B 504 71.35 -13.89 28.53
C PRO B 504 70.22 -12.89 28.66
N TYR B 505 69.15 -13.15 27.91
CA TYR B 505 67.93 -12.36 27.97
C TYR B 505 66.81 -13.21 28.55
N ARG B 506 65.94 -12.60 29.34
CA ARG B 506 64.73 -13.28 29.83
C ARG B 506 63.65 -13.10 28.77
N VAL B 507 63.58 -14.04 27.85
CA VAL B 507 62.71 -13.95 26.68
C VAL B 507 61.41 -14.69 26.96
N VAL B 508 60.30 -13.98 26.85
CA VAL B 508 58.97 -14.59 26.92
C VAL B 508 58.33 -14.45 25.55
N VAL B 509 58.13 -15.59 24.88
CA VAL B 509 57.50 -15.62 23.57
C VAL B 509 56.01 -15.83 23.79
N LEU B 510 55.24 -14.75 23.71
CA LEU B 510 53.80 -14.79 23.95
C LEU B 510 53.12 -15.27 22.67
N SER B 511 53.12 -16.58 22.48
CA SER B 511 52.50 -17.18 21.30
C SER B 511 50.98 -17.09 21.42
N PHE B 512 50.34 -16.65 20.34
CA PHE B 512 48.90 -16.41 20.35
C PHE B 512 48.15 -17.53 19.64
N PRO B 524 37.28 -5.95 27.30
CA PRO B 524 38.47 -5.20 27.69
C PRO B 524 38.21 -3.70 27.82
N LYS B 525 36.99 -3.28 27.52
CA LYS B 525 36.63 -1.87 27.57
C LYS B 525 36.40 -1.43 29.01
N LYS B 526 36.96 -0.26 29.35
CA LYS B 526 36.81 0.31 30.68
C LYS B 526 35.41 0.88 30.87
N SER B 527 35.08 1.18 32.13
CA SER B 527 33.79 1.72 32.51
C SER B 527 33.93 3.16 32.97
N THR B 528 32.99 4.00 32.59
CA THR B 528 33.02 5.42 32.93
C THR B 528 32.05 5.74 34.06
N ASN B 529 32.12 6.97 34.56
CA ASN B 529 31.25 7.41 35.64
C ASN B 529 29.83 7.64 35.14
N LEU B 530 28.89 7.67 36.08
CA LEU B 530 27.46 7.73 35.76
C LEU B 530 26.96 9.16 35.78
N VAL B 531 26.08 9.48 34.84
CA VAL B 531 25.41 10.77 34.78
C VAL B 531 23.90 10.51 34.82
N LYS B 532 23.22 11.10 35.79
CA LYS B 532 21.79 10.88 35.97
C LYS B 532 21.03 12.16 35.66
N ASN B 533 19.73 11.98 35.40
CA ASN B 533 18.75 13.05 35.17
C ASN B 533 19.09 13.93 33.98
N LYS B 534 19.87 13.42 33.03
CA LYS B 534 20.21 14.14 31.80
C LYS B 534 20.18 13.15 30.65
N CYS B 535 19.64 13.60 29.51
CA CYS B 535 19.44 12.69 28.38
C CYS B 535 20.78 12.47 27.70
N VAL B 536 21.38 11.31 27.95
CA VAL B 536 22.69 10.95 27.43
C VAL B 536 22.60 9.63 26.68
N ASN B 537 23.64 9.34 25.91
CA ASN B 537 23.84 8.03 25.33
C ASN B 537 24.46 7.11 26.37
N PHE B 538 23.96 5.87 26.45
CA PHE B 538 24.40 4.96 27.49
C PHE B 538 24.66 3.57 26.92
N ASN B 539 25.55 2.85 27.60
CA ASN B 539 25.85 1.46 27.28
C ASN B 539 25.93 0.70 28.60
N PHE B 540 25.10 -0.32 28.74
CA PHE B 540 25.05 -1.18 29.93
C PHE B 540 25.19 -2.63 29.47
N ASN B 541 26.40 -3.18 29.63
CA ASN B 541 26.74 -4.58 29.30
C ASN B 541 26.41 -4.93 27.85
N GLY B 542 26.70 -4.00 26.93
CA GLY B 542 26.38 -4.19 25.54
C GLY B 542 25.01 -3.74 25.12
N LEU B 543 24.16 -3.35 26.07
CA LEU B 543 22.84 -2.78 25.77
C LEU B 543 23.02 -1.29 25.57
N LYS B 544 22.90 -0.83 24.34
CA LYS B 544 23.14 0.56 23.98
C LYS B 544 21.82 1.28 23.77
N GLY B 545 21.77 2.54 24.21
CA GLY B 545 20.56 3.32 24.05
C GLY B 545 20.83 4.79 24.27
N THR B 546 19.76 5.58 24.17
CA THR B 546 19.84 7.02 24.39
C THR B 546 18.61 7.45 25.16
N GLY B 547 18.82 8.09 26.31
CA GLY B 547 17.69 8.45 27.15
C GLY B 547 18.14 9.11 28.42
N VAL B 548 17.16 9.37 29.29
CA VAL B 548 17.40 9.97 30.59
C VAL B 548 17.49 8.85 31.62
N LEU B 549 18.68 8.66 32.19
CA LEU B 549 18.88 7.63 33.21
C LEU B 549 18.34 8.15 34.53
N THR B 550 17.07 7.88 34.78
CA THR B 550 16.36 8.40 35.95
C THR B 550 16.26 7.31 37.00
N GLU B 551 16.48 7.68 38.27
CA GLU B 551 16.34 6.72 39.36
C GLU B 551 14.88 6.30 39.53
N SER B 552 14.65 4.99 39.64
CA SER B 552 13.31 4.42 39.73
C SER B 552 13.25 3.47 40.92
N ASN B 553 12.09 2.83 41.09
CA ASN B 553 11.87 1.91 42.20
C ASN B 553 11.15 0.65 41.75
N LYS B 554 11.39 0.20 40.51
CA LYS B 554 10.77 -1.02 40.02
C LYS B 554 11.46 -2.23 40.64
N LYS B 555 10.67 -3.13 41.23
CA LYS B 555 11.21 -4.28 41.94
C LYS B 555 11.67 -5.33 40.92
N PHE B 556 12.96 -5.30 40.60
CA PHE B 556 13.54 -6.31 39.73
C PHE B 556 13.72 -7.62 40.48
N LEU B 557 13.59 -8.72 39.76
CA LEU B 557 14.04 -10.00 40.28
C LEU B 557 15.58 -10.03 40.26
N PRO B 558 16.21 -10.75 41.20
CA PRO B 558 17.68 -10.72 41.30
C PRO B 558 18.42 -11.26 40.08
N PHE B 559 17.81 -12.14 39.30
CA PHE B 559 18.39 -12.56 38.03
C PHE B 559 18.00 -11.63 36.88
N GLN B 560 16.90 -10.90 37.02
CA GLN B 560 16.45 -9.99 35.98
C GLN B 560 17.33 -8.74 35.97
N GLN B 561 17.82 -8.37 34.78
CA GLN B 561 18.69 -7.22 34.64
C GLN B 561 18.08 -6.10 33.80
N PHE B 562 17.11 -6.39 32.94
CA PHE B 562 16.45 -5.38 32.13
C PHE B 562 14.95 -5.44 32.35
N GLY B 563 14.30 -4.29 32.20
CA GLY B 563 12.85 -4.18 32.26
C GLY B 563 12.31 -3.78 30.91
N ARG B 564 11.15 -4.33 30.56
CA ARG B 564 10.55 -4.07 29.26
C ARG B 564 9.13 -3.57 29.42
N ASP B 565 8.67 -2.87 28.40
CA ASP B 565 7.35 -2.26 28.38
C ASP B 565 6.34 -3.26 27.82
N ILE B 566 5.11 -2.79 27.57
CA ILE B 566 4.14 -3.60 26.84
C ILE B 566 4.60 -3.80 25.39
N ALA B 567 5.24 -2.79 24.83
CA ALA B 567 5.68 -2.80 23.44
C ALA B 567 7.07 -3.40 23.25
N ASP B 568 7.58 -4.11 24.26
CA ASP B 568 8.89 -4.79 24.25
C ASP B 568 10.04 -3.81 23.99
N THR B 569 9.95 -2.63 24.56
CA THR B 569 11.01 -1.64 24.50
C THR B 569 11.69 -1.55 25.87
N THR B 570 12.95 -1.10 25.85
CA THR B 570 13.75 -1.04 27.07
C THR B 570 13.23 0.06 27.98
N ASP B 571 12.50 -0.34 29.04
CA ASP B 571 11.88 0.60 29.96
C ASP B 571 12.67 0.81 31.24
N ALA B 572 13.40 -0.20 31.69
CA ALA B 572 14.19 -0.11 32.91
C ALA B 572 15.42 -0.99 32.78
N VAL B 573 16.53 -0.55 33.37
CA VAL B 573 17.78 -1.29 33.36
C VAL B 573 18.34 -1.36 34.77
N ARG B 574 19.31 -2.26 34.95
CA ARG B 574 20.05 -2.40 36.19
C ARG B 574 21.53 -2.14 35.92
N ASP B 575 22.12 -1.21 36.67
CA ASP B 575 23.55 -0.95 36.54
C ASP B 575 24.36 -2.15 37.03
N PRO B 576 25.39 -2.55 36.28
CA PRO B 576 26.18 -3.71 36.70
C PRO B 576 27.07 -3.45 37.90
N GLN B 577 27.44 -2.19 38.19
CA GLN B 577 28.23 -1.92 39.39
C GLN B 577 27.37 -1.82 40.64
N THR B 578 26.38 -0.94 40.65
CA THR B 578 25.48 -0.81 41.80
C THR B 578 24.08 -1.25 41.41
N LEU B 579 23.45 -2.03 42.29
CA LEU B 579 22.16 -2.67 41.98
C LEU B 579 21.06 -1.64 42.17
N GLU B 580 20.94 -0.75 41.19
CA GLU B 580 19.91 0.28 41.17
C GLU B 580 19.11 0.15 39.88
N ILE B 581 17.84 0.49 39.96
CA ILE B 581 16.90 0.33 38.86
C ILE B 581 16.69 1.70 38.22
N LEU B 582 17.06 1.82 36.95
CA LEU B 582 17.00 3.09 36.24
C LEU B 582 15.93 3.03 35.14
N ASP B 583 14.95 3.92 35.23
CA ASP B 583 13.99 4.13 34.17
C ASP B 583 14.58 5.04 33.09
N ILE B 584 14.21 4.76 31.85
CA ILE B 584 14.78 5.43 30.68
C ILE B 584 13.65 6.12 29.92
N THR B 585 13.82 7.41 29.64
CA THR B 585 12.92 8.17 28.78
C THR B 585 13.72 8.73 27.61
N PRO B 586 13.43 8.38 26.36
CA PRO B 586 14.30 8.75 25.23
C PRO B 586 14.18 10.21 24.82
N CYS B 587 14.77 11.09 25.63
CA CYS B 587 14.80 12.56 25.48
C CYS B 587 13.36 13.07 25.42
N SER B 588 13.06 14.01 24.53
CA SER B 588 11.70 14.47 24.29
C SER B 588 11.57 14.81 22.81
N PHE B 589 10.41 14.52 22.24
CA PHE B 589 10.15 14.80 20.83
C PHE B 589 8.77 15.41 20.69
N GLY B 590 8.57 16.12 19.59
CA GLY B 590 7.30 16.75 19.33
C GLY B 590 7.31 17.56 18.05
N GLY B 591 6.16 17.64 17.38
CA GLY B 591 6.09 18.39 16.13
C GLY B 591 6.21 19.88 16.37
N VAL B 592 7.00 20.53 15.52
CA VAL B 592 7.22 21.97 15.59
C VAL B 592 6.31 22.58 14.54
N SER B 593 5.10 22.91 14.93
CA SER B 593 4.14 23.54 14.03
C SER B 593 4.41 25.03 13.94
N VAL B 594 4.15 25.59 12.76
CA VAL B 594 4.36 27.01 12.48
C VAL B 594 3.01 27.66 12.31
N ILE B 595 2.73 28.64 13.16
CA ILE B 595 1.48 29.41 13.11
C ILE B 595 1.80 30.78 12.52
N THR B 596 1.23 31.05 11.36
CA THR B 596 1.51 32.30 10.66
C THR B 596 0.25 32.80 9.97
N PRO B 597 0.12 34.11 9.81
CA PRO B 597 -0.79 34.66 8.80
C PRO B 597 -0.13 34.54 7.43
N GLY B 598 -0.88 34.98 6.41
CA GLY B 598 -0.36 34.91 5.05
C GLY B 598 0.81 35.86 4.84
N THR B 599 1.75 35.43 3.99
CA THR B 599 2.90 36.25 3.64
C THR B 599 2.52 37.43 2.76
N ASN B 600 1.31 37.43 2.19
CA ASN B 600 0.78 38.62 1.54
C ASN B 600 0.54 39.74 2.55
N THR B 601 0.29 39.41 3.81
CA THR B 601 0.02 40.40 4.85
C THR B 601 1.27 40.75 5.64
N SER B 602 1.91 39.77 6.28
CA SER B 602 3.04 40.04 7.15
C SER B 602 3.92 38.79 7.24
N ASN B 603 5.05 38.96 7.93
CA ASN B 603 6.02 37.88 8.11
C ASN B 603 6.20 37.47 9.57
N GLN B 604 5.31 37.88 10.46
CA GLN B 604 5.42 37.52 11.86
C GLN B 604 4.95 36.09 12.07
N VAL B 605 5.73 35.31 12.82
CA VAL B 605 5.56 33.86 12.93
C VAL B 605 5.56 33.48 14.40
N ALA B 606 4.59 32.66 14.80
CA ALA B 606 4.61 31.97 16.09
C ALA B 606 4.95 30.50 15.89
N VAL B 607 5.48 29.87 16.94
CA VAL B 607 5.96 28.50 16.87
C VAL B 607 5.33 27.70 18.00
N LEU B 608 4.72 26.57 17.66
CA LEU B 608 4.09 25.70 18.64
C LEU B 608 4.82 24.36 18.68
N TYR B 609 5.34 24.01 19.86
CA TYR B 609 5.92 22.69 20.07
C TYR B 609 4.85 21.78 20.68
N GLN B 610 4.56 20.68 19.99
CA GLN B 610 3.45 19.82 20.37
C GLN B 610 3.88 18.86 21.48
N GLY B 611 3.14 18.87 22.59
CA GLY B 611 3.37 17.92 23.66
C GLY B 611 4.59 18.19 24.52
N VAL B 612 5.21 19.35 24.41
CA VAL B 612 6.41 19.70 25.13
C VAL B 612 6.08 20.76 26.17
N ASN B 613 6.54 20.56 27.40
CA ASN B 613 6.37 21.56 28.44
C ASN B 613 7.22 22.79 28.14
N CYS B 614 6.72 23.95 28.55
CA CYS B 614 7.38 25.23 28.27
C CYS B 614 8.63 25.45 29.11
N THR B 615 8.82 24.68 30.18
CA THR B 615 10.00 24.81 31.03
C THR B 615 11.18 23.99 30.54
N GLU B 616 11.04 23.29 29.42
CA GLU B 616 12.11 22.45 28.89
C GLU B 616 12.57 22.84 27.49
N VAL B 617 11.83 23.68 26.78
CA VAL B 617 12.28 24.24 25.50
C VAL B 617 13.51 25.14 25.66
N PRO B 618 13.58 26.10 26.61
CA PRO B 618 14.87 26.83 26.78
C PRO B 618 15.99 25.96 27.32
N VAL B 619 15.69 24.85 27.98
CA VAL B 619 16.73 23.87 28.32
C VAL B 619 17.23 23.20 27.06
N ALA B 620 16.31 22.75 26.20
CA ALA B 620 16.66 22.21 24.89
C ALA B 620 16.53 23.29 23.82
N ILE B 621 17.23 24.40 24.07
CA ILE B 621 17.34 25.52 23.15
C ILE B 621 18.30 25.12 22.02
N HIS B 622 18.39 25.94 20.97
CA HIS B 622 19.17 25.62 19.77
C HIS B 622 20.67 25.53 20.03
N ALA B 623 21.16 26.07 21.14
CA ALA B 623 22.56 25.89 21.52
C ALA B 623 22.85 24.42 21.80
N ASP B 624 21.93 23.73 22.47
CA ASP B 624 21.98 22.28 22.56
C ASP B 624 21.76 21.68 21.16
N GLN B 625 22.35 20.51 20.93
CA GLN B 625 22.15 19.78 19.67
C GLN B 625 20.69 19.44 19.48
N LEU B 626 20.13 19.86 18.34
CA LEU B 626 18.68 19.90 18.18
C LEU B 626 18.36 20.01 16.70
N THR B 627 17.18 19.51 16.31
CA THR B 627 16.77 19.62 14.91
C THR B 627 16.25 21.02 14.59
N PRO B 628 15.50 21.71 15.47
CA PRO B 628 15.46 23.18 15.35
C PRO B 628 16.80 23.81 15.69
N THR B 629 17.21 24.79 14.88
CA THR B 629 18.45 25.51 15.04
C THR B 629 18.25 27.00 14.83
N TRP B 630 17.18 27.55 15.43
CA TRP B 630 16.90 28.97 15.36
C TRP B 630 16.65 29.54 16.75
N ARG B 631 16.70 30.87 16.84
CA ARG B 631 16.50 31.58 18.09
C ARG B 631 15.67 32.85 17.94
N VAL B 632 15.16 33.15 16.74
CA VAL B 632 14.40 34.37 16.52
C VAL B 632 13.05 34.30 17.21
N TYR B 633 12.37 33.14 17.12
CA TYR B 633 11.07 32.93 17.72
C TYR B 633 11.11 31.81 18.75
N SER B 634 12.22 31.73 19.50
CA SER B 634 12.34 30.76 20.57
C SER B 634 13.05 31.31 21.80
N THR B 635 13.36 32.61 21.84
CA THR B 635 14.14 33.19 22.93
C THR B 635 13.26 33.73 24.06
N GLY B 636 12.31 32.91 24.50
CA GLY B 636 11.41 33.32 25.57
C GLY B 636 10.39 34.34 25.13
N SER B 637 10.38 35.50 25.81
CA SER B 637 9.48 36.63 25.58
C SER B 637 8.04 36.15 25.76
N ASN B 638 7.21 36.13 24.73
CA ASN B 638 5.84 35.62 24.85
C ASN B 638 5.88 34.09 24.83
N VAL B 639 5.64 33.48 25.98
CA VAL B 639 5.63 32.02 26.12
C VAL B 639 4.34 31.65 26.84
N PHE B 640 3.55 30.78 26.23
CA PHE B 640 2.30 30.32 26.81
C PHE B 640 2.24 28.80 26.77
N GLN B 641 1.66 28.21 27.82
CA GLN B 641 1.59 26.76 27.96
C GLN B 641 0.15 26.33 27.71
N THR B 642 -0.08 25.66 26.59
CA THR B 642 -1.38 25.11 26.25
C THR B 642 -1.35 23.60 26.41
N ARG B 643 -2.55 23.00 26.38
CA ARG B 643 -2.65 21.54 26.43
C ARG B 643 -2.13 20.89 25.16
N ALA B 644 -2.04 21.64 24.05
CA ALA B 644 -1.32 21.16 22.88
C ALA B 644 0.18 21.18 23.09
N GLY B 645 0.68 22.13 23.89
CA GLY B 645 2.11 22.21 24.11
C GLY B 645 2.64 23.56 24.53
N CYS B 646 3.68 24.04 23.84
CA CYS B 646 4.32 25.31 24.16
C CYS B 646 4.19 26.24 22.97
N LEU B 647 3.58 27.40 23.17
CA LEU B 647 3.38 28.38 22.10
C LEU B 647 4.27 29.58 22.37
N ILE B 648 5.18 29.88 21.45
CA ILE B 648 6.14 30.96 21.59
C ILE B 648 5.93 31.94 20.45
N GLY B 649 5.76 33.23 20.79
CA GLY B 649 5.53 34.26 19.82
C GLY B 649 4.13 34.82 19.80
N ALA B 650 3.26 34.38 20.69
CA ALA B 650 1.89 34.87 20.77
C ALA B 650 1.55 35.23 22.21
N GLU B 651 0.73 36.27 22.36
CA GLU B 651 0.31 36.76 23.66
C GLU B 651 -1.12 36.31 23.93
N TYR B 652 -1.36 35.77 25.12
CA TYR B 652 -2.69 35.33 25.50
C TYR B 652 -3.56 36.54 25.83
N VAL B 653 -4.71 36.63 25.17
CA VAL B 653 -5.66 37.72 25.36
C VAL B 653 -6.94 37.14 25.95
N ASN B 654 -7.43 37.76 27.02
CA ASN B 654 -8.62 37.24 27.72
C ASN B 654 -9.89 37.36 26.89
N ASN B 655 -9.92 38.25 25.91
CA ASN B 655 -11.10 38.39 25.06
C ASN B 655 -11.24 37.18 24.14
N SER B 656 -12.47 36.71 24.00
CA SER B 656 -12.78 35.52 23.20
C SER B 656 -13.43 35.95 21.88
N TYR B 657 -12.86 35.49 20.78
CA TYR B 657 -13.38 35.76 19.44
C TYR B 657 -13.72 34.44 18.75
N GLU B 658 -14.11 34.54 17.49
CA GLU B 658 -14.25 33.35 16.66
C GLU B 658 -12.87 32.77 16.36
N CYS B 659 -12.83 31.47 16.08
CA CYS B 659 -11.57 30.78 15.87
C CYS B 659 -11.01 31.11 14.49
N ASP B 660 -9.84 31.74 14.47
CA ASP B 660 -9.19 32.15 13.22
C ASP B 660 -8.19 31.10 12.75
N ILE B 661 -7.20 30.80 13.57
CA ILE B 661 -6.25 29.71 13.31
C ILE B 661 -6.30 28.75 14.49
N PRO B 662 -6.82 27.54 14.32
CA PRO B 662 -6.95 26.63 15.48
C PRO B 662 -5.62 26.08 15.94
N ILE B 663 -5.56 25.71 17.22
CA ILE B 663 -4.37 25.14 17.82
C ILE B 663 -4.68 23.78 18.45
N GLY B 664 -5.66 23.75 19.34
CA GLY B 664 -6.04 22.54 20.04
C GLY B 664 -6.49 22.89 21.45
N ALA B 665 -7.42 22.08 21.97
CA ALA B 665 -8.01 22.22 23.30
C ALA B 665 -8.63 23.60 23.52
N GLY B 666 -9.34 24.11 22.52
CA GLY B 666 -10.05 25.36 22.66
C GLY B 666 -9.18 26.60 22.58
N ILE B 667 -8.04 26.53 21.90
CA ILE B 667 -7.15 27.67 21.74
C ILE B 667 -7.04 28.00 20.26
N CYS B 668 -7.19 29.28 19.94
CA CYS B 668 -7.01 29.77 18.58
C CYS B 668 -6.08 30.96 18.59
N ALA B 669 -5.52 31.26 17.42
CA ALA B 669 -4.58 32.36 17.27
C ALA B 669 -4.98 33.19 16.05
N SER B 670 -4.66 34.47 16.11
CA SER B 670 -5.02 35.40 15.06
C SER B 670 -3.99 36.52 14.99
N TYR B 671 -4.17 37.41 14.02
CA TYR B 671 -3.28 38.54 13.78
C TYR B 671 -4.08 39.81 14.04
N GLN B 672 -3.89 40.44 15.19
CA GLN B 672 -4.71 41.57 15.59
C GLN B 672 -3.83 42.71 16.09
N THR B 673 -4.42 43.90 16.18
CA THR B 673 -3.68 45.14 16.34
C THR B 673 -3.28 45.45 17.78
N GLN B 674 -3.53 44.55 18.73
CA GLN B 674 -3.11 44.79 20.11
C GLN B 674 -1.61 44.58 20.27
N SER B 686 2.26 47.59 15.74
CA SER B 686 0.84 47.57 16.03
C SER B 686 0.28 46.16 15.98
N GLN B 687 0.26 45.58 14.78
CA GLN B 687 -0.27 44.23 14.61
C GLN B 687 0.68 43.19 15.18
N SER B 688 0.11 42.15 15.79
CA SER B 688 0.88 41.08 16.40
C SER B 688 0.00 39.84 16.45
N ILE B 689 0.65 38.69 16.64
CA ILE B 689 -0.05 37.42 16.76
C ILE B 689 -0.53 37.26 18.19
N ILE B 690 -1.83 37.03 18.36
CA ILE B 690 -2.42 36.84 19.69
C ILE B 690 -3.04 35.46 19.75
N ALA B 691 -3.15 34.94 20.96
CA ALA B 691 -3.80 33.67 21.24
C ALA B 691 -4.95 33.90 22.21
N TYR B 692 -6.00 33.10 22.06
CA TYR B 692 -7.20 33.29 22.87
C TYR B 692 -7.96 31.97 22.97
N THR B 693 -8.88 31.93 23.92
CA THR B 693 -9.89 30.88 23.95
C THR B 693 -10.99 31.22 22.96
N MET B 694 -11.46 30.20 22.23
CA MET B 694 -12.50 30.41 21.24
C MET B 694 -13.83 30.74 21.90
N SER B 695 -14.66 31.50 21.19
CA SER B 695 -15.96 31.92 21.68
C SER B 695 -17.03 31.08 21.01
N LEU B 696 -17.89 30.47 21.82
CA LEU B 696 -18.93 29.58 21.29
C LEU B 696 -20.02 30.38 20.60
N GLY B 697 -20.43 31.49 21.21
CA GLY B 697 -21.48 32.31 20.65
C GLY B 697 -21.97 33.31 21.68
N ALA B 698 -22.97 34.09 21.25
CA ALA B 698 -23.54 35.10 22.13
C ALA B 698 -24.41 34.44 23.19
N GLU B 699 -24.26 34.89 24.43
CA GLU B 699 -25.08 34.39 25.52
C GLU B 699 -26.51 34.91 25.39
N ASN B 700 -27.47 34.03 25.62
CA ASN B 700 -28.87 34.37 25.45
C ASN B 700 -29.70 33.66 26.51
N SER B 701 -30.86 34.23 26.81
CA SER B 701 -31.79 33.66 27.76
C SER B 701 -33.20 33.90 27.26
N VAL B 702 -34.03 32.85 27.27
CA VAL B 702 -35.41 32.93 26.81
C VAL B 702 -36.31 33.20 27.99
N ALA B 703 -37.16 34.22 27.87
CA ALA B 703 -38.10 34.59 28.93
C ALA B 703 -39.29 33.64 28.88
N TYR B 704 -39.08 32.45 29.45
CA TYR B 704 -40.09 31.41 29.42
C TYR B 704 -41.09 31.62 30.56
N SER B 705 -42.39 31.54 30.23
CA SER B 705 -43.45 31.60 31.21
C SER B 705 -44.56 30.66 30.77
N ASN B 706 -45.37 30.23 31.74
CA ASN B 706 -46.41 29.25 31.49
C ASN B 706 -47.72 29.86 31.01
N ASN B 707 -47.75 31.17 30.76
CA ASN B 707 -48.93 31.79 30.14
C ASN B 707 -48.56 32.83 29.11
N SER B 708 -47.32 32.86 28.64
CA SER B 708 -46.84 33.87 27.70
C SER B 708 -46.33 33.21 26.44
N ILE B 709 -46.67 33.80 25.29
CA ILE B 709 -46.19 33.33 23.99
C ILE B 709 -45.64 34.52 23.23
N ALA B 710 -44.81 34.23 22.23
CA ALA B 710 -44.24 35.25 21.35
C ALA B 710 -44.55 34.86 19.92
N ILE B 711 -45.24 35.74 19.21
CA ILE B 711 -45.72 35.48 17.85
C ILE B 711 -45.11 36.51 16.92
N PRO B 712 -44.55 36.11 15.78
CA PRO B 712 -44.03 37.10 14.82
C PRO B 712 -45.14 37.91 14.18
N THR B 713 -44.83 39.17 13.89
CA THR B 713 -45.75 40.07 13.21
C THR B 713 -45.28 40.42 11.79
N ASN B 714 -44.09 39.98 11.40
CA ASN B 714 -43.53 40.30 10.10
C ASN B 714 -42.65 39.12 9.68
N PHE B 715 -42.00 39.27 8.52
CA PHE B 715 -41.15 38.20 8.03
C PHE B 715 -40.05 38.78 7.14
N THR B 716 -39.26 37.88 6.56
CA THR B 716 -38.26 38.20 5.57
C THR B 716 -38.04 36.97 4.69
N ILE B 717 -37.50 37.21 3.51
CA ILE B 717 -37.24 36.16 2.53
C ILE B 717 -35.73 36.05 2.35
N SER B 718 -35.18 34.88 2.58
CA SER B 718 -33.74 34.67 2.56
C SER B 718 -33.39 33.69 1.44
N VAL B 719 -32.41 34.06 0.62
CA VAL B 719 -31.91 33.19 -0.44
C VAL B 719 -30.47 32.86 -0.10
N THR B 720 -30.24 31.63 0.36
CA THR B 720 -28.92 31.16 0.74
C THR B 720 -28.30 30.34 -0.37
N THR B 721 -26.99 30.13 -0.27
CA THR B 721 -26.21 29.44 -1.30
C THR B 721 -25.55 28.21 -0.71
N GLU B 722 -25.77 27.05 -1.34
CA GLU B 722 -25.18 25.80 -0.90
C GLU B 722 -24.43 25.16 -2.06
N ILE B 723 -23.16 24.80 -1.84
CA ILE B 723 -22.26 24.38 -2.91
C ILE B 723 -21.88 22.93 -2.66
N LEU B 724 -22.06 22.08 -3.69
CA LEU B 724 -21.79 20.65 -3.56
C LEU B 724 -20.95 20.14 -4.72
N PRO B 725 -19.87 19.42 -4.45
CA PRO B 725 -19.15 18.74 -5.54
C PRO B 725 -19.96 17.55 -6.05
N VAL B 726 -19.76 17.24 -7.34
CA VAL B 726 -20.51 16.19 -8.01
C VAL B 726 -19.57 15.12 -8.60
N SER B 727 -18.57 15.55 -9.36
CA SER B 727 -17.65 14.61 -10.00
C SER B 727 -16.29 15.28 -10.16
N MET B 728 -15.23 14.50 -10.04
CA MET B 728 -13.89 15.03 -10.12
C MET B 728 -13.30 14.75 -11.51
N THR B 729 -11.99 14.98 -11.65
CA THR B 729 -11.31 14.79 -12.91
C THR B 729 -11.12 13.31 -13.22
N LYS B 730 -11.55 12.89 -14.40
CA LYS B 730 -11.29 11.54 -14.88
C LYS B 730 -9.85 11.41 -15.36
N THR B 731 -9.17 10.34 -14.97
CA THR B 731 -7.78 10.13 -15.34
C THR B 731 -7.60 8.74 -15.93
N SER B 732 -6.43 8.53 -16.53
CA SER B 732 -6.05 7.23 -17.08
C SER B 732 -4.54 7.12 -17.03
N VAL B 733 -4.04 5.93 -16.75
CA VAL B 733 -2.62 5.70 -16.50
C VAL B 733 -2.11 4.62 -17.45
N ASP B 734 -1.06 4.94 -18.20
CA ASP B 734 -0.30 3.95 -18.96
C ASP B 734 0.81 3.44 -18.05
N CYS B 735 0.60 2.25 -17.49
CA CYS B 735 1.54 1.70 -16.51
C CYS B 735 2.86 1.33 -17.15
N THR B 736 2.81 0.77 -18.36
CA THR B 736 4.02 0.36 -19.07
C THR B 736 4.91 1.56 -19.38
N MET B 737 4.31 2.65 -19.86
CA MET B 737 5.06 3.86 -20.15
C MET B 737 5.52 4.56 -18.87
N TYR B 738 4.73 4.49 -17.79
CA TYR B 738 5.12 5.11 -16.53
C TYR B 738 6.31 4.39 -15.90
N ILE B 739 6.30 3.07 -15.90
CA ILE B 739 7.39 2.32 -15.29
C ILE B 739 8.62 2.31 -16.19
N CYS B 740 8.45 1.93 -17.45
CA CYS B 740 9.55 1.83 -18.40
C CYS B 740 9.41 2.94 -19.43
N GLY B 741 10.46 3.74 -19.61
CA GLY B 741 10.40 4.85 -20.55
C GLY B 741 10.28 4.41 -22.00
N ASP B 742 11.35 3.81 -22.53
CA ASP B 742 11.33 3.24 -23.87
C ASP B 742 12.16 1.98 -23.92
N SER B 743 12.11 1.16 -22.87
CA SER B 743 13.01 0.02 -22.71
C SER B 743 12.25 -1.27 -22.95
N THR B 744 12.61 -1.97 -24.03
CA THR B 744 12.05 -3.28 -24.33
C THR B 744 12.46 -4.31 -23.28
N GLU B 745 13.67 -4.18 -22.73
CA GLU B 745 14.11 -5.04 -21.64
C GLU B 745 13.27 -4.82 -20.39
N CYS B 746 12.93 -3.57 -20.08
CA CYS B 746 12.05 -3.31 -18.95
C CYS B 746 10.63 -3.80 -19.22
N SER B 747 10.17 -3.75 -20.47
CA SER B 747 8.87 -4.33 -20.80
C SER B 747 8.86 -5.84 -20.59
N ASN B 748 9.95 -6.51 -20.98
CA ASN B 748 10.06 -7.95 -20.79
C ASN B 748 10.15 -8.31 -19.31
N LEU B 749 10.82 -7.46 -18.51
CA LEU B 749 10.85 -7.70 -17.07
C LEU B 749 9.53 -7.36 -16.41
N LEU B 750 8.76 -6.43 -16.98
CA LEU B 750 7.45 -6.08 -16.47
C LEU B 750 6.41 -7.14 -16.80
N LEU B 751 6.64 -7.93 -17.86
CA LEU B 751 5.76 -9.07 -18.15
C LEU B 751 5.87 -10.17 -17.11
N GLN B 752 6.93 -10.20 -16.30
CA GLN B 752 7.07 -11.20 -15.24
C GLN B 752 6.20 -10.91 -14.03
N TYR B 753 5.56 -9.75 -13.96
CA TYR B 753 4.75 -9.39 -12.80
C TYR B 753 3.26 -9.66 -12.98
N GLY B 754 2.72 -9.50 -14.18
CA GLY B 754 1.40 -10.02 -14.46
C GLY B 754 0.27 -9.00 -14.59
N SER B 755 -0.79 -9.20 -13.81
CA SER B 755 -2.08 -8.53 -14.00
C SER B 755 -2.25 -7.30 -13.13
N PHE B 756 -1.14 -6.77 -12.57
CA PHE B 756 -1.20 -5.52 -11.81
C PHE B 756 -1.66 -4.37 -12.69
N CYS B 757 -1.12 -4.28 -13.91
CA CYS B 757 -1.53 -3.25 -14.86
C CYS B 757 -2.98 -3.39 -15.26
N THR B 758 -3.45 -4.63 -15.47
CA THR B 758 -4.84 -4.85 -15.85
C THR B 758 -5.79 -4.45 -14.74
N GLN B 759 -5.45 -4.77 -13.48
CA GLN B 759 -6.33 -4.38 -12.39
C GLN B 759 -6.30 -2.88 -12.12
N LEU B 760 -5.15 -2.21 -12.36
CA LEU B 760 -5.12 -0.76 -12.20
C LEU B 760 -5.91 -0.05 -13.29
N LYS B 761 -5.80 -0.54 -14.53
CA LYS B 761 -6.60 -0.01 -15.63
C LYS B 761 -8.08 -0.24 -15.39
N ARG B 762 -8.44 -1.41 -14.85
CA ARG B 762 -9.84 -1.72 -14.55
C ARG B 762 -10.40 -0.79 -13.47
N ALA B 763 -9.63 -0.54 -12.40
CA ALA B 763 -10.08 0.35 -11.34
C ALA B 763 -10.23 1.78 -11.82
N LEU B 764 -9.27 2.28 -12.60
CA LEU B 764 -9.35 3.64 -13.09
C LEU B 764 -10.45 3.81 -14.12
N THR B 765 -10.71 2.79 -14.94
CA THR B 765 -11.83 2.83 -15.88
C THR B 765 -13.17 2.82 -15.14
N GLY B 766 -13.27 2.06 -14.04
CA GLY B 766 -14.48 2.09 -13.24
C GLY B 766 -14.73 3.44 -12.60
N ILE B 767 -13.68 4.09 -12.11
CA ILE B 767 -13.81 5.44 -11.55
C ILE B 767 -14.22 6.44 -12.64
N ALA B 768 -13.63 6.33 -13.83
CA ALA B 768 -13.96 7.24 -14.92
C ALA B 768 -15.39 7.07 -15.42
N VAL B 769 -15.92 5.84 -15.40
CA VAL B 769 -17.33 5.64 -15.71
C VAL B 769 -18.21 6.19 -14.59
N GLU B 770 -17.77 6.02 -13.34
CA GLU B 770 -18.55 6.47 -12.19
C GLU B 770 -18.70 8.00 -12.14
N GLN B 771 -17.71 8.74 -12.63
CA GLN B 771 -17.82 10.20 -12.66
C GLN B 771 -18.94 10.66 -13.60
N ASP B 772 -19.01 10.08 -14.79
CA ASP B 772 -20.09 10.42 -15.73
C ASP B 772 -21.44 9.93 -15.22
N LYS B 773 -21.46 8.79 -14.51
CA LYS B 773 -22.69 8.32 -13.89
C LYS B 773 -23.17 9.29 -12.82
N ASN B 774 -22.24 9.84 -12.03
CA ASN B 774 -22.60 10.83 -11.01
C ASN B 774 -23.17 12.09 -11.63
N THR B 775 -22.52 12.58 -12.70
CA THR B 775 -23.00 13.81 -13.35
C THR B 775 -24.36 13.62 -13.99
N GLN B 776 -24.58 12.47 -14.65
CA GLN B 776 -25.88 12.17 -15.24
C GLN B 776 -26.96 12.00 -14.18
N GLU B 777 -26.63 11.35 -13.07
CA GLU B 777 -27.59 11.14 -11.99
C GLU B 777 -27.98 12.45 -11.33
N VAL B 778 -27.03 13.36 -11.14
CA VAL B 778 -27.34 14.65 -10.54
C VAL B 778 -28.17 15.52 -11.48
N PHE B 779 -27.73 15.66 -12.74
CA PHE B 779 -28.33 16.70 -13.57
C PHE B 779 -29.47 16.19 -14.46
N ALA B 780 -29.36 14.99 -15.03
CA ALA B 780 -30.35 14.51 -15.98
C ALA B 780 -31.52 13.85 -15.25
N GLN B 781 -32.28 14.69 -14.56
CA GLN B 781 -33.46 14.25 -13.82
C GLN B 781 -34.77 14.69 -14.45
N VAL B 782 -34.73 15.49 -15.52
CA VAL B 782 -35.93 15.98 -16.18
C VAL B 782 -36.09 15.25 -17.50
N LYS B 783 -37.34 14.91 -17.84
CA LYS B 783 -37.60 14.11 -19.02
C LYS B 783 -37.43 14.93 -20.30
N GLN B 784 -37.96 16.15 -20.32
CA GLN B 784 -37.93 17.00 -21.49
C GLN B 784 -37.25 18.32 -21.17
N ILE B 785 -36.68 18.94 -22.20
CA ILE B 785 -35.99 20.22 -22.04
C ILE B 785 -37.04 21.32 -22.16
N TYR B 786 -37.45 21.86 -21.00
CA TYR B 786 -38.43 22.94 -20.98
C TYR B 786 -37.75 24.28 -21.23
N LYS B 787 -38.49 25.20 -21.84
CA LYS B 787 -38.02 26.56 -22.06
C LYS B 787 -39.08 27.56 -21.61
N THR B 788 -38.62 28.75 -21.22
CA THR B 788 -39.49 29.79 -20.72
C THR B 788 -40.26 30.45 -21.87
N PRO B 789 -41.43 31.02 -21.58
CA PRO B 789 -42.08 31.92 -22.54
C PRO B 789 -41.25 33.17 -22.76
N PRO B 790 -41.39 33.82 -23.92
CA PRO B 790 -40.56 35.02 -24.20
C PRO B 790 -40.83 36.21 -23.29
N ILE B 791 -41.99 36.27 -22.63
CA ILE B 791 -42.27 37.33 -21.66
C ILE B 791 -41.77 36.88 -20.29
N LYS B 792 -40.91 37.69 -19.68
CA LYS B 792 -40.23 37.35 -18.43
C LYS B 792 -40.86 38.04 -17.22
N TYR B 793 -42.18 38.20 -17.21
CA TYR B 793 -42.89 38.76 -16.06
C TYR B 793 -43.49 37.61 -15.26
N PHE B 794 -42.96 37.36 -14.07
CA PHE B 794 -43.46 36.31 -13.17
C PHE B 794 -43.81 36.95 -11.84
N GLY B 795 -45.00 37.53 -11.77
CA GLY B 795 -45.53 38.07 -10.52
C GLY B 795 -44.77 39.23 -9.92
N GLY B 796 -43.94 39.91 -10.71
CA GLY B 796 -43.07 40.94 -10.19
C GLY B 796 -41.72 40.45 -9.71
N PHE B 797 -41.52 39.14 -9.64
CA PHE B 797 -40.23 38.59 -9.25
C PHE B 797 -39.24 38.74 -10.41
N ASN B 798 -37.97 38.93 -10.06
CA ASN B 798 -36.92 39.23 -11.03
C ASN B 798 -36.07 37.98 -11.23
N PHE B 799 -36.28 37.30 -12.35
CA PHE B 799 -35.57 36.07 -12.67
C PHE B 799 -34.51 36.26 -13.76
N SER B 800 -34.10 37.51 -14.01
CA SER B 800 -33.16 37.77 -15.09
C SER B 800 -31.73 37.32 -14.76
N GLN B 801 -31.42 37.14 -13.48
CA GLN B 801 -30.06 36.83 -13.07
C GLN B 801 -29.78 35.33 -13.01
N ILE B 802 -30.78 34.48 -13.16
CA ILE B 802 -30.58 33.03 -13.17
C ILE B 802 -31.06 32.38 -14.45
N LEU B 803 -31.98 33.00 -15.19
CA LEU B 803 -32.38 32.50 -16.49
C LEU B 803 -31.24 32.69 -17.49
N PRO B 804 -31.19 31.85 -18.55
CA PRO B 804 -30.04 31.89 -19.46
C PRO B 804 -29.90 33.21 -20.21
N ASP B 805 -28.65 33.57 -20.48
CA ASP B 805 -28.31 34.78 -21.21
C ASP B 805 -27.97 34.41 -22.64
N PRO B 806 -28.79 34.79 -23.63
CA PRO B 806 -28.48 34.44 -25.03
C PRO B 806 -27.31 35.21 -25.62
N SER B 807 -26.85 36.29 -24.96
CA SER B 807 -25.72 37.06 -25.48
C SER B 807 -24.40 36.31 -25.38
N LYS B 808 -24.28 35.38 -24.44
CA LYS B 808 -23.06 34.63 -24.25
C LYS B 808 -22.87 33.59 -25.34
N PRO B 809 -21.61 33.29 -25.72
CA PRO B 809 -21.39 32.17 -26.66
C PRO B 809 -21.75 30.82 -26.07
N SER B 810 -21.43 30.59 -24.80
CA SER B 810 -21.92 29.43 -24.06
C SER B 810 -23.09 29.91 -23.21
N LYS B 811 -24.28 29.40 -23.50
CA LYS B 811 -25.53 29.97 -23.00
C LYS B 811 -25.69 29.63 -21.52
N ARG B 812 -25.00 30.41 -20.69
CA ARG B 812 -25.06 30.30 -19.24
C ARG B 812 -25.57 31.62 -18.65
N SER B 813 -26.06 31.55 -17.43
CA SER B 813 -26.59 32.73 -16.76
C SER B 813 -25.46 33.56 -16.16
N PHE B 814 -25.84 34.69 -15.54
CA PHE B 814 -24.87 35.61 -14.97
C PHE B 814 -24.19 35.01 -13.75
N ILE B 815 -24.97 34.41 -12.84
CA ILE B 815 -24.42 33.78 -11.66
C ILE B 815 -23.63 32.53 -12.04
N GLU B 816 -24.06 31.82 -13.08
CA GLU B 816 -23.29 30.68 -13.59
C GLU B 816 -21.94 31.13 -14.15
N ASP B 817 -21.91 32.28 -14.84
CA ASP B 817 -20.65 32.79 -15.35
C ASP B 817 -19.73 33.26 -14.22
N LEU B 818 -20.31 33.86 -13.17
CA LEU B 818 -19.51 34.22 -12.00
C LEU B 818 -18.94 33.00 -11.30
N LEU B 819 -19.74 31.94 -11.18
CA LEU B 819 -19.27 30.70 -10.57
C LEU B 819 -18.21 30.01 -11.42
N PHE B 820 -18.31 30.12 -12.75
CA PHE B 820 -17.27 29.58 -13.61
C PHE B 820 -15.99 30.39 -13.51
N ASN B 821 -16.09 31.71 -13.41
CA ASN B 821 -14.91 32.56 -13.34
C ASN B 821 -14.26 32.56 -11.96
N LYS B 822 -14.98 32.12 -10.92
CA LYS B 822 -14.41 32.12 -9.57
C LYS B 822 -13.67 30.83 -9.24
N VAL B 823 -13.55 29.89 -10.17
CA VAL B 823 -12.76 28.69 -10.00
C VAL B 823 -11.64 28.72 -11.03
N THR B 824 -10.39 28.64 -10.55
CA THR B 824 -9.22 28.66 -11.43
C THR B 824 -8.94 27.24 -11.93
N LEU B 825 -9.84 26.78 -12.80
CA LEU B 825 -9.72 25.44 -13.36
C LEU B 825 -8.65 25.41 -14.44
N ALA B 826 -7.82 24.37 -14.39
CA ALA B 826 -6.78 24.20 -15.40
C ALA B 826 -7.39 23.76 -16.73
N ASP B 827 -6.60 23.88 -17.80
CA ASP B 827 -7.05 23.43 -19.11
C ASP B 827 -7.15 21.91 -19.17
N ALA B 828 -6.10 21.21 -18.70
CA ALA B 828 -6.01 19.74 -18.55
C ALA B 828 -6.29 19.07 -19.89
N GLY B 829 -7.12 18.04 -19.96
CA GLY B 829 -7.47 17.37 -21.18
C GLY B 829 -8.72 17.90 -21.86
N PHE B 830 -9.26 19.03 -21.40
CA PHE B 830 -10.42 19.63 -22.06
C PHE B 830 -10.04 20.13 -23.46
N ILE B 831 -8.90 20.78 -23.58
CA ILE B 831 -8.29 21.14 -24.85
C ILE B 831 -7.11 20.21 -25.07
N LYS B 832 -6.93 19.75 -26.31
CA LYS B 832 -5.98 18.67 -26.59
C LYS B 832 -4.53 19.11 -26.39
N GLN B 833 -4.16 20.32 -26.84
CA GLN B 833 -2.87 20.98 -26.59
C GLN B 833 -1.67 20.16 -27.09
N TYR B 834 -1.90 19.28 -28.06
CA TYR B 834 -0.89 18.32 -28.49
C TYR B 834 0.19 18.99 -29.33
N GLY B 835 -0.16 20.00 -30.11
CA GLY B 835 0.83 20.75 -30.85
C GLY B 835 1.76 21.53 -29.94
N ASP B 836 1.22 22.11 -28.87
CA ASP B 836 2.07 22.80 -27.90
C ASP B 836 2.91 21.83 -27.09
N CYS B 837 2.42 20.59 -26.89
CA CYS B 837 3.21 19.60 -26.17
C CYS B 837 4.35 19.06 -27.02
N LEU B 838 4.10 18.78 -28.30
CA LEU B 838 5.14 18.19 -29.14
C LEU B 838 6.09 19.23 -29.72
N GLY B 839 5.58 20.42 -30.04
CA GLY B 839 6.40 21.43 -30.66
C GLY B 839 7.27 22.16 -29.67
N ASP B 840 7.85 23.26 -30.14
CA ASP B 840 8.67 24.09 -29.28
C ASP B 840 7.79 24.82 -28.27
N ILE B 841 8.25 24.87 -27.02
CA ILE B 841 7.49 25.48 -25.93
C ILE B 841 8.40 26.44 -25.19
N ALA B 842 7.79 27.46 -24.58
CA ALA B 842 8.55 28.43 -23.80
C ALA B 842 8.98 27.86 -22.45
N ALA B 843 8.09 27.14 -21.77
CA ALA B 843 8.39 26.57 -20.47
C ALA B 843 7.73 25.20 -20.37
N ARG B 844 8.25 24.38 -19.46
CA ARG B 844 7.78 23.01 -19.28
C ARG B 844 6.40 23.01 -18.65
N ASP B 845 5.38 22.69 -19.45
CA ASP B 845 4.01 22.64 -18.95
C ASP B 845 3.80 21.39 -18.12
N LEU B 846 3.03 21.54 -17.03
CA LEU B 846 2.70 20.40 -16.18
C LEU B 846 1.84 19.38 -16.92
N ILE B 847 0.89 19.86 -17.73
CA ILE B 847 0.04 18.97 -18.52
C ILE B 847 0.86 18.21 -19.55
N CYS B 848 1.78 18.90 -20.23
CA CYS B 848 2.63 18.26 -21.23
C CYS B 848 3.59 17.25 -20.58
N ALA B 849 4.14 17.58 -19.41
CA ALA B 849 5.05 16.66 -18.73
C ALA B 849 4.34 15.42 -18.22
N GLN B 850 3.16 15.59 -17.60
CA GLN B 850 2.42 14.43 -17.12
C GLN B 850 1.79 13.64 -18.26
N LYS B 851 1.57 14.27 -19.41
CA LYS B 851 1.19 13.52 -20.61
C LYS B 851 2.36 12.68 -21.10
N PHE B 852 3.58 13.27 -21.11
CA PHE B 852 4.77 12.56 -21.54
C PHE B 852 5.13 11.42 -20.60
N LYS B 853 4.74 11.51 -19.34
CA LYS B 853 5.01 10.43 -18.38
C LYS B 853 3.94 9.35 -18.39
N GLY B 854 2.94 9.44 -19.25
CA GLY B 854 1.96 8.39 -19.42
C GLY B 854 0.66 8.56 -18.67
N LEU B 855 0.38 9.75 -18.13
CA LEU B 855 -0.84 10.01 -17.37
C LEU B 855 -1.71 10.97 -18.17
N THR B 856 -2.87 10.50 -18.60
CA THR B 856 -3.77 11.29 -19.42
C THR B 856 -5.03 11.65 -18.63
N VAL B 857 -5.67 12.74 -19.06
CA VAL B 857 -6.92 13.20 -18.46
C VAL B 857 -8.00 13.07 -19.52
N LEU B 858 -9.05 12.32 -19.19
CA LEU B 858 -10.12 12.12 -20.17
C LEU B 858 -11.19 13.20 -19.99
N PRO B 859 -11.75 13.71 -21.09
CA PRO B 859 -12.81 14.71 -20.97
C PRO B 859 -14.10 14.08 -20.52
N PRO B 860 -14.97 14.83 -19.84
CA PRO B 860 -16.25 14.27 -19.41
C PRO B 860 -17.20 14.11 -20.60
N LEU B 861 -18.18 13.22 -20.41
CA LEU B 861 -19.14 12.94 -21.46
C LEU B 861 -20.08 14.13 -21.69
N LEU B 862 -20.54 14.76 -20.61
CA LEU B 862 -21.47 15.88 -20.69
C LEU B 862 -20.70 17.18 -20.60
N THR B 863 -20.79 18.00 -21.65
CA THR B 863 -20.11 19.29 -21.64
C THR B 863 -20.89 20.31 -20.83
N ASP B 864 -20.24 21.46 -20.59
CA ASP B 864 -20.83 22.51 -19.76
C ASP B 864 -22.04 23.14 -20.42
N GLU B 865 -22.10 23.14 -21.76
CA GLU B 865 -23.29 23.61 -22.46
C GLU B 865 -24.48 22.70 -22.18
N MET B 866 -24.26 21.38 -22.18
CA MET B 866 -25.34 20.44 -21.88
C MET B 866 -25.76 20.51 -20.42
N ILE B 867 -24.79 20.73 -19.51
CA ILE B 867 -25.12 20.90 -18.10
C ILE B 867 -25.94 22.17 -17.88
N ALA B 868 -25.55 23.26 -18.56
CA ALA B 868 -26.31 24.50 -18.47
C ALA B 868 -27.70 24.36 -19.10
N GLN B 869 -27.82 23.54 -20.14
CA GLN B 869 -29.15 23.28 -20.71
C GLN B 869 -30.03 22.48 -19.76
N TYR B 870 -29.42 21.54 -19.02
CA TYR B 870 -30.16 20.81 -17.99
C TYR B 870 -30.64 21.74 -16.88
N THR B 871 -29.76 22.64 -16.41
CA THR B 871 -30.18 23.59 -15.38
C THR B 871 -31.21 24.58 -15.90
N SER B 872 -31.11 24.96 -17.18
CA SER B 872 -32.11 25.83 -17.80
C SER B 872 -33.47 25.16 -17.88
N ALA B 873 -33.49 23.87 -18.25
CA ALA B 873 -34.73 23.13 -18.30
C ALA B 873 -35.36 22.97 -16.91
N LEU B 874 -34.52 22.72 -15.90
CA LEU B 874 -35.03 22.60 -14.53
C LEU B 874 -35.58 23.94 -14.03
N LEU B 875 -34.89 25.04 -14.32
CA LEU B 875 -35.37 26.37 -13.92
C LEU B 875 -36.67 26.73 -14.61
N ALA B 876 -36.77 26.47 -15.93
CA ALA B 876 -37.98 26.77 -16.67
C ALA B 876 -39.16 25.93 -16.19
N GLY B 877 -38.91 24.63 -15.93
CA GLY B 877 -39.95 23.78 -15.40
C GLY B 877 -40.44 24.20 -14.03
N THR B 878 -39.50 24.55 -13.14
CA THR B 878 -39.87 24.99 -11.80
C THR B 878 -40.65 26.29 -11.83
N ILE B 879 -40.21 27.27 -12.64
CA ILE B 879 -40.86 28.57 -12.69
C ILE B 879 -42.26 28.45 -13.32
N THR B 880 -42.37 27.73 -14.43
CA THR B 880 -43.65 27.69 -15.13
C THR B 880 -44.60 26.60 -14.65
N SER B 881 -44.17 25.67 -13.79
CA SER B 881 -45.08 24.62 -13.38
C SER B 881 -45.03 24.23 -11.90
N GLY B 882 -44.13 24.79 -11.10
CA GLY B 882 -44.07 24.39 -9.70
C GLY B 882 -43.40 23.05 -9.54
N TRP B 883 -44.08 22.13 -8.84
CA TRP B 883 -43.56 20.79 -8.60
C TRP B 883 -44.25 19.73 -9.44
N THR B 884 -45.13 20.14 -10.35
CA THR B 884 -45.94 19.16 -11.10
C THR B 884 -45.13 18.46 -12.17
N PHE B 885 -44.06 19.10 -12.68
CA PHE B 885 -43.22 18.48 -13.68
C PHE B 885 -42.34 17.39 -13.09
N GLY B 886 -42.13 17.39 -11.76
CA GLY B 886 -41.41 16.31 -11.13
C GLY B 886 -42.22 15.04 -10.96
N ALA B 887 -43.54 15.13 -10.95
CA ALA B 887 -44.42 13.97 -10.82
C ALA B 887 -44.97 13.53 -12.17
N GLY B 888 -45.65 14.43 -12.87
CA GLY B 888 -46.24 14.12 -14.17
C GLY B 888 -45.80 15.12 -15.21
N ALA B 889 -46.72 15.44 -16.12
CA ALA B 889 -46.48 16.46 -17.11
C ALA B 889 -46.50 17.84 -16.44
N ALA B 890 -45.86 18.80 -17.10
CA ALA B 890 -45.78 20.15 -16.56
C ALA B 890 -47.13 20.85 -16.67
N LEU B 891 -47.65 21.30 -15.54
CA LEU B 891 -48.95 21.95 -15.45
C LEU B 891 -48.71 23.44 -15.25
N GLN B 892 -49.12 24.25 -16.22
CA GLN B 892 -48.92 25.70 -16.12
C GLN B 892 -49.79 26.28 -15.01
N ILE B 893 -49.23 27.26 -14.30
CA ILE B 893 -49.87 27.87 -13.14
C ILE B 893 -49.19 29.22 -12.94
N PRO B 894 -49.93 30.29 -12.61
CA PRO B 894 -49.28 31.57 -12.31
C PRO B 894 -48.38 31.49 -11.09
N PHE B 895 -47.29 32.28 -11.14
CA PHE B 895 -46.27 32.21 -10.11
C PHE B 895 -46.77 32.73 -8.77
N ALA B 896 -47.73 33.66 -8.79
CA ALA B 896 -48.35 34.11 -7.55
C ALA B 896 -49.13 32.98 -6.89
N MET B 897 -49.87 32.19 -7.66
CA MET B 897 -50.59 31.06 -7.07
C MET B 897 -49.64 29.96 -6.63
N GLN B 898 -48.52 29.81 -7.33
CA GLN B 898 -47.51 28.83 -6.90
C GLN B 898 -46.88 29.25 -5.58
N MET B 899 -46.56 30.55 -5.41
CA MET B 899 -46.07 31.04 -4.13
C MET B 899 -47.11 30.93 -3.02
N ALA B 900 -48.39 31.11 -3.36
CA ALA B 900 -49.46 30.94 -2.37
C ALA B 900 -49.55 29.49 -1.93
N TYR B 901 -49.33 28.55 -2.84
CA TYR B 901 -49.35 27.15 -2.45
C TYR B 901 -48.09 26.76 -1.66
N ARG B 902 -46.95 27.42 -1.90
CA ARG B 902 -45.79 27.23 -1.03
C ARG B 902 -46.03 27.75 0.39
N PHE B 903 -46.62 28.94 0.51
CA PHE B 903 -46.98 29.46 1.84
C PHE B 903 -48.02 28.58 2.54
N ASN B 904 -48.99 28.06 1.78
CA ASN B 904 -49.92 27.12 2.38
C ASN B 904 -49.24 25.81 2.76
N GLY B 905 -48.15 25.46 2.08
CA GLY B 905 -47.34 24.33 2.49
C GLY B 905 -46.61 24.56 3.81
N ILE B 906 -46.11 25.78 4.02
CA ILE B 906 -45.34 26.05 5.23
C ILE B 906 -46.23 26.54 6.38
N GLY B 907 -47.55 26.43 6.21
CA GLY B 907 -48.47 26.71 7.28
C GLY B 907 -48.92 28.15 7.42
N VAL B 908 -48.80 28.95 6.37
CA VAL B 908 -49.22 30.34 6.38
C VAL B 908 -50.33 30.52 5.34
N THR B 909 -51.39 31.23 5.70
CA THR B 909 -52.53 31.37 4.82
C THR B 909 -52.20 32.27 3.62
N GLN B 910 -53.02 32.14 2.58
CA GLN B 910 -52.72 32.72 1.27
C GLN B 910 -52.87 34.24 1.24
N ASN B 911 -53.70 34.81 2.13
CA ASN B 911 -53.91 36.25 2.16
C ASN B 911 -52.68 37.01 2.61
N VAL B 912 -51.76 36.35 3.32
CA VAL B 912 -50.48 36.94 3.67
C VAL B 912 -49.69 37.27 2.40
N LEU B 913 -49.63 36.32 1.46
CA LEU B 913 -49.02 36.59 0.16
C LEU B 913 -49.83 37.61 -0.63
N TYR B 914 -51.14 37.39 -0.73
CA TYR B 914 -51.96 38.20 -1.64
C TYR B 914 -52.19 39.63 -1.13
N GLU B 915 -51.79 39.92 0.11
CA GLU B 915 -51.78 41.29 0.61
C GLU B 915 -50.37 41.85 0.80
N ASN B 916 -49.32 41.07 0.50
CA ASN B 916 -47.94 41.54 0.63
C ASN B 916 -47.07 41.09 -0.55
N GLN B 917 -47.68 40.97 -1.74
CA GLN B 917 -46.97 40.41 -2.89
C GLN B 917 -45.85 41.32 -3.37
N LYS B 918 -46.08 42.64 -3.36
CA LYS B 918 -45.05 43.59 -3.77
C LYS B 918 -43.87 43.59 -2.82
N LEU B 919 -44.14 43.54 -1.51
CA LEU B 919 -43.09 43.49 -0.51
C LEU B 919 -42.28 42.20 -0.61
N ILE B 920 -42.96 41.07 -0.84
CA ILE B 920 -42.28 39.79 -0.98
C ILE B 920 -41.42 39.77 -2.24
N ALA B 921 -41.91 40.34 -3.33
CA ALA B 921 -41.13 40.44 -4.57
C ALA B 921 -39.91 41.32 -4.40
N ASN B 922 -40.05 42.46 -3.71
CA ASN B 922 -38.92 43.35 -3.48
C ASN B 922 -37.87 42.71 -2.58
N GLN B 923 -38.31 41.98 -1.54
CA GLN B 923 -37.38 41.26 -0.67
C GLN B 923 -36.64 40.16 -1.43
N PHE B 924 -37.34 39.44 -2.30
CA PHE B 924 -36.70 38.40 -3.10
C PHE B 924 -35.69 39.00 -4.09
N ASN B 925 -36.03 40.13 -4.70
CA ASN B 925 -35.11 40.77 -5.64
C ASN B 925 -33.85 41.27 -4.94
N SER B 926 -34.00 41.83 -3.73
CA SER B 926 -32.84 42.25 -2.96
C SER B 926 -31.98 41.06 -2.52
N ALA B 927 -32.63 39.94 -2.17
CA ALA B 927 -31.90 38.76 -1.75
C ALA B 927 -31.13 38.11 -2.90
N ILE B 928 -31.69 38.15 -4.12
CA ILE B 928 -30.93 37.69 -5.29
C ILE B 928 -29.79 38.66 -5.59
N GLY B 929 -30.04 39.97 -5.49
CA GLY B 929 -29.02 40.96 -5.80
C GLY B 929 -27.86 41.00 -4.83
N LYS B 930 -28.05 40.53 -3.60
CA LYS B 930 -26.91 40.45 -2.67
C LYS B 930 -25.95 39.32 -3.04
N ILE B 931 -26.44 38.30 -3.74
CA ILE B 931 -25.64 37.11 -4.05
C ILE B 931 -24.54 37.44 -5.05
N GLN B 932 -24.83 38.28 -6.04
CA GLN B 932 -23.83 38.69 -7.02
C GLN B 932 -22.71 39.49 -6.37
N ASP B 933 -23.05 40.38 -5.44
CA ASP B 933 -22.04 41.14 -4.72
C ASP B 933 -21.19 40.23 -3.83
N SER B 934 -21.84 39.26 -3.16
CA SER B 934 -21.10 38.32 -2.32
C SER B 934 -20.15 37.45 -3.12
N LEU B 935 -20.58 36.98 -4.30
CA LEU B 935 -19.73 36.14 -5.13
C LEU B 935 -18.63 36.95 -5.81
N SER B 936 -18.89 38.21 -6.15
CA SER B 936 -17.86 39.03 -6.77
C SER B 936 -16.82 39.48 -5.76
N SER B 937 -17.22 39.73 -4.50
CA SER B 937 -16.25 40.14 -3.50
C SER B 937 -15.51 38.95 -2.91
N THR B 938 -16.25 38.03 -2.29
CA THR B 938 -15.65 36.88 -1.61
C THR B 938 -15.57 35.71 -2.58
N ALA B 939 -14.36 35.31 -2.92
CA ALA B 939 -14.13 34.18 -3.81
C ALA B 939 -13.80 32.90 -3.06
N SER B 940 -13.89 32.91 -1.74
CA SER B 940 -13.55 31.75 -0.91
C SER B 940 -14.75 30.85 -0.65
N ALA B 941 -15.90 31.12 -1.27
CA ALA B 941 -17.06 30.26 -1.08
C ALA B 941 -16.91 28.94 -1.83
N LEU B 942 -16.14 28.93 -2.91
CA LEU B 942 -15.97 27.75 -3.76
C LEU B 942 -14.75 26.91 -3.36
N GLY B 943 -14.44 26.88 -2.07
CA GLY B 943 -13.30 26.12 -1.59
C GLY B 943 -13.45 24.61 -1.77
N LYS B 944 -14.68 24.11 -1.78
CA LYS B 944 -14.92 22.69 -2.02
C LYS B 944 -14.50 22.30 -3.45
N LEU B 945 -14.92 23.10 -4.43
CA LEU B 945 -14.57 22.81 -5.82
C LEU B 945 -13.10 23.07 -6.08
N GLN B 946 -12.54 24.09 -5.41
CA GLN B 946 -11.10 24.35 -5.52
C GLN B 946 -10.28 23.21 -4.93
N ASP B 947 -10.75 22.61 -3.83
CA ASP B 947 -10.10 21.43 -3.28
C ASP B 947 -10.25 20.22 -4.20
N VAL B 948 -11.39 20.11 -4.88
CA VAL B 948 -11.61 19.03 -5.85
C VAL B 948 -10.59 19.11 -6.98
N VAL B 949 -10.33 20.31 -7.48
CA VAL B 949 -9.28 20.48 -8.50
C VAL B 949 -7.90 20.23 -7.92
N ASN B 950 -7.63 20.79 -6.72
CA ASN B 950 -6.28 20.81 -6.17
C ASN B 950 -5.80 19.44 -5.71
N HIS B 951 -6.71 18.59 -5.22
CA HIS B 951 -6.31 17.24 -4.81
C HIS B 951 -5.83 16.41 -5.98
N ASN B 952 -6.56 16.48 -7.10
CA ASN B 952 -6.15 15.75 -8.30
C ASN B 952 -4.86 16.31 -8.89
N ALA B 953 -4.71 17.64 -8.88
CA ALA B 953 -3.47 18.25 -9.37
C ALA B 953 -2.27 17.87 -8.51
N GLN B 954 -2.44 17.88 -7.19
CA GLN B 954 -1.36 17.51 -6.27
C GLN B 954 -1.01 16.04 -6.39
N ALA B 955 -2.02 15.18 -6.55
CA ALA B 955 -1.77 13.74 -6.69
C ALA B 955 -1.02 13.43 -7.99
N LEU B 956 -1.41 14.09 -9.09
CA LEU B 956 -0.71 13.86 -10.35
C LEU B 956 0.71 14.43 -10.32
N ASN B 957 0.92 15.56 -9.64
CA ASN B 957 2.27 16.10 -9.49
C ASN B 957 3.15 15.20 -8.63
N THR B 958 2.58 14.61 -7.57
CA THR B 958 3.32 13.67 -6.74
C THR B 958 3.68 12.41 -7.51
N LEU B 959 2.73 11.89 -8.31
CA LEU B 959 2.99 10.71 -9.13
C LEU B 959 4.03 10.97 -10.21
N VAL B 960 4.07 12.19 -10.74
CA VAL B 960 5.11 12.54 -11.71
C VAL B 960 6.47 12.65 -11.01
N LYS B 961 6.51 13.30 -9.85
CA LYS B 961 7.77 13.49 -9.15
C LYS B 961 8.29 12.24 -8.45
N GLN B 962 7.49 11.17 -8.38
CA GLN B 962 7.95 9.93 -7.78
C GLN B 962 8.99 9.18 -8.62
N LEU B 963 9.16 9.53 -9.90
CA LEU B 963 10.11 8.82 -10.74
C LEU B 963 11.56 9.18 -10.45
N SER B 964 11.82 10.23 -9.68
CA SER B 964 13.17 10.64 -9.35
C SER B 964 13.79 9.79 -8.24
N SER B 965 13.00 8.99 -7.54
CA SER B 965 13.51 8.21 -6.42
C SER B 965 14.22 6.95 -6.91
N LYS B 966 15.28 6.56 -6.21
CA LYS B 966 16.08 5.42 -6.62
C LYS B 966 15.53 4.10 -6.11
N PHE B 967 14.85 4.12 -4.95
CA PHE B 967 14.34 2.94 -4.25
C PHE B 967 15.44 1.92 -3.98
N GLY B 968 16.61 2.40 -3.56
CA GLY B 968 17.72 1.55 -3.24
C GLY B 968 18.64 1.20 -4.39
N ALA B 969 18.27 1.57 -5.62
CA ALA B 969 19.14 1.34 -6.76
C ALA B 969 20.25 2.39 -6.79
N ILE B 970 21.29 2.11 -7.57
CA ILE B 970 22.40 3.04 -7.67
C ILE B 970 22.06 4.26 -8.50
N SER B 971 21.08 4.14 -9.40
CA SER B 971 20.66 5.26 -10.24
C SER B 971 19.18 5.09 -10.57
N SER B 972 18.54 6.21 -10.90
CA SER B 972 17.14 6.22 -11.28
C SER B 972 16.95 6.22 -12.79
N VAL B 973 18.01 5.99 -13.55
CA VAL B 973 17.93 5.98 -15.01
C VAL B 973 18.16 4.54 -15.48
N LEU B 974 17.13 3.99 -16.14
CA LEU B 974 17.15 2.60 -16.54
C LEU B 974 18.17 2.34 -17.65
N ASN B 975 18.29 3.29 -18.58
CA ASN B 975 19.29 3.17 -19.64
C ASN B 975 20.71 3.27 -19.09
N ASP B 976 20.92 4.10 -18.07
CA ASP B 976 22.22 4.16 -17.40
C ASP B 976 22.55 2.85 -16.71
N ILE B 977 21.57 2.25 -16.03
CA ILE B 977 21.79 0.96 -15.37
C ILE B 977 22.10 -0.14 -16.38
N PHE B 978 21.34 -0.17 -17.48
CA PHE B 978 21.54 -1.20 -18.51
C PHE B 978 22.86 -1.02 -19.24
N SER B 979 23.27 0.22 -19.51
CA SER B 979 24.52 0.47 -20.19
C SER B 979 25.73 0.39 -19.26
N ARG B 980 25.53 0.39 -17.95
CA ARG B 980 26.65 0.31 -17.03
C ARG B 980 26.87 -1.08 -16.44
N LEU B 981 25.82 -1.89 -16.26
CA LEU B 981 25.97 -3.12 -15.51
C LEU B 981 25.68 -4.34 -16.39
N ASP B 982 26.03 -5.51 -15.87
CA ASP B 982 25.71 -6.78 -16.51
C ASP B 982 24.25 -7.16 -16.30
N LYS B 983 23.85 -8.28 -16.90
CA LYS B 983 22.47 -8.72 -16.84
C LYS B 983 22.09 -9.22 -15.44
N VAL B 984 23.00 -9.97 -14.80
CA VAL B 984 22.65 -10.70 -13.58
C VAL B 984 22.44 -9.76 -12.38
N GLU B 985 22.99 -8.55 -12.43
CA GLU B 985 22.66 -7.54 -11.43
C GLU B 985 21.79 -6.41 -11.97
N ALA B 986 21.75 -6.22 -13.30
CA ALA B 986 20.81 -5.27 -13.88
C ALA B 986 19.38 -5.72 -13.67
N GLU B 987 19.15 -7.04 -13.71
CA GLU B 987 17.82 -7.59 -13.48
C GLU B 987 17.47 -7.73 -12.00
N VAL B 988 18.23 -7.11 -11.09
CA VAL B 988 17.75 -6.94 -9.71
C VAL B 988 17.69 -5.45 -9.40
N GLN B 989 18.52 -4.63 -10.07
CA GLN B 989 18.37 -3.19 -9.92
C GLN B 989 17.09 -2.68 -10.61
N ILE B 990 16.83 -3.15 -11.82
CA ILE B 990 15.59 -2.81 -12.52
C ILE B 990 14.40 -3.46 -11.80
N ASP B 991 14.62 -4.62 -11.16
CA ASP B 991 13.57 -5.23 -10.34
C ASP B 991 13.19 -4.34 -9.16
N ARG B 992 14.18 -3.76 -8.48
CA ARG B 992 13.91 -2.83 -7.39
C ARG B 992 13.17 -1.58 -7.89
N LEU B 993 13.61 -1.04 -9.03
CA LEU B 993 12.95 0.15 -9.59
C LEU B 993 11.52 -0.14 -10.01
N ILE B 994 11.27 -1.31 -10.61
CA ILE B 994 9.93 -1.69 -11.04
C ILE B 994 9.01 -1.89 -9.84
N THR B 995 9.52 -2.54 -8.77
CA THR B 995 8.74 -2.73 -7.55
C THR B 995 8.37 -1.40 -6.91
N GLY B 996 9.33 -0.47 -6.84
CA GLY B 996 9.06 0.84 -6.26
C GLY B 996 8.06 1.65 -7.07
N ARG B 997 8.18 1.63 -8.40
CA ARG B 997 7.24 2.38 -9.24
C ARG B 997 5.85 1.76 -9.24
N LEU B 998 5.76 0.42 -9.17
CA LEU B 998 4.47 -0.24 -9.09
C LEU B 998 3.76 0.06 -7.77
N GLN B 999 4.53 0.10 -6.66
CA GLN B 999 3.93 0.47 -5.38
C GLN B 999 3.49 1.94 -5.37
N SER B 1000 4.29 2.81 -6.01
CA SER B 1000 3.93 4.23 -6.12
C SER B 1000 2.68 4.43 -6.96
N LEU B 1001 2.45 3.58 -7.96
CA LEU B 1001 1.22 3.66 -8.73
C LEU B 1001 0.03 3.11 -7.95
N GLN B 1002 0.25 2.02 -7.19
CA GLN B 1002 -0.83 1.38 -6.42
C GLN B 1002 -1.36 2.30 -5.33
N THR B 1003 -0.47 3.05 -4.68
CA THR B 1003 -0.89 4.00 -3.65
C THR B 1003 -1.78 5.09 -4.22
N TYR B 1004 -1.42 5.62 -5.40
CA TYR B 1004 -2.23 6.63 -6.07
C TYR B 1004 -3.60 6.08 -6.47
N VAL B 1005 -3.65 4.85 -6.97
CA VAL B 1005 -4.94 4.26 -7.37
C VAL B 1005 -5.83 4.02 -6.15
N THR B 1006 -5.24 3.60 -5.04
CA THR B 1006 -6.02 3.39 -3.81
C THR B 1006 -6.60 4.71 -3.28
N GLN B 1007 -5.79 5.78 -3.28
CA GLN B 1007 -6.29 7.07 -2.83
C GLN B 1007 -7.35 7.64 -3.77
N GLN B 1008 -7.21 7.38 -5.08
CA GLN B 1008 -8.26 7.78 -6.02
C GLN B 1008 -9.55 7.01 -5.80
N LEU B 1009 -9.45 5.73 -5.41
CA LEU B 1009 -10.65 4.95 -5.09
C LEU B 1009 -11.37 5.50 -3.87
N ILE B 1010 -10.62 5.86 -2.83
CA ILE B 1010 -11.22 6.44 -1.61
C ILE B 1010 -11.87 7.79 -1.92
N ARG B 1011 -11.17 8.63 -2.69
CA ARG B 1011 -11.71 9.94 -3.07
C ARG B 1011 -12.93 9.80 -3.98
N ALA B 1012 -12.96 8.77 -4.83
CA ALA B 1012 -14.13 8.51 -5.68
C ALA B 1012 -15.33 8.08 -4.85
N ALA B 1013 -15.09 7.30 -3.79
CA ALA B 1013 -16.20 6.93 -2.88
C ALA B 1013 -16.77 8.16 -2.18
N GLU B 1014 -15.89 9.06 -1.71
CA GLU B 1014 -16.35 10.29 -1.07
C GLU B 1014 -17.12 11.19 -2.04
N ILE B 1015 -16.61 11.33 -3.27
CA ILE B 1015 -17.27 12.15 -4.29
C ILE B 1015 -18.60 11.55 -4.70
N ARG B 1016 -18.71 10.21 -4.75
CA ARG B 1016 -19.97 9.56 -5.05
C ARG B 1016 -21.00 9.77 -3.94
N ALA B 1017 -20.56 9.77 -2.68
CA ALA B 1017 -21.46 10.09 -1.58
C ALA B 1017 -21.97 11.52 -1.67
N SER B 1018 -21.09 12.46 -2.00
CA SER B 1018 -21.50 13.85 -2.17
C SER B 1018 -22.45 14.03 -3.35
N ALA B 1019 -22.23 13.26 -4.43
CA ALA B 1019 -23.09 13.34 -5.61
C ALA B 1019 -24.47 12.76 -5.32
N ASN B 1020 -24.53 11.69 -4.53
CA ASN B 1020 -25.83 11.14 -4.12
C ASN B 1020 -26.58 12.11 -3.23
N LEU B 1021 -25.87 12.79 -2.33
CA LEU B 1021 -26.50 13.83 -1.51
C LEU B 1021 -27.02 14.99 -2.36
N ALA B 1022 -26.25 15.39 -3.38
CA ALA B 1022 -26.68 16.47 -4.27
C ALA B 1022 -27.90 16.07 -5.09
N ALA B 1023 -27.94 14.83 -5.56
CA ALA B 1023 -29.10 14.34 -6.31
C ALA B 1023 -30.34 14.27 -5.44
N THR B 1024 -30.18 13.84 -4.18
CA THR B 1024 -31.30 13.84 -3.24
C THR B 1024 -31.81 15.26 -2.96
N LYS B 1025 -30.88 16.21 -2.78
CA LYS B 1025 -31.26 17.60 -2.55
C LYS B 1025 -31.99 18.19 -3.74
N MET B 1026 -31.51 17.90 -4.96
CA MET B 1026 -32.16 18.39 -6.17
C MET B 1026 -33.55 17.80 -6.34
N SER B 1027 -33.70 16.49 -6.12
CA SER B 1027 -35.00 15.83 -6.27
C SER B 1027 -36.00 16.29 -5.22
N GLU B 1028 -35.54 16.58 -4.00
CA GLU B 1028 -36.49 16.91 -2.94
C GLU B 1028 -36.74 18.41 -2.78
N CYS B 1029 -35.87 19.27 -3.31
CA CYS B 1029 -36.04 20.71 -3.14
C CYS B 1029 -36.27 21.46 -4.44
N VAL B 1030 -35.69 21.04 -5.56
CA VAL B 1030 -35.97 21.71 -6.82
C VAL B 1030 -37.28 21.20 -7.41
N LEU B 1031 -37.51 19.90 -7.31
CA LEU B 1031 -38.69 19.26 -7.89
C LEU B 1031 -39.87 19.22 -6.92
N GLY B 1032 -39.74 19.82 -5.74
CA GLY B 1032 -40.82 19.83 -4.80
C GLY B 1032 -40.56 20.80 -3.67
N GLN B 1033 -41.21 20.55 -2.54
CA GLN B 1033 -41.02 21.34 -1.34
C GLN B 1033 -40.66 20.41 -0.19
N SER B 1034 -39.68 20.82 0.61
CA SER B 1034 -39.11 19.96 1.64
C SER B 1034 -39.63 20.39 3.01
N LYS B 1035 -40.16 19.43 3.76
CA LYS B 1035 -40.55 19.64 5.15
C LYS B 1035 -39.45 19.27 6.13
N ARG B 1036 -38.30 18.84 5.64
CA ARG B 1036 -37.20 18.45 6.52
C ARG B 1036 -36.48 19.70 7.01
N VAL B 1037 -36.22 19.75 8.32
CA VAL B 1037 -35.68 20.95 8.94
C VAL B 1037 -34.20 21.07 8.59
N ASP B 1038 -33.81 22.26 8.10
CA ASP B 1038 -32.44 22.64 7.73
C ASP B 1038 -31.85 21.77 6.62
N PHE B 1039 -32.69 21.06 5.86
CA PHE B 1039 -32.18 20.30 4.72
C PHE B 1039 -31.84 21.21 3.56
N CYS B 1040 -32.71 22.19 3.26
CA CYS B 1040 -32.53 23.09 2.13
C CYS B 1040 -32.75 24.52 2.63
N GLY B 1041 -31.69 25.13 3.15
CA GLY B 1041 -31.78 26.49 3.65
C GLY B 1041 -32.34 26.59 5.05
N LYS B 1042 -31.79 27.48 5.87
CA LYS B 1042 -32.31 27.68 7.21
C LYS B 1042 -33.63 28.43 7.17
N GLY B 1043 -34.55 28.05 8.05
CA GLY B 1043 -35.89 28.58 8.03
C GLY B 1043 -36.85 27.64 7.31
N TYR B 1044 -38.08 28.11 7.15
CA TYR B 1044 -39.10 27.34 6.46
C TYR B 1044 -38.84 27.41 4.96
N HIS B 1045 -38.59 26.25 4.35
CA HIS B 1045 -38.13 26.20 2.97
C HIS B 1045 -39.26 26.47 2.00
N LEU B 1046 -39.03 27.39 1.05
CA LEU B 1046 -40.01 27.71 0.02
C LEU B 1046 -39.69 27.00 -1.29
N MET B 1047 -38.52 27.27 -1.88
CA MET B 1047 -38.12 26.61 -3.12
C MET B 1047 -36.61 26.68 -3.26
N SER B 1048 -36.10 26.18 -4.39
CA SER B 1048 -34.67 26.23 -4.65
C SER B 1048 -34.44 26.32 -6.15
N PHE B 1049 -33.24 26.80 -6.51
CA PHE B 1049 -32.85 26.92 -7.91
C PHE B 1049 -31.49 26.28 -8.10
N PRO B 1050 -31.31 25.45 -9.12
CA PRO B 1050 -29.99 24.87 -9.39
C PRO B 1050 -29.18 25.69 -10.38
N GLN B 1051 -27.86 25.73 -10.14
CA GLN B 1051 -26.91 26.36 -11.04
C GLN B 1051 -25.71 25.44 -11.20
N SER B 1052 -25.14 25.44 -12.39
CA SER B 1052 -23.95 24.64 -12.64
C SER B 1052 -22.72 25.30 -12.03
N ALA B 1053 -21.67 24.52 -11.86
CA ALA B 1053 -20.40 25.02 -11.34
C ALA B 1053 -19.29 24.09 -11.79
N PRO B 1054 -18.04 24.58 -11.90
CA PRO B 1054 -16.91 23.69 -12.23
C PRO B 1054 -16.74 22.57 -11.22
N HIS B 1055 -16.99 21.35 -11.70
CA HIS B 1055 -17.03 20.10 -10.91
C HIS B 1055 -18.04 20.19 -9.77
N GLY B 1056 -19.20 20.80 -10.01
CA GLY B 1056 -20.19 20.81 -8.94
C GLY B 1056 -21.46 21.54 -9.29
N VAL B 1057 -22.30 21.69 -8.27
CA VAL B 1057 -23.62 22.30 -8.39
C VAL B 1057 -23.78 23.30 -7.25
N VAL B 1058 -24.58 24.34 -7.48
CA VAL B 1058 -24.85 25.38 -6.51
C VAL B 1058 -26.36 25.55 -6.41
N PHE B 1059 -26.90 25.39 -5.20
CA PHE B 1059 -28.32 25.56 -4.95
C PHE B 1059 -28.56 26.92 -4.30
N LEU B 1060 -29.53 27.64 -4.84
CA LEU B 1060 -30.03 28.87 -4.23
C LEU B 1060 -31.35 28.55 -3.54
N HIS B 1061 -31.32 28.50 -2.21
CA HIS B 1061 -32.48 28.13 -1.42
C HIS B 1061 -33.24 29.39 -1.01
N VAL B 1062 -34.49 29.51 -1.46
CA VAL B 1062 -35.39 30.56 -1.05
C VAL B 1062 -36.21 30.03 0.11
N THR B 1063 -36.13 30.72 1.25
CA THR B 1063 -36.74 30.33 2.51
C THR B 1063 -37.43 31.52 3.16
N TYR B 1064 -38.34 31.20 4.08
CA TYR B 1064 -39.18 32.18 4.78
C TYR B 1064 -38.73 32.21 6.24
N VAL B 1065 -38.38 33.40 6.74
CA VAL B 1065 -37.88 33.55 8.10
C VAL B 1065 -38.74 34.58 8.82
N PRO B 1066 -39.38 34.23 9.95
CA PRO B 1066 -40.13 35.24 10.72
C PRO B 1066 -39.20 36.25 11.37
N ALA B 1067 -39.61 37.53 11.35
CA ALA B 1067 -38.70 38.63 11.65
C ALA B 1067 -39.05 39.40 12.91
N GLN B 1068 -40.26 39.97 13.02
CA GLN B 1068 -40.58 40.94 14.06
C GLN B 1068 -41.55 40.32 15.07
N GLU B 1069 -41.09 40.11 16.29
CA GLU B 1069 -41.79 39.33 17.30
C GLU B 1069 -42.58 40.22 18.24
N LYS B 1070 -43.59 39.64 18.88
CA LYS B 1070 -44.39 40.38 19.85
C LYS B 1070 -44.92 39.43 20.93
N ASN B 1071 -44.91 39.91 22.17
CA ASN B 1071 -45.41 39.15 23.31
C ASN B 1071 -46.93 39.18 23.37
N PHE B 1072 -47.52 38.05 23.80
CA PHE B 1072 -48.97 37.95 24.00
C PHE B 1072 -49.22 37.02 25.17
N THR B 1073 -50.39 37.17 25.80
CA THR B 1073 -50.78 36.32 26.92
C THR B 1073 -51.70 35.23 26.41
N THR B 1074 -51.31 33.97 26.61
CA THR B 1074 -51.98 32.87 25.94
C THR B 1074 -52.65 31.94 26.96
N ALA B 1075 -53.48 31.03 26.43
CA ALA B 1075 -54.22 30.06 27.23
C ALA B 1075 -54.57 28.88 26.34
N PRO B 1076 -54.60 27.66 26.89
CA PRO B 1076 -54.84 26.49 26.03
C PRO B 1076 -56.29 26.33 25.59
N ALA B 1077 -57.26 26.69 26.43
CA ALA B 1077 -58.67 26.49 26.11
C ALA B 1077 -59.47 27.63 26.72
N ILE B 1078 -60.76 27.68 26.39
CA ILE B 1078 -61.65 28.74 26.89
C ILE B 1078 -62.95 28.12 27.41
N CYS B 1079 -63.32 28.49 28.63
CA CYS B 1079 -64.63 28.14 29.17
C CYS B 1079 -65.71 29.00 28.54
N HIS B 1080 -66.81 28.37 28.13
CA HIS B 1080 -67.99 29.11 27.69
C HIS B 1080 -69.20 28.22 27.91
N ASP B 1081 -70.06 28.63 28.86
CA ASP B 1081 -71.27 27.89 29.25
C ASP B 1081 -70.96 26.46 29.69
N GLY B 1082 -69.85 26.29 30.41
CA GLY B 1082 -69.44 24.99 30.86
C GLY B 1082 -68.77 24.12 29.81
N LYS B 1083 -68.48 24.68 28.64
CA LYS B 1083 -67.86 23.94 27.55
C LYS B 1083 -66.42 24.41 27.36
N ALA B 1084 -65.53 23.48 27.05
CA ALA B 1084 -64.13 23.78 26.80
C ALA B 1084 -63.92 23.89 25.29
N HIS B 1085 -63.67 25.12 24.82
CA HIS B 1085 -63.38 25.38 23.42
C HIS B 1085 -61.88 25.39 23.20
N PHE B 1086 -61.42 24.62 22.22
CA PHE B 1086 -60.05 24.52 21.76
C PHE B 1086 -59.95 25.05 20.34
N PRO B 1087 -58.85 25.71 19.97
CA PRO B 1087 -58.74 26.23 18.60
C PRO B 1087 -58.49 25.10 17.59
N ARG B 1088 -59.16 25.22 16.44
CA ARG B 1088 -58.93 24.27 15.35
C ARG B 1088 -57.53 24.42 14.77
N GLU B 1089 -57.14 25.66 14.48
CA GLU B 1089 -55.76 25.99 14.17
C GLU B 1089 -55.42 27.31 14.84
N GLY B 1090 -54.13 27.52 15.06
CA GLY B 1090 -53.67 28.77 15.62
C GLY B 1090 -53.65 28.78 17.14
N VAL B 1091 -53.33 29.97 17.66
CA VAL B 1091 -53.05 30.17 19.07
C VAL B 1091 -54.11 31.12 19.64
N PHE B 1092 -54.65 30.77 20.81
CA PHE B 1092 -55.43 31.72 21.60
C PHE B 1092 -54.49 32.73 22.23
N VAL B 1093 -54.64 34.01 21.89
CA VAL B 1093 -53.81 35.07 22.43
C VAL B 1093 -54.69 36.16 23.03
N SER B 1094 -54.06 37.03 23.81
CA SER B 1094 -54.68 38.22 24.33
C SER B 1094 -53.64 39.32 24.42
N ASN B 1095 -54.07 40.54 24.10
CA ASN B 1095 -53.25 41.74 24.24
C ASN B 1095 -53.49 42.45 25.57
N GLY B 1096 -54.33 41.89 26.44
CA GLY B 1096 -54.57 42.47 27.74
C GLY B 1096 -56.04 42.54 28.12
N THR B 1097 -56.91 42.81 27.15
CA THR B 1097 -58.33 42.94 27.41
C THR B 1097 -59.17 41.90 26.67
N HIS B 1098 -58.94 41.75 25.36
CA HIS B 1098 -59.74 40.85 24.53
C HIS B 1098 -58.89 39.65 24.11
N TRP B 1099 -59.57 38.54 23.85
CA TRP B 1099 -58.93 37.31 23.41
C TRP B 1099 -59.25 37.06 21.94
N PHE B 1100 -58.22 36.77 21.16
CA PHE B 1100 -58.35 36.44 19.75
C PHE B 1100 -57.69 35.09 19.48
N VAL B 1101 -57.87 34.60 18.26
CA VAL B 1101 -57.16 33.42 17.80
C VAL B 1101 -56.41 33.78 16.51
N THR B 1102 -55.14 33.39 16.45
CA THR B 1102 -54.28 33.69 15.31
C THR B 1102 -53.77 32.40 14.70
N GLN B 1103 -53.02 32.55 13.61
CA GLN B 1103 -52.16 31.47 13.14
C GLN B 1103 -50.82 31.54 13.86
N ARG B 1104 -50.07 30.46 13.79
CA ARG B 1104 -48.87 30.33 14.62
C ARG B 1104 -47.71 31.16 14.09
N ASN B 1105 -47.53 31.24 12.77
CA ASN B 1105 -46.34 31.84 12.19
C ASN B 1105 -46.55 33.29 11.74
N PHE B 1106 -47.71 33.86 12.02
CA PHE B 1106 -47.99 35.24 11.63
C PHE B 1106 -49.08 35.79 12.54
N TYR B 1107 -48.91 37.02 13.00
CA TYR B 1107 -49.91 37.62 13.88
C TYR B 1107 -51.06 38.14 13.03
N GLU B 1108 -52.19 37.43 13.07
CA GLU B 1108 -53.40 37.83 12.36
C GLU B 1108 -54.59 37.51 13.26
N PRO B 1109 -54.97 38.44 14.13
CA PRO B 1109 -55.99 38.13 15.14
C PRO B 1109 -57.38 38.06 14.54
N GLN B 1110 -58.12 37.02 14.91
CA GLN B 1110 -59.50 36.84 14.51
C GLN B 1110 -60.37 36.63 15.76
N ILE B 1111 -61.63 37.03 15.64
CA ILE B 1111 -62.58 36.92 16.75
C ILE B 1111 -62.89 35.46 16.99
N ILE B 1112 -62.81 35.04 18.26
CA ILE B 1112 -63.02 33.65 18.65
C ILE B 1112 -64.50 33.29 18.53
N THR B 1113 -64.85 32.55 17.48
CA THR B 1113 -66.21 32.13 17.20
C THR B 1113 -66.32 30.61 17.34
N THR B 1114 -67.49 30.08 16.98
CA THR B 1114 -67.72 28.64 16.99
C THR B 1114 -67.32 27.97 15.68
N ASP B 1115 -66.88 28.73 14.69
CA ASP B 1115 -66.49 28.18 13.39
C ASP B 1115 -64.99 27.91 13.29
N ASN B 1116 -64.20 28.43 14.23
CA ASN B 1116 -62.77 28.16 14.26
C ASN B 1116 -62.33 27.47 15.54
N THR B 1117 -63.26 27.17 16.45
CA THR B 1117 -62.99 26.40 17.66
C THR B 1117 -63.88 25.17 17.68
N PHE B 1118 -63.44 24.16 18.43
CA PHE B 1118 -64.22 22.94 18.63
C PHE B 1118 -64.35 22.65 20.11
N VAL B 1119 -65.47 22.04 20.46
CA VAL B 1119 -65.87 21.78 21.85
C VAL B 1119 -65.38 20.41 22.25
N SER B 1120 -64.81 20.30 23.46
CA SER B 1120 -64.35 19.01 23.96
C SER B 1120 -64.48 19.00 25.49
N GLY B 1121 -65.48 18.27 25.97
CA GLY B 1121 -65.63 18.06 27.40
C GLY B 1121 -66.11 19.30 28.14
N ASN B 1122 -65.69 19.41 29.39
CA ASN B 1122 -66.07 20.55 30.22
C ASN B 1122 -64.83 21.21 30.82
N CYS B 1123 -65.05 22.17 31.72
CA CYS B 1123 -63.99 23.07 32.15
C CYS B 1123 -63.05 22.48 33.19
N ASP B 1124 -63.45 21.39 33.87
CA ASP B 1124 -62.74 20.96 35.08
C ASP B 1124 -61.41 20.28 34.79
N VAL B 1125 -61.26 19.64 33.64
CA VAL B 1125 -60.10 18.79 33.41
C VAL B 1125 -58.90 19.58 32.89
N VAL B 1126 -59.14 20.57 32.04
CA VAL B 1126 -58.05 21.30 31.39
C VAL B 1126 -57.38 22.24 32.39
N ILE B 1127 -56.06 22.20 32.43
CA ILE B 1127 -55.28 23.01 33.35
C ILE B 1127 -54.87 24.30 32.64
N GLY B 1128 -55.20 25.44 33.25
CA GLY B 1128 -54.86 26.73 32.70
C GLY B 1128 -55.93 27.39 31.85
N ILE B 1129 -57.17 26.91 31.93
CA ILE B 1129 -58.25 27.44 31.10
C ILE B 1129 -58.73 28.78 31.64
N VAL B 1130 -59.20 29.66 30.74
CA VAL B 1130 -59.63 31.00 31.10
C VAL B 1130 -61.08 31.18 30.67
N ASN B 1131 -61.74 32.17 31.29
CA ASN B 1131 -63.14 32.45 31.05
C ASN B 1131 -63.27 33.58 30.03
N ASN B 1132 -63.99 33.34 28.94
CA ASN B 1132 -64.32 34.38 27.98
C ASN B 1132 -65.56 33.96 27.20
N THR B 1133 -66.03 34.87 26.36
CA THR B 1133 -67.20 34.61 25.53
C THR B 1133 -66.79 34.11 24.16
N VAL B 1134 -67.51 33.11 23.67
CA VAL B 1134 -67.31 32.57 22.32
C VAL B 1134 -68.51 32.97 21.49
N TYR B 1135 -68.27 33.72 20.42
CA TYR B 1135 -69.33 34.28 19.62
C TYR B 1135 -70.00 33.21 18.77
N ASP B 1136 -71.32 33.30 18.63
CA ASP B 1136 -72.07 32.41 17.76
C ASP B 1136 -72.56 33.19 16.55
N PRO B 1137 -72.06 32.90 15.35
CA PRO B 1137 -72.49 33.69 14.18
C PRO B 1137 -73.90 33.38 13.71
N LEU B 1138 -74.43 32.21 14.05
CA LEU B 1138 -75.75 31.81 13.53
C LEU B 1138 -76.90 32.51 14.24
N GLN B 1139 -76.74 32.80 15.55
CA GLN B 1139 -77.87 33.28 16.34
C GLN B 1139 -78.37 34.68 15.95
N PRO B 1140 -77.55 35.73 15.81
CA PRO B 1140 -78.13 37.00 15.36
C PRO B 1140 -78.47 37.03 13.88
N GLU B 1141 -77.89 36.13 13.09
CA GLU B 1141 -78.30 36.02 11.68
C GLU B 1141 -79.69 35.42 11.55
N LEU B 1142 -80.01 34.40 12.36
CA LEU B 1142 -81.37 33.89 12.36
C LEU B 1142 -82.33 34.81 13.09
N ASP B 1143 -81.83 35.62 14.03
CA ASP B 1143 -82.66 36.59 14.72
C ASP B 1143 -82.90 37.85 13.91
N SER B 1144 -82.21 38.02 12.78
CA SER B 1144 -82.38 39.21 11.94
C SER B 1144 -83.68 39.13 11.14
N ALA C 27 6.89 -46.64 35.25
CA ALA C 27 5.61 -46.08 35.63
C ALA C 27 5.47 -44.65 35.14
N TYR C 28 4.25 -44.12 35.19
CA TYR C 28 3.96 -42.76 34.75
C TYR C 28 3.05 -42.09 35.77
N THR C 29 3.12 -40.76 35.82
CA THR C 29 2.15 -39.98 36.58
C THR C 29 1.96 -38.64 35.87
N ASN C 30 1.07 -37.82 36.43
CA ASN C 30 0.61 -36.60 35.77
C ASN C 30 1.45 -35.41 36.24
N SER C 31 1.98 -34.65 35.28
CA SER C 31 2.86 -33.54 35.60
C SER C 31 2.10 -32.27 35.98
N PHE C 32 0.80 -32.20 35.68
CA PHE C 32 -0.09 -31.05 35.89
C PHE C 32 0.50 -29.82 35.21
N THR C 33 0.55 -28.65 35.85
CA THR C 33 1.06 -27.42 35.25
C THR C 33 2.47 -27.09 35.73
N ARG C 34 3.28 -28.11 35.99
CA ARG C 34 4.64 -27.90 36.47
C ARG C 34 5.62 -27.81 35.31
N GLY C 35 6.77 -27.20 35.58
CA GLY C 35 7.82 -27.07 34.60
C GLY C 35 7.89 -25.75 33.87
N VAL C 36 7.40 -24.67 34.47
CA VAL C 36 7.42 -23.34 33.85
C VAL C 36 8.61 -22.59 34.42
N TYR C 37 9.51 -22.14 33.54
CA TYR C 37 10.71 -21.42 33.94
C TYR C 37 10.75 -20.07 33.23
N TYR C 38 11.61 -19.19 33.73
CA TYR C 38 11.77 -17.87 33.12
C TYR C 38 12.59 -18.02 31.85
N PRO C 39 12.06 -17.63 30.68
CA PRO C 39 12.82 -17.81 29.44
C PRO C 39 13.93 -16.79 29.23
N ASP C 40 13.89 -15.65 29.92
CA ASP C 40 14.87 -14.60 29.72
C ASP C 40 14.96 -13.76 30.99
N LYS C 41 16.02 -12.96 31.07
CA LYS C 41 16.23 -12.05 32.20
C LYS C 41 15.61 -10.68 31.93
N VAL C 42 14.32 -10.67 31.62
CA VAL C 42 13.59 -9.46 31.23
C VAL C 42 12.47 -9.26 32.23
N PHE C 43 12.44 -8.08 32.86
CA PHE C 43 11.38 -7.75 33.80
C PHE C 43 10.18 -7.20 33.04
N ARG C 44 9.02 -7.83 33.23
CA ARG C 44 7.77 -7.37 32.64
C ARG C 44 6.72 -7.26 33.74
N SER C 45 5.94 -6.19 33.71
CA SER C 45 5.00 -5.87 34.78
C SER C 45 3.57 -5.92 34.26
N SER C 46 2.81 -6.92 34.72
CA SER C 46 1.36 -7.05 34.53
C SER C 46 0.99 -7.10 33.04
N VAL C 47 1.43 -8.16 32.38
CA VAL C 47 1.28 -8.30 30.94
C VAL C 47 1.15 -9.80 30.64
N LEU C 48 0.63 -10.11 29.46
CA LEU C 48 0.59 -11.48 28.94
C LEU C 48 1.51 -11.56 27.74
N HIS C 49 2.60 -12.33 27.86
CA HIS C 49 3.63 -12.40 26.84
C HIS C 49 3.70 -13.81 26.26
N SER C 50 3.72 -13.91 24.94
CA SER C 50 3.74 -15.20 24.26
C SER C 50 5.14 -15.50 23.74
N THR C 51 5.63 -16.69 24.06
CA THR C 51 6.96 -17.12 23.63
C THR C 51 6.89 -18.55 23.14
N GLN C 52 7.94 -18.99 22.45
CA GLN C 52 8.01 -20.34 21.91
C GLN C 52 9.38 -20.91 22.23
N ASP C 53 9.43 -21.80 23.24
CA ASP C 53 10.69 -22.33 23.74
C ASP C 53 10.52 -23.80 24.08
N LEU C 54 11.59 -24.42 24.57
CA LEU C 54 11.53 -25.81 25.02
C LEU C 54 10.88 -25.84 26.39
N PHE C 55 9.62 -26.27 26.43
CA PHE C 55 8.85 -26.34 27.66
C PHE C 55 8.36 -27.76 27.88
N LEU C 56 8.03 -28.07 29.13
CA LEU C 56 7.35 -29.31 29.43
C LEU C 56 5.85 -29.13 29.18
N PRO C 57 5.22 -30.00 28.38
CA PRO C 57 3.79 -29.84 28.09
C PRO C 57 2.93 -30.09 29.32
N PHE C 58 1.79 -29.41 29.35
CA PHE C 58 0.85 -29.57 30.45
C PHE C 58 0.17 -30.92 30.37
N PHE C 59 -0.03 -31.54 31.55
CA PHE C 59 -0.70 -32.84 31.71
C PHE C 59 -0.02 -33.94 30.89
N SER C 60 1.30 -33.98 30.94
CA SER C 60 2.08 -34.99 30.24
C SER C 60 2.52 -36.09 31.18
N ASN C 61 2.85 -37.24 30.61
CA ASN C 61 3.27 -38.41 31.39
C ASN C 61 4.70 -38.17 31.85
N VAL C 62 4.87 -37.86 33.13
CA VAL C 62 6.19 -37.71 33.72
C VAL C 62 6.57 -39.03 34.41
N THR C 63 7.80 -39.49 34.15
CA THR C 63 8.24 -40.80 34.57
C THR C 63 8.53 -40.82 36.07
N TRP C 64 8.04 -41.86 36.75
CA TRP C 64 8.09 -42.01 38.19
C TRP C 64 9.22 -42.95 38.56
N PHE C 65 10.00 -42.58 39.58
CA PHE C 65 11.02 -43.47 40.12
C PHE C 65 11.07 -43.34 41.63
N HIS C 66 11.24 -44.48 42.30
CA HIS C 66 11.34 -44.55 43.75
C HIS C 66 12.67 -45.17 44.14
N VAL C 67 13.18 -44.74 45.29
CA VAL C 67 14.48 -45.20 45.79
C VAL C 67 14.24 -46.22 46.89
N ILE C 68 14.84 -47.39 46.75
CA ILE C 68 14.70 -48.46 47.74
C ILE C 68 15.56 -48.17 48.95
N ASP C 78 16.12 -47.49 41.84
CA ASP C 78 17.43 -47.57 41.21
C ASP C 78 17.71 -46.32 40.40
N ASN C 79 18.88 -46.27 39.77
CA ASN C 79 19.32 -45.13 38.97
C ASN C 79 19.84 -45.54 37.58
N PRO C 80 18.95 -45.94 36.68
CA PRO C 80 19.37 -46.33 35.34
C PRO C 80 19.71 -45.12 34.48
N VAL C 81 20.50 -45.37 33.45
CA VAL C 81 20.94 -44.31 32.55
C VAL C 81 19.80 -43.95 31.62
N LEU C 82 19.48 -42.66 31.54
CA LEU C 82 18.34 -42.18 30.81
C LEU C 82 18.78 -41.20 29.72
N PRO C 83 18.01 -41.10 28.62
CA PRO C 83 18.35 -40.12 27.59
C PRO C 83 18.14 -38.69 28.06
N PHE C 84 18.83 -37.77 27.40
CA PHE C 84 18.75 -36.35 27.70
C PHE C 84 17.80 -35.59 26.79
N ASN C 85 17.80 -35.94 25.49
CA ASN C 85 17.01 -35.31 24.43
C ASN C 85 17.22 -33.79 24.37
N ASP C 86 16.15 -33.04 24.16
CA ASP C 86 16.27 -31.59 24.11
C ASP C 86 16.43 -30.97 25.49
N GLY C 87 15.82 -31.55 26.50
CA GLY C 87 15.95 -31.05 27.86
C GLY C 87 15.34 -32.01 28.84
N VAL C 88 15.70 -31.84 30.11
CA VAL C 88 15.25 -32.73 31.18
C VAL C 88 14.65 -31.88 32.29
N TYR C 89 13.40 -32.17 32.64
CA TYR C 89 12.77 -31.65 33.84
C TYR C 89 12.87 -32.69 34.94
N PHE C 90 13.37 -32.28 36.10
CA PHE C 90 13.61 -33.18 37.22
C PHE C 90 12.83 -32.67 38.41
N ALA C 91 12.21 -33.60 39.15
CA ALA C 91 11.51 -33.24 40.37
C ALA C 91 11.88 -34.22 41.46
N SER C 92 12.17 -33.72 42.65
CA SER C 92 12.59 -34.57 43.76
C SER C 92 11.74 -34.26 44.98
N ILE C 93 11.13 -35.29 45.55
CA ILE C 93 10.36 -35.18 46.79
C ILE C 93 11.07 -36.03 47.83
N GLU C 94 11.65 -35.38 48.84
CA GLU C 94 12.35 -36.07 49.92
C GLU C 94 12.54 -35.11 51.09
N LYS C 95 12.93 -35.68 52.22
CA LYS C 95 13.36 -34.92 53.40
C LYS C 95 14.76 -35.27 53.85
N SER C 96 15.23 -36.49 53.58
CA SER C 96 16.54 -36.95 54.03
C SER C 96 17.68 -36.55 53.12
N ASN C 97 17.37 -35.89 51.99
CA ASN C 97 18.35 -35.44 50.98
C ASN C 97 19.19 -36.59 50.44
N ILE C 98 18.50 -37.66 50.03
CA ILE C 98 19.18 -38.81 49.45
C ILE C 98 19.75 -38.47 48.07
N ILE C 99 18.98 -37.78 47.24
CA ILE C 99 19.43 -37.41 45.91
C ILE C 99 20.46 -36.30 46.03
N ARG C 100 21.64 -36.53 45.46
CA ARG C 100 22.78 -35.64 45.66
C ARG C 100 23.35 -35.05 44.39
N GLY C 101 23.20 -35.69 43.24
CA GLY C 101 23.79 -35.10 42.05
C GLY C 101 23.35 -35.79 40.78
N TRP C 102 24.02 -35.41 39.69
CA TRP C 102 23.80 -36.00 38.38
C TRP C 102 25.12 -36.13 37.64
N ILE C 103 25.14 -37.08 36.69
CA ILE C 103 26.25 -37.27 35.77
C ILE C 103 25.70 -37.24 34.35
N PHE C 104 26.41 -36.56 33.45
CA PHE C 104 25.99 -36.39 32.07
C PHE C 104 27.08 -36.89 31.15
N GLY C 105 26.71 -37.19 29.91
CA GLY C 105 27.70 -37.57 28.93
C GLY C 105 27.08 -38.30 27.76
N THR C 106 27.82 -38.30 26.64
CA THR C 106 27.40 -39.02 25.45
C THR C 106 27.58 -40.53 25.60
N THR C 107 28.70 -40.96 26.18
CA THR C 107 29.01 -42.38 26.25
C THR C 107 29.33 -42.83 27.67
N LEU C 108 29.88 -41.90 28.48
CA LEU C 108 30.25 -42.12 29.89
C LEU C 108 31.23 -43.28 30.04
N ASP C 109 32.21 -43.36 29.13
CA ASP C 109 33.20 -44.42 29.14
C ASP C 109 34.60 -43.92 29.46
N SER C 110 34.69 -42.72 30.05
CA SER C 110 35.95 -42.04 30.42
C SER C 110 36.87 -41.83 29.22
N LYS C 111 36.29 -41.62 28.05
CA LYS C 111 37.06 -41.28 26.86
C LYS C 111 36.96 -39.81 26.48
N THR C 112 35.83 -39.17 26.80
CA THR C 112 35.62 -37.76 26.49
C THR C 112 35.07 -37.09 27.73
N GLN C 113 34.67 -35.82 27.59
CA GLN C 113 34.20 -35.04 28.72
C GLN C 113 32.83 -35.53 29.19
N SER C 114 32.64 -35.50 30.51
CA SER C 114 31.41 -35.99 31.13
C SER C 114 31.13 -35.16 32.37
N LEU C 115 29.95 -34.53 32.41
CA LEU C 115 29.60 -33.63 33.50
C LEU C 115 29.36 -34.41 34.79
N LEU C 116 29.51 -33.69 35.91
CA LEU C 116 29.36 -34.29 37.23
C LEU C 116 29.01 -33.17 38.20
N ILE C 117 27.76 -33.12 38.65
CA ILE C 117 27.29 -32.12 39.59
C ILE C 117 26.90 -32.85 40.87
N VAL C 118 27.57 -32.51 41.98
CA VAL C 118 27.37 -33.20 43.25
C VAL C 118 27.26 -32.16 44.36
N ASN C 119 26.18 -32.25 45.15
CA ASN C 119 26.07 -31.49 46.40
C ASN C 119 26.60 -32.37 47.52
N ASN C 120 27.73 -31.97 48.11
CA ASN C 120 28.37 -32.74 49.18
C ASN C 120 27.98 -32.23 50.56
N ALA C 121 26.76 -31.72 50.70
CA ALA C 121 26.11 -31.19 51.91
C ALA C 121 26.77 -29.92 52.47
N THR C 122 27.79 -29.38 51.81
CA THR C 122 28.37 -28.10 52.22
C THR C 122 28.45 -27.16 51.02
N ASN C 123 28.71 -27.71 49.83
CA ASN C 123 28.86 -26.92 48.61
C ASN C 123 28.29 -27.72 47.44
N VAL C 124 28.36 -27.13 46.26
CA VAL C 124 28.00 -27.78 45.01
C VAL C 124 29.23 -27.80 44.11
N VAL C 125 29.61 -28.97 43.65
CA VAL C 125 30.82 -29.18 42.85
C VAL C 125 30.42 -29.61 41.45
N ILE C 126 30.94 -28.92 40.44
CA ILE C 126 30.70 -29.24 39.05
C ILE C 126 32.05 -29.51 38.39
N LYS C 127 32.20 -30.71 37.84
CA LYS C 127 33.42 -31.14 37.16
C LYS C 127 33.06 -31.75 35.82
N VAL C 128 34.06 -31.84 34.94
CA VAL C 128 33.85 -32.41 33.61
C VAL C 128 34.81 -33.57 33.38
N CYS C 129 35.23 -34.23 34.45
CA CYS C 129 36.30 -35.21 34.39
C CYS C 129 35.85 -36.49 33.70
N GLU C 130 36.84 -37.20 33.14
CA GLU C 130 36.57 -38.47 32.46
C GLU C 130 36.19 -39.56 33.45
N PHE C 131 36.95 -39.68 34.54
CA PHE C 131 36.86 -40.82 35.42
C PHE C 131 35.61 -40.75 36.30
N GLN C 132 35.24 -41.90 36.85
CA GLN C 132 34.06 -42.04 37.69
C GLN C 132 34.48 -42.17 39.14
N PHE C 133 33.70 -41.55 40.04
CA PHE C 133 34.05 -41.53 41.45
C PHE C 133 33.97 -42.91 42.09
N CYS C 134 32.96 -43.69 41.73
CA CYS C 134 32.82 -45.06 42.19
C CYS C 134 32.32 -45.92 41.04
N ASN C 135 32.61 -47.22 41.13
CA ASN C 135 32.16 -48.16 40.10
C ASN C 135 30.64 -48.27 40.07
N ASP C 136 30.02 -48.46 41.23
CA ASP C 136 28.59 -48.26 41.38
C ASP C 136 28.36 -46.85 41.90
N PRO C 137 27.67 -45.98 41.15
CA PRO C 137 27.62 -44.55 41.53
C PRO C 137 26.82 -44.25 42.79
N PHE C 138 27.51 -43.80 43.83
CA PHE C 138 26.90 -43.38 45.08
C PHE C 138 27.80 -42.36 45.73
N LEU C 139 27.32 -41.78 46.83
CA LEU C 139 28.08 -40.79 47.59
C LEU C 139 28.36 -41.31 48.98
N ASP C 140 29.60 -41.10 49.45
CA ASP C 140 30.01 -41.53 50.78
C ASP C 140 29.37 -40.64 51.85
N ASN C 160 43.41 -33.13 34.22
CA ASN C 160 43.03 -33.15 32.82
C ASN C 160 41.63 -32.56 32.64
N CYS C 161 40.91 -32.38 33.74
CA CYS C 161 39.56 -31.83 33.71
C CYS C 161 39.60 -30.36 33.30
N THR C 162 38.86 -30.02 32.24
CA THR C 162 38.95 -28.70 31.62
C THR C 162 38.10 -27.64 32.30
N PHE C 163 37.34 -28.00 33.32
CA PHE C 163 36.44 -27.05 33.97
C PHE C 163 36.14 -27.56 35.38
N GLU C 164 36.01 -26.62 36.31
CA GLU C 164 35.67 -26.94 37.69
C GLU C 164 35.01 -25.72 38.31
N TYR C 165 33.89 -25.94 39.00
CA TYR C 165 33.14 -24.83 39.58
C TYR C 165 32.57 -25.24 40.94
N VAL C 166 32.74 -24.39 41.94
CA VAL C 166 32.24 -24.63 43.29
C VAL C 166 31.31 -23.50 43.67
N SER C 167 30.09 -23.86 44.06
CA SER C 167 29.11 -22.88 44.52
C SER C 167 29.34 -22.51 45.98
N PHE C 181 9.43 -36.20 53.20
CA PHE C 181 8.77 -35.68 52.01
C PHE C 181 8.47 -34.20 52.16
N LYS C 182 9.15 -33.54 53.10
CA LYS C 182 8.94 -32.13 53.37
C LYS C 182 9.60 -31.22 52.34
N ASN C 183 10.50 -31.74 51.51
CA ASN C 183 11.26 -30.93 50.56
C ASN C 183 10.89 -31.34 49.14
N LEU C 184 10.60 -30.35 48.30
CA LEU C 184 10.41 -30.56 46.87
C LEU C 184 11.37 -29.64 46.12
N ARG C 185 12.21 -30.22 45.28
CA ARG C 185 13.14 -29.47 44.46
C ARG C 185 12.85 -29.74 42.99
N GLU C 186 12.64 -28.68 42.22
CA GLU C 186 12.39 -28.77 40.80
C GLU C 186 13.58 -28.20 40.04
N PHE C 187 13.99 -28.91 38.99
CA PHE C 187 15.14 -28.52 38.18
C PHE C 187 14.79 -28.67 36.71
N VAL C 188 15.42 -27.84 35.89
CA VAL C 188 15.36 -27.95 34.43
C VAL C 188 16.78 -27.83 33.91
N PHE C 189 17.24 -28.86 33.21
CA PHE C 189 18.54 -28.85 32.55
C PHE C 189 18.32 -28.80 31.05
N LYS C 190 18.90 -27.81 30.38
CA LYS C 190 18.83 -27.77 28.93
C LYS C 190 20.18 -27.34 28.36
N ASN C 191 20.40 -27.71 27.11
CA ASN C 191 21.69 -27.52 26.44
C ASN C 191 21.43 -26.88 25.08
N ILE C 192 21.60 -25.57 24.99
CA ILE C 192 21.39 -24.84 23.74
C ILE C 192 22.72 -24.27 23.27
N ASP C 193 23.06 -24.55 22.00
CA ASP C 193 24.36 -24.35 21.32
C ASP C 193 25.56 -24.72 22.18
N GLY C 194 25.45 -25.79 22.97
CA GLY C 194 26.49 -26.22 23.87
C GLY C 194 26.46 -25.61 25.25
N TYR C 195 25.79 -24.46 25.40
CA TYR C 195 25.66 -23.82 26.71
C TYR C 195 24.64 -24.57 27.55
N PHE C 196 25.04 -24.86 28.79
CA PHE C 196 24.23 -25.64 29.73
C PHE C 196 23.54 -24.69 30.70
N LYS C 197 22.20 -24.73 30.71
CA LYS C 197 21.40 -23.87 31.57
C LYS C 197 20.65 -24.73 32.58
N ILE C 198 20.71 -24.31 33.84
CA ILE C 198 20.03 -24.97 34.96
C ILE C 198 19.06 -23.98 35.58
N TYR C 199 17.79 -24.37 35.66
CA TYR C 199 16.76 -23.63 36.38
C TYR C 199 16.33 -24.47 37.58
N SER C 200 15.97 -23.79 38.67
CA SER C 200 15.66 -24.51 39.90
C SER C 200 14.61 -23.77 40.70
N LYS C 201 13.97 -24.53 41.59
CA LYS C 201 13.00 -23.99 42.54
C LYS C 201 12.92 -24.94 43.72
N HIS C 202 13.33 -24.48 44.89
CA HIS C 202 13.32 -25.26 46.12
C HIS C 202 12.17 -24.79 47.00
N THR C 203 11.30 -25.72 47.40
CA THR C 203 10.13 -25.35 48.17
C THR C 203 9.87 -26.38 49.26
N PRO C 204 9.26 -25.96 50.37
CA PRO C 204 8.75 -26.94 51.35
C PRO C 204 7.29 -27.30 51.07
N ILE C 205 6.97 -28.58 51.26
CA ILE C 205 5.62 -29.09 51.07
C ILE C 205 5.22 -29.89 52.29
N ILE C 206 3.91 -30.05 52.46
CA ILE C 206 3.34 -30.72 53.61
C ILE C 206 2.79 -32.09 53.25
N VAL C 207 2.22 -32.23 52.06
CA VAL C 207 1.45 -33.41 51.65
C VAL C 207 2.34 -34.63 51.47
N ARG C 208 1.71 -35.79 51.37
CA ARG C 208 2.36 -37.10 51.35
C ARG C 208 2.80 -37.46 49.93
N GLU C 209 3.36 -38.67 49.78
CA GLU C 209 3.88 -39.14 48.49
C GLU C 209 2.76 -39.57 47.53
N PRO C 210 1.63 -40.13 47.99
CA PRO C 210 0.42 -40.06 47.17
C PRO C 210 0.02 -38.62 46.88
N GLU C 211 -0.68 -38.45 45.74
CA GLU C 211 -0.93 -37.29 44.88
C GLU C 211 0.29 -36.95 44.02
N ASP C 212 1.44 -37.60 44.25
CA ASP C 212 2.66 -37.52 43.43
C ASP C 212 3.13 -36.07 43.35
N LEU C 213 3.20 -35.47 42.16
CA LEU C 213 3.55 -34.06 42.06
C LEU C 213 2.39 -33.19 42.57
N PRO C 214 2.69 -32.10 43.27
CA PRO C 214 1.60 -31.24 43.78
C PRO C 214 0.93 -30.46 42.65
N GLN C 215 -0.40 -30.46 42.67
CA GLN C 215 -1.20 -29.79 41.65
C GLN C 215 -1.25 -28.30 41.97
N GLY C 216 -0.46 -27.51 41.25
CA GLY C 216 -0.42 -26.08 41.46
C GLY C 216 0.41 -25.36 40.42
N PHE C 217 1.07 -24.28 40.80
CA PHE C 217 1.91 -23.52 39.89
C PHE C 217 3.11 -22.98 40.65
N SER C 218 4.28 -23.05 40.01
CA SER C 218 5.50 -22.50 40.58
C SER C 218 6.49 -22.23 39.46
N ALA C 219 7.01 -21.00 39.42
CA ALA C 219 8.01 -20.64 38.42
C ALA C 219 9.39 -21.10 38.85
N LEU C 220 10.24 -21.34 37.86
CA LEU C 220 11.59 -21.85 38.09
C LEU C 220 12.61 -20.81 37.67
N GLU C 221 13.57 -20.52 38.57
CA GLU C 221 14.49 -19.41 38.36
C GLU C 221 15.88 -19.92 37.97
N PRO C 222 16.60 -19.22 37.08
CA PRO C 222 17.90 -19.72 36.64
C PRO C 222 18.98 -19.59 37.70
N LEU C 223 19.89 -20.57 37.73
CA LEU C 223 21.02 -20.52 38.64
C LEU C 223 22.36 -20.47 37.90
N VAL C 224 22.63 -21.44 37.02
CA VAL C 224 23.98 -21.67 36.50
C VAL C 224 23.92 -21.70 34.97
N ASP C 225 24.78 -20.90 34.34
CA ASP C 225 25.05 -20.99 32.90
C ASP C 225 26.49 -21.43 32.71
N LEU C 226 26.72 -22.30 31.72
CA LEU C 226 28.05 -22.86 31.52
C LEU C 226 28.50 -22.68 30.08
N PRO C 227 29.76 -22.29 29.87
CA PRO C 227 30.28 -22.13 28.50
C PRO C 227 30.92 -23.40 27.95
N ILE C 228 30.56 -24.55 28.53
CA ILE C 228 31.33 -25.79 28.35
C ILE C 228 31.29 -26.29 26.91
N GLY C 229 30.15 -26.16 26.24
CA GLY C 229 30.03 -26.62 24.87
C GLY C 229 30.10 -28.12 24.69
N ILE C 230 29.64 -28.88 25.67
CA ILE C 230 29.76 -30.34 25.68
C ILE C 230 28.42 -30.94 25.24
N ASN C 231 28.49 -31.83 24.25
CA ASN C 231 27.31 -32.57 23.84
C ASN C 231 26.89 -33.54 24.94
N ILE C 232 25.59 -33.61 25.20
CA ILE C 232 25.04 -34.49 26.23
C ILE C 232 23.84 -35.24 25.63
N THR C 233 23.88 -36.57 25.69
CA THR C 233 22.74 -37.40 25.31
C THR C 233 22.26 -38.34 26.40
N ARG C 234 23.11 -38.68 27.38
CA ARG C 234 22.73 -39.58 28.46
C ARG C 234 23.03 -38.92 29.80
N PHE C 235 22.24 -39.28 30.81
CA PHE C 235 22.44 -38.76 32.15
C PHE C 235 21.92 -39.76 33.17
N GLN C 236 22.37 -39.60 34.41
CA GLN C 236 22.02 -40.52 35.49
C GLN C 236 22.13 -39.81 36.83
N THR C 237 21.13 -39.97 37.68
CA THR C 237 21.17 -39.36 39.00
C THR C 237 22.12 -40.14 39.92
N LEU C 238 22.61 -39.43 40.94
CA LEU C 238 23.56 -39.98 41.92
C LEU C 238 23.01 -39.74 43.31
N LEU C 239 22.86 -40.81 44.08
CA LEU C 239 22.30 -40.79 45.42
C LEU C 239 23.41 -40.86 46.45
N ALA C 240 23.02 -41.01 47.72
CA ALA C 240 23.95 -41.17 48.83
C ALA C 240 23.63 -42.46 49.58
N LEU C 241 24.65 -43.25 49.87
CA LEU C 241 24.49 -44.53 50.55
C LEU C 241 25.40 -44.56 51.78
N HIS C 242 24.86 -45.08 52.88
CA HIS C 242 25.62 -45.21 54.12
C HIS C 242 25.37 -46.57 54.76
N ALA C 260 11.96 -41.05 49.65
CA ALA C 260 12.54 -40.26 48.57
C ALA C 260 12.07 -40.76 47.21
N ALA C 261 11.58 -39.85 46.38
CA ALA C 261 11.14 -40.21 45.04
C ALA C 261 11.50 -39.09 44.07
N TYR C 262 11.61 -39.44 42.78
CA TYR C 262 11.90 -38.44 41.78
C TYR C 262 11.14 -38.72 40.49
N TYR C 263 11.05 -37.68 39.67
CA TYR C 263 10.24 -37.66 38.46
C TYR C 263 11.07 -37.04 37.34
N VAL C 264 11.01 -37.66 36.16
CA VAL C 264 11.80 -37.23 35.01
C VAL C 264 10.84 -36.96 33.85
N GLY C 265 10.92 -35.75 33.29
CA GLY C 265 10.13 -35.39 32.12
C GLY C 265 11.02 -34.79 31.05
N TYR C 266 10.46 -34.69 29.85
CA TYR C 266 11.23 -34.28 28.68
C TYR C 266 10.65 -33.01 28.08
N LEU C 267 11.54 -32.07 27.75
CA LEU C 267 11.12 -30.80 27.17
C LEU C 267 10.90 -30.93 25.67
N GLN C 268 9.88 -30.24 25.17
CA GLN C 268 9.54 -30.21 23.76
C GLN C 268 9.30 -28.76 23.33
N PRO C 269 9.51 -28.44 22.04
CA PRO C 269 9.24 -27.07 21.59
C PRO C 269 7.76 -26.72 21.61
N ARG C 270 7.38 -25.83 22.51
CA ARG C 270 5.99 -25.45 22.70
C ARG C 270 5.89 -23.93 22.83
N THR C 271 4.70 -23.43 22.55
CA THR C 271 4.39 -22.01 22.67
C THR C 271 3.59 -21.80 23.96
N PHE C 272 4.09 -20.93 24.82
CA PHE C 272 3.48 -20.64 26.11
C PHE C 272 3.13 -19.17 26.21
N LEU C 273 1.98 -18.89 26.80
CA LEU C 273 1.54 -17.52 27.09
C LEU C 273 1.70 -17.32 28.60
N LEU C 274 2.78 -16.63 28.98
CA LEU C 274 3.12 -16.43 30.38
C LEU C 274 2.52 -15.12 30.88
N LYS C 275 2.02 -15.16 32.11
CA LYS C 275 1.38 -14.02 32.75
C LYS C 275 2.33 -13.42 33.78
N TYR C 276 2.67 -12.14 33.61
CA TYR C 276 3.55 -11.42 34.51
C TYR C 276 2.72 -10.47 35.39
N ASN C 277 2.92 -10.56 36.69
CA ASN C 277 2.26 -9.69 37.65
C ASN C 277 3.05 -8.39 37.80
N GLU C 278 2.73 -7.62 38.86
CA GLU C 278 3.38 -6.34 39.07
C GLU C 278 4.87 -6.48 39.40
N ASN C 279 5.25 -7.54 40.11
CA ASN C 279 6.63 -7.75 40.52
C ASN C 279 7.43 -8.58 39.53
N GLY C 280 6.85 -8.96 38.39
CA GLY C 280 7.55 -9.72 37.39
C GLY C 280 7.53 -11.22 37.57
N THR C 281 6.85 -11.72 38.59
CA THR C 281 6.74 -13.16 38.83
C THR C 281 5.75 -13.76 37.84
N ILE C 282 6.10 -14.91 37.26
CA ILE C 282 5.19 -15.61 36.37
C ILE C 282 4.09 -16.23 37.23
N THR C 283 2.89 -15.64 37.17
CA THR C 283 1.81 -16.07 38.04
C THR C 283 1.05 -17.24 37.44
N ASP C 284 0.87 -17.25 36.12
CA ASP C 284 0.17 -18.34 35.45
C ASP C 284 0.68 -18.46 34.02
N ALA C 285 0.40 -19.61 33.41
CA ALA C 285 0.83 -19.87 32.04
C ALA C 285 -0.25 -20.65 31.33
N VAL C 286 -0.27 -20.52 30.00
CA VAL C 286 -1.26 -21.18 29.16
C VAL C 286 -0.51 -21.90 28.04
N ASP C 287 -0.75 -23.21 27.90
CA ASP C 287 -0.13 -24.01 26.86
C ASP C 287 -1.01 -23.96 25.61
N CYS C 288 -0.47 -23.40 24.53
CA CYS C 288 -1.26 -23.08 23.35
C CYS C 288 -1.63 -24.29 22.52
N ALA C 289 -1.05 -25.46 22.78
CA ALA C 289 -1.31 -26.65 21.98
C ALA C 289 -2.00 -27.76 22.77
N LEU C 290 -2.57 -27.44 23.94
CA LEU C 290 -3.19 -28.48 24.76
C LEU C 290 -4.62 -28.77 24.30
N ASP C 291 -5.50 -27.80 24.37
CA ASP C 291 -6.91 -27.93 24.01
C ASP C 291 -7.35 -26.68 23.27
N PRO C 292 -8.47 -26.76 22.51
CA PRO C 292 -8.94 -25.58 21.77
C PRO C 292 -9.31 -24.37 22.62
N LEU C 293 -9.65 -24.56 23.90
CA LEU C 293 -9.90 -23.41 24.77
C LEU C 293 -8.62 -22.62 25.01
N SER C 294 -7.50 -23.30 25.28
CA SER C 294 -6.24 -22.59 25.44
C SER C 294 -5.68 -22.12 24.11
N GLU C 295 -6.04 -22.80 23.01
CA GLU C 295 -5.72 -22.29 21.67
C GLU C 295 -6.42 -20.96 21.41
N THR C 296 -7.70 -20.86 21.81
CA THR C 296 -8.44 -19.60 21.69
C THR C 296 -7.87 -18.53 22.63
N LYS C 297 -7.43 -18.95 23.82
CA LYS C 297 -6.79 -18.01 24.75
C LYS C 297 -5.50 -17.45 24.18
N CYS C 298 -4.69 -18.29 23.54
CA CYS C 298 -3.46 -17.81 22.91
C CYS C 298 -3.76 -16.98 21.66
N THR C 299 -4.87 -17.28 20.97
CA THR C 299 -5.25 -16.47 19.82
C THR C 299 -5.70 -15.08 20.23
N LEU C 300 -6.47 -14.98 21.31
CA LEU C 300 -6.94 -13.69 21.79
C LEU C 300 -5.96 -12.96 22.69
N LYS C 301 -4.86 -13.63 23.08
CA LYS C 301 -3.86 -13.10 24.02
C LYS C 301 -4.50 -12.69 25.35
N SER C 302 -5.45 -13.50 25.82
CA SER C 302 -6.18 -13.19 27.03
C SER C 302 -6.51 -14.49 27.77
N PHE C 303 -6.51 -14.41 29.10
CA PHE C 303 -6.86 -15.55 29.93
C PHE C 303 -8.37 -15.74 30.05
N THR C 304 -9.16 -14.73 29.69
CA THR C 304 -10.62 -14.79 29.77
C THR C 304 -11.18 -14.69 28.35
N VAL C 305 -12.00 -15.66 27.97
CA VAL C 305 -12.61 -15.73 26.65
C VAL C 305 -14.10 -15.53 26.81
N GLU C 306 -14.65 -14.52 26.13
CA GLU C 306 -16.08 -14.26 26.19
C GLU C 306 -16.83 -15.20 25.26
N LYS C 307 -18.16 -15.14 25.34
CA LYS C 307 -19.01 -16.06 24.60
C LYS C 307 -19.03 -15.74 23.11
N GLY C 308 -18.85 -16.75 22.29
CA GLY C 308 -18.98 -16.58 20.86
C GLY C 308 -18.18 -17.61 20.08
N ILE C 309 -17.96 -17.26 18.81
CA ILE C 309 -17.19 -18.08 17.88
C ILE C 309 -15.90 -17.33 17.55
N TYR C 310 -14.78 -18.04 17.59
CA TYR C 310 -13.47 -17.46 17.33
C TYR C 310 -12.71 -18.34 16.35
N GLN C 311 -12.14 -17.74 15.31
CA GLN C 311 -11.30 -18.49 14.39
C GLN C 311 -9.94 -18.75 15.00
N THR C 312 -9.44 -19.97 14.83
CA THR C 312 -8.16 -20.41 15.39
C THR C 312 -7.29 -20.93 14.24
N SER C 313 -6.20 -21.60 14.62
CA SER C 313 -5.24 -22.11 13.64
C SER C 313 -5.86 -23.20 12.77
N ASN C 314 -5.52 -23.18 11.50
CA ASN C 314 -6.09 -24.09 10.51
C ASN C 314 -5.54 -25.49 10.70
N PHE C 315 -6.24 -26.47 10.12
CA PHE C 315 -5.83 -27.86 10.18
C PHE C 315 -5.55 -28.37 8.77
N ARG C 316 -4.58 -29.25 8.65
CA ARG C 316 -4.25 -29.91 7.39
C ARG C 316 -4.13 -31.41 7.62
N VAL C 317 -4.59 -32.20 6.65
CA VAL C 317 -4.42 -33.64 6.71
C VAL C 317 -2.97 -33.98 6.40
N GLN C 318 -2.30 -34.62 7.33
CA GLN C 318 -0.89 -34.94 7.17
C GLN C 318 -0.70 -36.08 6.17
N PRO C 319 0.37 -36.06 5.38
CA PRO C 319 0.66 -37.19 4.49
C PRO C 319 1.07 -38.42 5.27
N THR C 320 0.79 -39.59 4.68
CA THR C 320 1.02 -40.86 5.35
C THR C 320 2.40 -41.44 5.05
N GLU C 321 2.70 -41.68 3.78
CA GLU C 321 3.99 -42.21 3.37
C GLU C 321 4.53 -41.38 2.20
N SER C 322 5.72 -41.75 1.74
CA SER C 322 6.39 -41.06 0.65
C SER C 322 6.53 -41.99 -0.55
N ILE C 323 6.30 -41.44 -1.74
CA ILE C 323 6.38 -42.18 -3.00
C ILE C 323 7.47 -41.54 -3.85
N VAL C 324 8.42 -42.35 -4.31
CA VAL C 324 9.46 -41.92 -5.23
C VAL C 324 9.26 -42.68 -6.54
N ARG C 325 9.26 -41.97 -7.66
CA ARG C 325 9.04 -42.60 -8.95
C ARG C 325 10.03 -42.06 -9.97
N PHE C 326 10.64 -42.96 -10.73
CA PHE C 326 11.70 -42.63 -11.66
C PHE C 326 11.68 -43.65 -12.79
N PRO C 327 12.19 -43.28 -13.98
CA PRO C 327 12.26 -44.27 -15.07
C PRO C 327 13.24 -45.39 -14.75
N ASN C 328 12.96 -46.56 -15.33
CA ASN C 328 13.69 -47.78 -14.99
C ASN C 328 14.93 -47.98 -15.86
N ILE C 329 15.79 -46.97 -15.93
CA ILE C 329 17.03 -47.07 -16.68
C ILE C 329 18.14 -47.50 -15.72
N THR C 330 19.05 -48.35 -16.23
CA THR C 330 20.11 -48.92 -15.41
C THR C 330 21.51 -48.66 -15.94
N ASN C 331 21.66 -48.17 -17.16
CA ASN C 331 22.98 -47.89 -17.71
C ASN C 331 23.60 -46.68 -17.04
N LEU C 332 24.94 -46.67 -17.00
CA LEU C 332 25.69 -45.59 -16.39
C LEU C 332 26.18 -44.65 -17.49
N CYS C 333 26.03 -43.35 -17.25
CA CYS C 333 26.27 -42.36 -18.27
C CYS C 333 27.76 -42.25 -18.61
N PRO C 334 28.10 -41.94 -19.87
CA PRO C 334 29.52 -41.92 -20.26
C PRO C 334 30.31 -40.76 -19.68
N PHE C 335 30.51 -40.77 -18.37
CA PHE C 335 31.40 -39.83 -17.70
C PHE C 335 32.82 -40.38 -17.58
N ASP C 336 33.05 -41.62 -18.02
CA ASP C 336 34.38 -42.18 -18.16
C ASP C 336 34.85 -42.13 -19.61
N GLU C 337 34.13 -41.40 -20.47
CA GLU C 337 34.60 -41.01 -21.78
C GLU C 337 35.10 -39.57 -21.81
N VAL C 338 34.38 -38.66 -21.16
CA VAL C 338 34.96 -37.37 -20.80
C VAL C 338 35.86 -37.57 -19.59
N PHE C 339 36.84 -36.66 -19.44
CA PHE C 339 37.93 -36.70 -18.47
C PHE C 339 38.85 -37.91 -18.64
N ASN C 340 38.71 -38.69 -19.71
CA ASN C 340 39.46 -39.93 -19.87
C ASN C 340 39.92 -40.19 -21.29
N ALA C 341 39.69 -39.26 -22.23
CA ALA C 341 40.14 -39.45 -23.60
C ALA C 341 41.66 -39.31 -23.67
N THR C 342 42.23 -39.86 -24.76
CA THR C 342 43.67 -39.80 -24.97
C THR C 342 44.13 -38.37 -25.21
N ARG C 343 43.36 -37.59 -25.97
CA ARG C 343 43.67 -36.18 -26.18
C ARG C 343 42.37 -35.44 -26.44
N PHE C 344 42.10 -34.42 -25.63
CA PHE C 344 40.93 -33.58 -25.87
C PHE C 344 41.16 -32.69 -27.09
N ALA C 345 40.07 -32.16 -27.62
CA ALA C 345 40.11 -31.38 -28.84
C ALA C 345 40.59 -29.96 -28.55
N SER C 346 40.83 -29.20 -29.62
CA SER C 346 41.23 -27.80 -29.50
C SER C 346 39.97 -26.94 -29.33
N VAL C 347 40.14 -25.63 -29.41
CA VAL C 347 39.01 -24.74 -29.15
C VAL C 347 38.12 -24.62 -30.39
N TYR C 348 38.64 -24.91 -31.58
CA TYR C 348 37.82 -24.85 -32.79
C TYR C 348 36.83 -26.01 -32.82
N ALA C 349 37.28 -27.21 -32.41
CA ALA C 349 36.42 -28.37 -32.46
C ALA C 349 35.42 -28.36 -31.31
N TRP C 350 35.93 -28.24 -30.07
CA TRP C 350 35.18 -28.23 -28.80
C TRP C 350 34.07 -29.27 -28.76
N ASN C 351 34.50 -30.53 -28.80
CA ASN C 351 33.59 -31.64 -29.08
C ASN C 351 32.55 -31.83 -27.99
N ARG C 352 31.29 -31.92 -28.42
CA ARG C 352 30.14 -32.11 -27.55
C ARG C 352 29.70 -33.57 -27.63
N LYS C 353 29.58 -34.21 -26.47
CA LYS C 353 29.06 -35.56 -26.37
C LYS C 353 27.66 -35.50 -25.80
N ARG C 354 26.71 -36.12 -26.49
CA ARG C 354 25.35 -36.21 -26.00
C ARG C 354 25.24 -37.32 -24.95
N ILE C 355 24.64 -36.99 -23.82
CA ILE C 355 24.42 -37.91 -22.72
C ILE C 355 22.92 -38.06 -22.55
N SER C 356 22.45 -39.29 -22.76
CA SER C 356 21.02 -39.61 -22.70
C SER C 356 20.86 -41.09 -22.37
N ASN C 357 19.68 -41.42 -21.84
CA ASN C 357 19.21 -42.79 -21.62
C ASN C 357 20.13 -43.59 -20.68
N CYS C 358 20.51 -42.97 -19.56
CA CYS C 358 21.40 -43.62 -18.61
C CYS C 358 21.19 -43.02 -17.23
N VAL C 359 21.95 -43.53 -16.26
CA VAL C 359 21.96 -43.04 -14.89
C VAL C 359 23.28 -42.30 -14.68
N ALA C 360 23.21 -41.04 -14.27
CA ALA C 360 24.39 -40.19 -14.14
C ALA C 360 24.76 -40.06 -12.67
N ASP C 361 25.84 -40.72 -12.28
CA ASP C 361 26.36 -40.65 -10.91
C ASP C 361 27.34 -39.48 -10.85
N TYR C 362 26.85 -38.33 -10.41
CA TYR C 362 27.70 -37.15 -10.25
C TYR C 362 28.61 -37.23 -9.04
N SER C 363 28.40 -38.20 -8.14
CA SER C 363 29.27 -38.39 -6.99
C SER C 363 30.64 -38.98 -7.35
N VAL C 364 30.78 -39.51 -8.58
CA VAL C 364 32.07 -40.01 -9.04
C VAL C 364 33.08 -38.87 -9.14
N LEU C 365 32.64 -37.71 -9.63
CA LEU C 365 33.53 -36.55 -9.72
C LEU C 365 33.92 -36.03 -8.35
N TYR C 366 33.01 -36.10 -7.37
CA TYR C 366 33.34 -35.70 -6.01
C TYR C 366 34.28 -36.71 -5.36
N ASN C 367 34.14 -37.99 -5.69
CA ASN C 367 35.08 -38.99 -5.18
C ASN C 367 36.46 -38.85 -5.81
N LEU C 368 36.53 -38.40 -7.06
CA LEU C 368 37.81 -38.27 -7.75
C LEU C 368 38.55 -37.04 -7.23
N ALA C 369 39.78 -37.26 -6.75
CA ALA C 369 40.62 -36.16 -6.25
C ALA C 369 40.99 -35.11 -7.29
N PRO C 370 41.54 -35.46 -8.51
CA PRO C 370 42.12 -34.33 -9.30
C PRO C 370 41.10 -33.51 -10.07
N PHE C 371 40.31 -32.73 -9.33
CA PHE C 371 39.35 -31.79 -9.91
C PHE C 371 39.47 -30.46 -9.17
N PHE C 372 39.24 -29.36 -9.90
CA PHE C 372 39.53 -28.04 -9.38
C PHE C 372 38.34 -27.10 -9.36
N THR C 373 37.49 -27.11 -10.39
CA THR C 373 36.33 -26.22 -10.46
C THR C 373 35.04 -27.02 -10.44
N PHE C 374 34.16 -26.70 -9.49
CA PHE C 374 32.81 -27.23 -9.42
C PHE C 374 31.78 -26.11 -9.59
N LYS C 375 32.14 -25.08 -10.37
CA LYS C 375 31.35 -23.86 -10.45
C LYS C 375 30.19 -24.05 -11.42
N CYS C 376 28.98 -23.72 -10.96
CA CYS C 376 27.76 -24.04 -11.68
C CYS C 376 26.80 -22.85 -11.66
N TYR C 377 25.96 -22.80 -12.70
CA TYR C 377 24.86 -21.85 -12.83
C TYR C 377 23.54 -22.62 -12.81
N GLY C 378 22.62 -22.17 -11.97
CA GLY C 378 21.26 -22.70 -11.93
C GLY C 378 20.99 -23.78 -10.90
N VAL C 379 21.91 -24.73 -10.75
CA VAL C 379 21.76 -25.86 -9.84
C VAL C 379 22.95 -25.87 -8.89
N SER C 380 22.68 -25.94 -7.58
CA SER C 380 23.74 -26.11 -6.61
C SER C 380 24.34 -27.50 -6.77
N PRO C 381 25.68 -27.63 -6.78
CA PRO C 381 26.31 -28.90 -7.15
C PRO C 381 26.01 -30.06 -6.20
N THR C 382 25.83 -29.79 -4.91
CA THR C 382 25.45 -30.82 -3.96
C THR C 382 24.06 -31.38 -4.22
N LYS C 383 23.21 -30.66 -4.95
CA LYS C 383 21.91 -31.16 -5.38
C LYS C 383 21.92 -31.58 -6.84
N LEU C 384 23.10 -31.81 -7.42
CA LEU C 384 23.17 -32.27 -8.81
C LEU C 384 22.79 -33.74 -8.97
N ASN C 385 22.74 -34.49 -7.88
CA ASN C 385 22.54 -35.93 -7.93
C ASN C 385 21.05 -36.29 -7.98
N ASP C 386 20.17 -35.36 -7.58
CA ASP C 386 18.75 -35.68 -7.41
C ASP C 386 17.87 -35.24 -8.57
N LEU C 387 18.21 -34.14 -9.23
CA LEU C 387 17.38 -33.60 -10.30
C LEU C 387 17.48 -34.46 -11.55
N CYS C 388 16.45 -34.44 -12.39
CA CYS C 388 16.40 -35.40 -13.47
C CYS C 388 16.06 -34.72 -14.80
N PHE C 389 16.98 -34.84 -15.76
CA PHE C 389 17.08 -33.93 -16.89
C PHE C 389 16.87 -34.65 -18.22
N THR C 390 16.64 -33.87 -19.28
CA THR C 390 16.33 -34.42 -20.59
C THR C 390 17.59 -34.93 -21.30
N ASN C 391 18.50 -34.03 -21.63
CA ASN C 391 19.72 -34.36 -22.34
C ASN C 391 20.86 -33.52 -21.81
N VAL C 392 22.06 -34.11 -21.75
CA VAL C 392 23.24 -33.39 -21.28
C VAL C 392 24.24 -33.30 -22.43
N TYR C 393 24.90 -32.15 -22.56
CA TYR C 393 25.95 -31.95 -23.55
C TYR C 393 27.27 -31.72 -22.83
N ALA C 394 28.27 -32.53 -23.13
CA ALA C 394 29.58 -32.41 -22.50
C ALA C 394 30.58 -31.89 -23.53
N ASP C 395 31.07 -30.67 -23.32
CA ASP C 395 32.03 -30.05 -24.23
C ASP C 395 33.42 -30.22 -23.65
N SER C 396 34.30 -30.92 -24.38
CA SER C 396 35.63 -31.26 -23.90
C SER C 396 36.69 -30.54 -24.72
N PHE C 397 37.63 -29.87 -24.05
CA PHE C 397 38.57 -28.98 -24.71
C PHE C 397 39.75 -28.69 -23.80
N VAL C 398 40.80 -28.09 -24.38
CA VAL C 398 42.06 -27.78 -23.68
C VAL C 398 42.44 -26.34 -23.95
N ILE C 399 42.54 -25.53 -22.89
CA ILE C 399 42.98 -24.13 -23.03
C ILE C 399 44.12 -23.90 -22.03
N ARG C 400 44.95 -22.89 -22.31
CA ARG C 400 45.74 -22.23 -21.29
C ARG C 400 44.82 -21.74 -20.17
N GLY C 401 45.25 -21.99 -18.93
CA GLY C 401 44.34 -21.97 -17.78
C GLY C 401 43.78 -20.60 -17.42
N ASP C 402 44.42 -19.53 -17.85
CA ASP C 402 43.95 -18.19 -17.52
C ASP C 402 42.91 -17.66 -18.50
N GLU C 403 42.55 -18.45 -19.51
CA GLU C 403 41.57 -18.06 -20.51
C GLU C 403 40.20 -18.70 -20.26
N VAL C 404 40.16 -19.78 -19.46
CA VAL C 404 38.95 -20.56 -19.21
C VAL C 404 37.89 -19.72 -18.51
N ARG C 405 38.32 -18.73 -17.71
CA ARG C 405 37.41 -17.82 -17.02
C ARG C 405 36.61 -16.94 -17.99
N GLN C 406 37.03 -16.85 -19.25
CA GLN C 406 36.22 -16.18 -20.27
C GLN C 406 34.91 -16.91 -20.53
N ILE C 407 34.89 -18.23 -20.37
CA ILE C 407 33.77 -19.06 -20.81
C ILE C 407 32.67 -18.94 -19.76
N ALA C 408 31.73 -18.04 -20.01
CA ALA C 408 30.68 -17.70 -19.05
C ALA C 408 29.53 -17.07 -19.83
N PRO C 409 28.31 -17.01 -19.25
CA PRO C 409 27.22 -16.26 -19.88
C PRO C 409 27.52 -14.78 -20.07
N GLY C 410 27.65 -14.36 -21.33
CA GLY C 410 27.79 -12.96 -21.68
C GLY C 410 29.17 -12.37 -21.48
N GLN C 411 30.15 -13.14 -21.03
CA GLN C 411 31.48 -12.61 -20.79
C GLN C 411 32.28 -12.56 -22.08
N THR C 412 32.97 -11.44 -22.30
CA THR C 412 33.68 -11.20 -23.54
C THR C 412 35.02 -11.95 -23.55
N GLY C 413 35.77 -11.75 -24.62
CA GLY C 413 37.04 -12.43 -24.82
C GLY C 413 37.11 -13.00 -26.22
N ASN C 414 38.35 -13.16 -26.72
CA ASN C 414 38.55 -13.63 -28.09
C ASN C 414 38.10 -15.08 -28.27
N ILE C 415 38.40 -15.94 -27.29
CA ILE C 415 38.05 -17.36 -27.38
C ILE C 415 36.54 -17.53 -27.35
N ALA C 416 35.87 -16.90 -26.37
CA ALA C 416 34.43 -17.02 -26.22
C ALA C 416 33.66 -16.23 -27.27
N ASP C 417 34.31 -15.30 -27.96
CA ASP C 417 33.66 -14.57 -29.04
C ASP C 417 33.83 -15.24 -30.40
N TYR C 418 34.96 -15.93 -30.61
CA TYR C 418 35.30 -16.42 -31.94
C TYR C 418 35.17 -17.94 -32.09
N ASN C 419 35.02 -18.68 -30.99
CA ASN C 419 34.86 -20.13 -31.09
C ASN C 419 33.48 -20.59 -30.66
N TYR C 420 33.07 -20.27 -29.43
CA TYR C 420 31.74 -20.61 -28.94
C TYR C 420 31.38 -19.68 -27.81
N LYS C 421 30.15 -19.18 -27.82
CA LYS C 421 29.63 -18.31 -26.78
C LYS C 421 28.73 -19.11 -25.85
N LEU C 422 28.85 -18.86 -24.56
CA LEU C 422 27.85 -19.40 -23.65
C LEU C 422 26.64 -18.48 -23.65
N PRO C 423 25.42 -19.02 -23.75
CA PRO C 423 24.22 -18.16 -23.79
C PRO C 423 23.97 -17.48 -22.46
N ASP C 424 23.12 -16.45 -22.50
CA ASP C 424 22.91 -15.61 -21.33
C ASP C 424 22.13 -16.34 -20.23
N ASP C 425 21.22 -17.24 -20.60
CA ASP C 425 20.44 -18.01 -19.65
C ASP C 425 21.00 -19.41 -19.47
N PHE C 426 22.32 -19.54 -19.50
CA PHE C 426 22.97 -20.85 -19.45
C PHE C 426 22.99 -21.36 -18.02
N THR C 427 22.43 -22.56 -17.81
CA THR C 427 22.50 -23.26 -16.53
C THR C 427 23.39 -24.47 -16.73
N GLY C 428 24.58 -24.44 -16.15
CA GLY C 428 25.56 -25.44 -16.48
C GLY C 428 26.59 -25.59 -15.39
N CYS C 429 27.63 -26.36 -15.69
CA CYS C 429 28.75 -26.55 -14.77
C CYS C 429 30.05 -26.57 -15.56
N VAL C 430 31.12 -26.08 -14.94
CA VAL C 430 32.44 -26.03 -15.58
C VAL C 430 33.42 -26.79 -14.69
N ILE C 431 34.05 -27.83 -15.24
CA ILE C 431 35.03 -28.62 -14.52
C ILE C 431 36.36 -28.54 -15.27
N ALA C 432 37.39 -28.04 -14.60
CA ALA C 432 38.70 -27.86 -15.21
C ALA C 432 39.77 -28.52 -14.36
N TRP C 433 40.81 -29.02 -15.01
CA TRP C 433 41.95 -29.58 -14.30
C TRP C 433 43.22 -29.44 -15.12
N ASN C 434 44.33 -29.18 -14.42
CA ASN C 434 45.63 -29.06 -15.07
C ASN C 434 46.08 -30.41 -15.63
N SER C 435 46.47 -30.40 -16.90
CA SER C 435 46.78 -31.60 -17.67
C SER C 435 48.15 -31.49 -18.31
N ASN C 436 49.16 -31.16 -17.50
CA ASN C 436 50.54 -31.05 -17.99
C ASN C 436 51.05 -32.38 -18.52
N LYS C 437 50.88 -33.45 -17.74
CA LYS C 437 51.37 -34.77 -18.15
C LYS C 437 50.53 -35.38 -19.27
N LEU C 438 49.33 -34.85 -19.51
CA LEU C 438 48.48 -35.37 -20.58
C LEU C 438 48.62 -34.58 -21.88
N ASP C 439 48.97 -33.31 -21.81
CA ASP C 439 49.01 -32.45 -22.99
C ASP C 439 50.39 -31.87 -23.27
N SER C 440 51.05 -31.31 -22.26
CA SER C 440 52.29 -30.58 -22.49
C SER C 440 53.44 -31.55 -22.75
N LYS C 441 54.14 -31.33 -23.85
CA LYS C 441 55.28 -32.15 -24.25
C LYS C 441 56.57 -31.35 -24.12
N VAL C 442 57.68 -31.98 -24.48
CA VAL C 442 58.96 -31.30 -24.54
C VAL C 442 58.97 -30.38 -25.75
N SER C 443 59.43 -29.13 -25.53
CA SER C 443 59.49 -28.05 -26.54
C SER C 443 58.11 -27.72 -27.10
N GLY C 444 57.08 -27.83 -26.26
CA GLY C 444 55.77 -27.30 -26.59
C GLY C 444 54.88 -28.30 -27.31
N ASN C 445 53.57 -28.09 -27.17
CA ASN C 445 52.56 -28.85 -27.88
C ASN C 445 51.81 -27.87 -28.78
N TYR C 446 52.02 -27.98 -30.08
CA TYR C 446 51.44 -27.07 -31.06
C TYR C 446 50.12 -27.57 -31.63
N ASN C 447 49.61 -28.71 -31.14
CA ASN C 447 48.38 -29.27 -31.67
C ASN C 447 47.14 -28.48 -31.26
N TYR C 448 47.20 -27.73 -30.16
CA TYR C 448 46.10 -26.91 -29.71
C TYR C 448 46.24 -25.52 -30.31
N LEU C 449 45.33 -25.17 -31.21
CA LEU C 449 45.40 -23.92 -31.95
C LEU C 449 44.22 -23.03 -31.58
N TYR C 450 44.45 -21.72 -31.63
CA TYR C 450 43.55 -20.72 -31.07
C TYR C 450 43.38 -19.58 -32.06
N ARG C 451 42.29 -18.84 -31.90
CA ARG C 451 41.91 -17.78 -32.82
C ARG C 451 42.24 -16.40 -32.25
N LEU C 452 42.55 -15.47 -33.16
CA LEU C 452 42.71 -14.07 -32.82
C LEU C 452 42.05 -13.12 -33.81
N PHE C 453 41.64 -13.60 -34.99
CA PHE C 453 41.01 -12.78 -36.00
C PHE C 453 39.70 -13.41 -36.43
N ARG C 454 38.64 -12.61 -36.48
CA ARG C 454 37.36 -13.01 -37.05
C ARG C 454 36.59 -11.77 -37.44
N LYS C 455 35.67 -11.92 -38.38
CA LYS C 455 34.90 -10.79 -38.89
C LYS C 455 33.60 -10.55 -38.13
N SER C 456 33.22 -11.43 -37.21
CA SER C 456 31.95 -11.29 -36.52
C SER C 456 32.02 -11.99 -35.18
N ASN C 457 31.06 -11.67 -34.31
CA ASN C 457 30.89 -12.36 -33.04
C ASN C 457 29.89 -13.49 -33.22
N LEU C 458 30.27 -14.68 -32.77
CA LEU C 458 29.46 -15.87 -32.97
C LEU C 458 28.28 -15.89 -32.00
N LYS C 459 27.16 -16.44 -32.49
CA LYS C 459 26.01 -16.74 -31.65
C LYS C 459 26.35 -17.92 -30.73
N PRO C 460 25.62 -18.08 -29.62
CA PRO C 460 25.94 -19.18 -28.69
C PRO C 460 25.78 -20.56 -29.30
N PHE C 461 26.75 -21.43 -28.99
CA PHE C 461 26.84 -22.82 -29.45
C PHE C 461 26.79 -22.94 -30.97
N GLU C 462 27.53 -22.07 -31.66
CA GLU C 462 27.53 -22.06 -33.12
C GLU C 462 28.82 -22.70 -33.63
N ARG C 463 28.73 -23.33 -34.82
CA ARG C 463 29.78 -24.19 -35.35
C ARG C 463 30.14 -23.83 -36.79
N ASP C 464 30.41 -22.55 -37.06
CA ASP C 464 31.00 -22.18 -38.35
C ASP C 464 32.50 -22.46 -38.31
N ILE C 465 32.95 -23.45 -39.08
CA ILE C 465 34.35 -23.82 -39.14
C ILE C 465 34.98 -23.18 -40.37
N SER C 466 35.95 -22.29 -40.14
CA SER C 466 36.63 -21.61 -41.24
C SER C 466 38.02 -21.22 -40.79
N THR C 467 39.05 -21.75 -41.45
CA THR C 467 40.44 -21.55 -41.07
C THR C 467 41.23 -20.81 -42.13
N GLU C 468 40.55 -20.00 -42.94
CA GLU C 468 41.21 -19.22 -43.97
C GLU C 468 41.93 -18.01 -43.36
N ILE C 469 42.84 -17.43 -44.16
CA ILE C 469 43.57 -16.24 -43.73
C ILE C 469 42.63 -15.05 -43.82
N TYR C 470 42.49 -14.30 -42.73
CA TYR C 470 41.47 -13.28 -42.60
C TYR C 470 42.04 -11.88 -42.84
N GLN C 471 41.20 -11.04 -43.43
CA GLN C 471 41.54 -9.63 -43.56
C GLN C 471 41.48 -8.93 -42.21
N ALA C 472 42.34 -7.92 -42.04
CA ALA C 472 42.28 -7.06 -40.86
C ALA C 472 41.43 -5.82 -41.09
N GLY C 473 40.81 -5.69 -42.27
CA GLY C 473 39.98 -4.55 -42.58
C GLY C 473 39.25 -4.72 -43.89
N ASN C 474 39.16 -3.64 -44.67
CA ASN C 474 38.50 -3.68 -45.97
C ASN C 474 39.44 -4.04 -47.11
N LYS C 475 40.72 -4.24 -46.83
CA LYS C 475 41.68 -4.57 -47.88
C LYS C 475 41.55 -6.03 -48.28
N PRO C 476 41.34 -6.33 -49.57
CA PRO C 476 41.24 -7.73 -49.98
C PRO C 476 42.58 -8.45 -49.90
N CYS C 477 42.50 -9.77 -49.73
CA CYS C 477 43.68 -10.60 -49.55
C CYS C 477 43.81 -11.70 -50.59
N ASN C 478 42.68 -12.36 -50.93
CA ASN C 478 42.62 -13.48 -51.89
C ASN C 478 43.55 -14.63 -51.51
N GLY C 479 43.61 -14.92 -50.21
CA GLY C 479 44.44 -16.01 -49.72
C GLY C 479 45.93 -15.75 -49.74
N VAL C 480 46.34 -14.49 -49.74
CA VAL C 480 47.75 -14.10 -49.77
C VAL C 480 48.06 -13.37 -48.47
N ALA C 481 49.05 -13.87 -47.73
CA ALA C 481 49.44 -13.25 -46.48
C ALA C 481 50.22 -11.95 -46.73
N GLY C 482 50.05 -11.01 -45.81
CA GLY C 482 50.71 -9.73 -45.94
C GLY C 482 50.16 -8.74 -44.93
N PHE C 483 50.34 -7.45 -45.23
CA PHE C 483 49.75 -6.42 -44.40
C PHE C 483 48.25 -6.38 -44.58
N ASN C 484 47.54 -6.27 -43.45
CA ASN C 484 46.08 -6.42 -43.32
C ASN C 484 45.59 -7.76 -43.86
N CYS C 485 46.43 -8.79 -43.77
CA CYS C 485 46.11 -10.16 -44.22
C CYS C 485 46.79 -11.09 -43.22
N TYR C 486 46.07 -11.48 -42.19
CA TYR C 486 46.67 -12.20 -41.07
C TYR C 486 45.98 -13.53 -40.84
N PHE C 487 46.78 -14.54 -40.51
CA PHE C 487 46.25 -15.83 -40.13
C PHE C 487 45.62 -15.76 -38.74
N PRO C 488 44.45 -16.36 -38.54
CA PRO C 488 43.87 -16.41 -37.19
C PRO C 488 44.43 -17.54 -36.34
N LEU C 489 44.99 -18.59 -36.94
CA LEU C 489 45.35 -19.81 -36.23
C LEU C 489 46.74 -19.65 -35.62
N ARG C 490 46.79 -19.49 -34.30
CA ARG C 490 48.04 -19.38 -33.55
C ARG C 490 48.12 -20.52 -32.55
N SER C 491 49.25 -20.61 -31.86
CA SER C 491 49.48 -21.67 -30.88
C SER C 491 50.11 -21.08 -29.63
N TYR C 492 50.02 -21.83 -28.53
CA TYR C 492 50.59 -21.41 -27.26
C TYR C 492 51.84 -22.19 -26.88
N SER C 493 52.09 -23.34 -27.51
CA SER C 493 53.30 -24.16 -27.35
C SER C 493 53.50 -24.61 -25.90
N PHE C 494 52.57 -25.44 -25.43
CA PHE C 494 52.45 -25.80 -24.02
C PHE C 494 53.64 -26.63 -23.55
N ARG C 495 54.48 -26.03 -22.71
CA ARG C 495 55.61 -26.64 -22.04
C ARG C 495 55.30 -26.83 -20.56
N PRO C 496 55.83 -27.88 -19.92
CA PRO C 496 55.60 -28.06 -18.48
C PRO C 496 56.40 -27.11 -17.60
N THR C 497 57.32 -26.33 -18.16
CA THR C 497 58.17 -25.42 -17.39
C THR C 497 57.69 -23.97 -17.43
N TYR C 498 56.47 -23.72 -17.90
CA TYR C 498 55.94 -22.37 -17.96
C TYR C 498 55.35 -21.97 -16.60
N GLY C 499 54.63 -20.85 -16.59
CA GLY C 499 53.88 -20.47 -15.42
C GLY C 499 52.64 -21.34 -15.24
N VAL C 500 52.01 -21.19 -14.07
CA VAL C 500 50.90 -22.05 -13.70
C VAL C 500 49.67 -21.76 -14.57
N GLY C 501 49.41 -20.48 -14.85
CA GLY C 501 48.29 -20.14 -15.70
C GLY C 501 48.49 -20.52 -17.15
N HIS C 502 49.72 -20.50 -17.63
CA HIS C 502 50.03 -20.83 -19.02
C HIS C 502 50.12 -22.33 -19.28
N GLN C 503 50.01 -23.15 -18.24
CA GLN C 503 49.98 -24.60 -18.41
C GLN C 503 48.67 -25.02 -19.08
N PRO C 504 48.69 -26.10 -19.87
CA PRO C 504 47.45 -26.58 -20.48
C PRO C 504 46.49 -27.14 -19.45
N TYR C 505 45.19 -26.96 -19.71
CA TYR C 505 44.12 -27.38 -18.83
C TYR C 505 43.06 -28.09 -19.64
N ARG C 506 42.65 -29.28 -19.17
CA ARG C 506 41.54 -30.02 -19.72
C ARG C 506 40.27 -29.57 -19.03
N VAL C 507 39.33 -29.01 -19.79
CA VAL C 507 38.09 -28.46 -19.26
C VAL C 507 36.92 -29.13 -19.97
N VAL C 508 35.93 -29.54 -19.18
CA VAL C 508 34.66 -30.07 -19.66
C VAL C 508 33.54 -29.18 -19.14
N VAL C 509 32.71 -28.69 -20.04
CA VAL C 509 31.54 -27.90 -19.71
C VAL C 509 30.32 -28.80 -19.85
N LEU C 510 29.56 -28.95 -18.78
CA LEU C 510 28.33 -29.73 -18.77
C LEU C 510 27.15 -28.78 -18.93
N SER C 511 26.37 -28.99 -19.99
CA SER C 511 25.21 -28.18 -20.31
C SER C 511 23.95 -29.04 -20.17
N PHE C 512 22.98 -28.54 -19.41
CA PHE C 512 21.76 -29.28 -19.13
C PHE C 512 20.53 -28.39 -19.29
N GLU C 513 19.40 -29.04 -19.51
CA GLU C 513 18.13 -28.42 -19.89
C GLU C 513 17.07 -28.68 -18.85
N LEU C 514 16.36 -27.62 -18.45
CA LEU C 514 15.21 -27.73 -17.55
C LEU C 514 13.89 -27.77 -18.30
N LEU C 515 13.88 -28.33 -19.50
CA LEU C 515 12.64 -28.49 -20.25
C LEU C 515 11.78 -29.57 -19.63
N HIS C 516 10.46 -29.44 -19.85
CA HIS C 516 9.47 -30.35 -19.29
C HIS C 516 9.20 -31.55 -20.20
N ALA C 517 10.17 -31.94 -21.02
CA ALA C 517 10.10 -33.18 -21.77
C ALA C 517 10.31 -34.36 -20.82
N PRO C 518 9.94 -35.58 -21.24
CA PRO C 518 10.30 -36.78 -20.45
C PRO C 518 11.81 -36.93 -20.27
N ALA C 519 12.23 -36.83 -19.02
CA ALA C 519 13.65 -36.80 -18.66
C ALA C 519 14.26 -38.19 -18.69
N THR C 520 15.57 -38.24 -18.95
CA THR C 520 16.29 -39.52 -19.01
C THR C 520 17.57 -39.57 -18.18
N VAL C 521 18.20 -38.45 -17.85
CA VAL C 521 19.53 -38.46 -17.25
C VAL C 521 19.41 -37.99 -15.81
N CYS C 522 19.65 -38.92 -14.87
CA CYS C 522 19.65 -38.66 -13.42
C CYS C 522 20.20 -39.80 -12.60
N GLY C 523 20.61 -39.44 -11.38
CA GLY C 523 21.33 -40.29 -10.47
C GLY C 523 20.52 -41.44 -9.91
N PRO C 524 21.20 -42.37 -9.26
CA PRO C 524 20.52 -43.60 -8.80
C PRO C 524 19.57 -43.32 -7.64
N LYS C 525 18.28 -43.43 -7.93
CA LYS C 525 17.23 -43.23 -6.95
C LYS C 525 16.27 -44.39 -7.04
N LYS C 526 15.98 -45.02 -5.91
CA LYS C 526 15.07 -46.15 -5.90
C LYS C 526 13.63 -45.67 -6.10
N SER C 527 12.90 -46.37 -6.97
CA SER C 527 11.51 -46.04 -7.26
C SER C 527 10.61 -46.93 -6.40
N THR C 528 9.83 -46.30 -5.54
CA THR C 528 8.94 -47.04 -4.65
C THR C 528 7.66 -47.42 -5.38
N ASN C 529 6.80 -48.16 -4.67
CA ASN C 529 5.53 -48.58 -5.23
C ASN C 529 4.57 -47.39 -5.33
N LEU C 530 3.59 -47.52 -6.23
CA LEU C 530 2.62 -46.46 -6.46
C LEU C 530 1.40 -46.66 -5.57
N VAL C 531 1.03 -45.61 -4.85
CA VAL C 531 -0.14 -45.63 -3.97
C VAL C 531 -1.10 -44.56 -4.45
N LYS C 532 -2.33 -44.96 -4.76
CA LYS C 532 -3.35 -44.05 -5.25
C LYS C 532 -4.43 -43.83 -4.20
N ASN C 533 -5.19 -42.75 -4.39
CA ASN C 533 -6.35 -42.38 -3.57
C ASN C 533 -5.99 -42.21 -2.09
N LYS C 534 -4.83 -41.61 -1.84
CA LYS C 534 -4.39 -41.34 -0.47
C LYS C 534 -3.47 -40.13 -0.47
N CYS C 535 -3.55 -39.33 0.59
CA CYS C 535 -2.72 -38.14 0.74
C CYS C 535 -1.31 -38.56 1.09
N VAL C 536 -0.42 -38.54 0.08
CA VAL C 536 0.97 -38.94 0.26
C VAL C 536 1.88 -37.86 -0.33
N ASN C 537 3.11 -37.84 0.17
CA ASN C 537 4.18 -37.10 -0.50
C ASN C 537 4.64 -37.86 -1.73
N PHE C 538 5.00 -37.14 -2.78
CA PHE C 538 5.40 -37.77 -4.03
C PHE C 538 6.56 -37.03 -4.65
N ASN C 539 7.37 -37.79 -5.40
CA ASN C 539 8.48 -37.28 -6.19
C ASN C 539 8.42 -37.93 -7.56
N PHE C 540 8.31 -37.10 -8.60
CA PHE C 540 8.25 -37.55 -9.99
C PHE C 540 9.26 -36.77 -10.80
N ASN C 541 10.36 -37.44 -11.18
CA ASN C 541 11.44 -36.87 -12.02
C ASN C 541 12.04 -35.62 -11.40
N GLY C 542 12.20 -35.62 -10.08
CA GLY C 542 12.70 -34.45 -9.36
C GLY C 542 11.64 -33.45 -8.98
N LEU C 543 10.37 -33.68 -9.36
CA LEU C 543 9.27 -32.81 -8.98
C LEU C 543 8.68 -33.29 -7.67
N LYS C 544 8.77 -32.45 -6.64
CA LYS C 544 8.33 -32.82 -5.30
C LYS C 544 6.96 -32.20 -5.01
N GLY C 545 6.12 -32.96 -4.33
CA GLY C 545 4.81 -32.43 -3.96
C GLY C 545 4.16 -33.29 -2.90
N THR C 546 2.95 -32.88 -2.52
CA THR C 546 2.16 -33.60 -1.52
C THR C 546 0.70 -33.53 -1.94
N GLY C 547 0.06 -34.68 -2.09
CA GLY C 547 -1.34 -34.69 -2.48
C GLY C 547 -1.85 -36.09 -2.67
N VAL C 548 -3.02 -36.16 -3.30
CA VAL C 548 -3.70 -37.41 -3.64
C VAL C 548 -3.53 -37.63 -5.13
N LEU C 549 -3.00 -38.80 -5.49
CA LEU C 549 -2.79 -39.18 -6.88
C LEU C 549 -3.92 -40.09 -7.32
N THR C 550 -4.68 -39.65 -8.32
CA THR C 550 -5.81 -40.41 -8.83
C THR C 550 -5.61 -40.72 -10.30
N GLU C 551 -6.33 -41.73 -10.78
CA GLU C 551 -6.35 -42.02 -12.20
C GLU C 551 -7.25 -41.02 -12.92
N SER C 552 -6.76 -40.46 -14.02
CA SER C 552 -7.43 -39.37 -14.71
C SER C 552 -7.69 -39.75 -16.16
N ASN C 553 -8.69 -39.10 -16.74
CA ASN C 553 -9.10 -39.33 -18.12
C ASN C 553 -8.58 -38.25 -19.07
N LYS C 554 -7.65 -37.41 -18.62
CA LYS C 554 -7.07 -36.37 -19.47
C LYS C 554 -6.14 -37.02 -20.48
N LYS C 555 -6.51 -36.96 -21.76
CA LYS C 555 -5.72 -37.59 -22.82
C LYS C 555 -4.52 -36.70 -23.11
N PHE C 556 -3.36 -37.09 -22.58
CA PHE C 556 -2.13 -36.39 -22.90
C PHE C 556 -1.70 -36.71 -24.32
N LEU C 557 -1.18 -35.71 -25.01
CA LEU C 557 -0.49 -35.95 -26.26
C LEU C 557 0.83 -36.65 -25.96
N PRO C 558 1.31 -37.53 -26.86
CA PRO C 558 2.48 -38.37 -26.53
C PRO C 558 3.79 -37.62 -26.33
N PHE C 559 3.90 -36.38 -26.77
CA PHE C 559 5.09 -35.58 -26.52
C PHE C 559 5.00 -34.77 -25.23
N GLN C 560 3.90 -34.90 -24.48
CA GLN C 560 3.67 -34.12 -23.28
C GLN C 560 3.96 -34.96 -22.03
N GLN C 561 4.46 -34.28 -20.99
CA GLN C 561 4.78 -34.93 -19.72
C GLN C 561 3.99 -34.35 -18.56
N PHE C 562 3.93 -33.03 -18.43
CA PHE C 562 3.25 -32.38 -17.33
C PHE C 562 2.05 -31.59 -17.83
N GLY C 563 0.95 -31.66 -17.09
CA GLY C 563 -0.24 -30.87 -17.36
C GLY C 563 -0.47 -29.89 -16.21
N ARG C 564 -0.71 -28.63 -16.56
CA ARG C 564 -0.71 -27.54 -15.61
C ARG C 564 -2.10 -26.97 -15.42
N ASP C 565 -2.21 -26.07 -14.44
CA ASP C 565 -3.44 -25.48 -13.98
C ASP C 565 -3.52 -24.02 -14.41
N ILE C 566 -4.53 -23.30 -13.90
CA ILE C 566 -4.71 -21.88 -14.22
C ILE C 566 -3.58 -21.05 -13.63
N ALA C 567 -3.18 -21.34 -12.39
CA ALA C 567 -2.17 -20.57 -11.69
C ALA C 567 -0.75 -21.05 -11.96
N ASP C 568 -0.54 -21.76 -13.08
CA ASP C 568 0.77 -22.29 -13.50
C ASP C 568 1.37 -23.21 -12.44
N THR C 569 0.58 -24.20 -12.02
CA THR C 569 1.03 -25.24 -11.11
C THR C 569 0.64 -26.59 -11.68
N THR C 570 1.46 -27.60 -11.38
CA THR C 570 1.26 -28.93 -11.94
C THR C 570 0.09 -29.62 -11.23
N ASP C 571 -0.88 -30.07 -12.03
CA ASP C 571 -1.96 -30.88 -11.51
C ASP C 571 -2.14 -32.19 -12.26
N ALA C 572 -1.33 -32.46 -13.28
CA ALA C 572 -1.36 -33.75 -13.94
C ALA C 572 0.07 -34.17 -14.29
N VAL C 573 0.40 -35.42 -14.01
CA VAL C 573 1.72 -35.96 -14.30
C VAL C 573 1.59 -37.23 -15.11
N ARG C 574 2.66 -37.57 -15.81
CA ARG C 574 2.78 -38.83 -16.51
C ARG C 574 3.82 -39.69 -15.78
N ASP C 575 3.39 -40.86 -15.32
CA ASP C 575 4.30 -41.75 -14.62
C ASP C 575 5.28 -42.36 -15.63
N PRO C 576 6.58 -42.33 -15.35
CA PRO C 576 7.54 -42.80 -16.37
C PRO C 576 7.58 -44.32 -16.52
N GLN C 577 7.42 -45.08 -15.44
CA GLN C 577 7.49 -46.52 -15.55
C GLN C 577 6.23 -47.11 -16.19
N THR C 578 5.06 -46.61 -15.82
CA THR C 578 3.80 -47.02 -16.44
C THR C 578 3.16 -45.79 -17.06
N LEU C 579 3.03 -45.80 -18.39
CA LEU C 579 2.60 -44.62 -19.13
C LEU C 579 1.11 -44.39 -18.91
N GLU C 580 0.80 -43.78 -17.77
CA GLU C 580 -0.56 -43.41 -17.40
C GLU C 580 -0.56 -41.97 -16.89
N ILE C 581 -1.74 -41.38 -16.84
CA ILE C 581 -1.88 -39.97 -16.50
C ILE C 581 -2.51 -39.88 -15.12
N LEU C 582 -1.77 -39.33 -14.17
CA LEU C 582 -2.22 -39.20 -12.80
C LEU C 582 -2.60 -37.74 -12.51
N ASP C 583 -3.74 -37.57 -11.83
CA ASP C 583 -4.23 -36.27 -11.41
C ASP C 583 -3.83 -36.03 -9.96
N ILE C 584 -3.31 -34.83 -9.69
CA ILE C 584 -2.86 -34.44 -8.36
C ILE C 584 -3.91 -33.54 -7.75
N THR C 585 -4.38 -33.90 -6.55
CA THR C 585 -5.34 -33.08 -5.83
C THR C 585 -4.81 -32.85 -4.41
N PRO C 586 -4.71 -31.60 -3.96
CA PRO C 586 -4.12 -31.34 -2.64
C PRO C 586 -4.99 -31.86 -1.50
N CYS C 587 -4.34 -32.16 -0.38
CA CYS C 587 -4.99 -32.86 0.73
C CYS C 587 -5.98 -31.94 1.44
N SER C 588 -6.82 -32.55 2.27
CA SER C 588 -7.91 -31.83 2.92
C SER C 588 -7.38 -30.87 3.99
N PHE C 589 -7.90 -29.66 3.97
CA PHE C 589 -7.46 -28.58 4.84
C PHE C 589 -8.63 -27.63 5.02
N GLY C 590 -8.56 -26.81 6.06
CA GLY C 590 -9.61 -25.82 6.23
C GLY C 590 -9.44 -25.09 7.54
N GLY C 591 -10.38 -24.18 7.77
CA GLY C 591 -10.37 -23.38 8.98
C GLY C 591 -11.01 -24.06 10.16
N VAL C 592 -10.54 -23.70 11.34
CA VAL C 592 -11.02 -24.24 12.60
C VAL C 592 -11.62 -23.10 13.39
N SER C 593 -12.85 -23.29 13.87
CA SER C 593 -13.53 -22.30 14.69
C SER C 593 -13.89 -22.91 16.03
N VAL C 594 -13.81 -22.10 17.07
CA VAL C 594 -14.12 -22.51 18.43
C VAL C 594 -15.41 -21.81 18.82
N ILE C 595 -16.44 -22.60 19.12
CA ILE C 595 -17.70 -22.11 19.65
C ILE C 595 -17.69 -22.38 21.15
N THR C 596 -17.71 -21.31 21.93
CA THR C 596 -17.64 -21.44 23.38
C THR C 596 -18.60 -20.46 24.03
N PRO C 597 -19.10 -20.80 25.22
CA PRO C 597 -19.65 -19.78 26.11
C PRO C 597 -18.51 -19.07 26.82
N GLY C 598 -18.87 -18.13 27.70
CA GLY C 598 -17.86 -17.39 28.42
C GLY C 598 -17.12 -18.26 29.43
N THR C 599 -15.86 -17.89 29.69
CA THR C 599 -15.08 -18.56 30.72
C THR C 599 -15.58 -18.21 32.12
N ASN C 600 -16.38 -17.16 32.25
CA ASN C 600 -17.07 -16.85 33.49
C ASN C 600 -18.19 -17.86 33.79
N THR C 601 -18.61 -18.66 32.81
CA THR C 601 -19.70 -19.61 32.99
C THR C 601 -19.21 -21.05 33.00
N SER C 602 -18.50 -21.49 31.97
CA SER C 602 -18.08 -22.88 31.86
C SER C 602 -16.84 -22.97 30.97
N ASN C 603 -16.40 -24.21 30.71
CA ASN C 603 -15.22 -24.46 29.89
C ASN C 603 -15.49 -25.48 28.79
N GLN C 604 -16.76 -25.77 28.50
CA GLN C 604 -17.08 -26.71 27.42
C GLN C 604 -16.93 -26.02 26.07
N VAL C 605 -16.35 -26.74 25.12
CA VAL C 605 -15.90 -26.18 23.85
C VAL C 605 -16.44 -27.03 22.71
N ALA C 606 -17.04 -26.40 21.70
CA ALA C 606 -17.38 -27.06 20.45
C ALA C 606 -16.43 -26.58 19.35
N VAL C 607 -16.13 -27.48 18.41
CA VAL C 607 -15.17 -27.22 17.35
C VAL C 607 -15.86 -27.35 16.00
N LEU C 608 -15.71 -26.35 15.15
CA LEU C 608 -16.26 -26.35 13.80
C LEU C 608 -15.12 -26.43 12.80
N TYR C 609 -15.11 -27.48 11.99
CA TYR C 609 -14.18 -27.61 10.87
C TYR C 609 -14.89 -27.11 9.63
N GLN C 610 -14.49 -25.94 9.15
CA GLN C 610 -15.27 -25.21 8.15
C GLN C 610 -15.10 -25.81 6.76
N GLY C 611 -16.24 -26.10 6.11
CA GLY C 611 -16.24 -26.53 4.73
C GLY C 611 -15.84 -27.97 4.49
N VAL C 612 -15.67 -28.77 5.54
CA VAL C 612 -15.15 -30.13 5.42
C VAL C 612 -16.28 -31.11 5.73
N ASN C 613 -16.37 -32.16 4.92
CA ASN C 613 -17.30 -33.25 5.19
C ASN C 613 -16.88 -33.98 6.47
N CYS C 614 -17.89 -34.51 7.18
CA CYS C 614 -17.65 -35.09 8.49
C CYS C 614 -16.92 -36.43 8.43
N THR C 615 -16.98 -37.14 7.30
CA THR C 615 -16.30 -38.42 7.18
C THR C 615 -14.80 -38.29 6.96
N GLU C 616 -14.31 -37.09 6.64
CA GLU C 616 -12.90 -36.88 6.32
C GLU C 616 -12.26 -35.91 7.31
N VAL C 617 -12.57 -36.07 8.59
CA VAL C 617 -11.99 -35.22 9.63
C VAL C 617 -10.72 -35.85 10.19
N SER C 637 -17.49 -38.01 18.53
CA SER C 637 -18.58 -38.02 19.50
C SER C 637 -19.82 -37.34 18.93
N ASN C 638 -20.12 -36.14 19.41
CA ASN C 638 -21.29 -35.38 18.98
C ASN C 638 -20.96 -34.71 17.64
N VAL C 639 -21.10 -35.49 16.57
CA VAL C 639 -20.71 -35.05 15.23
C VAL C 639 -21.97 -34.68 14.46
N PHE C 640 -21.98 -33.46 13.92
CA PHE C 640 -23.15 -32.91 13.24
C PHE C 640 -22.74 -32.27 11.92
N GLN C 641 -23.63 -32.38 10.94
CA GLN C 641 -23.45 -31.79 9.61
C GLN C 641 -24.25 -30.50 9.54
N THR C 642 -23.59 -29.39 9.19
CA THR C 642 -24.15 -28.07 9.40
C THR C 642 -24.35 -27.23 8.14
N ARG C 643 -23.76 -27.61 7.00
CA ARG C 643 -23.64 -26.87 5.72
C ARG C 643 -22.68 -25.67 5.88
N ALA C 644 -22.05 -25.55 7.06
CA ALA C 644 -20.94 -24.63 7.26
C ALA C 644 -19.66 -25.36 7.61
N GLY C 645 -19.76 -26.62 8.03
CA GLY C 645 -18.62 -27.41 8.43
C GLY C 645 -19.03 -28.52 9.38
N CYS C 646 -18.11 -29.43 9.66
CA CYS C 646 -18.40 -30.49 10.63
C CYS C 646 -18.33 -29.91 12.04
N LEU C 647 -19.36 -30.16 12.84
CA LEU C 647 -19.44 -29.65 14.20
C LEU C 647 -19.24 -30.80 15.18
N ILE C 648 -18.23 -30.66 16.05
CA ILE C 648 -17.89 -31.68 17.03
C ILE C 648 -18.06 -31.08 18.42
N GLY C 649 -18.89 -31.70 19.24
CA GLY C 649 -19.13 -31.24 20.59
C GLY C 649 -20.49 -30.62 20.86
N ALA C 650 -21.40 -30.66 19.89
CA ALA C 650 -22.73 -30.08 20.08
C ALA C 650 -23.78 -31.05 19.55
N GLU C 651 -24.95 -31.03 20.18
CA GLU C 651 -26.06 -31.90 19.83
C GLU C 651 -27.16 -31.07 19.18
N TYR C 652 -27.67 -31.55 18.05
CA TYR C 652 -28.76 -30.87 17.36
C TYR C 652 -30.06 -31.00 18.15
N VAL C 653 -30.80 -29.90 18.22
CA VAL C 653 -32.05 -29.82 18.99
C VAL C 653 -33.14 -29.31 18.07
N ASN C 654 -34.28 -30.02 18.05
CA ASN C 654 -35.39 -29.66 17.17
C ASN C 654 -36.07 -28.36 17.56
N ASN C 655 -35.92 -27.92 18.80
CA ASN C 655 -36.49 -26.65 19.22
C ASN C 655 -35.75 -25.48 18.57
N SER C 656 -36.46 -24.36 18.42
CA SER C 656 -35.92 -23.19 17.76
C SER C 656 -36.00 -22.00 18.72
N TYR C 657 -34.85 -21.39 18.98
CA TYR C 657 -34.76 -20.19 19.81
C TYR C 657 -34.13 -19.07 18.99
N GLU C 658 -33.84 -17.95 19.65
CA GLU C 658 -33.11 -16.87 19.00
C GLU C 658 -31.64 -17.27 18.84
N CYS C 659 -30.95 -16.53 17.98
CA CYS C 659 -29.57 -16.86 17.63
C CYS C 659 -28.64 -16.37 18.74
N ASP C 660 -28.10 -17.31 19.51
CA ASP C 660 -27.14 -16.96 20.56
C ASP C 660 -25.74 -16.80 19.98
N ILE C 661 -25.18 -17.87 19.43
CA ILE C 661 -23.90 -17.84 18.73
C ILE C 661 -24.12 -18.29 17.29
N PRO C 662 -23.98 -17.41 16.30
CA PRO C 662 -24.23 -17.82 14.92
C PRO C 662 -23.13 -18.74 14.38
N ILE C 663 -23.50 -19.60 13.45
CA ILE C 663 -22.56 -20.52 12.82
C ILE C 663 -22.59 -20.30 11.32
N GLY C 664 -23.77 -20.40 10.73
CA GLY C 664 -23.95 -20.23 9.29
C GLY C 664 -25.09 -21.10 8.80
N ALA C 665 -25.73 -20.62 7.72
CA ALA C 665 -26.86 -21.29 7.05
C ALA C 665 -28.02 -21.57 8.00
N GLY C 666 -28.30 -20.61 8.89
CA GLY C 666 -29.42 -20.74 9.80
C GLY C 666 -29.19 -21.63 10.99
N ILE C 667 -27.94 -21.80 11.43
CA ILE C 667 -27.61 -22.63 12.58
C ILE C 667 -27.00 -21.74 13.66
N CYS C 668 -27.52 -21.86 14.88
CA CYS C 668 -26.98 -21.13 16.02
C CYS C 668 -26.79 -22.10 17.19
N ALA C 669 -25.72 -21.85 17.95
CA ALA C 669 -25.36 -22.66 19.10
C ALA C 669 -25.53 -21.85 20.38
N SER C 670 -25.86 -22.56 21.45
CA SER C 670 -26.10 -21.93 22.75
C SER C 670 -25.68 -22.88 23.85
N TYR C 671 -25.64 -22.36 25.07
CA TYR C 671 -25.27 -23.13 26.26
C TYR C 671 -26.52 -23.27 27.13
N GLN C 672 -27.12 -24.47 27.12
CA GLN C 672 -28.38 -24.68 27.82
C GLN C 672 -28.38 -26.06 28.48
N THR C 673 -29.26 -26.22 29.46
CA THR C 673 -29.42 -27.51 30.14
C THR C 673 -30.41 -28.38 29.36
N GLN C 674 -29.94 -29.56 28.97
CA GLN C 674 -30.77 -30.56 28.29
C GLN C 674 -30.60 -31.95 28.89
N THR C 675 -29.39 -32.30 29.31
CA THR C 675 -29.11 -33.63 29.86
C THR C 675 -29.62 -33.75 31.29
N SER C 686 -24.97 -30.25 34.35
CA SER C 686 -25.61 -31.04 33.30
C SER C 686 -25.86 -30.20 32.05
N GLN C 687 -25.42 -28.93 32.10
CA GLN C 687 -25.58 -28.05 30.96
C GLN C 687 -24.61 -28.43 29.85
N SER C 688 -24.98 -28.09 28.61
CA SER C 688 -24.20 -28.49 27.45
C SER C 688 -24.42 -27.49 26.31
N ILE C 689 -23.57 -27.60 25.30
CA ILE C 689 -23.66 -26.78 24.10
C ILE C 689 -24.57 -27.48 23.10
N ILE C 690 -25.59 -26.77 22.62
CA ILE C 690 -26.56 -27.33 21.69
C ILE C 690 -26.63 -26.45 20.45
N ALA C 691 -26.80 -27.09 19.30
CA ALA C 691 -26.98 -26.40 18.04
C ALA C 691 -28.43 -26.55 17.58
N TYR C 692 -28.95 -25.52 16.92
CA TYR C 692 -30.35 -25.53 16.52
C TYR C 692 -30.53 -24.64 15.30
N THR C 693 -31.67 -24.84 14.63
CA THR C 693 -32.12 -23.90 13.61
C THR C 693 -32.78 -22.72 14.29
N MET C 694 -32.41 -21.51 13.88
CA MET C 694 -32.86 -20.30 14.57
C MET C 694 -34.33 -20.03 14.29
N SER C 695 -34.96 -19.34 15.25
CA SER C 695 -36.37 -18.99 15.15
C SER C 695 -36.48 -17.54 14.70
N LEU C 696 -37.25 -17.30 13.64
CA LEU C 696 -37.36 -15.96 13.08
C LEU C 696 -38.19 -15.06 13.98
N GLY C 697 -39.24 -15.60 14.58
CA GLY C 697 -40.10 -14.83 15.44
C GLY C 697 -41.39 -15.57 15.71
N ALA C 698 -42.21 -14.97 16.55
CA ALA C 698 -43.50 -15.56 16.90
C ALA C 698 -44.47 -15.44 15.73
N GLU C 699 -45.20 -16.51 15.47
CA GLU C 699 -46.19 -16.51 14.39
C GLU C 699 -47.41 -15.69 14.81
N ASN C 700 -47.95 -14.94 13.85
CA ASN C 700 -49.13 -14.13 14.11
C ASN C 700 -49.98 -14.09 12.85
N SER C 701 -51.29 -14.07 13.04
CA SER C 701 -52.25 -13.96 11.95
C SER C 701 -53.16 -12.79 12.25
N VAL C 702 -53.10 -11.75 11.42
CA VAL C 702 -53.98 -10.60 11.59
C VAL C 702 -55.39 -10.98 11.18
N ALA C 703 -56.36 -10.70 12.05
CA ALA C 703 -57.76 -11.00 11.78
C ALA C 703 -58.29 -9.97 10.79
N TYR C 704 -57.94 -10.18 9.52
CA TYR C 704 -58.37 -9.29 8.46
C TYR C 704 -59.83 -9.51 8.14
N SER C 705 -60.57 -8.41 8.02
CA SER C 705 -61.95 -8.49 7.55
C SER C 705 -62.30 -7.20 6.82
N ASN C 706 -63.15 -7.37 5.81
CA ASN C 706 -63.65 -6.30 4.94
C ASN C 706 -64.79 -5.48 5.54
N ASN C 707 -65.13 -5.68 6.81
CA ASN C 707 -65.95 -4.71 7.52
C ASN C 707 -65.54 -4.56 8.98
N SER C 708 -64.30 -4.90 9.33
CA SER C 708 -63.83 -4.82 10.71
C SER C 708 -62.55 -4.02 10.77
N ILE C 709 -62.43 -3.19 11.81
CA ILE C 709 -61.26 -2.34 12.02
C ILE C 709 -60.86 -2.47 13.49
N ALA C 710 -59.61 -2.10 13.77
CA ALA C 710 -59.08 -2.10 15.12
C ALA C 710 -58.56 -0.70 15.44
N ILE C 711 -58.97 -0.16 16.58
CA ILE C 711 -58.61 1.21 16.96
C ILE C 711 -58.01 1.19 18.36
N PRO C 712 -56.86 1.85 18.58
CA PRO C 712 -56.34 1.97 19.94
C PRO C 712 -57.19 2.91 20.79
N THR C 713 -57.41 2.52 22.04
CA THR C 713 -58.13 3.34 23.00
C THR C 713 -57.23 3.91 24.08
N ASN C 714 -55.93 3.62 24.05
CA ASN C 714 -54.98 4.12 25.02
C ASN C 714 -53.63 4.20 24.33
N PHE C 715 -52.61 4.68 25.06
CA PHE C 715 -51.31 4.90 24.46
C PHE C 715 -50.23 4.78 25.52
N THR C 716 -48.99 5.03 25.10
CA THR C 716 -47.85 5.12 25.99
C THR C 716 -46.81 6.03 25.34
N ILE C 717 -45.93 6.56 26.18
CA ILE C 717 -44.85 7.44 25.74
C ILE C 717 -43.54 6.69 25.97
N SER C 718 -42.78 6.50 24.90
CA SER C 718 -41.56 5.73 24.93
C SER C 718 -40.36 6.63 24.64
N VAL C 719 -39.37 6.60 25.53
CA VAL C 719 -38.14 7.36 25.34
C VAL C 719 -37.01 6.36 25.13
N THR C 720 -36.54 6.27 23.90
CA THR C 720 -35.51 5.32 23.49
C THR C 720 -34.18 6.03 23.30
N THR C 721 -33.12 5.23 23.15
CA THR C 721 -31.75 5.73 23.10
C THR C 721 -31.09 5.30 21.79
N GLU C 722 -30.54 6.26 21.07
CA GLU C 722 -29.81 6.01 19.83
C GLU C 722 -28.40 6.57 19.97
N ILE C 723 -27.40 5.76 19.63
CA ILE C 723 -26.00 6.07 19.91
C ILE C 723 -25.25 6.17 18.59
N LEU C 724 -24.53 7.27 18.38
CA LEU C 724 -23.87 7.52 17.11
C LEU C 724 -22.44 8.00 17.32
N PRO C 725 -21.45 7.37 16.68
CA PRO C 725 -20.10 7.95 16.68
C PRO C 725 -20.02 9.16 15.78
N VAL C 726 -19.17 10.11 16.16
CA VAL C 726 -19.01 11.38 15.45
C VAL C 726 -17.59 11.58 14.97
N SER C 727 -16.61 11.43 15.85
CA SER C 727 -15.21 11.63 15.52
C SER C 727 -14.38 10.54 16.18
N MET C 728 -13.13 10.42 15.76
CA MET C 728 -12.23 9.46 16.38
C MET C 728 -10.93 10.13 16.82
N THR C 729 -9.95 9.33 17.22
CA THR C 729 -8.69 9.86 17.72
C THR C 729 -7.85 10.45 16.58
N LYS C 730 -7.41 11.69 16.76
CA LYS C 730 -6.49 12.33 15.82
C LYS C 730 -5.06 11.91 16.13
N THR C 731 -4.35 11.42 15.12
CA THR C 731 -2.98 10.96 15.29
C THR C 731 -2.06 11.63 14.27
N SER C 732 -0.76 11.53 14.54
CA SER C 732 0.27 11.98 13.62
C SER C 732 1.51 11.13 13.85
N VAL C 733 2.23 10.84 12.77
CA VAL C 733 3.38 9.93 12.82
C VAL C 733 4.63 10.71 12.41
N ASP C 734 5.68 10.61 13.22
CA ASP C 734 6.99 11.10 12.81
C ASP C 734 7.63 10.02 11.93
N CYS C 735 7.76 10.33 10.64
CA CYS C 735 8.19 9.36 9.64
C CYS C 735 9.62 8.87 9.86
N THR C 736 10.56 9.81 9.98
CA THR C 736 11.97 9.43 10.11
C THR C 736 12.25 8.79 11.46
N MET C 737 11.61 9.29 12.52
CA MET C 737 11.79 8.73 13.85
C MET C 737 11.21 7.33 13.96
N TYR C 738 10.07 7.09 13.30
CA TYR C 738 9.49 5.75 13.34
C TYR C 738 10.30 4.76 12.52
N ILE C 739 10.74 5.16 11.32
CA ILE C 739 11.43 4.21 10.44
C ILE C 739 12.85 3.94 10.95
N CYS C 740 13.59 4.99 11.25
CA CYS C 740 14.98 4.86 11.70
C CYS C 740 15.12 5.35 13.13
N GLY C 741 15.68 4.50 13.99
CA GLY C 741 15.84 4.86 15.39
C GLY C 741 17.05 5.75 15.65
N ASP C 742 16.94 7.02 15.22
CA ASP C 742 17.98 8.06 15.38
C ASP C 742 19.31 7.63 14.75
N SER C 743 19.25 7.19 13.50
CA SER C 743 20.44 6.77 12.75
C SER C 743 20.56 7.65 11.51
N THR C 744 21.70 8.34 11.41
CA THR C 744 21.92 9.30 10.33
C THR C 744 22.04 8.60 8.97
N GLU C 745 22.77 7.49 8.92
CA GLU C 745 22.90 6.76 7.66
C GLU C 745 21.60 6.06 7.27
N CYS C 746 20.78 5.68 8.24
CA CYS C 746 19.44 5.19 7.93
C CYS C 746 18.56 6.30 7.37
N SER C 747 18.71 7.52 7.90
CA SER C 747 17.98 8.66 7.34
C SER C 747 18.44 8.96 5.91
N ASN C 748 19.74 8.84 5.66
CA ASN C 748 20.26 9.04 4.30
C ASN C 748 19.77 7.96 3.35
N LEU C 749 19.64 6.72 3.82
CA LEU C 749 19.06 5.68 2.99
C LEU C 749 17.57 5.87 2.79
N LEU C 750 16.88 6.45 3.77
CA LEU C 750 15.46 6.75 3.64
C LEU C 750 15.22 7.92 2.69
N LEU C 751 16.21 8.80 2.55
CA LEU C 751 16.10 9.94 1.63
C LEU C 751 16.04 9.51 0.17
N GLN C 752 16.45 8.28 -0.16
CA GLN C 752 16.38 7.79 -1.53
C GLN C 752 14.96 7.45 -1.97
N TYR C 753 13.98 7.45 -1.07
CA TYR C 753 12.64 6.98 -1.38
C TYR C 753 11.69 8.09 -1.82
N GLY C 754 11.87 9.31 -1.35
CA GLY C 754 11.16 10.45 -1.90
C GLY C 754 9.99 10.87 -1.02
N SER C 755 8.81 11.01 -1.64
CA SER C 755 7.65 11.64 -1.05
C SER C 755 6.71 10.69 -0.32
N PHE C 756 7.09 9.40 -0.20
CA PHE C 756 6.35 8.49 0.67
C PHE C 756 6.39 8.96 2.12
N CYS C 757 7.49 9.58 2.53
CA CYS C 757 7.68 9.96 3.91
C CYS C 757 6.92 11.24 4.28
N THR C 758 6.35 11.95 3.29
CA THR C 758 5.59 13.17 3.55
C THR C 758 4.11 13.06 3.15
N GLN C 759 3.77 12.21 2.18
CA GLN C 759 2.37 12.08 1.81
C GLN C 759 1.53 11.39 2.89
N LEU C 760 2.16 10.55 3.72
CA LEU C 760 1.46 10.00 4.88
C LEU C 760 1.15 11.09 5.90
N LYS C 761 2.08 12.01 6.10
CA LYS C 761 1.85 13.17 6.96
C LYS C 761 0.71 14.03 6.43
N ARG C 762 0.67 14.22 5.10
CA ARG C 762 -0.41 14.99 4.48
C ARG C 762 -1.78 14.32 4.67
N ALA C 763 -1.84 13.00 4.47
CA ALA C 763 -3.10 12.27 4.64
C ALA C 763 -3.57 12.29 6.09
N LEU C 764 -2.65 12.09 7.05
CA LEU C 764 -3.04 12.08 8.45
C LEU C 764 -3.42 13.48 8.94
N THR C 765 -2.79 14.52 8.39
CA THR C 765 -3.21 15.89 8.70
C THR C 765 -4.60 16.18 8.17
N GLY C 766 -4.92 15.67 6.97
CA GLY C 766 -6.27 15.80 6.45
C GLY C 766 -7.31 15.10 7.28
N ILE C 767 -6.99 13.89 7.78
CA ILE C 767 -7.90 13.16 8.66
C ILE C 767 -8.11 13.92 9.97
N ALA C 768 -7.02 14.48 10.53
CA ALA C 768 -7.11 15.21 11.80
C ALA C 768 -7.94 16.48 11.65
N VAL C 769 -7.86 17.15 10.50
CA VAL C 769 -8.72 18.31 10.25
C VAL C 769 -10.18 17.86 10.08
N GLU C 770 -10.39 16.71 9.41
CA GLU C 770 -11.74 16.22 9.15
C GLU C 770 -12.47 15.82 10.43
N GLN C 771 -11.74 15.36 11.46
CA GLN C 771 -12.39 15.03 12.73
C GLN C 771 -12.98 16.28 13.40
N ASP C 772 -12.23 17.38 13.42
CA ASP C 772 -12.74 18.63 13.97
C ASP C 772 -13.87 19.20 13.13
N LYS C 773 -13.80 19.01 11.81
CA LYS C 773 -14.91 19.42 10.94
C LYS C 773 -16.18 18.63 11.25
N ASN C 774 -16.03 17.32 11.52
CA ASN C 774 -17.17 16.49 11.90
C ASN C 774 -17.79 16.93 13.21
N THR C 775 -16.94 17.25 14.21
CA THR C 775 -17.45 17.69 15.51
C THR C 775 -18.15 19.04 15.40
N GLN C 776 -17.60 19.96 14.60
CA GLN C 776 -18.23 21.25 14.36
C GLN C 776 -19.58 21.10 13.68
N GLU C 777 -19.65 20.24 12.64
CA GLU C 777 -20.89 20.07 11.91
C GLU C 777 -21.97 19.38 12.73
N VAL C 778 -21.58 18.46 13.63
CA VAL C 778 -22.58 17.79 14.46
C VAL C 778 -23.09 18.74 15.54
N PHE C 779 -22.19 19.38 16.28
CA PHE C 779 -22.65 20.08 17.48
C PHE C 779 -22.93 21.56 17.27
N ALA C 780 -22.11 22.26 16.48
CA ALA C 780 -22.26 23.72 16.35
C ALA C 780 -23.31 24.04 15.29
N GLN C 781 -24.57 23.81 15.65
CA GLN C 781 -25.70 24.16 14.80
C GLN C 781 -26.56 25.28 15.36
N VAL C 782 -26.25 25.78 16.55
CA VAL C 782 -26.98 26.89 17.16
C VAL C 782 -26.01 28.05 17.33
N LYS C 783 -26.47 29.26 17.03
CA LYS C 783 -25.62 30.43 17.03
C LYS C 783 -25.54 31.11 18.39
N GLN C 784 -26.60 31.01 19.19
CA GLN C 784 -26.66 31.66 20.49
C GLN C 784 -26.78 30.62 21.58
N ILE C 785 -25.98 30.75 22.64
CA ILE C 785 -25.99 29.81 23.74
C ILE C 785 -27.17 30.15 24.64
N TYR C 786 -28.27 29.42 24.48
CA TYR C 786 -29.44 29.61 25.32
C TYR C 786 -29.22 28.99 26.70
N LYS C 787 -30.07 29.38 27.64
CA LYS C 787 -30.08 28.77 28.97
C LYS C 787 -31.48 28.86 29.54
N THR C 788 -31.80 27.90 30.41
CA THR C 788 -33.14 27.80 30.97
C THR C 788 -33.36 28.86 32.06
N PRO C 789 -34.61 29.25 32.29
CA PRO C 789 -34.94 30.01 33.50
C PRO C 789 -34.78 29.14 34.73
N PRO C 790 -34.55 29.75 35.91
CA PRO C 790 -34.36 28.95 37.13
C PRO C 790 -35.59 28.17 37.58
N ILE C 791 -36.79 28.54 37.15
CA ILE C 791 -37.99 27.78 37.48
C ILE C 791 -38.06 26.57 36.55
N LYS C 792 -38.08 25.38 37.13
CA LYS C 792 -38.01 24.13 36.38
C LYS C 792 -39.35 23.41 36.36
N TYR C 793 -40.45 24.15 36.28
CA TYR C 793 -41.79 23.56 36.13
C TYR C 793 -42.16 23.65 34.65
N PHE C 794 -41.82 22.61 33.90
CA PHE C 794 -42.17 22.53 32.48
C PHE C 794 -43.42 21.67 32.28
N GLY C 795 -44.52 22.13 32.85
CA GLY C 795 -45.79 21.43 32.71
C GLY C 795 -45.87 20.11 33.43
N GLY C 796 -45.06 19.91 34.47
CA GLY C 796 -44.98 18.63 35.16
C GLY C 796 -43.95 17.69 34.60
N PHE C 797 -43.35 18.01 33.46
CA PHE C 797 -42.30 17.19 32.88
C PHE C 797 -40.99 17.42 33.63
N ASN C 798 -40.29 16.35 33.96
CA ASN C 798 -39.09 16.41 34.77
C ASN C 798 -37.86 16.31 33.87
N PHE C 799 -37.04 17.35 33.88
CA PHE C 799 -35.85 17.42 33.04
C PHE C 799 -34.57 17.54 33.86
N SER C 800 -34.60 17.03 35.10
CA SER C 800 -33.46 17.17 35.99
C SER C 800 -32.30 16.24 35.61
N GLN C 801 -32.57 15.20 34.82
CA GLN C 801 -31.54 14.24 34.46
C GLN C 801 -30.73 14.66 33.24
N ILE C 802 -31.28 15.53 32.39
CA ILE C 802 -30.60 15.97 31.19
C ILE C 802 -30.16 17.42 31.24
N LEU C 803 -30.77 18.24 32.09
CA LEU C 803 -30.27 19.60 32.29
C LEU C 803 -28.96 19.54 33.07
N PRO C 804 -28.05 20.51 32.84
CA PRO C 804 -26.78 20.51 33.58
C PRO C 804 -26.97 20.75 35.07
N ASP C 805 -26.12 20.11 35.85
CA ASP C 805 -26.12 20.21 37.31
C ASP C 805 -24.97 21.08 37.77
N PRO C 806 -25.23 22.14 38.54
CA PRO C 806 -24.14 23.01 39.00
C PRO C 806 -23.23 22.38 40.04
N SER C 807 -23.61 21.24 40.63
CA SER C 807 -22.76 20.58 41.61
C SER C 807 -21.49 20.00 40.98
N LYS C 808 -21.60 19.51 39.74
CA LYS C 808 -20.44 19.00 39.03
C LYS C 808 -19.51 20.15 38.65
N PRO C 809 -18.20 19.90 38.52
CA PRO C 809 -17.28 20.93 38.02
C PRO C 809 -17.56 21.30 36.57
N SER C 810 -17.65 20.30 35.70
CA SER C 810 -18.09 20.53 34.33
C SER C 810 -19.60 20.67 34.28
N LYS C 811 -20.08 21.28 33.20
CA LYS C 811 -21.52 21.46 33.01
C LYS C 811 -22.13 20.27 32.29
N ARG C 812 -22.00 19.11 32.92
CA ARG C 812 -22.49 17.84 32.38
C ARG C 812 -23.63 17.33 33.27
N SER C 813 -24.64 16.74 32.63
CA SER C 813 -25.79 16.24 33.36
C SER C 813 -25.50 14.87 33.96
N PHE C 814 -26.51 14.30 34.62
CA PHE C 814 -26.37 12.97 35.21
C PHE C 814 -26.21 11.90 34.13
N ILE C 815 -27.00 11.98 33.06
CA ILE C 815 -26.91 11.01 31.98
C ILE C 815 -25.60 11.16 31.23
N GLU C 816 -25.12 12.40 31.05
CA GLU C 816 -23.82 12.61 30.43
C GLU C 816 -22.67 12.10 31.30
N ASP C 817 -22.79 12.24 32.63
CA ASP C 817 -21.80 11.67 33.53
C ASP C 817 -21.79 10.15 33.47
N LEU C 818 -22.98 9.54 33.37
CA LEU C 818 -23.05 8.08 33.22
C LEU C 818 -22.46 7.63 31.89
N LEU C 819 -22.69 8.38 30.82
CA LEU C 819 -22.13 8.04 29.51
C LEU C 819 -20.62 8.20 29.49
N PHE C 820 -20.10 9.22 30.18
CA PHE C 820 -18.65 9.39 30.29
C PHE C 820 -18.01 8.35 31.20
N ASN C 821 -18.76 7.82 32.17
CA ASN C 821 -18.21 6.76 33.02
C ASN C 821 -18.28 5.38 32.37
N LYS C 822 -19.28 5.14 31.51
CA LYS C 822 -19.42 3.83 30.89
C LYS C 822 -18.40 3.57 29.79
N VAL C 823 -17.79 4.61 29.23
CA VAL C 823 -16.79 4.46 28.19
C VAL C 823 -15.41 4.58 28.83
N THR C 824 -14.58 3.56 28.64
CA THR C 824 -13.22 3.55 29.18
C THR C 824 -12.31 4.50 28.41
N LYS C 851 2.45 4.12 20.65
CA LYS C 851 1.87 5.37 21.15
C LYS C 851 2.98 6.39 21.41
N PHE C 852 4.15 5.89 21.80
CA PHE C 852 5.27 6.74 22.18
C PHE C 852 6.35 6.86 21.10
N LYS C 853 6.55 5.82 20.29
CA LYS C 853 7.68 5.76 19.36
C LYS C 853 7.31 6.44 18.06
N GLY C 854 7.52 7.76 18.02
CA GLY C 854 7.27 8.55 16.83
C GLY C 854 5.82 8.87 16.58
N LEU C 855 4.94 8.58 17.52
CA LEU C 855 3.50 8.76 17.35
C LEU C 855 3.03 9.83 18.33
N THR C 856 2.20 10.75 17.84
CA THR C 856 1.59 11.78 18.67
C THR C 856 0.09 11.72 18.52
N VAL C 857 -0.62 11.87 19.63
CA VAL C 857 -2.08 11.95 19.62
C VAL C 857 -2.45 13.41 19.84
N LEU C 858 -3.04 14.02 18.82
CA LEU C 858 -3.42 15.42 18.91
C LEU C 858 -4.71 15.58 19.71
N PRO C 859 -4.82 16.61 20.53
CA PRO C 859 -6.06 16.86 21.25
C PRO C 859 -7.12 17.40 20.31
N PRO C 860 -8.40 17.14 20.58
CA PRO C 860 -9.47 17.76 19.79
C PRO C 860 -9.55 19.25 20.02
N LEU C 861 -10.04 19.97 19.01
CA LEU C 861 -10.15 21.42 19.11
C LEU C 861 -11.24 21.83 20.09
N LEU C 862 -12.36 21.13 20.09
CA LEU C 862 -13.47 21.41 20.98
C LEU C 862 -13.36 20.50 22.21
N THR C 863 -13.22 21.10 23.39
CA THR C 863 -13.16 20.32 24.60
C THR C 863 -14.57 19.90 25.04
N ASP C 864 -14.61 18.96 25.99
CA ASP C 864 -15.87 18.36 26.44
C ASP C 864 -16.76 19.38 27.16
N GLU C 865 -16.17 20.40 27.78
CA GLU C 865 -16.96 21.48 28.34
C GLU C 865 -17.68 22.27 27.26
N MET C 866 -17.01 22.51 26.13
CA MET C 866 -17.65 23.21 25.02
C MET C 866 -18.73 22.35 24.36
N ILE C 867 -18.49 21.04 24.25
CA ILE C 867 -19.51 20.14 23.72
C ILE C 867 -20.73 20.09 24.65
N ALA C 868 -20.49 20.06 25.97
CA ALA C 868 -21.58 20.10 26.93
C ALA C 868 -22.33 21.42 26.89
N GLN C 869 -21.63 22.52 26.64
CA GLN C 869 -22.32 23.82 26.50
C GLN C 869 -23.17 23.86 25.24
N TYR C 870 -22.69 23.26 24.14
CA TYR C 870 -23.52 23.14 22.93
C TYR C 870 -24.76 22.30 23.17
N THR C 871 -24.62 21.15 23.85
CA THR C 871 -25.77 20.29 24.10
C THR C 871 -26.75 20.95 25.07
N SER C 872 -26.23 21.66 26.07
CA SER C 872 -27.09 22.40 26.99
C SER C 872 -27.85 23.52 26.29
N ALA C 873 -27.17 24.25 25.39
CA ALA C 873 -27.83 25.31 24.64
C ALA C 873 -28.91 24.76 23.71
N LEU C 874 -28.62 23.64 23.03
CA LEU C 874 -29.60 23.03 22.14
C LEU C 874 -30.81 22.50 22.91
N LEU C 875 -30.57 21.88 24.06
CA LEU C 875 -31.67 21.31 24.84
C LEU C 875 -32.51 22.41 25.49
N ALA C 876 -31.86 23.48 25.96
CA ALA C 876 -32.60 24.61 26.52
C ALA C 876 -33.41 25.33 25.46
N GLY C 877 -32.84 25.51 24.26
CA GLY C 877 -33.59 26.10 23.17
C GLY C 877 -34.77 25.26 22.73
N THR C 878 -34.57 23.93 22.69
CA THR C 878 -35.66 23.02 22.33
C THR C 878 -36.80 23.07 23.34
N ILE C 879 -36.46 23.07 24.64
CA ILE C 879 -37.47 23.09 25.69
C ILE C 879 -38.22 24.42 25.70
N THR C 880 -37.48 25.54 25.64
CA THR C 880 -38.13 26.84 25.74
C THR C 880 -38.81 27.28 24.45
N SER C 881 -38.46 26.70 23.29
CA SER C 881 -39.07 27.23 22.08
C SER C 881 -39.69 26.18 21.17
N GLY C 882 -39.05 25.03 21.00
CA GLY C 882 -39.53 24.04 20.04
C GLY C 882 -38.88 24.22 18.68
N TRP C 883 -39.69 24.47 17.65
CA TRP C 883 -39.18 24.58 16.28
C TRP C 883 -38.43 25.88 16.06
N THR C 884 -38.79 26.93 16.79
CA THR C 884 -38.55 28.29 16.34
C THR C 884 -37.10 28.72 16.50
N PHE C 885 -36.38 28.18 17.48
CA PHE C 885 -34.96 28.50 17.60
C PHE C 885 -34.13 27.87 16.50
N GLY C 886 -34.62 26.80 15.89
CA GLY C 886 -33.97 26.22 14.73
C GLY C 886 -34.43 26.86 13.44
N ALA C 887 -35.67 27.35 13.42
CA ALA C 887 -36.22 28.01 12.25
C ALA C 887 -35.93 29.51 12.20
N GLY C 888 -35.27 30.05 13.22
CA GLY C 888 -34.98 31.47 13.27
C GLY C 888 -34.76 31.95 14.69
N ALA C 889 -35.45 33.02 15.09
CA ALA C 889 -35.36 33.51 16.45
C ALA C 889 -36.20 32.65 17.38
N ALA C 890 -35.74 32.53 18.63
CA ALA C 890 -36.41 31.69 19.62
C ALA C 890 -37.72 32.33 20.07
N LEU C 891 -38.79 31.54 20.11
CA LEU C 891 -40.10 32.00 20.50
C LEU C 891 -40.58 31.20 21.71
N GLN C 892 -40.77 31.88 22.84
CA GLN C 892 -41.21 31.21 24.05
C GLN C 892 -42.66 30.77 23.92
N ILE C 893 -42.96 29.63 24.53
CA ILE C 893 -44.26 28.98 24.47
C ILE C 893 -44.33 28.04 25.66
N PRO C 894 -45.47 27.92 26.35
CA PRO C 894 -45.58 26.93 27.43
C PRO C 894 -45.41 25.50 26.90
N PHE C 895 -44.82 24.66 27.75
CA PHE C 895 -44.41 23.32 27.31
C PHE C 895 -45.60 22.42 27.08
N ALA C 896 -46.70 22.62 27.81
CA ALA C 896 -47.92 21.88 27.56
C ALA C 896 -48.50 22.21 26.19
N MET C 897 -48.46 23.50 25.81
CA MET C 897 -48.91 23.90 24.47
C MET C 897 -47.97 23.38 23.39
N GLN C 898 -46.67 23.34 23.68
CA GLN C 898 -45.70 22.81 22.72
C GLN C 898 -45.93 21.32 22.48
N MET C 899 -46.12 20.55 23.55
CA MET C 899 -46.37 19.11 23.38
C MET C 899 -47.75 18.86 22.79
N ALA C 900 -48.71 19.76 23.02
CA ALA C 900 -50.00 19.66 22.34
C ALA C 900 -49.86 19.89 20.84
N TYR C 901 -48.94 20.77 20.45
CA TYR C 901 -48.68 20.97 19.03
C TYR C 901 -47.92 19.78 18.43
N ARG C 902 -47.08 19.14 19.24
CA ARG C 902 -46.46 17.88 18.81
C ARG C 902 -47.50 16.79 18.59
N PHE C 903 -48.51 16.73 19.48
CA PHE C 903 -49.62 15.80 19.30
C PHE C 903 -50.44 16.13 18.06
N ASN C 904 -50.68 17.42 17.81
CA ASN C 904 -51.42 17.83 16.63
C ASN C 904 -50.65 17.61 15.35
N GLY C 905 -49.32 17.48 15.43
CA GLY C 905 -48.54 17.16 14.26
C GLY C 905 -48.57 15.70 13.83
N ILE C 906 -49.08 14.80 14.66
CA ILE C 906 -49.08 13.38 14.35
C ILE C 906 -50.50 12.81 14.24
N GLY C 907 -51.49 13.68 14.01
CA GLY C 907 -52.84 13.21 13.74
C GLY C 907 -53.70 12.96 14.97
N VAL C 908 -53.30 13.45 16.14
CA VAL C 908 -54.10 13.36 17.36
C VAL C 908 -54.51 14.76 17.74
N THR C 909 -55.81 14.95 17.99
CA THR C 909 -56.31 16.26 18.39
C THR C 909 -55.79 16.65 19.77
N GLN C 910 -55.64 17.95 19.97
CA GLN C 910 -54.91 18.47 21.13
C GLN C 910 -55.68 18.36 22.45
N ASN C 911 -56.98 18.04 22.41
CA ASN C 911 -57.73 17.85 23.65
C ASN C 911 -57.31 16.59 24.40
N VAL C 912 -56.75 15.61 23.68
CA VAL C 912 -56.29 14.36 24.29
C VAL C 912 -55.14 14.62 25.25
N LEU C 913 -54.28 15.59 24.92
CA LEU C 913 -53.20 15.96 25.83
C LEU C 913 -53.73 16.66 27.07
N TYR C 914 -54.59 17.68 26.89
CA TYR C 914 -55.05 18.47 28.01
C TYR C 914 -56.00 17.70 28.92
N GLU C 915 -56.60 16.61 28.42
CA GLU C 915 -57.35 15.72 29.28
C GLU C 915 -56.51 14.61 29.88
N ASN C 916 -55.22 14.49 29.52
CA ASN C 916 -54.36 13.43 30.02
C ASN C 916 -52.95 13.92 30.36
N GLN C 917 -52.82 15.20 30.76
CA GLN C 917 -51.51 15.83 30.88
C GLN C 917 -50.69 15.23 32.02
N LYS C 918 -51.33 14.96 33.16
CA LYS C 918 -50.63 14.36 34.30
C LYS C 918 -50.19 12.94 33.99
N LEU C 919 -51.02 12.17 33.28
CA LEU C 919 -50.66 10.81 32.89
C LEU C 919 -49.50 10.80 31.91
N ILE C 920 -49.50 11.74 30.95
CA ILE C 920 -48.40 11.85 29.99
C ILE C 920 -47.10 12.26 30.68
N ALA C 921 -47.19 13.20 31.63
CA ALA C 921 -46.02 13.61 32.39
C ALA C 921 -45.46 12.48 33.25
N ASN C 922 -46.34 11.70 33.87
CA ASN C 922 -45.90 10.56 34.69
C ASN C 922 -45.23 9.49 33.83
N GLN C 923 -45.81 9.21 32.66
CA GLN C 923 -45.21 8.23 31.76
C GLN C 923 -43.85 8.70 31.24
N PHE C 924 -43.72 9.99 30.93
CA PHE C 924 -42.43 10.53 30.49
C PHE C 924 -41.40 10.48 31.61
N ASN C 925 -41.80 10.77 32.85
CA ASN C 925 -40.87 10.72 33.97
C ASN C 925 -40.41 9.30 34.24
N SER C 926 -41.31 8.31 34.15
CA SER C 926 -40.92 6.92 34.32
C SER C 926 -39.99 6.45 33.19
N ALA C 927 -40.28 6.87 31.95
CA ALA C 927 -39.43 6.48 30.83
C ALA C 927 -38.06 7.13 30.90
N ILE C 928 -37.97 8.34 31.44
CA ILE C 928 -36.67 8.97 31.67
C ILE C 928 -35.93 8.24 32.79
N GLY C 929 -36.63 7.88 33.87
CA GLY C 929 -35.99 7.22 34.99
C GLY C 929 -35.51 5.81 34.69
N LYS C 930 -36.11 5.14 33.70
CA LYS C 930 -35.65 3.81 33.34
C LYS C 930 -34.30 3.83 32.63
N ILE C 931 -33.95 4.94 31.98
CA ILE C 931 -32.73 5.01 31.17
C ILE C 931 -31.49 5.00 32.06
N GLN C 932 -31.56 5.65 33.22
CA GLN C 932 -30.44 5.64 34.16
C GLN C 932 -30.18 4.22 34.69
N ASP C 933 -31.25 3.48 34.99
CA ASP C 933 -31.09 2.09 35.43
C ASP C 933 -30.51 1.22 34.31
N SER C 934 -30.97 1.43 33.08
CA SER C 934 -30.45 0.66 31.94
C SER C 934 -28.98 0.95 31.68
N LEU C 935 -28.57 2.22 31.78
CA LEU C 935 -27.18 2.57 31.54
C LEU C 935 -26.28 2.17 32.70
N SER C 936 -26.80 2.15 33.93
CA SER C 936 -26.00 1.71 35.06
C SER C 936 -25.84 0.19 35.07
N SER C 937 -26.88 -0.54 34.67
CA SER C 937 -26.80 -2.00 34.67
C SER C 937 -26.03 -2.53 33.47
N THR C 938 -26.45 -2.17 32.26
CA THR C 938 -25.84 -2.67 31.04
C THR C 938 -24.88 -1.62 30.50
N ALA C 939 -23.58 -1.94 30.51
CA ALA C 939 -22.57 -1.06 29.96
C ALA C 939 -22.21 -1.41 28.52
N SER C 940 -22.85 -2.41 27.94
CA SER C 940 -22.58 -2.83 26.57
C SER C 940 -23.46 -2.10 25.55
N ALA C 941 -24.24 -1.11 25.99
CA ALA C 941 -25.04 -0.33 25.06
C ALA C 941 -24.17 0.57 24.19
N LEU C 942 -23.08 1.09 24.75
CA LEU C 942 -22.16 1.97 24.02
C LEU C 942 -21.09 1.18 23.26
N GLY C 943 -21.55 0.22 22.46
CA GLY C 943 -20.63 -0.66 21.75
C GLY C 943 -19.84 0.05 20.68
N LYS C 944 -20.47 0.98 19.95
CA LYS C 944 -19.78 1.70 18.89
C LYS C 944 -18.74 2.67 19.46
N LEU C 945 -19.09 3.36 20.55
CA LEU C 945 -18.15 4.30 21.15
C LEU C 945 -17.03 3.56 21.88
N GLN C 946 -17.28 2.35 22.36
CA GLN C 946 -16.18 1.53 22.86
C GLN C 946 -15.32 1.01 21.71
N ASP C 947 -15.95 0.70 20.58
CA ASP C 947 -15.24 0.09 19.46
C ASP C 947 -14.35 1.10 18.74
N VAL C 948 -14.68 2.39 18.78
CA VAL C 948 -13.81 3.41 18.21
C VAL C 948 -12.48 3.46 18.95
N VAL C 949 -12.54 3.49 20.29
CA VAL C 949 -11.34 3.52 21.12
C VAL C 949 -10.58 2.19 20.98
N ASN C 950 -11.29 1.08 20.93
CA ASN C 950 -10.65 -0.23 20.77
C ASN C 950 -9.96 -0.37 19.43
N HIS C 951 -10.57 0.14 18.36
CA HIS C 951 -9.96 0.06 17.03
C HIS C 951 -8.73 0.95 16.94
N ASN C 952 -8.78 2.16 17.50
CA ASN C 952 -7.62 3.04 17.49
C ASN C 952 -6.47 2.47 18.32
N ALA C 953 -6.79 1.91 19.50
CA ALA C 953 -5.76 1.30 20.34
C ALA C 953 -5.16 0.06 19.70
N GLN C 954 -5.98 -0.76 19.05
CA GLN C 954 -5.49 -1.96 18.38
C GLN C 954 -4.62 -1.61 17.18
N ALA C 955 -5.01 -0.58 16.41
CA ALA C 955 -4.22 -0.16 15.26
C ALA C 955 -2.87 0.41 15.70
N LEU C 956 -2.87 1.22 16.76
CA LEU C 956 -1.61 1.76 17.28
C LEU C 956 -0.72 0.68 17.87
N ASN C 957 -1.31 -0.30 18.58
CA ASN C 957 -0.53 -1.39 19.15
C ASN C 957 0.08 -2.27 18.06
N THR C 958 -0.66 -2.55 16.99
CA THR C 958 -0.11 -3.34 15.90
C THR C 958 0.98 -2.58 15.15
N LEU C 959 0.79 -1.27 14.97
CA LEU C 959 1.81 -0.46 14.31
C LEU C 959 3.11 -0.39 15.11
N VAL C 960 3.01 -0.32 16.44
CA VAL C 960 4.21 -0.34 17.26
C VAL C 960 4.84 -1.73 17.26
N LYS C 961 4.03 -2.78 17.39
CA LYS C 961 4.58 -4.14 17.47
C LYS C 961 5.08 -4.67 16.13
N GLN C 962 4.85 -3.97 15.02
CA GLN C 962 5.52 -4.33 13.77
C GLN C 962 6.98 -3.91 13.74
N LEU C 963 7.46 -3.15 14.74
CA LEU C 963 8.86 -2.73 14.74
C LEU C 963 9.81 -3.89 15.02
N SER C 964 9.40 -4.83 15.88
CA SER C 964 10.28 -5.90 16.32
C SER C 964 10.43 -7.01 15.28
N SER C 965 9.67 -6.98 14.19
CA SER C 965 9.81 -7.97 13.14
C SER C 965 11.10 -7.76 12.36
N LYS C 966 11.63 -8.84 11.82
CA LYS C 966 12.90 -8.80 11.11
C LYS C 966 12.75 -8.56 9.61
N PHE C 967 11.59 -8.92 9.03
CA PHE C 967 11.28 -8.75 7.60
C PHE C 967 12.28 -9.45 6.70
N GLY C 968 12.79 -10.59 7.13
CA GLY C 968 13.78 -11.33 6.36
C GLY C 968 15.21 -10.89 6.55
N ALA C 969 15.46 -9.86 7.37
CA ALA C 969 16.83 -9.44 7.64
C ALA C 969 17.40 -10.26 8.79
N ILE C 970 18.64 -9.95 9.18
CA ILE C 970 19.31 -10.75 10.19
C ILE C 970 18.92 -10.33 11.61
N SER C 971 18.51 -9.07 11.81
CA SER C 971 18.19 -8.59 13.14
C SER C 971 17.22 -7.42 13.02
N SER C 972 16.49 -7.19 14.12
CA SER C 972 15.56 -6.07 14.21
C SER C 972 16.17 -4.83 14.82
N VAL C 973 17.43 -4.88 15.21
CA VAL C 973 18.15 -3.74 15.79
C VAL C 973 19.19 -3.27 14.78
N LEU C 974 19.20 -1.97 14.52
CA LEU C 974 20.07 -1.43 13.47
C LEU C 974 21.53 -1.40 13.89
N ASN C 975 21.80 -1.24 15.19
CA ASN C 975 23.17 -1.19 15.68
C ASN C 975 23.88 -2.53 15.53
N ASP C 976 23.15 -3.64 15.73
CA ASP C 976 23.73 -4.96 15.54
C ASP C 976 24.09 -5.21 14.07
N ILE C 977 23.24 -4.75 13.15
CA ILE C 977 23.53 -4.89 11.73
C ILE C 977 24.72 -4.02 11.32
N PHE C 978 24.79 -2.80 11.87
CA PHE C 978 25.87 -1.91 11.48
C PHE C 978 27.18 -2.16 12.22
N SER C 979 27.16 -2.97 13.27
CA SER C 979 28.40 -3.32 13.97
C SER C 979 28.91 -4.72 13.65
N ARG C 980 28.01 -5.67 13.34
CA ARG C 980 28.40 -7.04 13.07
C ARG C 980 28.53 -7.36 11.58
N LEU C 981 28.31 -6.39 10.70
CA LEU C 981 28.30 -6.65 9.27
C LEU C 981 28.93 -5.47 8.53
N ASP C 982 29.54 -5.77 7.39
CA ASP C 982 30.12 -4.73 6.55
C ASP C 982 29.02 -3.91 5.87
N LYS C 983 29.41 -2.72 5.41
CA LYS C 983 28.45 -1.72 4.94
C LYS C 983 27.79 -2.11 3.63
N VAL C 984 28.53 -2.79 2.73
CA VAL C 984 28.06 -2.95 1.35
C VAL C 984 26.92 -3.95 1.18
N GLU C 985 26.61 -4.76 2.20
CA GLU C 985 25.30 -5.42 2.25
C GLU C 985 24.57 -5.19 3.56
N ALA C 986 25.20 -4.55 4.54
CA ALA C 986 24.46 -4.00 5.67
C ALA C 986 23.46 -2.94 5.20
N GLU C 987 23.81 -2.19 4.14
CA GLU C 987 22.87 -1.26 3.52
C GLU C 987 21.68 -2.01 2.92
N VAL C 988 21.91 -3.21 2.38
CA VAL C 988 20.80 -4.01 1.82
C VAL C 988 19.90 -4.53 2.93
N GLN C 989 20.49 -4.96 4.06
CA GLN C 989 19.69 -5.40 5.19
C GLN C 989 18.86 -4.26 5.78
N ILE C 990 19.47 -3.08 5.91
CA ILE C 990 18.75 -1.89 6.37
C ILE C 990 17.68 -1.48 5.37
N ASP C 991 17.93 -1.70 4.06
CA ASP C 991 16.94 -1.45 3.04
C ASP C 991 15.73 -2.37 3.19
N ARG C 992 15.98 -3.64 3.54
CA ARG C 992 14.88 -4.58 3.81
C ARG C 992 14.06 -4.13 5.01
N LEU C 993 14.72 -3.70 6.09
CA LEU C 993 14.02 -3.22 7.28
C LEU C 993 13.23 -1.95 6.99
N ILE C 994 13.81 -1.04 6.20
CA ILE C 994 13.15 0.22 5.83
C ILE C 994 11.91 -0.06 4.99
N THR C 995 12.01 -0.99 4.03
CA THR C 995 10.88 -1.35 3.18
C THR C 995 9.75 -1.98 4.00
N GLY C 996 10.11 -2.87 4.94
CA GLY C 996 9.08 -3.47 5.79
C GLY C 996 8.36 -2.47 6.68
N ARG C 997 9.12 -1.56 7.31
CA ARG C 997 8.50 -0.57 8.18
C ARG C 997 7.68 0.45 7.40
N LEU C 998 8.14 0.81 6.19
CA LEU C 998 7.36 1.72 5.34
C LEU C 998 6.07 1.06 4.86
N GLN C 999 6.11 -0.25 4.57
CA GLN C 999 4.90 -0.97 4.20
C GLN C 999 3.91 -1.03 5.35
N SER C 1000 4.41 -1.24 6.58
CA SER C 1000 3.54 -1.22 7.75
C SER C 1000 2.89 0.14 7.97
N LEU C 1001 3.68 1.22 7.80
CA LEU C 1001 3.14 2.57 7.93
C LEU C 1001 2.09 2.87 6.87
N GLN C 1002 2.32 2.43 5.63
CA GLN C 1002 1.36 2.63 4.54
C GLN C 1002 0.06 1.88 4.80
N THR C 1003 0.15 0.65 5.32
CA THR C 1003 -1.04 -0.12 5.67
C THR C 1003 -1.85 0.56 6.77
N TYR C 1004 -1.15 1.09 7.78
CA TYR C 1004 -1.82 1.82 8.85
C TYR C 1004 -2.53 3.08 8.34
N VAL C 1005 -1.87 3.81 7.45
CA VAL C 1005 -2.46 5.04 6.89
C VAL C 1005 -3.68 4.73 6.04
N THR C 1006 -3.63 3.64 5.25
CA THR C 1006 -4.77 3.26 4.42
C THR C 1006 -5.97 2.83 5.28
N GLN C 1007 -5.71 2.05 6.34
CA GLN C 1007 -6.80 1.65 7.24
C GLN C 1007 -7.39 2.85 7.97
N GLN C 1008 -6.55 3.82 8.35
CA GLN C 1008 -7.05 5.04 8.96
C GLN C 1008 -7.90 5.86 8.00
N LEU C 1009 -7.53 5.89 6.71
CA LEU C 1009 -8.32 6.59 5.71
C LEU C 1009 -9.71 5.99 5.54
N ILE C 1010 -9.77 4.65 5.47
CA ILE C 1010 -11.06 3.97 5.31
C ILE C 1010 -11.93 4.16 6.56
N ARG C 1011 -11.32 4.05 7.74
CA ARG C 1011 -12.06 4.25 8.98
C ARG C 1011 -12.53 5.70 9.13
N ALA C 1012 -11.72 6.65 8.66
CA ALA C 1012 -12.12 8.06 8.69
C ALA C 1012 -13.30 8.33 7.76
N ALA C 1013 -13.32 7.67 6.59
CA ALA C 1013 -14.47 7.81 5.70
C ALA C 1013 -15.75 7.25 6.33
N GLU C 1014 -15.65 6.10 7.00
CA GLU C 1014 -16.81 5.52 7.67
C GLU C 1014 -17.30 6.40 8.83
N ILE C 1015 -16.37 6.94 9.61
CA ILE C 1015 -16.73 7.84 10.72
C ILE C 1015 -17.33 9.14 10.20
N ARG C 1016 -16.84 9.64 9.05
CA ARG C 1016 -17.44 10.82 8.44
C ARG C 1016 -18.87 10.58 7.97
N ALA C 1017 -19.13 9.40 7.42
CA ALA C 1017 -20.50 9.05 7.03
C ALA C 1017 -21.42 8.97 8.25
N SER C 1018 -20.92 8.39 9.35
CA SER C 1018 -21.71 8.33 10.59
C SER C 1018 -21.93 9.71 11.18
N ALA C 1019 -20.95 10.61 11.05
CA ALA C 1019 -21.11 11.97 11.57
C ALA C 1019 -22.12 12.77 10.74
N ASN C 1020 -22.13 12.55 9.42
CA ASN C 1020 -23.12 13.18 8.58
C ASN C 1020 -24.53 12.70 8.92
N LEU C 1021 -24.69 11.40 9.19
CA LEU C 1021 -25.97 10.88 9.63
C LEU C 1021 -26.38 11.44 10.98
N ALA C 1022 -25.41 11.61 11.88
CA ALA C 1022 -25.70 12.19 13.20
C ALA C 1022 -26.13 13.65 13.11
N ALA C 1023 -25.47 14.42 12.25
CA ALA C 1023 -25.88 15.82 12.04
C ALA C 1023 -27.25 15.90 11.39
N THR C 1024 -27.56 14.98 10.47
CA THR C 1024 -28.89 14.94 9.86
C THR C 1024 -29.98 14.63 10.89
N LYS C 1025 -29.74 13.64 11.76
CA LYS C 1025 -30.71 13.32 12.81
C LYS C 1025 -30.86 14.46 13.81
N MET C 1026 -29.76 15.13 14.16
CA MET C 1026 -29.83 16.27 15.08
C MET C 1026 -30.66 17.40 14.49
N SER C 1027 -30.41 17.74 13.22
CA SER C 1027 -31.11 18.84 12.58
C SER C 1027 -32.59 18.52 12.35
N GLU C 1028 -32.91 17.28 12.01
CA GLU C 1028 -34.29 16.92 11.68
C GLU C 1028 -35.08 16.35 12.84
N CYS C 1029 -34.47 16.17 14.01
CA CYS C 1029 -35.27 15.68 15.13
C CYS C 1029 -35.12 16.52 16.39
N VAL C 1030 -33.93 17.05 16.66
CA VAL C 1030 -33.79 17.92 17.82
C VAL C 1030 -34.34 19.30 17.52
N LEU C 1031 -34.02 19.84 16.35
CA LEU C 1031 -34.42 21.18 15.96
C LEU C 1031 -35.84 21.24 15.39
N GLY C 1032 -36.49 20.11 15.20
CA GLY C 1032 -37.84 20.09 14.65
C GLY C 1032 -38.57 18.82 15.02
N GLN C 1033 -39.50 18.43 14.15
CA GLN C 1033 -40.27 17.20 14.31
C GLN C 1033 -40.23 16.42 13.01
N SER C 1034 -40.07 15.10 13.12
CA SER C 1034 -39.85 14.25 11.97
C SER C 1034 -41.12 13.49 11.60
N LYS C 1035 -41.46 13.49 10.31
CA LYS C 1035 -42.54 12.66 9.79
C LYS C 1035 -42.05 11.39 9.12
N ARG C 1036 -40.74 11.18 9.07
CA ARG C 1036 -40.18 9.98 8.46
C ARG C 1036 -40.36 8.79 9.40
N VAL C 1037 -40.80 7.66 8.84
CA VAL C 1037 -41.13 6.50 9.65
C VAL C 1037 -39.85 5.82 10.12
N ASP C 1038 -39.76 5.59 11.43
CA ASP C 1038 -38.65 4.90 12.13
C ASP C 1038 -37.31 5.61 11.96
N PHE C 1039 -37.32 6.90 11.61
CA PHE C 1039 -36.07 7.66 11.54
C PHE C 1039 -35.57 8.01 12.94
N CYS C 1040 -36.47 8.40 13.82
CA CYS C 1040 -36.12 8.82 15.18
C CYS C 1040 -37.04 8.07 16.16
N GLY C 1041 -36.64 6.85 16.51
CA GLY C 1041 -37.41 6.05 17.45
C GLY C 1041 -38.59 5.33 16.83
N LYS C 1042 -38.93 4.16 17.36
CA LYS C 1042 -40.10 3.43 16.88
C LYS C 1042 -41.38 4.10 17.34
N GLY C 1043 -42.37 4.11 16.46
CA GLY C 1043 -43.64 4.75 16.74
C GLY C 1043 -43.73 6.11 16.06
N TYR C 1044 -44.67 6.90 16.57
CA TYR C 1044 -44.89 8.26 16.07
C TYR C 1044 -44.00 9.20 16.85
N HIS C 1045 -43.10 9.89 16.17
CA HIS C 1045 -42.09 10.71 16.81
C HIS C 1045 -42.70 11.99 17.37
N LEU C 1046 -42.30 12.33 18.59
CA LEU C 1046 -42.68 13.60 19.19
C LEU C 1046 -41.51 14.57 19.24
N MET C 1047 -40.42 14.22 19.94
CA MET C 1047 -39.28 15.13 20.03
C MET C 1047 -38.04 14.33 20.40
N SER C 1048 -36.93 15.04 20.62
CA SER C 1048 -35.67 14.36 20.90
C SER C 1048 -34.77 15.23 21.77
N PHE C 1049 -33.80 14.58 22.41
CA PHE C 1049 -32.82 15.24 23.27
C PHE C 1049 -31.41 14.83 22.88
N PRO C 1050 -30.48 15.77 22.75
CA PRO C 1050 -29.07 15.40 22.54
C PRO C 1050 -28.28 15.35 23.84
N GLN C 1051 -27.36 14.39 23.90
CA GLN C 1051 -26.42 14.25 25.00
C GLN C 1051 -25.05 13.97 24.43
N SER C 1052 -24.02 14.59 25.01
CA SER C 1052 -22.66 14.33 24.59
C SER C 1052 -22.20 12.97 25.10
N ALA C 1053 -21.16 12.43 24.46
CA ALA C 1053 -20.60 11.14 24.83
C ALA C 1053 -19.17 11.09 24.32
N PRO C 1054 -18.30 10.26 24.96
CA PRO C 1054 -16.92 10.13 24.46
C PRO C 1054 -16.85 9.60 23.03
N HIS C 1055 -16.40 10.49 22.14
CA HIS C 1055 -16.39 10.29 20.68
C HIS C 1055 -17.79 9.96 20.14
N GLY C 1056 -18.81 10.65 20.63
CA GLY C 1056 -20.12 10.40 20.06
C GLY C 1056 -21.23 11.22 20.67
N VAL C 1057 -22.44 10.96 20.17
CA VAL C 1057 -23.65 11.64 20.60
C VAL C 1057 -24.72 10.60 20.87
N VAL C 1058 -25.57 10.89 21.85
CA VAL C 1058 -26.66 9.99 22.25
C VAL C 1058 -27.96 10.79 22.18
N PHE C 1059 -28.91 10.29 21.39
CA PHE C 1059 -30.22 10.91 21.25
C PHE C 1059 -31.23 10.14 22.08
N LEU C 1060 -31.99 10.86 22.89
CA LEU C 1060 -33.15 10.32 23.60
C LEU C 1060 -34.38 10.71 22.79
N HIS C 1061 -34.97 9.73 22.11
CA HIS C 1061 -36.13 9.95 21.26
C HIS C 1061 -37.41 9.73 22.07
N VAL C 1062 -38.23 10.77 22.18
CA VAL C 1062 -39.52 10.69 22.84
C VAL C 1062 -40.57 10.50 21.76
N THR C 1063 -41.27 9.36 21.82
CA THR C 1063 -42.20 8.91 20.78
C THR C 1063 -43.52 8.48 21.42
N TYR C 1064 -44.55 8.43 20.59
CA TYR C 1064 -45.91 8.10 20.98
C TYR C 1064 -46.26 6.74 20.38
N VAL C 1065 -46.66 5.79 21.23
CA VAL C 1065 -46.95 4.43 20.78
C VAL C 1065 -48.36 4.07 21.20
N PRO C 1066 -49.25 3.72 20.27
CA PRO C 1066 -50.59 3.24 20.65
C PRO C 1066 -50.53 1.90 21.36
N ALA C 1067 -51.40 1.71 22.35
CA ALA C 1067 -51.27 0.58 23.26
C ALA C 1067 -52.45 -0.39 23.25
N GLN C 1068 -53.67 0.09 23.48
CA GLN C 1068 -54.79 -0.78 23.85
C GLN C 1068 -55.81 -0.83 22.72
N GLU C 1069 -55.76 -1.90 21.94
CA GLU C 1069 -56.59 -2.07 20.75
C GLU C 1069 -58.03 -2.43 21.13
N LYS C 1070 -58.95 -2.16 20.20
CA LYS C 1070 -60.34 -2.55 20.35
C LYS C 1070 -60.95 -2.79 18.98
N ASN C 1071 -61.79 -3.82 18.88
CA ASN C 1071 -62.46 -4.17 17.63
C ASN C 1071 -63.68 -3.28 17.40
N PHE C 1072 -63.90 -2.91 16.14
CA PHE C 1072 -65.07 -2.14 15.76
C PHE C 1072 -65.51 -2.58 14.37
N THR C 1073 -66.80 -2.37 14.08
CA THR C 1073 -67.37 -2.64 12.76
C THR C 1073 -67.39 -1.32 11.99
N THR C 1074 -66.83 -1.33 10.79
CA THR C 1074 -66.59 -0.12 10.02
C THR C 1074 -67.35 -0.14 8.69
N ALA C 1075 -67.34 1.02 8.03
CA ALA C 1075 -68.01 1.20 6.75
C ALA C 1075 -67.34 2.35 6.01
N PRO C 1076 -67.30 2.32 4.68
CA PRO C 1076 -66.65 3.43 3.96
C PRO C 1076 -67.47 4.71 3.93
N ALA C 1077 -68.78 4.63 3.76
CA ALA C 1077 -69.62 5.81 3.65
C ALA C 1077 -71.01 5.47 4.18
N ILE C 1078 -71.88 6.48 4.27
CA ILE C 1078 -73.21 6.31 4.84
C ILE C 1078 -74.25 6.92 3.90
N CYS C 1079 -75.30 6.15 3.58
CA CYS C 1079 -76.44 6.68 2.85
C CYS C 1079 -77.35 7.47 3.79
N HIS C 1080 -77.80 8.63 3.32
CA HIS C 1080 -78.77 9.42 4.06
C HIS C 1080 -79.56 10.24 3.06
N ASP C 1081 -80.83 9.86 2.85
CA ASP C 1081 -81.74 10.45 1.85
C ASP C 1081 -81.13 10.42 0.45
N GLY C 1082 -80.52 9.28 0.11
CA GLY C 1082 -79.90 9.12 -1.19
C GLY C 1082 -78.56 9.81 -1.36
N LYS C 1083 -77.97 10.32 -0.29
CA LYS C 1083 -76.69 11.02 -0.35
C LYS C 1083 -75.62 10.21 0.36
N ALA C 1084 -74.45 10.13 -0.27
CA ALA C 1084 -73.31 9.42 0.30
C ALA C 1084 -72.48 10.38 1.13
N HIS C 1085 -72.39 10.10 2.43
CA HIS C 1085 -71.61 10.90 3.36
C HIS C 1085 -70.31 10.17 3.67
N PHE C 1086 -69.18 10.88 3.46
CA PHE C 1086 -67.82 10.44 3.72
C PHE C 1086 -67.24 11.25 4.88
N PRO C 1087 -66.44 10.64 5.75
CA PRO C 1087 -65.90 11.38 6.89
C PRO C 1087 -64.78 12.33 6.46
N ARG C 1088 -64.82 13.53 7.03
CA ARG C 1088 -63.74 14.49 6.80
C ARG C 1088 -62.46 14.03 7.48
N GLU C 1089 -62.56 13.65 8.75
CA GLU C 1089 -61.43 13.13 9.52
C GLU C 1089 -61.90 11.91 10.32
N GLY C 1090 -61.19 10.81 10.19
CA GLY C 1090 -61.45 9.62 10.97
C GLY C 1090 -62.22 8.56 10.18
N VAL C 1091 -62.48 7.44 10.87
CA VAL C 1091 -63.20 6.32 10.27
C VAL C 1091 -64.58 6.25 10.90
N PHE C 1092 -65.42 5.37 10.39
CA PHE C 1092 -66.74 5.09 10.97
C PHE C 1092 -66.64 3.82 11.79
N VAL C 1093 -67.16 3.86 13.02
CA VAL C 1093 -67.29 2.67 13.87
C VAL C 1093 -68.75 2.51 14.23
N SER C 1094 -69.12 1.30 14.67
CA SER C 1094 -70.50 1.04 15.04
C SER C 1094 -70.68 0.74 16.52
N ASN C 1095 -70.11 -0.35 17.03
CA ASN C 1095 -70.38 -1.18 18.25
C ASN C 1095 -71.59 -2.08 18.03
N GLY C 1096 -72.30 -1.97 16.90
CA GLY C 1096 -73.52 -2.69 16.63
C GLY C 1096 -74.74 -1.83 16.37
N THR C 1097 -74.88 -0.69 17.05
CA THR C 1097 -75.90 0.31 16.76
C THR C 1097 -75.21 1.67 16.80
N HIS C 1098 -75.97 2.73 16.45
CA HIS C 1098 -75.59 4.13 16.68
C HIS C 1098 -74.20 4.48 16.15
N TRP C 1099 -74.08 4.49 14.82
CA TRP C 1099 -72.78 4.67 14.16
C TRP C 1099 -72.13 5.99 14.53
N PHE C 1100 -70.80 5.97 14.67
CA PHE C 1100 -70.01 7.11 15.11
C PHE C 1100 -68.84 7.31 14.17
N VAL C 1101 -68.27 8.51 14.20
CA VAL C 1101 -67.04 8.83 13.49
C VAL C 1101 -65.96 9.11 14.53
N THR C 1102 -64.78 8.54 14.33
CA THR C 1102 -63.67 8.65 15.26
C THR C 1102 -62.41 9.07 14.54
N GLN C 1103 -61.46 9.66 15.27
CA GLN C 1103 -60.12 9.82 14.74
C GLN C 1103 -59.39 8.48 14.81
N ARG C 1104 -58.39 8.32 13.94
CA ARG C 1104 -57.78 7.00 13.76
C ARG C 1104 -56.86 6.64 14.92
N ASN C 1105 -56.03 7.58 15.38
CA ASN C 1105 -54.94 7.24 16.28
C ASN C 1105 -55.42 7.06 17.72
N PHE C 1106 -56.61 7.56 18.04
CA PHE C 1106 -57.15 7.46 19.38
C PHE C 1106 -58.65 7.28 19.30
N TYR C 1107 -59.23 6.47 20.17
CA TYR C 1107 -60.67 6.24 20.12
C TYR C 1107 -61.41 7.40 20.78
N GLU C 1108 -62.30 8.02 20.01
CA GLU C 1108 -63.10 9.15 20.50
C GLU C 1108 -64.38 9.21 19.69
N PRO C 1109 -65.47 8.61 20.18
CA PRO C 1109 -66.71 8.59 19.40
C PRO C 1109 -67.39 9.94 19.40
N GLN C 1110 -67.98 10.28 18.25
CA GLN C 1110 -68.70 11.53 18.08
C GLN C 1110 -69.95 11.28 17.26
N ILE C 1111 -70.98 12.10 17.49
CA ILE C 1111 -72.22 12.00 16.75
C ILE C 1111 -71.98 12.44 15.30
N ILE C 1112 -72.40 11.60 14.35
CA ILE C 1112 -72.19 11.86 12.93
C ILE C 1112 -73.14 12.96 12.49
N THR C 1113 -72.59 14.12 12.18
CA THR C 1113 -73.34 15.30 11.75
C THR C 1113 -72.90 15.71 10.35
N THR C 1114 -73.41 16.85 9.89
CA THR C 1114 -73.06 17.38 8.58
C THR C 1114 -71.83 18.30 8.62
N ASP C 1115 -71.25 18.53 9.80
CA ASP C 1115 -70.07 19.34 9.94
C ASP C 1115 -68.78 18.54 9.78
N ASN C 1116 -68.79 17.29 10.23
CA ASN C 1116 -67.65 16.40 10.19
C ASN C 1116 -67.72 15.35 9.07
N THR C 1117 -68.75 15.39 8.23
CA THR C 1117 -68.85 14.58 7.03
C THR C 1117 -69.13 15.49 5.84
N PHE C 1118 -68.81 14.99 4.65
CA PHE C 1118 -69.07 15.72 3.42
C PHE C 1118 -69.76 14.80 2.41
N VAL C 1119 -70.50 15.42 1.50
CA VAL C 1119 -71.38 14.72 0.58
C VAL C 1119 -70.73 14.69 -0.80
N SER C 1120 -70.74 13.51 -1.43
CA SER C 1120 -70.18 13.35 -2.77
C SER C 1120 -70.97 12.27 -3.50
N GLY C 1121 -71.67 12.67 -4.56
CA GLY C 1121 -72.35 11.70 -5.40
C GLY C 1121 -73.61 11.14 -4.75
N ASN C 1122 -73.89 9.87 -5.06
CA ASN C 1122 -75.05 9.19 -4.51
C ASN C 1122 -74.68 7.79 -4.03
N CYS C 1123 -75.69 6.97 -3.72
CA CYS C 1123 -75.50 5.72 -3.01
C CYS C 1123 -75.08 4.56 -3.90
N ASP C 1124 -75.06 4.73 -5.22
CA ASP C 1124 -74.91 3.61 -6.14
C ASP C 1124 -73.46 3.34 -6.55
N VAL C 1125 -72.49 4.07 -6.01
CA VAL C 1125 -71.11 3.96 -6.47
C VAL C 1125 -70.19 3.35 -5.41
N VAL C 1126 -70.51 3.48 -4.13
CA VAL C 1126 -69.61 3.05 -3.06
C VAL C 1126 -69.93 1.61 -2.70
N ILE C 1127 -68.90 0.76 -2.69
CA ILE C 1127 -69.07 -0.65 -2.35
C ILE C 1127 -69.00 -0.80 -0.83
N GLY C 1128 -70.02 -1.42 -0.25
CA GLY C 1128 -70.07 -1.63 1.18
C GLY C 1128 -70.70 -0.50 1.97
N ILE C 1129 -71.48 0.36 1.33
CA ILE C 1129 -72.11 1.48 2.02
C ILE C 1129 -73.23 0.97 2.93
N VAL C 1130 -73.44 1.68 4.04
CA VAL C 1130 -74.45 1.29 5.02
C VAL C 1130 -75.50 2.38 5.11
N ASN C 1131 -76.53 2.15 5.94
CA ASN C 1131 -77.63 3.08 6.10
C ASN C 1131 -77.66 3.58 7.54
N ASN C 1132 -77.61 4.91 7.69
CA ASN C 1132 -77.72 5.54 9.01
C ASN C 1132 -78.16 6.99 8.81
N THR C 1133 -78.88 7.51 9.80
CA THR C 1133 -79.31 8.90 9.76
C THR C 1133 -78.16 9.82 10.13
N VAL C 1134 -78.15 11.01 9.51
CA VAL C 1134 -77.13 12.02 9.76
C VAL C 1134 -77.83 13.22 10.39
N TYR C 1135 -77.43 13.56 11.61
CA TYR C 1135 -78.04 14.66 12.35
C TYR C 1135 -77.62 16.00 11.78
N ASP C 1136 -78.53 16.97 11.82
CA ASP C 1136 -78.27 18.32 11.35
C ASP C 1136 -78.44 19.30 12.50
N PRO C 1137 -77.40 20.04 12.90
CA PRO C 1137 -77.55 20.98 14.01
C PRO C 1137 -78.34 22.23 13.68
N LEU C 1138 -78.61 22.50 12.40
CA LEU C 1138 -79.34 23.70 12.02
C LEU C 1138 -80.83 23.58 12.32
N GLN C 1139 -81.37 22.37 12.27
CA GLN C 1139 -82.80 22.16 12.45
C GLN C 1139 -83.36 22.53 13.84
N PRO C 1140 -82.74 22.23 14.98
CA PRO C 1140 -83.29 22.75 16.26
C PRO C 1140 -83.29 24.26 16.36
N GLU C 1141 -82.32 24.94 15.75
CA GLU C 1141 -82.37 26.40 15.72
C GLU C 1141 -83.41 26.90 14.72
N LEU C 1142 -83.70 26.09 13.69
CA LEU C 1142 -84.77 26.43 12.76
C LEU C 1142 -86.14 26.27 13.41
N ASP C 1143 -86.26 25.35 14.36
CA ASP C 1143 -87.53 25.10 15.03
C ASP C 1143 -87.84 26.13 16.12
N SER C 1144 -86.91 27.02 16.44
CA SER C 1144 -87.14 28.04 17.44
C SER C 1144 -88.07 29.13 16.90
C1 NAG D . -12.87 -34.55 -26.29
C2 NAG D . -13.76 -34.41 -27.54
C3 NAG D . -15.10 -35.13 -27.30
C4 NAG D . -14.89 -36.57 -26.86
C5 NAG D . -13.98 -36.59 -25.63
C6 NAG D . -13.62 -37.99 -25.17
C7 NAG D . -13.21 -32.32 -28.70
C8 NAG D . -13.59 -30.88 -28.92
N2 NAG D . -13.98 -33.01 -27.86
O3 NAG D . -15.86 -35.09 -28.51
O4 NAG D . -16.14 -37.15 -26.53
O5 NAG D . -12.74 -35.95 -25.95
O6 NAG D . -13.95 -38.18 -23.81
O7 NAG D . -12.25 -32.83 -29.26
C1 NAG D . -16.53 -38.21 -27.45
C2 NAG D . -17.86 -37.81 -28.12
C3 NAG D . -18.29 -38.86 -29.15
C4 NAG D . -17.16 -39.15 -30.14
C5 NAG D . -15.88 -39.52 -29.40
C6 NAG D . -14.70 -39.72 -30.31
C7 NAG D . -19.46 -38.38 -26.27
C8 NAG D . -20.54 -37.82 -25.40
N2 NAG D . -18.92 -37.53 -27.16
O3 NAG D . -19.44 -38.40 -29.85
O4 NAG D . -17.53 -40.22 -31.00
O5 NAG D . -15.52 -38.47 -28.48
O6 NAG D . -15.04 -40.56 -31.41
O7 NAG D . -19.09 -39.56 -26.16
C1 NAG E . -54.60 -12.90 -10.10
C2 NAG E . -55.95 -13.54 -10.43
C3 NAG E . -55.76 -15.04 -10.72
C4 NAG E . -54.69 -15.26 -11.78
C5 NAG E . -53.40 -14.54 -11.40
C6 NAG E . -52.33 -14.60 -12.47
C7 NAG E . -57.85 -12.41 -9.38
C8 NAG E . -58.74 -12.36 -8.18
N2 NAG E . -56.91 -13.35 -9.35
O3 NAG E . -57.00 -15.59 -11.15
O4 NAG E . -54.42 -16.65 -11.91
O5 NAG E . -53.67 -13.15 -11.17
O6 NAG E . -52.80 -14.07 -13.70
O7 NAG E . -57.98 -11.64 -10.32
C1 NAG E . -54.80 -17.20 -13.20
C2 NAG E . -55.98 -18.18 -13.01
C3 NAG E . -56.41 -18.75 -14.35
C4 NAG E . -56.72 -17.63 -15.35
C5 NAG E . -55.52 -16.70 -15.46
C6 NAG E . -55.79 -15.49 -16.35
C7 NAG E . -56.28 -19.46 -10.93
C8 NAG E . -55.78 -20.59 -10.10
N2 NAG E . -55.63 -19.25 -12.08
O3 NAG E . -57.58 -19.56 -14.16
O4 NAG E . -57.00 -18.19 -16.63
O5 NAG E . -55.18 -16.19 -14.17
O6 NAG E . -55.45 -15.76 -17.70
O7 NAG E . -57.22 -18.76 -10.58
C1 NAG F . -66.27 44.32 -9.71
C2 NAG F . -65.64 45.01 -10.93
C3 NAG F . -65.09 46.37 -10.52
C4 NAG F . -66.17 47.22 -9.87
C5 NAG F . -66.78 46.45 -8.69
C6 NAG F . -67.95 47.16 -8.05
C7 NAG F . -64.76 43.50 -12.65
C8 NAG F . -63.58 42.70 -13.11
N2 NAG F . -64.60 44.18 -11.51
O3 NAG F . -64.56 47.03 -11.66
O4 NAG F . -65.56 48.44 -9.44
O5 NAG F . -67.27 45.18 -9.12
O6 NAG F . -68.91 46.23 -7.55
O7 NAG F . -65.81 43.53 -13.29
C1 NAG F . -66.10 49.73 -9.89
C2 NAG F . -66.92 49.73 -11.21
C3 NAG F . -67.59 51.10 -11.43
C4 NAG F . -68.38 51.52 -10.21
C5 NAG F . -67.47 51.53 -8.98
C6 NAG F . -68.21 51.88 -7.71
C7 NAG F . -66.53 48.72 -13.41
C8 NAG F . -65.53 48.47 -14.51
N2 NAG F . -66.09 49.39 -12.35
O3 NAG F . -68.45 51.03 -12.57
O4 NAG F . -68.91 52.84 -10.40
O5 NAG F . -66.94 50.21 -8.79
O6 NAG F . -69.00 50.80 -7.25
O7 NAG F . -67.70 48.33 -13.50
C1 NAG G . 33.96 -2.63 42.03
C2 NAG G . 32.94 -3.58 42.62
C3 NAG G . 32.01 -2.82 43.56
C4 NAG G . 32.72 -1.76 44.42
C5 NAG G . 34.13 -1.30 43.97
C6 NAG G . 35.09 -1.15 45.12
C7 NAG G . 31.39 -3.86 40.66
C8 NAG G . 30.73 -4.87 39.79
N2 NAG G . 32.19 -4.35 41.63
O3 NAG G . 31.30 -3.74 44.39
O4 NAG G . 31.90 -0.60 44.39
O5 NAG G . 34.78 -2.18 43.03
O6 NAG G . 35.18 0.19 45.56
O7 NAG G . 31.23 -2.65 40.48
C1 NAG G . 31.54 0.07 45.64
C2 NAG G . 30.91 -0.91 46.64
C3 NAG G . 30.62 -0.22 47.98
C4 NAG G . 31.86 0.51 48.51
C5 NAG G . 32.40 1.46 47.45
C6 NAG G . 33.68 2.15 47.86
C7 NAG G . 28.57 -1.02 45.73
C8 NAG G . 27.52 -1.97 45.24
N2 NAG G . 29.73 -1.58 46.12
O3 NAG G . 30.18 -1.18 48.94
O4 NAG G . 31.54 1.25 49.68
O5 NAG G . 32.70 0.73 46.24
O6 NAG G . 33.76 2.29 49.28
O7 NAG G . 28.37 0.20 45.78
C1 NAG H . -73.25 1.35 21.60
C2 NAG H . -73.66 0.81 22.98
C3 NAG H . -75.01 1.40 23.44
C4 NAG H . -74.99 2.93 23.33
C5 NAG H . -74.56 3.35 21.93
C6 NAG H . -74.45 4.84 21.77
C7 NAG H . -74.43 -1.50 22.35
C8 NAG H . -74.21 -2.95 22.63
N2 NAG H . -73.66 -0.65 23.06
O3 NAG H . -75.27 1.00 24.77
O4 NAG H . -76.29 3.43 23.62
O5 NAG H . -73.28 2.79 21.61
O6 NAG H . -73.79 5.43 22.89
O7 NAG H . -75.26 -1.12 21.52
C1 NAG H . -76.32 4.17 24.85
C2 NAG H . -77.58 5.02 24.90
C3 NAG H . -77.66 5.81 26.21
C4 NAG H . -77.53 4.86 27.40
C5 NAG H . -76.27 4.01 27.27
C6 NAG H . -76.15 2.96 28.36
C7 NAG H . -78.70 6.00 22.94
C8 NAG H . -78.59 7.00 21.82
N2 NAG H . -77.65 5.94 23.76
O3 NAG H . -78.89 6.51 26.28
O4 NAG H . -77.47 5.61 28.61
O5 NAG H . -76.27 3.31 26.02
O6 NAG H . -77.37 2.29 28.56
O7 NAG H . -79.69 5.30 23.09
C1 NAG I . -60.50 7.21 -17.71
C2 NAG I . -61.94 6.97 -18.14
C3 NAG I . -62.21 5.47 -18.29
C4 NAG I . -61.17 4.81 -19.19
C5 NAG I . -59.76 5.18 -18.73
C6 NAG I . -58.67 4.69 -19.66
C7 NAG I . -63.18 8.86 -17.16
C8 NAG I . -64.14 9.29 -16.10
N2 NAG I . -62.87 7.56 -17.18
O3 NAG I . -63.52 5.29 -18.81
O4 NAG I . -61.31 3.41 -19.15
O5 NAG I . -59.62 6.60 -18.64
O6 NAG I . -57.39 5.10 -19.22
O7 NAG I . -62.71 9.65 -17.97
C1 NAG I . -61.94 2.88 -20.34
C2 NAG I . -60.90 2.17 -21.20
C3 NAG I . -60.40 0.93 -20.48
C4 NAG I . -61.54 -0.04 -20.17
C5 NAG I . -62.77 0.63 -19.53
C6 NAG I . -62.70 0.72 -18.02
C7 NAG I . -61.48 2.67 -23.52
C8 NAG I . -62.08 2.14 -24.80
N2 NAG I . -61.45 1.82 -22.50
O3 NAG I . -59.73 1.32 -19.27
O4 NAG I . -61.94 -0.69 -21.37
O5 NAG I . -63.05 1.95 -20.03
O6 NAG I . -63.86 1.35 -17.49
O7 NAG I . -61.05 3.81 -23.44
C1 NAG J . -53.71 24.62 -23.02
C2 NAG J . -53.26 23.43 -23.86
C3 NAG J . -51.91 23.72 -24.50
C4 NAG J . -51.94 25.02 -25.28
C5 NAG J . -52.42 26.16 -24.37
C6 NAG J . -52.60 27.47 -25.08
C7 NAG J . -53.79 21.06 -23.42
C8 NAG J . -53.62 19.92 -22.47
N2 NAG J . -53.20 22.22 -23.06
O3 NAG J . -51.56 22.64 -25.37
O4 NAG J . -50.63 25.32 -25.76
O5 NAG J . -53.70 25.82 -23.81
O6 NAG J . -52.37 28.57 -24.22
O7 NAG J . -54.42 20.96 -24.46
C1 NAG J . -50.60 25.27 -27.21
C2 NAG J . -49.18 25.67 -27.68
C3 NAG J . -49.09 25.59 -29.21
C4 NAG J . -49.57 24.24 -29.73
C5 NAG J . -50.95 23.91 -29.15
C6 NAG J . -51.44 22.53 -29.52
C7 NAG J . -49.30 28.16 -27.40
C8 NAG J . -48.62 29.33 -26.74
N2 NAG J . -48.73 26.96 -27.17
O3 NAG J . -47.73 25.83 -29.58
O4 NAG J . -49.69 24.26 -31.15
O5 NAG J . -50.93 23.98 -27.72
O6 NAG J . -52.72 22.28 -28.96
O7 NAG J . -50.30 28.32 -28.10
C1 BMA J . -48.56 23.67 -31.84
C2 BMA J . -48.81 22.16 -32.09
C3 BMA J . -47.69 21.58 -32.96
C4 BMA J . -47.42 22.42 -34.23
C5 BMA J . -47.19 23.90 -33.82
C6 BMA J . -47.00 24.81 -35.02
O2 BMA J . -50.03 21.95 -32.79
O3 BMA J . -47.96 20.22 -33.33
O4 BMA J . -46.30 21.93 -34.93
O5 BMA J . -48.33 24.35 -33.07
O6 BMA J . -47.58 26.07 -34.71
C1 NAG K . -69.98 26.00 -17.84
C2 NAG K . -70.79 25.28 -18.93
C3 NAG K . -72.24 25.76 -18.93
C4 NAG K . -72.85 25.69 -17.54
C5 NAG K . -71.95 26.39 -16.52
C6 NAG K . -72.44 26.27 -15.10
C7 NAG K . -69.94 26.52 -20.95
C8 NAG K . -69.30 26.33 -22.29
N2 NAG K . -70.18 25.39 -20.26
O3 NAG K . -73.00 24.97 -19.84
O4 NAG K . -74.14 26.29 -17.56
O5 NAG K . -70.63 25.83 -16.56
O6 NAG K . -72.83 24.93 -14.80
O7 NAG K . -70.22 27.64 -20.53
C1 NAG K . -75.18 25.33 -17.27
C2 NAG K . -76.51 26.08 -17.14
C3 NAG K . -77.67 25.11 -16.87
C4 NAG K . -77.69 24.00 -17.91
C5 NAG K . -76.32 23.32 -18.01
C6 NAG K . -76.24 22.28 -19.10
C7 NAG K . -76.23 27.04 -14.84
C8 NAG K . -76.24 28.33 -14.07
N2 NAG K . -76.47 27.16 -16.16
O3 NAG K . -78.90 25.81 -16.89
O4 NAG K . -78.66 23.02 -17.55
O5 NAG K . -75.31 24.30 -18.29
O6 NAG K . -77.47 21.57 -19.22
O7 NAG K . -76.02 25.97 -14.28
C1 NAG L . 14.78 35.98 -21.17
C2 NAG L . 14.49 37.37 -20.59
C3 NAG L . 13.69 38.20 -21.59
C4 NAG L . 14.39 38.25 -22.95
C5 NAG L . 14.68 36.83 -23.43
C6 NAG L . 15.49 36.79 -24.71
C7 NAG L . 14.38 37.39 -18.14
C8 NAG L . 13.49 37.27 -16.94
N2 NAG L . 13.77 37.27 -19.33
O3 NAG L . 13.50 39.51 -21.07
O4 NAG L . 13.57 38.91 -23.90
O5 NAG L . 15.45 36.12 -22.45
O6 NAG L . 16.51 37.78 -24.72
O7 NAG L . 15.59 37.58 -18.04
C1 NAG L . 14.14 40.19 -24.25
C2 NAG L . 13.52 40.69 -25.56
C3 NAG L . 14.06 42.07 -25.92
C4 NAG L . 13.87 43.04 -24.76
C5 NAG L . 14.48 42.47 -23.48
C6 NAG L . 14.21 43.32 -22.26
C7 NAG L . 12.84 38.90 -27.11
C8 NAG L . 13.27 38.00 -28.22
N2 NAG L . 13.76 39.74 -26.64
O3 NAG L . 13.39 42.56 -27.08
O4 NAG L . 14.49 44.28 -25.05
O5 NAG L . 13.91 41.18 -23.21
O6 NAG L . 14.89 44.57 -22.34
O7 NAG L . 11.70 38.88 -26.65
C1 NAG M . 5.91 22.05 33.30
C2 NAG M . 4.82 21.20 33.94
C3 NAG M . 4.21 21.95 35.12
C4 NAG M . 5.29 22.36 36.12
C5 NAG M . 6.38 23.17 35.40
C6 NAG M . 7.57 23.50 36.27
C7 NAG M . 3.60 19.61 32.48
C8 NAG M . 4.54 18.55 32.96
N2 NAG M . 3.79 20.85 32.98
O3 NAG M . 3.23 21.14 35.75
O4 NAG M . 4.67 23.12 37.15
O5 NAG M . 6.89 22.42 34.28
O6 NAG M . 7.29 24.59 37.14
O7 NAG M . 2.72 19.37 31.66
C1 NAG M . 4.83 22.72 38.55
C2 NAG M . 5.17 21.23 38.82
C3 NAG M . 5.53 21.01 40.29
C4 NAG M . 6.59 21.99 40.77
C5 NAG M . 6.11 23.41 40.50
C6 NAG M . 7.13 24.46 40.88
C7 NAG M . 4.27 19.12 37.91
C8 NAG M . 3.04 18.36 37.58
N2 NAG M . 4.08 20.34 38.43
O3 NAG M . 5.98 19.68 40.49
O4 NAG M . 6.83 21.83 42.16
O5 NAG M . 5.87 23.57 39.10
O6 NAG M . 6.52 25.72 41.12
O7 NAG M . 5.40 18.67 37.72
C1 NAG N . -42.34 44.40 7.70
C2 NAG N . -43.01 45.79 7.83
C3 NAG N . -42.98 46.57 6.51
C4 NAG N . -41.59 46.56 5.87
C5 NAG N . -40.99 45.14 5.87
C6 NAG N . -39.53 45.10 5.45
C7 NAG N . -45.54 45.32 8.25
C8 NAG N . -45.76 44.50 6.99
N2 NAG N . -44.31 45.83 8.53
O3 NAG N . -43.40 47.91 6.74
O4 NAG N . -41.76 47.01 4.53
O5 NAG N . -41.03 44.56 7.18
O6 NAG N . -38.82 46.23 5.95
O7 NAG N . -46.48 45.52 9.03
C1 NAG N . -40.96 48.11 3.98
C2 NAG N . -40.42 49.14 4.99
C3 NAG N . -39.45 50.12 4.30
C4 NAG N . -38.38 49.36 3.53
C5 NAG N . -39.01 48.39 2.55
C6 NAG N . -38.01 47.55 1.80
C7 NAG N . -41.43 50.36 6.87
C8 NAG N . -42.63 51.11 7.36
N2 NAG N . -41.49 49.88 5.62
O3 NAG N . -38.85 50.97 5.26
O4 NAG N . -37.55 50.28 2.82
O5 NAG N . -39.87 47.48 3.26
O6 NAG N . -38.11 46.18 2.16
O7 NAG N . -40.43 50.21 7.57
C1 NAG O . -34.40 42.37 -13.27
C2 NAG O . -35.01 43.26 -14.34
C3 NAG O . -33.96 43.57 -15.41
C4 NAG O . -32.68 44.14 -14.80
C5 NAG O . -32.20 43.28 -13.62
C6 NAG O . -31.11 43.93 -12.81
C7 NAG O . -37.42 43.02 -14.65
C8 NAG O . -38.52 42.28 -15.34
N2 NAG O . -36.18 42.64 -14.92
O3 NAG O . -34.51 44.46 -16.37
O4 NAG O . -31.69 44.12 -15.83
O5 NAG O . -33.27 43.02 -12.70
O6 NAG O . -31.34 45.32 -12.65
O7 NAG O . -37.66 43.94 -13.86
C1 NAG O . -30.95 45.33 -16.19
C2 NAG O . -31.69 46.68 -15.98
C3 NAG O . -30.74 47.86 -16.23
C4 NAG O . -29.44 47.71 -15.45
C5 NAG O . -28.80 46.36 -15.72
C6 NAG O . -27.57 46.11 -14.88
C7 NAG O . -33.93 47.51 -16.60
C8 NAG O . -35.02 47.49 -17.63
N2 NAG O . -32.85 46.77 -16.86
O3 NAG O . -31.38 49.07 -15.86
O4 NAG O . -28.53 48.77 -15.76
O5 NAG O . -29.72 45.33 -15.40
O6 NAG O . -27.06 47.32 -14.32
O7 NAG O . -34.01 48.18 -15.57
C1 MAN O . -28.24 48.95 -17.17
C2 MAN O . -26.69 48.97 -17.37
C3 MAN O . -26.09 50.29 -16.87
C4 MAN O . -26.85 51.52 -17.42
C5 MAN O . -28.34 51.38 -17.09
C6 MAN O . -29.19 52.51 -17.64
O2 MAN O . -26.34 48.89 -18.76
O3 MAN O . -24.71 50.39 -17.18
O4 MAN O . -26.35 52.71 -16.83
O5 MAN O . -28.84 50.15 -17.66
O6 MAN O . -30.48 52.45 -17.03
C1 NAG P . -41.46 39.49 26.27
C2 NAG P . -40.32 40.07 25.43
C3 NAG P . -38.96 39.69 26.03
C4 NAG P . -38.89 40.10 27.50
C5 NAG P . -40.08 39.51 28.27
C6 NAG P . -40.15 39.96 29.71
C7 NAG P . -40.96 40.34 23.08
C8 NAG P . -40.96 39.73 21.71
N2 NAG P . -40.40 39.62 24.05
O3 NAG P . -37.92 40.31 25.29
O4 NAG P . -37.68 39.63 28.08
O5 NAG P . -41.30 39.90 27.65
O6 NAG P . -39.11 39.40 30.49
O7 NAG P . -41.45 41.45 23.30
C1 NAG P . -36.79 40.73 28.40
C2 NAG P . -35.61 40.22 29.21
C3 NAG P . -34.63 41.35 29.51
C4 NAG P . -34.22 42.07 28.24
C5 NAG P . -35.46 42.53 27.47
C6 NAG P . -35.13 43.15 26.13
C7 NAG P . -35.51 38.46 30.92
C8 NAG P . -36.09 37.93 32.20
N2 NAG P . -36.05 39.57 30.44
O3 NAG P . -33.49 40.82 30.18
O4 NAG P . -33.42 43.21 28.56
O5 NAG P . -36.32 41.41 27.21
O6 NAG P . -34.21 42.33 25.40
O7 NAG P . -34.58 37.89 30.35
C1 NAG Q . -56.62 44.77 22.28
C2 NAG Q . -56.84 46.13 22.90
C3 NAG Q . -58.32 46.50 22.82
C4 NAG Q . -58.85 46.39 21.39
C5 NAG Q . -58.46 45.04 20.76
C6 NAG Q . -58.74 44.99 19.27
C7 NAG Q . -55.29 46.85 24.65
C8 NAG Q . -54.94 46.79 26.11
N2 NAG Q . -56.37 46.17 24.27
O3 NAG Q . -58.50 47.84 23.30
O4 NAG Q . -60.27 46.48 21.43
O5 NAG Q . -57.06 44.77 20.92
O6 NAG Q . -57.55 45.14 18.52
O7 NAG Q . -54.61 47.50 23.86
C1 NAG Q . -60.80 47.63 20.72
C2 NAG Q . -62.34 47.65 20.91
C3 NAG Q . -62.99 48.88 20.26
C4 NAG Q . -62.27 50.15 20.69
C5 NAG Q . -60.77 50.02 20.44
C6 NAG Q . -60.00 51.24 20.91
C7 NAG Q . -63.26 45.62 19.52
C8 NAG Q . -62.65 46.07 18.20
N2 NAG Q . -63.06 46.39 20.64
O3 NAG Q . -64.37 48.94 20.63
O4 NAG Q . -62.77 51.26 19.95
O5 NAG Q . -60.25 48.89 21.15
O6 NAG Q . -60.51 52.43 20.36
O7 NAG Q . -63.92 44.59 19.59
C1 NAG R . -65.01 30.90 35.37
C2 NAG R . -64.12 31.07 36.61
C3 NAG R . -64.47 30.01 37.66
C4 NAG R . -65.96 30.04 37.99
C5 NAG R . -66.78 29.92 36.70
C6 NAG R . -68.26 30.07 36.92
C7 NAG R . -61.93 32.06 36.16
C8 NAG R . -60.50 31.80 35.79
N2 NAG R . -62.71 30.98 36.26
O3 NAG R . -63.69 30.24 38.83
O4 NAG R . -66.31 28.97 38.85
O5 NAG R . -66.40 30.95 35.77
O6 NAG R . -68.70 31.40 36.67
O7 NAG R . -62.35 33.20 36.37
C1 NAG R . -66.53 29.42 40.20
C2 NAG R . -67.53 28.49 40.93
C3 NAG R . -67.67 28.86 42.41
C4 NAG R . -66.30 28.95 43.07
C5 NAG R . -65.40 29.90 42.29
C6 NAG R . -63.99 29.96 42.84
C7 NAG R . -69.70 29.44 40.08
C8 NAG R . -70.97 29.07 39.37
N2 NAG R . -68.83 28.43 40.27
O3 NAG R . -68.47 27.89 43.07
O4 NAG R . -66.44 29.43 44.41
O5 NAG R . -65.29 29.45 40.93
O6 NAG R . -63.33 28.71 42.74
O7 NAG R . -69.49 30.59 40.46
C1 NAG S . -54.14 3.87 29.88
C2 NAG S . -55.21 3.72 30.97
C3 NAG S . -54.74 4.38 32.26
C4 NAG S . -53.36 3.88 32.67
C5 NAG S . -52.38 4.01 31.50
C6 NAG S . -51.02 3.40 31.79
C7 NAG S . -57.52 3.53 30.17
C8 NAG S . -58.75 4.28 29.75
N2 NAG S . -56.48 4.28 30.54
O3 NAG S . -55.68 4.12 33.30
O4 NAG S . -52.88 4.67 33.75
O5 NAG S . -52.89 3.35 30.35
O6 NAG S . -50.40 2.96 30.59
O7 NAG S . -57.47 2.30 30.16
C1 NAG S . -52.79 3.90 34.98
C2 NAG S . -52.16 4.80 36.06
C3 NAG S . -52.09 4.06 37.41
C4 NAG S . -53.46 3.50 37.78
C5 NAG S . -54.02 2.64 36.65
C6 NAG S . -55.41 2.14 36.91
C7 NAG S . -49.74 4.65 35.39
C8 NAG S . -48.55 5.48 35.03
N2 NAG S . -50.86 5.34 35.68
O3 NAG S . -51.65 4.95 38.41
O4 NAG S . -53.35 2.70 38.95
O5 NAG S . -54.07 3.41 35.43
O6 NAG S . -55.61 1.85 38.29
O7 NAG S . -49.68 3.42 35.43
C1 NAG T . -37.26 14.99 39.10
C2 NAG T . -38.03 15.43 40.34
C3 NAG T . -37.04 15.74 41.47
C4 NAG T . -36.09 14.58 41.73
C5 NAG T . -35.44 14.10 40.41
C6 NAG T . -34.67 12.81 40.54
C7 NAG T . -40.17 16.51 39.82
C8 NAG T . -40.86 17.81 39.54
N2 NAG T . -38.85 16.59 40.05
O3 NAG T . -37.77 16.05 42.66
O4 NAG T . -35.10 15.04 42.63
O5 NAG T . -36.45 13.86 39.41
O6 NAG T . -35.54 11.68 40.52
O7 NAG T . -40.76 15.43 39.83
C1 NAG T . -34.77 14.29 43.84
C2 NAG T . -35.87 13.34 44.39
C3 NAG T . -35.32 12.47 45.52
C4 NAG T . -34.03 11.76 45.11
C5 NAG T . -33.01 12.78 44.61
C6 NAG T . -31.76 12.15 44.07
C7 NAG T . -38.30 13.66 44.66
C8 NAG T . -39.37 14.55 45.21
N2 NAG T . -37.04 14.09 44.85
O3 NAG T . -36.30 11.50 45.90
O4 NAG T . -33.50 10.99 46.18
O5 NAG T . -33.58 13.53 43.53
O6 NAG T . -31.07 13.03 43.19
O7 NAG T . -38.55 12.61 44.08
C1 BMA T . -33.26 11.71 47.41
C2 BMA T . -33.84 10.89 48.59
C3 BMA T . -33.50 11.57 49.92
C4 BMA T . -32.00 11.91 50.04
C5 BMA T . -31.56 12.72 48.80
C6 BMA T . -30.08 13.03 48.80
O2 BMA T . -33.28 9.58 48.63
O3 BMA T . -33.91 10.76 51.03
O4 BMA T . -31.77 12.67 51.21
O5 BMA T . -31.86 11.96 47.62
O6 BMA T . -29.36 11.83 48.55
C1 NAG U . -61.00 -8.82 17.03
C2 NAG U . -59.99 -9.23 18.11
C3 NAG U . -59.12 -10.37 17.59
C4 NAG U . -59.98 -11.53 17.11
C5 NAG U . -60.99 -11.04 16.08
C6 NAG U . -61.97 -12.10 15.64
C7 NAG U . -59.21 -7.55 19.73
C8 NAG U . -58.29 -6.39 19.97
N2 NAG U . -59.16 -8.10 18.51
O3 NAG U . -58.25 -10.80 18.65
O4 NAG U . -59.15 -12.54 16.53
O5 NAG U . -61.76 -9.97 16.62
O6 NAG U . -63.10 -12.15 16.50
O7 NAG U . -59.96 -7.98 20.60
C1 NAG U . -59.15 -13.72 17.35
C2 NAG U . -58.45 -14.85 16.57
C3 NAG U . -58.38 -16.12 17.42
C4 NAG U . -57.73 -15.83 18.77
C5 NAG U . -58.45 -14.67 19.47
C6 NAG U . -57.79 -14.25 20.75
C7 NAG U . -58.61 -14.81 14.12
C8 NAG U . -59.44 -15.15 12.93
N2 NAG U . -59.13 -15.11 15.32
O3 NAG U . -57.64 -17.11 16.73
O4 NAG U . -57.80 -16.98 19.60
O5 NAG U . -58.46 -13.52 18.61
O6 NAG U . -56.42 -13.89 20.55
O7 NAG U . -57.51 -14.28 14.01
C1 NAG V . 36.26 17.87 -34.02
C2 NAG V . 37.28 18.39 -35.03
C3 NAG V . 37.39 19.91 -34.94
C4 NAG V . 36.03 20.56 -35.09
C5 NAG V . 35.04 19.96 -34.08
C6 NAG V . 33.63 20.47 -34.27
C7 NAG V . 39.10 16.85 -35.65
C8 NAG V . 40.45 16.32 -35.28
N2 NAG V . 38.59 17.77 -34.82
O3 NAG V . 38.28 20.39 -35.95
O4 NAG V . 36.12 21.96 -34.87
O5 NAG V . 34.99 18.53 -34.23
O6 NAG V . 33.14 20.15 -35.56
O7 NAG V . 38.49 16.46 -36.64
C1 NAG W . 55.54 -3.44 -21.06
C2 NAG W . 54.08 -3.49 -21.52
C3 NAG W . 54.01 -3.89 -22.99
C4 NAG W . 54.88 -2.98 -23.84
C5 NAG W . 56.30 -2.93 -23.29
C6 NAG W . 57.19 -1.94 -24.02
C7 NAG W . 52.49 -3.97 -19.72
C8 NAG W . 51.77 -5.03 -18.96
N2 NAG W . 53.30 -4.40 -20.69
O3 NAG W . 52.66 -3.83 -23.43
O4 NAG W . 54.92 -3.46 -25.18
O5 NAG W . 56.29 -2.53 -21.91
O6 NAG W . 57.21 -2.19 -25.42
O7 NAG W . 52.37 -2.78 -19.45
C1 NAG X . -5.49 21.08 -34.89
C2 NAG X . -5.77 21.33 -36.39
C3 NAG X . -6.47 22.67 -36.60
C4 NAG X . -7.72 22.75 -35.72
C5 NAG X . -7.37 22.46 -34.25
C6 NAG X . -8.59 22.41 -33.36
C7 NAG X . -3.45 21.97 -37.16
C8 NAG X . -2.39 21.61 -38.15
N2 NAG X . -4.57 21.21 -37.23
O3 NAG X . -6.83 22.81 -37.96
O4 NAG X . -8.30 24.05 -35.81
O5 NAG X . -6.73 21.18 -34.15
O6 NAG X . -9.59 21.56 -33.89
O7 NAG X . -3.31 22.88 -36.35
C1 NAG Y . -26.66 17.57 -42.09
C2 NAG Y . -27.51 18.83 -42.33
C3 NAG Y . -28.15 18.78 -43.71
C4 NAG Y . -27.10 18.54 -44.79
C5 NAG Y . -26.26 17.31 -44.46
C6 NAG Y . -25.12 17.10 -45.43
C7 NAG Y . -28.72 20.12 -40.64
C8 NAG Y . -29.81 20.10 -39.60
N2 NAG Y . -28.52 18.98 -41.30
O3 NAG Y . -28.83 20.00 -43.96
O4 NAG Y . -27.72 18.38 -46.05
O5 NAG Y . -25.70 17.43 -43.15
O6 NAG Y . -24.11 18.08 -45.25
O7 NAG Y . -28.06 21.14 -40.86
C1 NAG Z . -1.38 -10.79 -51.45
C2 NAG Z . -1.65 -9.28 -51.48
C3 NAG Z . -2.82 -8.96 -52.41
C4 NAG Z . -2.63 -9.60 -53.78
C5 NAG Z . -2.34 -11.09 -53.65
C6 NAG Z . -1.97 -11.74 -54.96
C7 NAG Z . -0.97 -8.26 -49.35
C8 NAG Z . -1.43 -7.79 -48.01
N2 NAG Z . -1.91 -8.78 -50.14
O3 NAG Z . -2.99 -7.56 -52.52
O4 NAG Z . -3.80 -9.43 -54.58
O5 NAG Z . -1.22 -11.27 -52.77
O6 NAG Z . -0.56 -11.71 -55.13
O7 NAG Z . 0.21 -8.17 -49.71
C1 NAG AA . 35.84 -33.44 -44.44
C2 NAG AA . 35.97 -32.03 -45.06
C3 NAG AA . 37.41 -31.80 -45.51
C4 NAG AA . 38.38 -32.03 -44.37
C5 NAG AA . 38.19 -33.42 -43.78
C6 NAG AA . 39.04 -33.68 -42.55
C7 NAG AA . 34.28 -30.79 -46.38
C8 NAG AA . 34.38 -29.68 -45.37
N2 NAG AA . 35.05 -31.87 -46.18
O3 NAG AA . 37.55 -30.47 -46.01
O4 NAG AA . 39.72 -31.90 -44.82
O5 NAG AA . 36.82 -33.59 -43.37
O6 NAG AA . 39.11 -32.52 -41.73
O7 NAG AA . 33.52 -30.71 -47.34
C1 NAG BA . -49.93 39.28 -17.70
C2 NAG BA . -50.99 39.56 -18.79
C3 NAG BA . -50.45 40.64 -19.74
C4 NAG BA . -50.00 41.87 -18.96
C5 NAG BA . -49.03 41.49 -17.86
C6 NAG BA . -48.67 42.66 -16.96
C7 NAG BA . -52.54 37.99 -19.93
C8 NAG BA . -53.69 38.87 -19.52
N2 NAG BA . -51.31 38.35 -19.54
O3 NAG BA . -51.45 41.01 -20.69
O4 NAG BA . -49.36 42.77 -19.86
O5 NAG BA . -49.61 40.49 -17.00
O6 NAG BA . -49.55 42.71 -15.84
O7 NAG BA . -52.74 36.95 -20.56
C1 NAG CA . 17.33 -45.19 -46.94
C2 NAG CA . 17.68 -46.55 -47.52
C3 NAG CA . 18.24 -47.47 -46.44
C4 NAG CA . 19.42 -46.81 -45.74
C5 NAG CA . 19.03 -45.43 -45.21
C6 NAG CA . 20.18 -44.66 -44.61
C7 NAG CA . 16.32 -47.14 -49.48
C8 NAG CA . 15.08 -47.83 -49.97
N2 NAG CA . 16.52 -47.17 -48.16
O3 NAG CA . 18.65 -48.71 -47.01
O4 NAG CA . 19.86 -47.62 -44.66
O5 NAG CA . 18.50 -44.63 -46.28
O6 NAG CA . 21.33 -44.74 -45.45
O7 NAG CA . 17.11 -46.59 -50.25
C1 NAG DA . 25.63 -16.77 -41.08
C2 NAG DA . 26.51 -15.72 -40.39
C3 NAG DA . 26.37 -14.36 -41.08
C4 NAG DA . 26.67 -14.49 -42.58
C5 NAG DA . 25.79 -15.57 -43.20
C6 NAG DA . 26.13 -15.85 -44.64
C7 NAG DA . 27.04 -15.73 -37.98
C8 NAG DA . 28.49 -15.98 -38.36
N2 NAG DA . 26.17 -15.61 -38.99
O3 NAG DA . 27.26 -13.42 -40.50
O4 NAG DA . 26.45 -13.25 -43.24
O5 NAG DA . 25.96 -16.81 -42.49
O6 NAG DA . 25.21 -15.22 -45.52
O7 NAG DA . 26.71 -15.64 -36.80
C1 NAG EA . 26.89 39.60 14.08
C2 NAG EA . 26.09 38.58 14.86
C3 NAG EA . 25.02 39.27 15.71
C4 NAG EA . 25.64 40.34 16.60
C5 NAG EA . 26.47 41.31 15.75
C6 NAG EA . 27.22 42.32 16.59
C7 NAG EA . 26.00 36.39 13.74
C8 NAG EA . 25.24 35.52 12.79
N2 NAG EA . 25.47 37.60 13.97
O3 NAG EA . 24.34 38.30 16.52
O4 NAG EA . 24.62 41.06 17.29
O5 NAG EA . 27.45 40.59 14.99
O6 NAG EA . 28.24 41.71 17.35
O7 NAG EA . 27.03 36.02 14.29
C1 NAG FA . 50.78 36.48 -17.30
C2 NAG FA . 51.49 37.15 -18.48
C3 NAG FA . 51.54 36.21 -19.67
C4 NAG FA . 52.19 34.90 -19.28
C5 NAG FA . 51.49 34.29 -18.07
C6 NAG FA . 52.17 33.05 -17.55
C7 NAG FA . 51.42 39.61 -18.72
C8 NAG FA . 50.61 40.79 -19.13
N2 NAG FA . 50.84 38.41 -18.85
O3 NAG FA . 52.28 36.82 -20.73
O4 NAG FA . 52.13 33.98 -20.37
O5 NAG FA . 51.45 35.23 -16.99
O6 NAG FA . 53.58 33.19 -17.58
O7 NAG FA . 52.56 39.72 -18.28
C1 NAG GA . -6.62 38.21 32.12
C2 NAG GA . -5.64 39.39 32.24
C3 NAG GA . -4.64 39.13 33.37
C4 NAG GA . -5.38 38.82 34.67
C5 NAG GA . -6.35 37.66 34.47
C6 NAG GA . -7.20 37.38 35.68
C7 NAG GA . -5.33 40.51 30.08
C8 NAG GA . -4.48 40.61 28.85
N2 NAG GA . -4.93 39.61 30.99
O3 NAG GA . -3.82 40.28 33.54
O4 NAG GA . -4.44 38.47 35.69
O5 NAG GA . -7.25 37.98 33.40
O6 NAG GA . -8.00 38.50 36.04
O7 NAG GA . -6.32 41.21 30.24
C1 NAG HA . -46.66 29.27 36.44
C2 NAG HA . -46.72 28.29 37.62
C3 NAG HA . -46.62 29.05 38.95
C4 NAG HA . -45.40 29.96 38.97
C5 NAG HA . -45.42 30.89 37.75
C6 NAG HA . -44.20 31.75 37.65
C7 NAG HA . -48.05 26.27 38.09
C8 NAG HA . -49.39 25.61 37.95
N2 NAG HA . -47.94 27.51 37.58
O3 NAG HA . -46.53 28.13 40.03
O4 NAG HA . -45.38 30.74 40.16
O5 NAG HA . -45.48 30.11 36.56
O6 NAG HA . -44.17 32.47 36.43
O7 NAG HA . -47.11 25.72 38.65
C1 NAG IA . 0.43 -42.24 30.13
C2 NAG IA . 0.01 -42.62 28.71
C3 NAG IA . -1.34 -43.33 28.73
C4 NAG IA . -1.30 -44.52 29.68
C5 NAG IA . -0.84 -44.07 31.06
C6 NAG IA . -0.67 -45.22 32.03
C7 NAG IA . 0.96 -41.10 27.03
C8 NAG IA . 0.75 -39.86 26.21
N2 NAG IA . -0.04 -41.45 27.85
O3 NAG IA . -1.66 -43.78 27.40
O4 NAG IA . -2.61 -45.10 29.78
O5 NAG IA . 0.43 -43.41 30.97
O6 NAG IA . 0.54 -45.92 31.80
O7 NAG IA . 2.00 -41.75 26.96
C1 NAG JA . 42.14 -35.89 28.82
C2 NAG JA . 40.96 -35.04 28.34
C3 NAG JA . 40.66 -35.35 26.87
C4 NAG JA . 41.91 -35.16 26.02
C5 NAG JA . 43.07 -35.98 26.58
C6 NAG JA . 44.37 -35.71 25.87
C7 NAG JA . 39.04 -34.26 29.65
C8 NAG JA . 37.87 -34.66 30.49
N2 NAG JA . 39.78 -35.26 29.16
O3 NAG JA . 39.62 -34.49 26.41
O4 NAG JA . 41.66 -35.54 24.68
O5 NAG JA . 43.28 -35.66 27.98
O6 NAG JA . 44.74 -34.34 25.93
O7 NAG JA . 39.31 -33.09 29.43
C1 NAG KA . 10.09 -50.05 -17.62
C2 NAG KA . 8.86 -50.90 -17.29
C3 NAG KA . 8.08 -51.20 -18.57
C4 NAG KA . 7.76 -49.92 -19.33
C5 NAG KA . 9.02 -49.08 -19.54
C6 NAG KA . 8.74 -47.72 -20.16
C7 NAG KA . 8.93 -52.41 -15.34
C8 NAG KA . 8.15 -51.37 -14.58
N2 NAG KA . 9.23 -52.13 -16.62
O3 NAG KA . 6.88 -51.89 -18.26
O4 NAG KA . 7.17 -50.21 -20.59
O5 NAG KA . 9.68 -48.84 -18.30
O6 NAG KA . 9.76 -46.79 -19.83
O7 NAG KA . 9.27 -53.47 -14.82
C1 NAG LA . -36.22 -34.43 16.18
C2 NAG LA . -36.19 -35.48 17.29
C3 NAG LA . -35.76 -36.84 16.74
C4 NAG LA . -36.62 -37.24 15.54
C5 NAG LA . -36.63 -36.13 14.49
C6 NAG LA . -37.57 -36.40 13.35
C7 NAG LA . -35.76 -34.46 19.48
C8 NAG LA . -34.72 -34.11 20.49
N2 NAG LA . -35.32 -35.08 18.38
O3 NAG LA . -35.85 -37.82 17.76
O4 NAG LA . -36.12 -38.44 14.95
O5 NAG LA . -37.05 -34.90 15.09
O6 NAG LA . -38.91 -36.05 13.67
O7 NAG LA . -36.95 -34.20 19.65
C1 NAG MA . 32.55 -30.11 49.45
C2 NAG MA . 33.49 -30.15 50.65
C3 NAG MA . 34.20 -28.81 50.82
C4 NAG MA . 34.91 -28.41 49.53
C5 NAG MA . 33.94 -28.44 48.36
C6 NAG MA . 34.62 -28.20 47.03
C7 NAG MA . 32.85 -31.71 52.44
C8 NAG MA . 32.03 -31.91 53.68
N2 NAG MA . 32.76 -30.51 51.86
O3 NAG MA . 35.13 -28.90 51.89
O4 NAG MA . 35.45 -27.10 49.66
O5 NAG MA . 33.31 -29.73 48.26
O6 NAG MA . 35.37 -29.33 46.61
O7 NAG MA . 33.54 -32.60 51.98
C1 NAG NA . 39.64 -42.48 -15.99
C2 NAG NA . 40.46 -41.42 -15.25
C3 NAG NA . 40.69 -41.84 -13.80
C4 NAG NA . 39.38 -42.18 -13.12
C5 NAG NA . 38.57 -43.20 -13.94
C6 NAG NA . 37.20 -43.45 -13.39
C7 NAG NA . 42.23 -39.95 -16.10
C8 NAG NA . 43.54 -39.87 -16.82
N2 NAG NA . 41.72 -41.17 -15.92
O3 NAG NA . 41.35 -40.79 -13.11
O4 NAG NA . 39.63 -42.73 -11.83
O5 NAG NA . 38.41 -42.71 -15.29
O6 NAG NA . 37.16 -43.29 -11.97
O7 NAG NA . 41.65 -38.94 -15.70
C1 NAG OA . -66.26 -9.77 2.64
C2 NAG OA . -66.45 -10.40 1.25
C3 NAG OA . -67.16 -11.75 1.35
C4 NAG OA . -66.45 -12.66 2.35
C5 NAG OA . -66.38 -11.96 3.70
C6 NAG OA . -65.67 -12.78 4.76
C7 NAG OA . -67.01 -9.50 -0.98
C8 NAG OA . -67.84 -8.50 -1.74
N2 NAG OA . -67.17 -9.51 0.35
O3 NAG OA . -67.19 -12.39 0.08
O4 NAG OA . -67.15 -13.89 2.49
O5 NAG OA . -65.66 -10.73 3.55
O6 NAG OA . -64.47 -12.16 5.20
O7 NAG OA . -66.22 -10.25 -1.55
C1 NAG PA . -80.70 2.09 2.42
C2 NAG PA . -81.83 1.05 2.21
C3 NAG PA . -82.16 0.90 0.73
C4 NAG PA . -82.44 2.26 0.09
C5 NAG PA . -81.28 3.22 0.36
C6 NAG PA . -81.54 4.62 -0.15
C7 NAG PA . -80.53 -1.07 2.57
C8 NAG PA . -80.49 -2.33 3.38
N2 NAG PA . -81.54 -0.23 2.84
O3 NAG PA . -83.29 0.05 0.59
O4 NAG PA . -82.61 2.11 -1.31
O5 NAG PA . -81.06 3.33 1.78
O6 NAG PA . -82.31 5.38 0.77
O7 NAG PA . -79.67 -0.84 1.71
#